data_5L35
#
_entry.id   5L35
#
_cell.length_a   1
_cell.length_b   1
_cell.length_c   1
_cell.angle_alpha   90
_cell.angle_beta   90
_cell.angle_gamma   90
#
_symmetry.space_group_name_H-M   'P 1'
#
loop_
_entity.id
_entity.type
_entity.pdbx_description
1 polymer 'Gene 5 protein'
2 non-polymer 'CHLORIDE ION'
#
_entity_poly.entity_id   1
_entity_poly.type   'polypeptide(L)'
_entity_poly.pdbx_seq_one_letter_code
;PNNLDSNVSQIVLKKFLPGFMSDLVLAKTVDRQLLAGEINSSTGDSVSFKRPHQFSSLRTPTGDISGQNKNNLISGKATG
RVGNYITVAVEYQQLEEAIKLNQLEEILAPVRQRIVTDLETELAHFMMNNGALSLGSPNTPITKWSDVAQTASFLKDLGV
NEGENYAVMDPWSAQRLADAQTGLHASDQLVRTAWENAQIPTNFGGIRALMSNGLASRTQGAFGGTLTVKTQPTVTYNAV
KDSYQFTVTLTGATASVTGFLKAGDQVKFTNTYWLQQQTKQALYNGATPISFTATVTADANSDSGGDVTVTLSGVPIYDT
TNPQYNSVSRQVEAGDAVSVVGTASQTMKPNLFYNKFFCGLGSIPLPKLHSIDSAVATYEGFSIRVHKYADGDANVQKMR
FDLLPAYVCFNPHMGGQFFGNP
;
_entity_poly.pdbx_strand_id   A,B,C,D,E,F,G
#
loop_
_chem_comp.id
_chem_comp.type
_chem_comp.name
_chem_comp.formula
CL non-polymer 'CHLORIDE ION' 'Cl -1'
#
# COMPACT_ATOMS: atom_id res chain seq x y z
N PRO A 1 71.61 22.52 -16.76
CA PRO A 1 70.40 22.66 -15.94
C PRO A 1 69.86 24.10 -15.83
N ASN A 2 68.87 24.42 -16.64
CA ASN A 2 68.15 25.68 -16.48
C ASN A 2 67.43 25.71 -15.13
N ASN A 3 67.40 26.88 -14.51
CA ASN A 3 66.63 27.08 -13.28
C ASN A 3 65.62 28.22 -13.49
N LEU A 4 64.36 27.91 -13.78
CA LEU A 4 63.40 28.93 -14.19
C LEU A 4 62.41 29.36 -13.10
N ASP A 5 62.52 28.85 -11.87
CA ASP A 5 61.46 29.07 -10.89
C ASP A 5 61.30 30.52 -10.43
N SER A 6 62.31 31.37 -10.57
CA SER A 6 62.06 32.80 -10.34
C SER A 6 61.33 33.47 -11.48
N ASN A 7 61.10 32.80 -12.60
CA ASN A 7 60.53 33.48 -13.74
C ASN A 7 59.03 33.58 -13.65
N VAL A 8 58.39 32.72 -12.86
CA VAL A 8 56.94 32.55 -12.80
C VAL A 8 56.51 32.80 -11.37
N SER A 9 55.24 32.52 -11.07
CA SER A 9 54.68 32.84 -9.77
C SER A 9 53.61 31.84 -9.37
N GLN A 10 53.39 31.71 -8.05
CA GLN A 10 52.38 30.82 -7.48
C GLN A 10 51.07 31.56 -7.38
N ILE A 11 50.10 31.13 -8.15
CA ILE A 11 48.83 31.84 -8.26
C ILE A 11 47.78 31.08 -7.48
N VAL A 12 46.89 31.81 -6.84
CA VAL A 12 45.67 31.27 -6.26
C VAL A 12 44.53 31.99 -6.97
N LEU A 13 43.75 31.27 -7.76
CA LEU A 13 42.63 31.87 -8.47
C LEU A 13 41.58 32.35 -7.48
N LYS A 14 40.77 33.32 -7.90
CA LYS A 14 39.73 33.82 -7.01
C LYS A 14 38.43 33.13 -7.40
N LYS A 15 38.19 31.98 -6.78
CA LYS A 15 36.99 31.16 -6.93
C LYS A 15 36.93 30.29 -5.70
N PHE A 16 35.74 30.02 -5.16
CA PHE A 16 35.73 29.03 -4.10
C PHE A 16 35.06 27.75 -4.58
N LEU A 17 35.56 26.65 -4.04
CA LEU A 17 34.91 25.36 -4.20
C LEU A 17 33.58 25.35 -3.46
N PRO A 18 32.55 24.70 -4.03
CA PRO A 18 31.27 24.56 -3.31
C PRO A 18 31.38 23.78 -2.00
N GLY A 19 30.64 24.23 -0.98
CA GLY A 19 30.60 23.60 0.32
C GLY A 19 29.30 22.85 0.58
N PHE A 20 29.24 22.20 1.75
CA PHE A 20 28.03 21.43 2.01
C PHE A 20 26.91 22.33 2.55
N MET A 21 25.67 21.92 2.29
CA MET A 21 24.43 22.64 2.52
C MET A 21 23.56 21.86 3.50
N SER A 22 22.38 22.39 3.81
CA SER A 22 21.35 21.73 4.61
C SER A 22 20.03 22.44 4.32
N ASP A 23 18.93 21.77 4.62
CA ASP A 23 17.63 22.34 4.28
C ASP A 23 16.85 22.68 5.54
N LEU A 24 15.97 23.68 5.42
CA LEU A 24 15.18 24.14 6.55
C LEU A 24 13.72 23.82 6.23
N VAL A 25 13.19 22.71 6.73
CA VAL A 25 11.78 22.45 6.54
C VAL A 25 10.96 22.64 7.79
N LEU A 26 11.56 22.66 8.98
CA LEU A 26 10.73 22.84 10.17
C LEU A 26 10.38 24.31 10.39
N ALA A 27 11.36 25.20 10.21
CA ALA A 27 11.08 26.62 10.35
C ALA A 27 10.02 27.07 9.36
N LYS A 28 9.95 26.44 8.19
CA LYS A 28 8.97 26.88 7.20
C LYS A 28 7.54 26.53 7.59
N THR A 29 7.31 25.36 8.22
CA THR A 29 5.96 24.86 8.41
C THR A 29 5.38 25.00 9.82
N VAL A 30 6.10 25.53 10.80
CA VAL A 30 5.41 25.76 12.08
C VAL A 30 4.73 27.10 11.97
N ASP A 31 4.04 27.53 13.03
CA ASP A 31 3.31 28.79 13.03
C ASP A 31 4.25 29.99 13.25
N ARG A 32 3.92 31.12 12.62
CA ARG A 32 4.66 32.37 12.81
C ARG A 32 3.74 33.53 13.15
N GLN A 33 2.66 33.73 12.38
CA GLN A 33 1.75 34.86 12.56
C GLN A 33 1.45 35.19 14.02
N LEU A 34 1.13 34.17 14.83
CA LEU A 34 0.67 34.41 16.20
C LEU A 34 1.73 35.10 17.07
N LEU A 35 2.90 34.51 17.16
CA LEU A 35 3.89 34.94 18.14
C LEU A 35 4.70 36.13 17.66
N ALA A 36 4.44 36.65 16.45
CA ALA A 36 5.27 37.71 15.88
C ALA A 36 4.95 39.07 16.50
N GLY A 37 5.97 39.76 17.00
CA GLY A 37 5.84 41.06 17.63
C GLY A 37 5.31 41.04 19.05
N GLU A 38 5.00 39.87 19.61
CA GLU A 38 4.29 39.84 20.89
C GLU A 38 5.22 39.93 22.09
N ILE A 39 6.50 39.58 21.96
CA ILE A 39 7.45 39.78 23.04
C ILE A 39 8.23 41.03 22.69
N ASN A 40 8.06 42.06 23.53
CA ASN A 40 8.69 43.36 23.36
C ASN A 40 9.10 43.82 24.75
N SER A 41 9.51 45.09 24.89
CA SER A 41 10.05 45.52 26.18
C SER A 41 8.98 45.81 27.24
N SER A 42 7.69 45.78 26.93
CA SER A 42 6.71 45.83 28.01
C SER A 42 6.44 44.47 28.63
N THR A 43 6.86 43.40 27.97
CA THR A 43 6.45 42.04 28.24
C THR A 43 7.26 41.34 29.32
N GLY A 44 8.56 41.61 29.42
CA GLY A 44 9.44 40.71 30.13
C GLY A 44 9.74 39.53 29.24
N ASP A 45 10.28 38.47 29.84
CA ASP A 45 10.84 37.37 29.05
C ASP A 45 9.82 36.33 28.57
N SER A 46 8.51 36.52 28.79
CA SER A 46 7.55 35.50 28.35
C SER A 46 6.16 36.10 28.16
N VAL A 47 5.33 35.41 27.39
CA VAL A 47 3.99 35.89 27.09
C VAL A 47 3.06 34.67 27.03
N SER A 48 1.76 34.88 27.30
CA SER A 48 0.79 33.80 27.45
C SER A 48 -0.36 34.00 26.48
N PHE A 49 -0.92 32.88 25.93
CA PHE A 49 -2.13 32.89 25.11
C PHE A 49 -3.24 32.17 25.88
N LYS A 50 -4.43 32.02 25.28
CA LYS A 50 -5.62 31.56 26.00
C LYS A 50 -6.12 30.23 25.46
N ARG A 51 -6.13 29.21 26.33
CA ARG A 51 -6.78 27.92 26.04
C ARG A 51 -8.27 28.09 25.78
N PRO A 52 -8.86 27.38 24.82
CA PRO A 52 -10.31 27.48 24.61
C PRO A 52 -11.16 26.69 25.60
N HIS A 53 -12.39 27.18 25.87
CA HIS A 53 -13.29 26.61 26.90
C HIS A 53 -14.06 25.40 26.41
N GLN A 54 -14.53 24.57 27.36
CA GLN A 54 -15.36 23.41 27.02
C GLN A 54 -16.53 23.29 27.98
N PHE A 55 -17.70 22.97 27.45
CA PHE A 55 -18.96 23.01 28.19
C PHE A 55 -19.59 21.63 28.29
N SER A 56 -20.74 21.55 28.96
CA SER A 56 -21.52 20.32 29.05
C SER A 56 -22.99 20.66 29.30
N SER A 57 -23.88 19.68 29.13
CA SER A 57 -25.30 20.01 29.05
C SER A 57 -26.22 19.14 29.91
N LEU A 58 -27.32 19.73 30.33
CA LEU A 58 -28.41 19.11 31.08
C LEU A 58 -29.50 18.62 30.13
N ARG A 59 -30.15 17.50 30.51
CA ARG A 59 -31.29 16.94 29.77
C ARG A 59 -32.51 16.90 30.67
N THR A 60 -33.51 17.74 30.39
CA THR A 60 -34.70 17.91 31.22
C THR A 60 -35.93 17.65 30.35
N PRO A 61 -37.00 17.04 30.87
CA PRO A 61 -38.20 16.91 30.02
C PRO A 61 -38.88 18.24 29.73
N THR A 62 -38.99 19.13 30.72
CA THR A 62 -39.65 20.42 30.53
C THR A 62 -38.70 21.60 30.34
N GLY A 63 -37.39 21.42 30.45
CA GLY A 63 -36.51 22.56 30.45
C GLY A 63 -36.34 23.25 31.79
N ASP A 64 -36.74 22.63 32.90
CA ASP A 64 -36.65 23.24 34.23
C ASP A 64 -35.29 22.91 34.86
N ILE A 65 -34.39 23.90 34.92
CA ILE A 65 -33.03 23.71 35.39
C ILE A 65 -32.82 24.22 36.83
N SER A 66 -33.90 24.54 37.55
CA SER A 66 -33.82 25.29 38.83
C SER A 66 -32.78 24.74 39.80
N GLY A 67 -32.81 23.44 40.09
CA GLY A 67 -32.03 22.95 41.21
C GLY A 67 -30.65 22.36 40.97
N GLN A 68 -29.99 22.70 39.85
CA GLN A 68 -28.88 21.87 39.36
C GLN A 68 -27.57 22.64 39.23
N ASN A 69 -26.56 21.97 38.66
CA ASN A 69 -25.21 22.50 38.53
C ASN A 69 -25.02 23.04 37.12
N LYS A 70 -24.66 24.32 37.03
CA LYS A 70 -24.37 24.87 35.73
C LYS A 70 -22.91 24.62 35.39
N ASN A 71 -22.49 25.04 34.21
CA ASN A 71 -21.09 25.00 33.88
C ASN A 71 -20.30 25.97 34.73
N ASN A 72 -19.03 25.64 34.93
CA ASN A 72 -18.08 26.56 35.55
C ASN A 72 -17.16 27.07 34.46
N LEU A 73 -16.81 28.34 34.54
CA LEU A 73 -15.82 28.90 33.65
C LEU A 73 -14.45 28.73 34.29
N ILE A 74 -13.51 28.14 33.56
CA ILE A 74 -12.15 27.91 34.05
C ILE A 74 -11.21 28.23 32.91
N SER A 75 -10.22 29.08 33.16
CA SER A 75 -9.33 29.57 32.11
C SER A 75 -7.93 28.97 32.27
N GLY A 76 -7.38 28.43 31.19
CA GLY A 76 -5.98 28.10 31.11
C GLY A 76 -5.26 29.05 30.17
N LYS A 77 -3.93 28.92 30.13
CA LYS A 77 -3.09 29.71 29.23
C LYS A 77 -1.86 28.90 28.84
N ALA A 78 -1.36 29.13 27.64
CA ALA A 78 -0.09 28.57 27.17
C ALA A 78 1.00 29.64 27.22
N THR A 79 2.21 29.26 27.60
CA THR A 79 3.27 30.25 27.77
C THR A 79 4.46 29.90 26.87
N GLY A 80 5.22 30.93 26.48
CA GLY A 80 6.43 30.73 25.73
C GLY A 80 7.47 31.74 26.14
N ARG A 81 8.75 31.38 25.96
CA ARG A 81 9.86 32.06 26.60
C ARG A 81 10.88 32.56 25.58
N VAL A 82 12.02 33.11 26.02
CA VAL A 82 13.15 33.40 25.14
C VAL A 82 14.26 32.39 25.42
N GLY A 83 15.00 32.03 24.38
CA GLY A 83 16.13 31.15 24.50
C GLY A 83 17.43 31.92 24.69
N ASN A 84 18.53 31.26 24.38
CA ASN A 84 19.81 31.93 24.46
C ASN A 84 20.03 32.78 23.21
N TYR A 85 21.13 33.54 23.17
CA TYR A 85 21.47 34.11 21.88
C TYR A 85 22.17 33.09 21.00
N ILE A 86 22.13 33.35 19.71
CA ILE A 86 22.98 32.69 18.74
C ILE A 86 23.94 33.77 18.23
N THR A 87 25.24 33.55 18.39
CA THR A 87 26.24 34.58 18.11
C THR A 87 27.40 33.98 17.33
N VAL A 88 27.78 34.60 16.22
CA VAL A 88 29.04 34.30 15.57
C VAL A 88 29.85 35.59 15.49
N ALA A 89 31.12 35.54 15.93
CA ALA A 89 31.99 36.72 16.04
C ALA A 89 33.38 36.46 15.45
N VAL A 90 33.93 37.43 14.70
CA VAL A 90 35.27 37.32 14.13
C VAL A 90 36.06 38.60 14.40
N GLU A 91 37.35 38.59 14.06
CA GLU A 91 38.22 39.78 14.17
C GLU A 91 39.44 39.60 13.28
N TYR A 92 40.14 40.71 13.03
CA TYR A 92 41.33 40.70 12.19
C TYR A 92 41.96 42.08 12.21
N GLN A 93 43.24 42.14 11.87
CA GLN A 93 44.06 43.34 11.97
C GLN A 93 43.90 44.25 10.77
N GLN A 94 43.97 45.56 10.99
CA GLN A 94 43.91 46.50 9.86
C GLN A 94 44.95 46.16 8.80
N LEU A 95 46.14 45.73 9.20
CA LEU A 95 47.15 45.36 8.23
C LEU A 95 46.69 44.17 7.38
N GLU A 96 46.12 43.13 8.01
CA GLU A 96 45.57 42.01 7.25
C GLU A 96 44.54 42.45 6.23
N GLU A 97 43.70 43.44 6.56
CA GLU A 97 42.69 43.85 5.59
C GLU A 97 43.32 44.47 4.36
N ALA A 98 44.37 45.26 4.56
CA ALA A 98 44.98 46.01 3.46
C ALA A 98 45.68 45.09 2.46
N ILE A 99 46.49 44.14 2.93
CA ILE A 99 47.33 43.30 2.06
C ILE A 99 46.86 41.85 1.93
N LYS A 100 45.80 41.42 2.61
CA LYS A 100 45.43 39.98 2.62
C LYS A 100 43.98 39.63 2.32
N LEU A 101 43.01 40.22 3.00
CA LEU A 101 41.64 39.76 2.84
C LEU A 101 41.09 40.44 1.61
N ASN A 102 41.06 39.71 0.51
CA ASN A 102 40.41 40.11 -0.71
C ASN A 102 39.25 39.16 -0.89
N GLN A 103 38.16 39.65 -1.47
CA GLN A 103 36.93 38.88 -1.45
C GLN A 103 36.43 38.66 -0.03
N LEU A 104 36.51 39.70 0.80
CA LEU A 104 36.02 39.59 2.16
C LEU A 104 34.54 39.19 2.18
N GLU A 105 33.73 39.77 1.29
CA GLU A 105 32.32 39.42 1.24
C GLU A 105 32.04 38.00 0.76
N GLU A 106 32.94 37.37 0.02
CA GLU A 106 32.77 35.94 -0.23
C GLU A 106 33.16 35.12 0.99
N ILE A 107 34.16 35.58 1.74
CA ILE A 107 34.56 34.85 2.94
C ILE A 107 33.45 34.85 3.96
N LEU A 108 32.80 35.98 4.16
CA LEU A 108 31.80 36.04 5.23
C LEU A 108 30.41 35.60 4.79
N ALA A 109 30.20 35.30 3.51
CA ALA A 109 28.85 34.98 3.04
C ALA A 109 28.21 33.82 3.78
N PRO A 110 28.91 32.74 4.15
CA PRO A 110 28.26 31.68 4.94
C PRO A 110 27.85 32.03 6.38
N VAL A 111 28.23 33.17 7.01
CA VAL A 111 27.93 33.27 8.46
C VAL A 111 26.43 33.36 8.71
N ARG A 112 25.66 34.02 7.82
CA ARG A 112 24.23 34.17 8.03
C ARG A 112 23.52 32.83 8.12
N GLN A 113 24.03 31.79 7.48
CA GLN A 113 23.39 30.48 7.58
C GLN A 113 24.00 29.52 8.61
N ARG A 114 25.03 29.87 9.41
CA ARG A 114 25.09 29.21 10.71
C ARG A 114 23.96 29.70 11.58
N ILE A 115 23.70 31.01 11.54
CA ILE A 115 22.72 31.56 12.45
C ILE A 115 21.39 30.87 12.24
N VAL A 116 21.00 30.67 10.98
CA VAL A 116 19.72 30.06 10.69
C VAL A 116 19.79 28.56 10.85
N THR A 117 20.94 27.94 10.64
CA THR A 117 21.04 26.49 10.77
C THR A 117 20.96 26.06 12.20
N ASP A 118 21.58 26.82 13.10
CA ASP A 118 21.52 26.46 14.52
C ASP A 118 20.18 26.80 15.13
N LEU A 119 19.48 27.79 14.60
CA LEU A 119 18.10 28.00 15.01
C LEU A 119 17.29 26.73 14.81
N GLU A 120 17.37 26.15 13.60
CA GLU A 120 16.49 25.03 13.25
C GLU A 120 16.90 23.72 13.91
N THR A 121 18.16 23.56 14.25
CA THR A 121 18.51 22.38 15.04
C THR A 121 17.88 22.43 16.42
N GLU A 122 17.72 23.63 16.99
CA GLU A 122 17.16 23.72 18.32
C GLU A 122 15.65 23.65 18.30
N LEU A 123 15.02 24.02 17.20
CA LEU A 123 13.59 23.78 17.03
C LEU A 123 13.30 22.29 17.15
N ALA A 124 14.09 21.46 16.47
CA ALA A 124 13.87 20.02 16.45
C ALA A 124 13.97 19.41 17.83
N HIS A 125 14.92 19.85 18.65
CA HIS A 125 14.96 19.34 20.02
C HIS A 125 13.75 19.78 20.80
N PHE A 126 13.26 20.98 20.55
CA PHE A 126 12.13 21.49 21.29
C PHE A 126 10.91 20.63 21.02
N MET A 127 10.54 20.49 19.73
CA MET A 127 9.39 19.69 19.35
C MET A 127 9.46 18.30 19.96
N MET A 128 10.59 17.64 19.78
CA MET A 128 10.80 16.28 20.26
C MET A 128 10.52 16.15 21.76
N ASN A 129 10.85 17.17 22.56
CA ASN A 129 10.73 17.10 24.03
C ASN A 129 9.36 17.43 24.56
N ASN A 130 8.48 18.00 23.74
CA ASN A 130 7.19 18.49 24.21
C ASN A 130 6.06 17.62 23.72
N GLY A 131 5.88 17.44 22.41
CA GLY A 131 4.78 16.64 21.89
C GLY A 131 4.58 15.29 22.56
N ALA A 132 3.35 15.03 23.01
CA ALA A 132 3.00 13.86 23.81
C ALA A 132 2.74 12.59 23.00
N LEU A 133 2.29 12.71 21.73
CA LEU A 133 1.76 11.58 20.99
C LEU A 133 2.86 10.64 20.50
N SER A 134 2.56 9.33 20.46
CA SER A 134 3.49 8.28 20.04
C SER A 134 2.84 7.17 19.21
N LEU A 135 3.45 6.82 18.08
CA LEU A 135 2.98 5.77 17.16
C LEU A 135 4.13 4.84 16.79
N GLY A 136 3.88 3.53 16.71
CA GLY A 136 4.96 2.58 16.42
C GLY A 136 5.98 2.49 17.56
N SER A 137 7.17 1.98 17.23
CA SER A 137 8.27 1.86 18.20
C SER A 137 9.59 2.04 17.49
N PRO A 138 10.62 2.57 18.17
CA PRO A 138 11.92 2.78 17.50
C PRO A 138 12.59 1.50 16.99
N ASN A 139 12.12 0.31 17.36
CA ASN A 139 12.78 -0.93 16.95
C ASN A 139 12.59 -1.24 15.47
N THR A 140 11.42 -0.84 14.87
CA THR A 140 11.10 -1.03 13.45
C THR A 140 11.36 0.26 12.67
N PRO A 141 12.02 0.18 11.52
CA PRO A 141 12.08 1.33 10.61
C PRO A 141 10.78 1.51 9.84
N ILE A 142 10.61 2.71 9.27
CA ILE A 142 9.43 3.01 8.46
C ILE A 142 9.56 2.38 7.06
N THR A 143 8.57 1.58 6.68
CA THR A 143 8.61 0.74 5.48
C THR A 143 7.34 0.79 4.64
N LYS A 144 6.21 0.36 5.21
CA LYS A 144 4.93 0.22 4.52
C LYS A 144 4.20 1.57 4.40
N TRP A 145 3.32 1.67 3.39
CA TRP A 145 2.46 2.83 3.24
C TRP A 145 1.71 3.18 4.50
N SER A 146 1.31 2.18 5.27
CA SER A 146 0.45 2.42 6.40
C SER A 146 1.17 2.92 7.64
N ASP A 147 2.48 3.10 7.57
CA ASP A 147 3.21 3.75 8.66
C ASP A 147 3.03 5.25 8.63
N VAL A 148 3.16 5.86 7.46
CA VAL A 148 2.91 7.28 7.36
C VAL A 148 1.43 7.56 7.48
N ALA A 149 0.59 6.60 7.17
CA ALA A 149 -0.85 6.87 7.08
C ALA A 149 -1.49 6.85 8.45
N GLN A 150 -1.00 6.02 9.36
CA GLN A 150 -1.57 6.05 10.69
C GLN A 150 -1.42 7.40 11.34
N THR A 151 -0.50 8.24 10.88
CA THR A 151 -0.36 9.53 11.55
C THR A 151 -1.49 10.45 11.17
N ALA A 152 -1.84 10.51 9.89
CA ALA A 152 -2.95 11.34 9.44
C ALA A 152 -4.25 10.96 10.13
N SER A 153 -4.47 9.67 10.38
CA SER A 153 -5.78 9.31 10.90
C SER A 153 -5.84 9.30 12.42
N PHE A 154 -4.72 9.36 13.11
CA PHE A 154 -4.74 9.50 14.56
C PHE A 154 -4.99 10.94 14.94
N LEU A 155 -4.42 11.87 14.19
CA LEU A 155 -4.80 13.27 14.33
C LEU A 155 -6.25 13.49 13.96
N LYS A 156 -6.80 12.70 13.05
CA LYS A 156 -8.20 12.87 12.70
C LYS A 156 -9.12 12.34 13.79
N ASP A 157 -8.72 11.30 14.50
CA ASP A 157 -9.63 10.74 15.48
C ASP A 157 -9.65 11.57 16.79
N LEU A 158 -8.50 11.99 17.30
CA LEU A 158 -8.50 12.98 18.38
C LEU A 158 -9.36 14.19 18.05
N GLY A 159 -9.45 14.57 16.79
CA GLY A 159 -10.29 15.69 16.39
C GLY A 159 -9.61 16.99 15.99
N VAL A 160 -8.30 16.99 15.71
CA VAL A 160 -7.66 18.16 15.09
C VAL A 160 -8.40 18.57 13.83
N ASN A 161 -8.57 19.89 13.64
CA ASN A 161 -9.18 20.42 12.42
C ASN A 161 -8.44 21.55 11.75
N GLU A 162 -8.34 22.69 12.42
CA GLU A 162 -7.91 23.88 11.72
C GLU A 162 -6.45 23.77 11.32
N GLY A 163 -6.07 24.47 10.25
CA GLY A 163 -4.71 24.38 9.80
C GLY A 163 -4.46 23.05 9.12
N GLU A 164 -3.20 22.67 9.09
CA GLU A 164 -2.76 21.63 8.17
C GLU A 164 -1.67 20.79 8.81
N ASN A 165 -1.62 19.51 8.48
CA ASN A 165 -0.82 18.54 9.20
C ASN A 165 0.37 18.12 8.37
N TYR A 166 1.49 17.80 9.03
CA TYR A 166 2.77 17.54 8.40
C TYR A 166 3.44 16.34 9.02
N ALA A 167 4.10 15.54 8.18
CA ALA A 167 4.98 14.47 8.64
C ALA A 167 6.37 14.67 8.08
N VAL A 168 7.40 14.59 8.92
CA VAL A 168 8.77 14.94 8.51
C VAL A 168 9.73 13.81 8.88
N MET A 169 10.43 13.27 7.89
CA MET A 169 11.34 12.15 8.06
C MET A 169 12.71 12.47 7.44
N ASP A 170 13.67 11.56 7.59
CA ASP A 170 15.03 11.81 7.11
C ASP A 170 15.28 11.18 5.75
N PRO A 171 16.46 11.35 5.14
CA PRO A 171 16.67 10.76 3.79
C PRO A 171 16.49 9.27 3.72
N TRP A 172 16.92 8.52 4.74
CA TRP A 172 16.92 7.07 4.61
C TRP A 172 15.50 6.54 4.58
N SER A 173 14.61 7.08 5.44
CA SER A 173 13.21 6.66 5.52
C SER A 173 12.45 7.00 4.26
N ALA A 174 12.69 8.18 3.70
CA ALA A 174 12.05 8.56 2.44
C ALA A 174 12.45 7.64 1.30
N GLN A 175 13.66 7.08 1.33
CA GLN A 175 14.07 6.17 0.27
C GLN A 175 13.32 4.87 0.36
N ARG A 176 13.20 4.29 1.55
CA ARG A 176 12.38 3.10 1.72
C ARG A 176 10.93 3.32 1.33
N LEU A 177 10.43 4.54 1.38
CA LEU A 177 9.07 4.79 0.94
C LEU A 177 8.92 4.89 -0.56
N ALA A 178 9.99 5.16 -1.30
CA ALA A 178 9.90 5.07 -2.76
C ALA A 178 10.11 3.65 -3.25
N ASP A 179 10.76 2.80 -2.46
CA ASP A 179 10.81 1.40 -2.83
C ASP A 179 9.43 0.77 -2.66
N ALA A 180 8.66 1.23 -1.68
CA ALA A 180 7.28 0.76 -1.59
C ALA A 180 6.49 1.22 -2.81
N GLN A 181 6.72 2.44 -3.26
CA GLN A 181 5.99 2.99 -4.38
C GLN A 181 6.43 2.42 -5.73
N THR A 182 7.53 1.71 -5.82
CA THR A 182 7.84 1.06 -7.09
C THR A 182 7.14 -0.27 -7.23
N GLY A 183 6.37 -0.69 -6.22
CA GLY A 183 5.60 -1.92 -6.26
C GLY A 183 4.11 -1.73 -6.45
N LEU A 184 3.66 -0.53 -6.76
CA LEU A 184 2.27 -0.34 -7.13
C LEU A 184 1.98 -0.99 -8.47
N HIS A 185 0.74 -1.46 -8.61
CA HIS A 185 0.30 -2.21 -9.77
C HIS A 185 -0.49 -1.39 -10.77
N ALA A 186 -0.67 -0.09 -10.57
CA ALA A 186 -1.56 0.55 -11.55
C ALA A 186 -1.04 1.83 -12.20
N SER A 187 -0.72 2.88 -11.43
CA SER A 187 -0.43 4.16 -12.06
C SER A 187 0.97 4.12 -12.66
N ASP A 188 1.07 4.25 -13.98
CA ASP A 188 2.40 4.28 -14.58
C ASP A 188 3.10 5.58 -14.28
N GLN A 189 2.34 6.68 -14.27
CA GLN A 189 2.82 7.96 -13.78
C GLN A 189 3.56 7.79 -12.45
N LEU A 190 2.93 7.12 -11.51
CA LEU A 190 3.43 7.18 -10.15
C LEU A 190 4.55 6.18 -9.90
N VAL A 191 4.71 5.13 -10.70
CA VAL A 191 5.90 4.28 -10.54
C VAL A 191 7.09 4.86 -11.27
N ARG A 192 6.88 5.36 -12.50
CA ARG A 192 7.96 5.92 -13.27
C ARG A 192 8.73 6.95 -12.47
N THR A 193 8.01 7.87 -11.82
CA THR A 193 8.63 8.89 -10.97
C THR A 193 9.53 8.29 -9.89
N ALA A 194 9.03 7.34 -9.12
CA ALA A 194 9.84 6.80 -8.04
C ALA A 194 11.00 5.97 -8.58
N TRP A 195 10.83 5.36 -9.75
CA TRP A 195 11.86 4.48 -10.26
C TRP A 195 13.06 5.29 -10.74
N GLU A 196 12.81 6.38 -11.48
CA GLU A 196 13.87 7.24 -11.97
C GLU A 196 14.33 8.27 -10.93
N ASN A 197 13.40 8.99 -10.31
CA ASN A 197 13.77 10.10 -9.45
C ASN A 197 13.74 9.79 -7.97
N ALA A 198 13.29 8.62 -7.54
CA ALA A 198 13.20 8.27 -6.13
C ALA A 198 12.52 9.37 -5.33
N GLN A 199 11.35 9.81 -5.79
CA GLN A 199 10.54 10.76 -5.07
C GLN A 199 9.17 10.19 -4.75
N ILE A 200 8.52 10.84 -3.80
CA ILE A 200 7.13 10.57 -3.43
C ILE A 200 6.36 11.85 -3.63
N PRO A 201 5.04 11.79 -3.68
CA PRO A 201 4.27 12.99 -4.04
C PRO A 201 4.16 13.96 -2.88
N THR A 202 3.52 15.10 -3.15
CA THR A 202 3.33 16.12 -2.12
C THR A 202 2.50 15.58 -0.97
N ASN A 203 1.31 15.04 -1.28
CA ASN A 203 0.45 14.43 -0.28
C ASN A 203 0.63 12.92 -0.32
N PHE A 204 1.03 12.35 0.78
CA PHE A 204 1.30 10.93 0.89
C PHE A 204 0.59 10.46 2.14
N GLY A 205 -0.45 9.67 1.98
CA GLY A 205 -1.21 9.15 3.11
C GLY A 205 -2.34 10.04 3.58
N GLY A 206 -2.64 11.11 2.88
CA GLY A 206 -3.57 12.06 3.42
C GLY A 206 -2.96 12.99 4.42
N ILE A 207 -1.64 13.15 4.38
CA ILE A 207 -0.89 14.09 5.19
C ILE A 207 0.23 14.61 4.31
N ARG A 208 0.68 15.81 4.59
CA ARG A 208 1.71 16.47 3.79
C ARG A 208 3.08 16.08 4.31
N ALA A 209 3.88 15.43 3.47
CA ALA A 209 5.04 14.68 3.93
C ALA A 209 6.31 15.20 3.27
N LEU A 210 7.29 15.55 4.08
CA LEU A 210 8.50 16.24 3.68
C LEU A 210 9.71 15.45 4.13
N MET A 211 10.79 15.56 3.38
CA MET A 211 12.09 15.01 3.73
C MET A 211 13.05 16.12 4.15
N SER A 212 13.83 15.88 5.21
CA SER A 212 14.82 16.83 5.67
C SER A 212 16.08 16.12 6.12
N ASN A 213 17.24 16.56 5.64
CA ASN A 213 18.46 16.03 6.25
C ASN A 213 18.93 16.78 7.49
N GLY A 214 18.50 18.03 7.72
CA GLY A 214 18.71 18.57 9.07
C GLY A 214 17.72 18.07 10.10
N LEU A 215 18.12 17.25 11.07
CA LEU A 215 17.20 16.82 12.11
C LEU A 215 17.99 16.21 13.27
N ALA A 216 17.56 16.46 14.50
CA ALA A 216 18.33 16.08 15.69
C ALA A 216 18.16 14.60 16.02
N SER A 217 19.11 14.05 16.76
CA SER A 217 19.04 12.68 17.25
C SER A 217 18.97 12.66 18.77
N ARG A 218 18.48 11.55 19.33
CA ARG A 218 18.40 11.41 20.79
C ARG A 218 18.73 9.99 21.18
N THR A 219 19.22 9.83 22.42
CA THR A 219 19.61 8.54 22.98
C THR A 219 18.62 8.12 24.06
N GLN A 220 18.41 6.81 24.21
CA GLN A 220 17.40 6.31 25.15
C GLN A 220 17.86 6.41 26.61
N GLY A 221 19.07 5.96 26.91
CA GLY A 221 19.51 5.98 28.29
C GLY A 221 18.95 4.80 29.07
N ALA A 222 19.67 4.29 30.07
CA ALA A 222 19.58 2.88 30.44
C ALA A 222 18.45 2.65 31.44
N PHE A 223 17.39 1.97 30.99
CA PHE A 223 16.25 1.62 31.83
C PHE A 223 16.03 0.11 31.84
N GLY A 224 15.31 -0.35 32.86
CA GLY A 224 15.09 -1.77 33.05
C GLY A 224 14.21 -1.99 34.26
N GLY A 225 13.69 -3.23 34.37
CA GLY A 225 12.70 -3.58 35.38
C GLY A 225 11.29 -3.35 34.88
N THR A 226 10.31 -3.73 35.72
CA THR A 226 8.89 -3.51 35.43
C THR A 226 8.39 -2.39 36.33
N LEU A 227 7.85 -1.34 35.72
CA LEU A 227 7.57 -0.09 36.40
C LEU A 227 6.09 0.08 36.69
N THR A 228 5.76 0.54 37.90
CA THR A 228 4.41 0.91 38.29
C THR A 228 4.46 2.27 38.98
N VAL A 229 3.31 2.98 39.03
CA VAL A 229 3.32 4.30 39.67
C VAL A 229 3.31 4.11 41.18
N LYS A 230 4.06 4.95 41.88
CA LYS A 230 4.14 4.77 43.32
C LYS A 230 2.95 5.39 44.04
N THR A 231 2.54 6.60 43.64
CA THR A 231 1.47 7.34 44.29
C THR A 231 0.54 7.94 43.25
N GLN A 232 -0.76 7.97 43.56
CA GLN A 232 -1.73 8.62 42.70
C GLN A 232 -1.41 10.11 42.53
N PRO A 233 -1.28 10.62 41.28
CA PRO A 233 -1.00 12.05 41.09
C PRO A 233 -2.26 12.90 41.04
N THR A 234 -2.13 14.23 40.88
CA THR A 234 -3.28 15.12 40.88
C THR A 234 -3.49 15.62 39.45
N VAL A 235 -4.49 15.07 38.78
CA VAL A 235 -4.73 15.37 37.37
C VAL A 235 -5.95 16.25 37.13
N THR A 236 -6.57 16.80 38.17
CA THR A 236 -7.71 17.67 37.91
C THR A 236 -7.27 18.85 37.04
N TYR A 237 -8.23 19.45 36.36
CA TYR A 237 -7.87 20.44 35.36
C TYR A 237 -7.37 21.72 36.01
N ASN A 238 -7.73 21.99 37.26
CA ASN A 238 -7.06 23.10 37.97
C ASN A 238 -5.56 22.91 38.01
N ALA A 239 -5.10 21.75 38.50
CA ALA A 239 -3.68 21.53 38.72
C ALA A 239 -2.85 21.81 37.48
N VAL A 240 -3.28 21.30 36.32
CA VAL A 240 -2.44 21.25 35.14
C VAL A 240 -2.75 22.30 34.10
N LYS A 241 -3.71 23.20 34.34
CA LYS A 241 -4.28 23.96 33.23
C LYS A 241 -3.34 25.02 32.65
N ASP A 242 -2.28 25.44 33.35
CA ASP A 242 -1.36 26.34 32.67
C ASP A 242 -0.25 25.64 31.89
N SER A 243 0.38 24.62 32.46
CA SER A 243 1.50 24.02 31.77
C SER A 243 1.17 22.77 30.97
N TYR A 244 0.03 22.11 31.18
CA TYR A 244 -0.18 20.76 30.63
C TYR A 244 1.03 19.85 30.88
N GLN A 245 1.48 19.80 32.13
CA GLN A 245 2.56 18.91 32.53
C GLN A 245 2.24 18.38 33.91
N PHE A 246 2.82 17.24 34.27
CA PHE A 246 2.58 16.77 35.62
C PHE A 246 3.76 15.95 36.07
N THR A 247 3.95 15.89 37.39
CA THR A 247 5.01 15.12 38.00
C THR A 247 4.42 13.83 38.53
N VAL A 248 5.08 12.72 38.25
CA VAL A 248 4.69 11.42 38.75
C VAL A 248 5.94 10.70 39.23
N THR A 249 5.77 9.88 40.26
CA THR A 249 6.86 9.06 40.78
C THR A 249 6.61 7.58 40.43
N LEU A 250 7.68 6.88 40.03
CA LEU A 250 7.65 5.50 39.59
C LEU A 250 8.48 4.62 40.52
N THR A 251 8.09 3.35 40.62
CA THR A 251 8.74 2.41 41.52
C THR A 251 9.05 1.11 40.78
N GLY A 252 9.93 0.31 41.38
CA GLY A 252 10.35 -0.95 40.77
C GLY A 252 11.40 -0.81 39.68
N ALA A 253 12.27 0.19 39.76
CA ALA A 253 13.33 0.40 38.76
C ALA A 253 14.59 -0.35 39.17
N THR A 254 15.64 -0.19 38.36
CA THR A 254 16.95 -0.73 38.70
C THR A 254 17.57 0.10 39.83
N ALA A 255 18.49 -0.51 40.57
CA ALA A 255 18.98 0.05 41.84
C ALA A 255 19.43 1.51 41.75
N SER A 256 20.61 1.78 41.18
CA SER A 256 21.10 3.15 41.07
C SER A 256 21.69 3.34 39.68
N VAL A 257 21.06 4.21 38.88
CA VAL A 257 21.52 4.48 37.53
C VAL A 257 21.38 5.97 37.26
N THR A 258 22.46 6.61 36.85
CA THR A 258 22.39 7.98 36.35
C THR A 258 21.86 7.98 34.91
N GLY A 259 20.92 8.89 34.63
CA GLY A 259 20.29 8.94 33.32
C GLY A 259 19.38 7.75 33.04
N PHE A 260 18.56 7.38 34.00
CA PHE A 260 17.66 6.25 33.83
C PHE A 260 16.69 6.54 32.70
N LEU A 261 16.23 7.77 32.60
CA LEU A 261 15.33 8.18 31.55
C LEU A 261 15.90 9.48 31.03
N LYS A 262 15.75 9.77 29.76
CA LYS A 262 16.35 10.99 29.23
C LYS A 262 15.31 11.80 28.51
N ALA A 263 15.56 13.09 28.32
CA ALA A 263 14.59 13.93 27.68
C ALA A 263 14.26 13.33 26.35
N GLY A 264 12.98 13.33 26.03
CA GLY A 264 12.49 12.78 24.79
C GLY A 264 12.01 11.36 24.90
N ASP A 265 12.24 10.70 26.02
CA ASP A 265 11.77 9.33 26.19
C ASP A 265 10.27 9.35 26.37
N GLN A 266 9.57 8.36 25.85
CA GLN A 266 8.12 8.29 26.00
C GLN A 266 7.72 7.14 26.89
N VAL A 267 6.81 7.42 27.83
CA VAL A 267 6.28 6.44 28.78
C VAL A 267 4.82 6.20 28.43
N LYS A 268 4.40 4.93 28.43
CA LYS A 268 3.04 4.54 28.08
C LYS A 268 2.30 3.99 29.29
N PHE A 269 1.07 4.46 29.50
CA PHE A 269 0.18 4.01 30.59
C PHE A 269 -0.81 3.01 30.00
N THR A 270 -0.71 1.75 30.42
CA THR A 270 -1.30 0.66 29.63
C THR A 270 -2.82 0.62 29.74
N ASN A 271 -3.38 0.92 30.91
CA ASN A 271 -4.81 0.70 31.14
C ASN A 271 -5.65 1.95 30.91
N THR A 272 -5.06 3.05 30.45
CA THR A 272 -5.71 4.35 30.45
C THR A 272 -5.70 4.90 29.04
N TYR A 273 -6.87 5.19 28.48
CA TYR A 273 -7.01 5.31 27.04
C TYR A 273 -7.28 6.74 26.64
N TRP A 274 -6.74 7.15 25.50
CA TRP A 274 -7.16 8.41 24.91
C TRP A 274 -8.64 8.40 24.61
N LEU A 275 -9.24 9.59 24.67
CA LEU A 275 -10.62 9.88 24.32
C LEU A 275 -10.64 10.71 23.06
N GLN A 276 -11.70 10.61 22.27
CA GLN A 276 -11.93 11.72 21.36
C GLN A 276 -12.29 12.96 22.16
N GLN A 277 -11.62 14.07 21.84
CA GLN A 277 -11.59 15.21 22.73
C GLN A 277 -12.92 15.96 22.74
N GLN A 278 -13.66 15.96 21.64
CA GLN A 278 -14.98 16.57 21.60
C GLN A 278 -16.06 15.63 22.14
N THR A 279 -16.10 14.40 21.67
CA THR A 279 -17.20 13.50 22.00
C THR A 279 -17.03 12.79 23.34
N LYS A 280 -15.80 12.64 23.83
CA LYS A 280 -15.50 11.98 25.10
C LYS A 280 -15.79 10.48 25.06
N GLN A 281 -15.65 9.83 23.88
CA GLN A 281 -15.73 8.37 23.70
C GLN A 281 -14.33 7.80 23.44
N ALA A 282 -13.96 6.72 24.12
CA ALA A 282 -12.61 6.16 23.98
C ALA A 282 -12.28 5.78 22.54
N LEU A 283 -10.99 5.87 22.17
CA LEU A 283 -10.54 5.52 20.82
C LEU A 283 -10.07 4.08 20.74
N TYR A 284 -10.62 3.33 19.78
CA TYR A 284 -10.22 1.95 19.50
C TYR A 284 -9.63 1.87 18.10
N ASN A 285 -8.50 1.20 17.97
CA ASN A 285 -7.88 0.95 16.65
C ASN A 285 -8.02 -0.55 16.39
N GLY A 286 -8.95 -0.90 15.52
CA GLY A 286 -9.25 -2.31 15.40
C GLY A 286 -9.72 -2.86 16.73
N ALA A 287 -9.13 -3.99 17.12
CA ALA A 287 -9.59 -4.75 18.28
C ALA A 287 -9.15 -4.14 19.60
N THR A 288 -8.26 -3.14 19.55
CA THR A 288 -7.55 -2.73 20.75
C THR A 288 -7.67 -1.24 21.01
N PRO A 289 -7.82 -0.85 22.28
CA PRO A 289 -7.83 0.57 22.63
C PRO A 289 -6.43 1.17 22.72
N ILE A 290 -6.37 2.49 22.53
CA ILE A 290 -5.12 3.24 22.33
C ILE A 290 -4.69 3.86 23.65
N SER A 291 -3.54 3.44 24.17
CA SER A 291 -3.08 3.87 25.49
C SER A 291 -2.60 5.33 25.47
N PHE A 292 -2.87 6.05 26.56
CA PHE A 292 -2.31 7.37 26.78
C PHE A 292 -0.79 7.30 26.97
N THR A 293 -0.09 8.32 26.47
CA THR A 293 1.37 8.32 26.46
C THR A 293 1.85 9.75 26.61
N ALA A 294 2.99 9.92 27.29
CA ALA A 294 3.54 11.22 27.60
C ALA A 294 5.07 11.16 27.51
N THR A 295 5.69 12.32 27.43
CA THR A 295 7.11 12.45 27.07
C THR A 295 7.91 13.01 28.24
N VAL A 296 9.09 12.41 28.48
CA VAL A 296 9.97 12.90 29.54
C VAL A 296 10.56 14.24 29.12
N THR A 297 10.47 15.23 30.02
CA THR A 297 10.89 16.61 29.76
C THR A 297 12.40 16.81 29.99
N ALA A 298 12.97 16.17 31.01
CA ALA A 298 14.36 16.37 31.37
C ALA A 298 14.94 15.06 31.90
N ASP A 299 16.22 15.06 32.23
CA ASP A 299 16.85 13.83 32.68
C ASP A 299 16.50 13.51 34.12
N ALA A 300 16.44 12.22 34.43
CA ALA A 300 16.01 11.74 35.74
C ALA A 300 16.88 10.58 36.19
N ASN A 301 17.58 10.75 37.31
CA ASN A 301 18.30 9.66 37.96
C ASN A 301 17.36 8.77 38.77
N SER A 302 17.86 7.59 39.10
CA SER A 302 17.14 6.63 39.95
C SER A 302 17.92 6.40 41.24
N ASP A 303 17.29 6.73 42.38
CA ASP A 303 17.94 6.55 43.68
C ASP A 303 17.94 5.08 44.09
N SER A 304 18.82 4.74 45.03
CA SER A 304 18.81 3.40 45.63
C SER A 304 17.46 3.13 46.29
N GLY A 305 16.94 1.92 46.07
CA GLY A 305 15.56 1.60 46.39
C GLY A 305 14.62 1.69 45.21
N GLY A 306 15.12 2.07 44.03
CA GLY A 306 14.41 1.94 42.78
C GLY A 306 13.23 2.86 42.56
N ASP A 307 13.33 4.13 42.95
CA ASP A 307 12.29 5.12 42.68
C ASP A 307 12.83 6.20 41.76
N VAL A 308 11.91 6.79 40.98
CA VAL A 308 12.27 7.80 40.00
C VAL A 308 11.19 8.88 40.01
N THR A 309 11.59 10.14 40.00
CA THR A 309 10.67 11.25 39.83
C THR A 309 10.90 11.87 38.47
N VAL A 310 9.83 12.12 37.73
CA VAL A 310 9.97 12.56 36.34
C VAL A 310 8.84 13.54 36.02
N THR A 311 9.14 14.56 35.22
CA THR A 311 8.11 15.48 34.74
C THR A 311 7.79 15.14 33.29
N LEU A 312 6.51 14.91 33.01
CA LEU A 312 6.05 14.46 31.72
C LEU A 312 5.23 15.54 31.02
N SER A 313 5.36 15.60 29.72
CA SER A 313 4.55 16.48 28.89
C SER A 313 3.35 15.71 28.34
N GLY A 314 2.16 16.31 28.47
CA GLY A 314 0.89 15.67 28.17
C GLY A 314 0.30 15.15 29.47
N VAL A 315 -0.99 15.31 29.66
CA VAL A 315 -1.59 14.95 30.92
C VAL A 315 -2.83 14.10 30.83
N PRO A 316 -2.92 13.09 31.77
CA PRO A 316 -4.14 12.29 31.66
C PRO A 316 -5.23 12.93 32.51
N ILE A 317 -5.78 14.06 32.08
CA ILE A 317 -6.78 14.73 32.88
C ILE A 317 -8.02 13.91 33.09
N TYR A 318 -8.45 13.84 34.32
CA TYR A 318 -9.69 13.18 34.72
C TYR A 318 -10.21 13.95 35.90
N ASP A 319 -11.30 14.68 35.73
CA ASP A 319 -11.74 15.64 36.73
C ASP A 319 -13.18 15.33 37.03
N THR A 320 -13.44 14.83 38.25
CA THR A 320 -14.77 14.33 38.53
C THR A 320 -15.79 15.48 38.67
N THR A 321 -15.35 16.69 39.07
CA THR A 321 -16.28 17.82 39.16
C THR A 321 -16.54 18.54 37.83
N ASN A 322 -15.59 18.59 36.91
CA ASN A 322 -15.75 19.29 35.63
C ASN A 322 -15.46 18.31 34.51
N PRO A 323 -16.33 17.33 34.29
CA PRO A 323 -16.03 16.30 33.28
C PRO A 323 -15.83 16.86 31.90
N GLN A 324 -16.14 18.14 31.66
CA GLN A 324 -16.00 18.65 30.30
C GLN A 324 -14.58 18.49 29.80
N TYR A 325 -13.60 18.50 30.71
CA TYR A 325 -12.19 18.62 30.35
C TYR A 325 -11.42 17.32 30.32
N ASN A 326 -12.04 16.18 30.64
CA ASN A 326 -11.32 14.92 30.66
C ASN A 326 -10.58 14.67 29.36
N SER A 327 -9.34 14.22 29.47
CA SER A 327 -8.59 13.77 28.31
C SER A 327 -8.61 12.26 28.09
N VAL A 328 -9.03 11.47 29.06
CA VAL A 328 -8.61 10.09 29.18
C VAL A 328 -9.73 9.33 29.88
N SER A 329 -9.68 8.00 29.81
CA SER A 329 -10.87 7.18 30.05
C SER A 329 -11.17 6.97 31.53
N ARG A 330 -10.15 7.01 32.38
CA ARG A 330 -10.28 6.79 33.80
C ARG A 330 -9.18 7.56 34.50
N GLN A 331 -9.08 7.41 35.82
CA GLN A 331 -7.92 7.84 36.60
C GLN A 331 -6.72 6.90 36.60
N VAL A 332 -5.53 7.47 36.39
CA VAL A 332 -4.33 6.75 36.77
C VAL A 332 -4.41 6.50 38.28
N GLU A 333 -4.41 5.22 38.68
CA GLU A 333 -4.42 4.86 40.10
C GLU A 333 -2.99 4.80 40.63
N ALA A 334 -2.82 4.33 41.86
CA ALA A 334 -1.50 3.95 42.37
C ALA A 334 -1.30 2.46 42.10
N GLY A 335 -0.14 2.11 41.57
CA GLY A 335 0.18 0.73 41.26
C GLY A 335 -0.10 0.30 39.83
N ASP A 336 -0.39 1.24 38.94
CA ASP A 336 -0.75 0.88 37.57
C ASP A 336 0.49 0.68 36.71
N ALA A 337 0.47 -0.38 35.90
CA ALA A 337 1.63 -0.76 35.11
C ALA A 337 1.91 0.26 34.01
N VAL A 338 3.19 0.63 33.87
CA VAL A 338 3.68 1.50 32.81
C VAL A 338 4.88 0.82 32.15
N SER A 339 5.23 1.30 30.97
CA SER A 339 6.34 0.75 30.21
C SER A 339 6.92 1.84 29.33
N VAL A 340 8.20 1.71 29.01
CA VAL A 340 8.89 2.71 28.20
C VAL A 340 9.02 2.18 26.78
N VAL A 341 8.70 3.02 25.81
CA VAL A 341 8.76 2.63 24.41
C VAL A 341 10.22 2.61 23.95
N GLY A 342 10.63 1.50 23.31
CA GLY A 342 11.96 1.38 22.70
C GLY A 342 12.88 0.44 23.47
N THR A 343 14.13 0.36 22.97
CA THR A 343 15.19 -0.49 23.49
C THR A 343 16.17 0.33 24.34
N ALA A 344 16.74 -0.31 25.36
CA ALA A 344 17.43 0.33 26.48
C ALA A 344 18.35 1.50 26.12
N SER A 345 19.49 1.23 25.47
CA SER A 345 20.47 2.29 25.24
C SER A 345 20.49 2.86 23.82
N GLN A 346 19.59 2.43 22.92
CA GLN A 346 19.74 2.74 21.50
C GLN A 346 19.69 4.24 21.22
N THR A 347 20.26 4.62 20.09
CA THR A 347 20.18 5.98 19.59
C THR A 347 19.69 5.93 18.16
N MET A 348 19.08 7.02 17.71
CA MET A 348 18.26 7.00 16.50
C MET A 348 17.92 8.43 16.16
N LYS A 349 17.24 8.60 15.03
CA LYS A 349 16.80 9.94 14.62
C LYS A 349 15.27 9.95 14.47
N PRO A 350 14.52 10.57 15.38
CA PRO A 350 13.06 10.42 15.36
C PRO A 350 12.40 11.17 14.21
N ASN A 351 11.26 10.64 13.75
CA ASN A 351 10.43 11.31 12.77
C ASN A 351 9.32 12.03 13.53
N LEU A 352 8.90 13.19 13.03
CA LEU A 352 7.99 14.04 13.78
C LEU A 352 6.74 14.29 12.96
N PHE A 353 5.57 14.02 13.52
CA PHE A 353 4.32 14.47 12.91
C PHE A 353 3.65 15.46 13.84
N TYR A 354 2.90 16.40 13.26
CA TYR A 354 2.34 17.48 14.07
C TYR A 354 1.38 18.32 13.24
N ASN A 355 0.54 19.05 13.94
CA ASN A 355 -0.42 20.01 13.39
C ASN A 355 0.23 21.39 13.38
N LYS A 356 -0.14 22.21 12.40
CA LYS A 356 0.35 23.58 12.30
C LYS A 356 0.40 24.35 13.62
N PHE A 357 -0.56 24.15 14.50
CA PHE A 357 -0.57 24.93 15.72
C PHE A 357 0.00 24.18 16.91
N PHE A 358 0.66 23.04 16.69
CA PHE A 358 1.43 22.38 17.75
C PHE A 358 2.47 23.31 18.40
N CYS A 359 3.23 24.06 17.61
CA CYS A 359 4.34 24.89 18.08
C CYS A 359 4.37 26.21 17.33
N GLY A 360 5.20 27.12 17.84
CA GLY A 360 5.40 28.40 17.17
C GLY A 360 6.81 28.88 17.38
N LEU A 361 7.19 29.84 16.55
CA LEU A 361 8.57 30.30 16.50
C LEU A 361 8.57 31.80 16.26
N GLY A 362 9.42 32.53 16.98
CA GLY A 362 9.52 33.95 16.76
C GLY A 362 10.94 34.40 17.01
N SER A 363 11.24 35.63 16.63
CA SER A 363 12.49 36.25 17.06
C SER A 363 12.25 37.69 17.48
N ILE A 364 12.81 38.06 18.62
CA ILE A 364 12.70 39.42 19.13
C ILE A 364 13.65 40.31 18.34
N PRO A 365 13.20 41.46 17.81
CA PRO A 365 14.14 42.39 17.15
C PRO A 365 15.11 42.98 18.17
N LEU A 366 16.42 43.03 17.79
CA LEU A 366 17.35 43.56 18.78
C LEU A 366 17.53 45.06 18.56
N PRO A 367 17.75 45.84 19.61
CA PRO A 367 18.07 47.26 19.44
C PRO A 367 19.57 47.42 19.13
N LYS A 368 19.98 48.65 18.87
CA LYS A 368 21.33 48.94 18.42
C LYS A 368 22.20 49.42 19.59
N LEU A 369 23.36 48.79 19.80
CA LEU A 369 24.28 49.23 20.84
C LEU A 369 24.77 50.64 20.55
N HIS A 370 24.77 51.52 21.57
CA HIS A 370 25.12 52.92 21.35
C HIS A 370 26.52 53.11 20.78
N SER A 371 26.63 54.03 19.81
CA SER A 371 27.92 54.43 19.24
C SER A 371 28.61 53.30 18.45
N ILE A 372 27.85 52.38 17.90
CA ILE A 372 28.42 51.26 17.16
C ILE A 372 27.60 51.09 15.90
N ASP A 373 28.27 51.11 14.76
CA ASP A 373 27.58 51.08 13.48
C ASP A 373 26.99 49.69 13.22
N SER A 374 25.81 49.65 12.61
CA SER A 374 25.20 48.35 12.38
C SER A 374 24.13 48.44 11.28
N ALA A 375 23.79 47.27 10.75
CA ALA A 375 22.70 47.10 9.79
C ALA A 375 21.93 45.84 10.15
N VAL A 376 20.65 45.80 9.79
CA VAL A 376 19.82 44.62 10.04
C VAL A 376 19.28 44.12 8.70
N ALA A 377 19.62 42.87 8.34
CA ALA A 377 19.38 42.33 7.00
C ALA A 377 18.90 40.88 7.07
N THR A 378 17.71 40.62 6.49
CA THR A 378 17.01 39.34 6.65
C THR A 378 17.41 38.30 5.60
N TYR A 379 17.52 37.05 6.06
CA TYR A 379 17.81 35.88 5.24
C TYR A 379 16.99 34.70 5.71
N GLU A 380 16.32 34.05 4.76
CA GLU A 380 15.28 33.04 5.01
C GLU A 380 14.19 33.59 5.93
N GLY A 381 13.80 34.84 5.73
CA GLY A 381 12.68 35.31 6.51
C GLY A 381 12.95 35.49 7.98
N PHE A 382 14.21 35.44 8.40
CA PHE A 382 14.61 35.82 9.76
C PHE A 382 15.48 37.06 9.70
N SER A 383 15.49 37.82 10.79
CA SER A 383 16.14 39.12 10.83
C SER A 383 17.39 39.08 11.73
N ILE A 384 18.49 39.69 11.27
CA ILE A 384 19.77 39.52 11.97
C ILE A 384 20.51 40.86 12.07
N ARG A 385 20.84 41.31 13.30
CA ARG A 385 21.76 42.45 13.44
C ARG A 385 23.18 41.99 13.16
N VAL A 386 23.99 42.91 12.66
CA VAL A 386 25.44 42.79 12.71
C VAL A 386 25.98 44.12 13.25
N HIS A 387 27.00 44.05 14.11
CA HIS A 387 27.64 45.23 14.69
C HIS A 387 29.10 45.26 14.28
N LYS A 388 29.57 46.43 13.87
CA LYS A 388 30.97 46.60 13.47
C LYS A 388 31.65 47.62 14.35
N TYR A 389 32.57 47.18 15.19
CA TYR A 389 33.41 48.03 16.03
C TYR A 389 34.89 47.78 15.79
N ALA A 390 35.72 48.43 16.59
CA ALA A 390 37.17 48.31 16.53
C ALA A 390 37.77 48.69 17.87
N ASP A 391 39.02 48.28 18.08
CA ASP A 391 39.84 48.79 19.16
C ASP A 391 40.82 49.81 18.57
N GLY A 392 40.71 51.07 19.00
CA GLY A 392 41.55 52.12 18.46
C GLY A 392 43.03 51.86 18.67
N ASP A 393 43.41 51.50 19.90
CA ASP A 393 44.84 51.40 20.19
C ASP A 393 45.45 50.10 19.66
N ALA A 394 44.72 48.99 19.69
CA ALA A 394 45.23 47.74 19.15
C ALA A 394 45.11 47.66 17.64
N ASN A 395 44.29 48.51 17.01
CA ASN A 395 44.20 48.64 15.56
C ASN A 395 43.52 47.41 14.93
N VAL A 396 42.50 46.88 15.59
CA VAL A 396 41.87 45.62 15.25
C VAL A 396 40.40 45.87 14.95
N GLN A 397 39.85 45.16 13.97
CA GLN A 397 38.45 45.31 13.59
C GLN A 397 37.68 44.07 13.97
N LYS A 398 36.44 44.26 14.48
CA LYS A 398 35.65 43.21 15.09
C LYS A 398 34.23 43.20 14.57
N MET A 399 33.62 42.02 14.43
CA MET A 399 32.24 41.94 13.98
C MET A 399 31.52 40.86 14.76
N ARG A 400 30.23 41.07 15.07
CA ARG A 400 29.38 40.05 15.67
C ARG A 400 28.02 40.05 14.98
N PHE A 401 27.49 38.85 14.71
CA PHE A 401 26.17 38.62 14.16
C PHE A 401 25.33 37.92 15.23
N ASP A 402 24.08 38.38 15.47
CA ASP A 402 23.23 37.89 16.57
C ASP A 402 21.79 37.57 16.13
N LEU A 403 21.13 36.67 16.87
CA LEU A 403 19.68 36.43 16.79
C LEU A 403 19.15 35.95 18.16
N LEU A 404 17.93 36.38 18.57
CA LEU A 404 17.22 35.80 19.74
C LEU A 404 16.00 35.01 19.34
N PRO A 405 15.90 33.72 19.62
CA PRO A 405 14.66 32.99 19.35
C PRO A 405 13.66 33.06 20.52
N ALA A 406 12.45 32.58 20.24
CA ALA A 406 11.37 32.43 21.20
C ALA A 406 10.51 31.24 20.78
N TYR A 407 10.10 30.42 21.73
CA TYR A 407 9.44 29.17 21.42
C TYR A 407 8.17 29.04 22.23
N VAL A 408 7.10 28.55 21.63
CA VAL A 408 5.89 28.23 22.36
C VAL A 408 5.39 26.86 21.94
N CYS A 409 5.16 25.99 22.93
CA CYS A 409 4.32 24.82 22.72
C CYS A 409 2.89 25.17 23.09
N PHE A 410 2.01 25.30 22.10
CA PHE A 410 0.65 25.67 22.42
C PHE A 410 -0.07 24.51 23.07
N ASN A 411 -0.10 23.36 22.39
CA ASN A 411 -0.90 22.23 22.83
C ASN A 411 -0.09 20.94 22.69
N PRO A 412 0.50 20.44 23.77
CA PRO A 412 1.25 19.17 23.71
C PRO A 412 0.59 18.04 22.95
N HIS A 413 -0.73 17.95 22.94
CA HIS A 413 -1.46 16.82 22.41
C HIS A 413 -1.61 16.86 20.89
N MET A 414 -1.07 17.85 20.21
CA MET A 414 -1.18 17.92 18.77
C MET A 414 0.06 17.47 17.98
N GLY A 415 1.08 16.88 18.61
CA GLY A 415 2.16 16.32 17.81
C GLY A 415 2.95 15.32 18.62
N GLY A 416 3.91 14.68 17.95
CA GLY A 416 4.66 13.60 18.57
C GLY A 416 5.67 13.01 17.62
N GLN A 417 6.08 11.75 17.88
CA GLN A 417 7.11 11.03 17.14
C GLN A 417 6.55 9.73 16.62
N PHE A 418 6.86 9.35 15.37
CA PHE A 418 6.31 8.09 14.86
C PHE A 418 7.38 7.22 14.24
N PHE A 419 7.22 5.91 14.44
CA PHE A 419 8.11 4.90 13.89
C PHE A 419 7.25 3.87 13.18
N GLY A 420 7.88 2.92 12.50
CA GLY A 420 7.14 1.83 11.92
C GLY A 420 6.62 0.89 12.98
N ASN A 421 5.56 0.15 12.64
CA ASN A 421 5.15 -0.80 13.66
C ASN A 421 5.13 -2.22 13.12
N PRO A 422 5.54 -3.20 13.93
CA PRO A 422 5.63 -4.61 13.54
C PRO A 422 4.36 -5.41 13.85
N PRO B 1 52.71 -39.48 -55.77
CA PRO B 1 51.99 -38.35 -55.16
C PRO B 1 52.58 -37.01 -55.56
N ASN B 2 51.72 -36.08 -55.98
CA ASN B 2 52.16 -34.81 -56.54
C ASN B 2 52.46 -33.82 -55.44
N ASN B 3 53.52 -33.03 -55.62
CA ASN B 3 53.76 -31.89 -54.74
C ASN B 3 53.63 -30.63 -55.59
N LEU B 4 52.50 -29.95 -55.54
CA LEU B 4 52.25 -28.82 -56.43
C LEU B 4 52.45 -27.46 -55.80
N ASP B 5 52.92 -27.38 -54.56
CA ASP B 5 52.74 -26.14 -53.82
C ASP B 5 53.74 -25.03 -54.18
N SER B 6 54.78 -25.31 -54.95
CA SER B 6 55.58 -24.22 -55.49
C SER B 6 54.98 -23.63 -56.74
N ASN B 7 53.85 -24.13 -57.20
CA ASN B 7 53.21 -23.53 -58.35
C ASN B 7 52.41 -22.31 -57.95
N VAL B 8 52.15 -22.15 -56.65
CA VAL B 8 51.19 -21.20 -56.11
C VAL B 8 51.92 -20.37 -55.07
N SER B 9 51.29 -19.27 -54.68
CA SER B 9 51.90 -18.31 -53.78
C SER B 9 50.96 -18.01 -52.61
N GLN B 10 51.53 -17.54 -51.49
CA GLN B 10 50.74 -17.25 -50.29
C GLN B 10 50.29 -15.80 -50.30
N ILE B 11 49.02 -15.59 -50.53
CA ILE B 11 48.45 -14.25 -50.60
C ILE B 11 48.04 -13.85 -49.20
N VAL B 12 48.33 -12.62 -48.83
CA VAL B 12 47.77 -12.02 -47.65
C VAL B 12 46.96 -10.84 -48.14
N LEU B 13 45.64 -10.90 -47.98
CA LEU B 13 44.79 -9.87 -48.53
C LEU B 13 45.04 -8.54 -47.82
N LYS B 14 44.74 -7.44 -48.51
CA LYS B 14 44.95 -6.13 -47.90
C LYS B 14 43.63 -5.70 -47.29
N LYS B 15 43.49 -5.94 -45.97
CA LYS B 15 42.30 -5.71 -45.14
C LYS B 15 42.62 -6.07 -43.70
N PHE B 16 41.94 -5.45 -42.73
CA PHE B 16 42.15 -5.87 -41.37
C PHE B 16 40.81 -6.33 -40.78
N LEU B 17 40.90 -7.08 -39.70
CA LEU B 17 39.77 -7.59 -38.94
C LEU B 17 39.35 -6.58 -37.89
N PRO B 18 38.14 -6.67 -37.38
CA PRO B 18 37.71 -5.74 -36.32
C PRO B 18 38.50 -5.94 -35.04
N GLY B 19 38.92 -4.82 -34.42
CA GLY B 19 39.61 -4.84 -33.15
C GLY B 19 38.68 -4.47 -31.98
N PHE B 20 39.22 -4.55 -30.76
CA PHE B 20 38.31 -4.29 -29.67
C PHE B 20 38.35 -2.79 -29.31
N MET B 21 37.55 -2.40 -28.32
CA MET B 21 37.11 -1.03 -28.11
C MET B 21 36.84 -0.80 -26.64
N SER B 22 36.78 0.45 -26.26
CA SER B 22 36.43 0.78 -24.89
C SER B 22 35.55 2.03 -24.87
N ASP B 23 34.90 2.24 -23.73
CA ASP B 23 34.02 3.38 -23.53
C ASP B 23 34.80 4.55 -22.94
N LEU B 24 34.46 5.76 -23.36
CA LEU B 24 35.00 6.95 -22.72
C LEU B 24 33.83 7.69 -22.07
N VAL B 25 33.74 7.64 -20.75
CA VAL B 25 32.62 8.27 -20.06
C VAL B 25 33.16 9.20 -18.98
N LEU B 26 33.97 8.68 -18.05
CA LEU B 26 34.43 9.51 -16.94
C LEU B 26 34.97 10.83 -17.47
N ALA B 27 35.75 10.77 -18.55
CA ALA B 27 36.33 11.98 -19.14
C ALA B 27 35.29 13.05 -19.44
N LYS B 28 34.04 12.69 -19.68
CA LYS B 28 33.01 13.70 -19.94
C LYS B 28 32.26 14.18 -18.71
N THR B 29 32.27 13.44 -17.60
CA THR B 29 31.43 13.82 -16.45
C THR B 29 32.15 14.54 -15.32
N VAL B 30 33.48 14.59 -15.32
CA VAL B 30 34.14 15.34 -14.26
C VAL B 30 34.12 16.82 -14.61
N ASP B 31 34.63 17.66 -13.71
CA ASP B 31 34.59 19.09 -13.93
C ASP B 31 35.65 19.47 -14.96
N ARG B 32 35.22 20.13 -16.02
CA ARG B 32 36.09 20.49 -17.13
C ARG B 32 36.48 21.96 -17.04
N GLN B 33 35.50 22.87 -17.03
CA GLN B 33 35.77 24.30 -17.25
C GLN B 33 36.68 24.94 -16.20
N LEU B 34 36.63 24.54 -14.93
CA LEU B 34 37.39 25.26 -13.91
C LEU B 34 38.88 25.33 -14.21
N LEU B 35 39.44 24.26 -14.78
CA LEU B 35 40.88 24.15 -14.94
C LEU B 35 41.34 24.53 -16.35
N ALA B 36 40.46 25.04 -17.21
CA ALA B 36 40.78 25.21 -18.62
C ALA B 36 41.54 26.50 -18.87
N GLY B 37 42.66 26.41 -19.58
CA GLY B 37 43.54 27.55 -19.76
C GLY B 37 44.20 28.04 -18.49
N GLU B 38 43.99 27.38 -17.35
CA GLU B 38 44.46 27.93 -16.08
C GLU B 38 45.92 27.63 -15.81
N ILE B 39 46.50 26.61 -16.42
CA ILE B 39 47.92 26.37 -16.30
C ILE B 39 48.53 26.75 -17.64
N ASN B 40 49.23 27.88 -17.67
CA ASN B 40 49.90 28.37 -18.87
C ASN B 40 51.32 28.76 -18.49
N SER B 41 52.05 29.37 -19.43
CA SER B 41 53.47 29.64 -19.23
C SER B 41 53.77 30.69 -18.17
N SER B 42 52.77 31.39 -17.63
CA SER B 42 52.99 32.28 -16.51
C SER B 42 52.87 31.60 -15.16
N THR B 43 52.37 30.38 -15.13
CA THR B 43 51.94 29.74 -13.91
C THR B 43 53.00 28.87 -13.24
N GLY B 44 54.04 28.44 -13.96
CA GLY B 44 54.77 27.27 -13.45
C GLY B 44 53.78 26.13 -13.45
N ASP B 45 54.18 24.99 -12.88
CA ASP B 45 53.43 23.78 -13.22
C ASP B 45 52.06 23.65 -12.55
N SER B 46 51.75 24.40 -11.49
CA SER B 46 50.57 24.13 -10.66
C SER B 46 49.77 25.39 -10.34
N VAL B 47 48.52 25.20 -9.94
CA VAL B 47 47.65 26.33 -9.60
C VAL B 47 46.65 25.85 -8.54
N SER B 48 46.15 26.79 -7.71
CA SER B 48 45.32 26.44 -6.54
C SER B 48 43.97 27.14 -6.56
N PHE B 49 43.01 26.54 -5.84
CA PHE B 49 41.69 27.14 -5.65
C PHE B 49 41.37 27.20 -4.15
N LYS B 50 40.38 28.02 -3.79
CA LYS B 50 40.06 28.30 -2.40
C LYS B 50 39.00 27.34 -1.84
N ARG B 51 39.36 26.60 -0.78
CA ARG B 51 38.39 25.91 0.07
C ARG B 51 37.46 26.93 0.73
N PRO B 52 36.16 26.65 0.86
CA PRO B 52 35.24 27.61 1.52
C PRO B 52 35.31 27.56 3.05
N HIS B 53 35.02 28.71 3.68
CA HIS B 53 35.16 28.93 5.13
C HIS B 53 33.96 28.40 5.94
N GLN B 54 34.20 28.09 7.22
CA GLN B 54 33.13 27.62 8.10
C GLN B 54 33.22 28.23 9.49
N PHE B 55 32.05 28.45 10.10
CA PHE B 55 31.96 29.19 11.35
C PHE B 55 31.23 28.35 12.39
N SER B 56 31.31 28.78 13.65
CA SER B 56 30.52 28.13 14.69
C SER B 56 30.02 29.20 15.64
N SER B 57 28.97 28.89 16.39
CA SER B 57 28.38 29.93 17.23
C SER B 57 28.61 29.66 18.72
N LEU B 58 28.18 30.61 19.54
CA LEU B 58 28.17 30.51 21.00
C LEU B 58 26.75 30.75 21.53
N ARG B 59 26.37 30.01 22.56
CA ARG B 59 25.04 30.13 23.17
C ARG B 59 25.21 30.65 24.58
N THR B 60 24.66 31.84 24.85
CA THR B 60 24.87 32.53 26.12
C THR B 60 23.51 33.09 26.54
N PRO B 61 23.19 33.10 27.83
CA PRO B 61 21.96 33.79 28.25
C PRO B 61 21.92 35.25 27.81
N THR B 62 23.00 35.99 28.01
CA THR B 62 23.01 37.41 27.71
C THR B 62 23.70 37.78 26.41
N GLY B 63 24.38 36.87 25.74
CA GLY B 63 25.24 37.27 24.64
C GLY B 63 26.58 37.88 25.03
N ASP B 64 27.09 37.59 26.22
CA ASP B 64 28.40 38.07 26.67
C ASP B 64 29.47 37.06 26.25
N ILE B 65 30.30 37.45 25.27
CA ILE B 65 31.30 36.57 24.68
C ILE B 65 32.71 36.83 25.22
N SER B 66 32.87 37.70 26.23
CA SER B 66 34.18 38.25 26.60
C SER B 66 35.31 37.23 26.76
N GLY B 67 35.34 36.46 27.86
CA GLY B 67 36.26 35.33 27.84
C GLY B 67 35.66 34.21 27.03
N GLN B 68 36.25 33.91 25.86
CA GLN B 68 35.90 32.83 24.95
C GLN B 68 36.60 32.98 23.61
N ASN B 69 36.55 31.94 22.79
CA ASN B 69 37.22 31.95 21.51
C ASN B 69 36.26 32.43 20.44
N LYS B 70 36.67 33.46 19.70
CA LYS B 70 36.02 33.79 18.45
C LYS B 70 36.44 32.79 17.36
N ASN B 71 35.81 32.90 16.19
CA ASN B 71 36.21 32.15 15.03
C ASN B 71 37.53 32.71 14.51
N ASN B 72 38.50 31.85 14.27
CA ASN B 72 39.65 32.24 13.48
C ASN B 72 39.30 32.16 12.01
N LEU B 73 40.04 32.87 11.18
CA LEU B 73 39.88 32.76 9.74
C LEU B 73 41.07 31.98 9.23
N ILE B 74 40.85 30.77 8.74
CA ILE B 74 41.94 29.89 8.35
C ILE B 74 41.69 29.41 6.94
N SER B 75 42.52 29.87 6.01
CA SER B 75 42.37 29.53 4.61
C SER B 75 42.94 28.15 4.32
N GLY B 76 42.38 27.50 3.30
CA GLY B 76 42.95 26.29 2.77
C GLY B 76 42.75 26.32 1.27
N LYS B 77 43.47 25.45 0.57
CA LYS B 77 43.41 25.46 -0.87
C LYS B 77 43.60 24.04 -1.39
N ALA B 78 43.12 23.80 -2.60
CA ALA B 78 43.37 22.58 -3.34
C ALA B 78 44.24 22.88 -4.55
N THR B 79 45.21 22.02 -4.85
CA THR B 79 46.18 22.29 -5.91
C THR B 79 46.06 21.27 -7.04
N GLY B 80 45.94 21.78 -8.28
CA GLY B 80 46.14 20.94 -9.46
C GLY B 80 47.59 20.90 -9.90
N ARG B 81 47.99 19.82 -10.55
CA ARG B 81 49.37 19.63 -11.00
C ARG B 81 49.38 19.14 -12.43
N VAL B 82 50.53 19.26 -13.11
CA VAL B 82 50.70 18.57 -14.39
C VAL B 82 51.24 17.18 -14.15
N GLY B 83 50.71 16.19 -14.89
CA GLY B 83 51.15 14.82 -14.79
C GLY B 83 52.33 14.50 -15.68
N ASN B 84 52.56 13.20 -15.88
CA ASN B 84 53.57 12.75 -16.81
C ASN B 84 53.06 12.87 -18.25
N TYR B 85 53.97 12.92 -19.21
CA TYR B 85 53.42 12.81 -20.56
C TYR B 85 52.87 11.42 -20.80
N ILE B 86 52.06 11.33 -21.84
CA ILE B 86 51.61 10.07 -22.39
C ILE B 86 52.21 10.06 -23.79
N THR B 87 53.14 9.14 -24.05
CA THR B 87 53.84 9.09 -25.32
C THR B 87 53.70 7.71 -25.93
N VAL B 88 53.44 7.64 -27.22
CA VAL B 88 53.58 6.38 -27.94
C VAL B 88 54.47 6.61 -29.16
N ALA B 89 55.61 5.91 -29.22
CA ALA B 89 56.69 6.09 -30.17
C ALA B 89 56.99 4.81 -30.94
N VAL B 90 57.20 4.93 -32.26
CA VAL B 90 57.56 3.80 -33.12
C VAL B 90 58.74 4.19 -34.00
N GLU B 91 59.58 3.21 -34.36
CA GLU B 91 60.69 3.43 -35.28
C GLU B 91 60.87 2.24 -36.21
N TYR B 92 61.23 2.51 -37.47
CA TYR B 92 61.46 1.44 -38.43
C TYR B 92 62.53 1.84 -39.43
N GLN B 93 63.24 0.84 -39.97
CA GLN B 93 64.37 1.05 -40.86
C GLN B 93 63.92 1.51 -42.24
N GLN B 94 64.80 2.17 -42.98
CA GLN B 94 64.45 2.56 -44.32
C GLN B 94 64.21 1.34 -45.20
N LEU B 95 64.93 0.26 -44.94
CA LEU B 95 64.78 -0.94 -45.74
C LEU B 95 63.37 -1.49 -45.62
N GLU B 96 62.92 -1.72 -44.38
CA GLU B 96 61.55 -2.13 -44.11
C GLU B 96 60.55 -1.26 -44.83
N GLU B 97 60.75 0.03 -44.87
CA GLU B 97 59.72 0.86 -45.49
C GLU B 97 59.75 0.79 -47.01
N ALA B 98 60.80 0.21 -47.59
CA ALA B 98 60.86 0.00 -49.03
C ALA B 98 60.19 -1.31 -49.45
N ILE B 99 60.44 -2.40 -48.71
CA ILE B 99 59.95 -3.72 -49.09
C ILE B 99 58.80 -4.28 -48.22
N LYS B 100 58.44 -3.66 -47.10
CA LYS B 100 57.57 -4.30 -46.10
C LYS B 100 56.27 -3.55 -45.86
N LEU B 101 56.32 -2.31 -45.39
CA LEU B 101 55.11 -1.70 -44.84
C LEU B 101 54.35 -1.05 -45.98
N ASN B 102 53.39 -1.76 -46.53
CA ASN B 102 52.29 -1.21 -47.31
C ASN B 102 51.14 -0.92 -46.37
N GLN B 103 50.28 0.02 -46.77
CA GLN B 103 49.17 0.42 -45.91
C GLN B 103 49.68 0.91 -44.56
N LEU B 104 50.58 1.88 -44.59
CA LEU B 104 51.20 2.36 -43.36
C LEU B 104 50.20 3.13 -42.53
N GLU B 105 49.35 3.94 -43.18
CA GLU B 105 48.26 4.61 -42.47
C GLU B 105 47.39 3.63 -41.71
N GLU B 106 47.04 2.48 -42.31
CA GLU B 106 46.15 1.56 -41.61
C GLU B 106 46.86 0.94 -40.42
N ILE B 107 48.19 0.87 -40.45
CA ILE B 107 48.90 0.24 -39.35
C ILE B 107 48.85 1.13 -38.14
N LEU B 108 48.82 2.45 -38.31
CA LEU B 108 48.61 3.34 -37.18
C LEU B 108 47.29 4.07 -37.39
N ALA B 109 46.18 3.41 -37.19
CA ALA B 109 44.90 3.95 -36.78
C ALA B 109 44.78 3.82 -35.28
N PRO B 110 45.05 2.62 -34.72
CA PRO B 110 44.85 2.40 -33.29
C PRO B 110 45.62 3.35 -32.40
N VAL B 111 46.57 4.10 -32.93
CA VAL B 111 47.52 4.77 -32.07
C VAL B 111 46.87 5.92 -31.31
N ARG B 112 46.01 6.71 -31.95
CA ARG B 112 45.42 7.82 -31.21
C ARG B 112 44.40 7.33 -30.18
N GLN B 113 43.63 6.28 -30.48
CA GLN B 113 42.78 5.79 -29.39
C GLN B 113 43.57 5.11 -28.28
N ARG B 114 44.83 4.74 -28.51
CA ARG B 114 45.64 4.27 -27.40
C ARG B 114 45.92 5.40 -26.43
N ILE B 115 46.29 6.57 -26.95
CA ILE B 115 46.48 7.76 -26.12
C ILE B 115 45.30 7.94 -25.21
N VAL B 116 44.12 8.19 -25.80
CA VAL B 116 42.95 8.60 -25.05
C VAL B 116 42.47 7.54 -24.09
N THR B 117 42.66 6.26 -24.41
CA THR B 117 42.43 5.23 -23.42
C THR B 117 43.34 5.38 -22.22
N ASP B 118 44.65 5.46 -22.45
CA ASP B 118 45.57 5.55 -21.33
C ASP B 118 45.37 6.82 -20.53
N LEU B 119 44.66 7.82 -21.09
CA LEU B 119 44.22 8.94 -20.28
C LEU B 119 43.09 8.54 -19.36
N GLU B 120 42.01 7.97 -19.91
CA GLU B 120 40.86 7.70 -19.06
C GLU B 120 41.08 6.53 -18.13
N THR B 121 42.01 5.63 -18.44
CA THR B 121 42.38 4.64 -17.43
C THR B 121 43.09 5.28 -16.26
N GLU B 122 43.83 6.38 -16.48
CA GLU B 122 44.54 6.99 -15.35
C GLU B 122 43.61 7.78 -14.45
N LEU B 123 42.60 8.48 -14.99
CA LEU B 123 41.49 8.94 -14.16
C LEU B 123 41.01 7.83 -13.24
N ALA B 124 40.47 6.76 -13.83
CA ALA B 124 39.79 5.74 -13.05
C ALA B 124 40.62 5.29 -11.86
N HIS B 125 41.95 5.26 -12.00
CA HIS B 125 42.79 4.98 -10.85
C HIS B 125 42.82 6.14 -9.86
N PHE B 126 42.94 7.38 -10.33
CA PHE B 126 42.92 8.51 -9.40
C PHE B 126 41.62 8.53 -8.62
N MET B 127 40.49 8.54 -9.34
CA MET B 127 39.20 8.54 -8.68
C MET B 127 39.11 7.42 -7.66
N MET B 128 39.64 6.26 -7.98
CA MET B 128 39.54 5.16 -7.03
C MET B 128 40.52 5.27 -5.89
N ASN B 129 41.63 5.99 -6.04
CA ASN B 129 42.56 6.13 -4.91
C ASN B 129 42.14 7.22 -3.94
N ASN B 130 41.72 8.38 -4.45
CA ASN B 130 41.48 9.54 -3.62
C ASN B 130 40.12 9.53 -2.89
N GLY B 131 39.07 9.00 -3.50
CA GLY B 131 37.73 9.11 -2.92
C GLY B 131 37.58 8.29 -1.63
N ALA B 132 37.05 8.92 -0.57
CA ALA B 132 37.04 8.34 0.75
C ALA B 132 35.75 7.63 1.15
N LEU B 133 34.65 7.81 0.42
CA LEU B 133 33.36 7.25 0.81
C LEU B 133 33.23 5.78 0.42
N SER B 134 32.36 5.05 1.14
CA SER B 134 32.16 3.63 0.92
C SER B 134 30.75 3.20 1.29
N LEU B 135 30.17 2.28 0.52
CA LEU B 135 28.81 1.80 0.75
C LEU B 135 28.72 0.31 0.42
N GLY B 136 27.95 -0.44 1.23
CA GLY B 136 27.77 -1.86 0.95
C GLY B 136 28.96 -2.70 1.38
N SER B 137 29.07 -3.89 0.79
CA SER B 137 30.16 -4.83 1.09
C SER B 137 30.69 -5.48 -0.18
N PRO B 138 32.00 -5.66 -0.31
CA PRO B 138 32.58 -5.97 -1.62
C PRO B 138 32.21 -7.34 -2.19
N ASN B 139 31.75 -8.29 -1.39
CA ASN B 139 31.48 -9.60 -2.02
C ASN B 139 30.15 -9.63 -2.78
N THR B 140 29.12 -8.84 -2.33
CA THR B 140 27.74 -8.86 -2.79
C THR B 140 27.58 -8.09 -4.11
N PRO B 141 26.85 -8.63 -5.07
CA PRO B 141 26.62 -7.92 -6.34
C PRO B 141 25.56 -6.84 -6.20
N ILE B 142 25.67 -5.79 -7.03
CA ILE B 142 24.57 -4.85 -7.16
C ILE B 142 23.42 -5.54 -7.87
N THR B 143 22.27 -5.63 -7.21
CA THR B 143 21.10 -6.39 -7.68
C THR B 143 19.79 -5.62 -7.61
N LYS B 144 19.40 -5.21 -6.41
CA LYS B 144 18.15 -4.51 -6.15
C LYS B 144 18.26 -3.04 -6.52
N TRP B 145 17.11 -2.35 -6.48
CA TRP B 145 17.03 -0.93 -6.82
C TRP B 145 17.68 -0.07 -5.76
N SER B 146 17.47 -0.42 -4.50
CA SER B 146 17.99 0.30 -3.37
C SER B 146 19.50 0.26 -3.28
N ASP B 147 20.18 -0.52 -4.12
CA ASP B 147 21.65 -0.50 -4.14
C ASP B 147 22.17 0.69 -4.92
N VAL B 148 21.49 1.09 -5.98
CA VAL B 148 21.89 2.33 -6.63
C VAL B 148 21.32 3.51 -5.84
N ALA B 149 20.05 3.40 -5.42
CA ALA B 149 19.41 4.48 -4.68
C ALA B 149 20.18 4.89 -3.45
N GLN B 150 20.85 3.95 -2.77
CA GLN B 150 21.54 4.30 -1.55
C GLN B 150 22.58 5.35 -1.79
N THR B 151 23.13 5.45 -3.00
CA THR B 151 24.23 6.39 -3.16
C THR B 151 23.71 7.81 -3.30
N ALA B 152 22.57 7.99 -3.96
CA ALA B 152 22.00 9.33 -4.08
C ALA B 152 21.64 9.89 -2.71
N SER B 153 21.20 9.04 -1.82
CA SER B 153 20.72 9.58 -0.56
C SER B 153 21.76 9.59 0.52
N PHE B 154 22.92 9.01 0.29
CA PHE B 154 24.04 9.20 1.19
C PHE B 154 24.80 10.47 0.89
N LEU B 155 24.82 10.88 -0.36
CA LEU B 155 25.27 12.21 -0.72
C LEU B 155 24.34 13.27 -0.16
N LYS B 156 23.03 13.08 -0.31
CA LYS B 156 22.05 14.05 0.17
C LYS B 156 22.16 14.23 1.67
N ASP B 157 22.45 13.17 2.40
CA ASP B 157 22.50 13.25 3.85
C ASP B 157 23.82 13.84 4.35
N LEU B 158 24.89 13.74 3.57
CA LEU B 158 26.13 14.45 3.88
C LEU B 158 26.01 15.94 3.63
N GLY B 159 25.08 16.36 2.77
CA GLY B 159 24.91 17.76 2.43
C GLY B 159 25.27 18.19 1.01
N VAL B 160 25.62 17.30 0.08
CA VAL B 160 26.14 17.80 -1.19
C VAL B 160 24.99 18.25 -2.08
N ASN B 161 24.89 19.55 -2.36
CA ASN B 161 23.78 20.03 -3.18
C ASN B 161 24.14 20.57 -4.57
N GLU B 162 25.42 20.77 -4.87
CA GLU B 162 25.79 21.61 -6.00
C GLU B 162 26.10 20.78 -7.23
N GLY B 163 25.65 21.23 -8.39
CA GLY B 163 25.98 20.50 -9.62
C GLY B 163 25.20 19.19 -9.78
N GLU B 164 25.91 18.11 -10.10
CA GLU B 164 25.30 16.90 -10.64
C GLU B 164 26.01 15.66 -10.11
N ASN B 165 25.27 14.65 -9.66
CA ASN B 165 25.86 13.44 -9.10
C ASN B 165 25.77 12.30 -10.09
N TYR B 166 26.84 11.49 -10.17
CA TYR B 166 26.93 10.38 -11.12
C TYR B 166 27.29 9.10 -10.42
N ALA B 167 26.82 7.99 -10.98
CA ALA B 167 27.20 6.65 -10.54
C ALA B 167 27.48 5.80 -11.76
N VAL B 168 28.57 5.04 -11.72
CA VAL B 168 29.12 4.35 -12.90
C VAL B 168 29.26 2.87 -12.58
N MET B 169 28.81 2.02 -13.49
CA MET B 169 28.84 0.57 -13.24
C MET B 169 29.14 -0.21 -14.52
N ASP B 170 29.64 -1.44 -14.34
CA ASP B 170 30.12 -2.30 -15.43
C ASP B 170 28.96 -3.00 -16.15
N PRO B 171 29.20 -3.58 -17.34
CA PRO B 171 28.10 -4.20 -18.10
C PRO B 171 27.35 -5.29 -17.36
N TRP B 172 27.97 -5.93 -16.37
CA TRP B 172 27.28 -6.97 -15.65
C TRP B 172 26.27 -6.42 -14.67
N SER B 173 26.56 -5.28 -14.02
CA SER B 173 25.63 -4.70 -13.05
C SER B 173 24.43 -4.11 -13.74
N ALA B 174 24.66 -3.28 -14.77
CA ALA B 174 23.55 -2.73 -15.54
C ALA B 174 22.60 -3.81 -16.06
N GLN B 175 23.08 -5.03 -16.28
CA GLN B 175 22.23 -6.14 -16.70
C GLN B 175 21.30 -6.60 -15.60
N ARG B 176 21.85 -6.88 -14.40
CA ARG B 176 21.01 -7.32 -13.28
C ARG B 176 19.96 -6.26 -12.88
N LEU B 177 20.22 -4.98 -13.15
CA LEU B 177 19.22 -3.95 -12.93
C LEU B 177 18.12 -3.97 -13.97
N ALA B 178 18.46 -4.19 -15.23
CA ALA B 178 17.43 -4.35 -16.26
C ALA B 178 16.56 -5.55 -15.97
N ASP B 179 17.15 -6.61 -15.43
CA ASP B 179 16.39 -7.73 -14.92
C ASP B 179 15.38 -7.30 -13.87
N ALA B 180 15.76 -6.39 -12.98
CA ALA B 180 14.83 -5.94 -11.96
C ALA B 180 13.72 -5.08 -12.54
N GLN B 181 14.01 -4.36 -13.61
CA GLN B 181 13.04 -3.54 -14.30
C GLN B 181 12.10 -4.35 -15.18
N THR B 182 12.35 -5.63 -15.41
CA THR B 182 11.31 -6.38 -16.09
C THR B 182 10.23 -6.81 -15.11
N GLY B 183 10.36 -6.46 -13.82
CA GLY B 183 9.42 -6.91 -12.81
C GLY B 183 8.41 -5.85 -12.44
N LEU B 184 8.62 -4.63 -12.95
CA LEU B 184 7.70 -3.52 -12.70
C LEU B 184 6.33 -3.80 -13.27
N HIS B 185 5.31 -3.35 -12.54
CA HIS B 185 3.91 -3.61 -12.80
C HIS B 185 3.18 -2.52 -13.53
N ALA B 186 3.81 -1.41 -13.89
CA ALA B 186 2.95 -0.34 -14.41
C ALA B 186 3.41 0.28 -15.73
N SER B 187 4.64 0.82 -15.82
CA SER B 187 4.99 1.52 -17.05
C SER B 187 5.18 0.52 -18.18
N ASP B 188 4.37 0.62 -19.22
CA ASP B 188 4.48 -0.36 -20.30
C ASP B 188 5.79 -0.20 -21.04
N GLN B 189 6.25 1.06 -21.20
CA GLN B 189 7.46 1.33 -21.95
C GLN B 189 8.69 0.89 -21.18
N LEU B 190 8.68 1.06 -19.88
CA LEU B 190 9.91 0.85 -19.13
C LEU B 190 10.27 -0.63 -19.10
N VAL B 191 9.29 -1.54 -19.21
CA VAL B 191 9.61 -2.97 -19.26
C VAL B 191 9.95 -3.40 -20.68
N ARG B 192 9.21 -2.90 -21.66
CA ARG B 192 9.46 -3.26 -23.05
C ARG B 192 10.88 -2.93 -23.44
N THR B 193 11.31 -1.70 -23.15
CA THR B 193 12.69 -1.29 -23.42
C THR B 193 13.69 -2.27 -22.84
N ALA B 194 13.53 -2.63 -21.58
CA ALA B 194 14.50 -3.44 -20.91
C ALA B 194 14.41 -4.92 -21.24
N TRP B 195 13.23 -5.41 -21.64
CA TRP B 195 13.10 -6.81 -22.00
C TRP B 195 13.81 -7.09 -23.31
N GLU B 196 13.57 -6.28 -24.32
CA GLU B 196 14.30 -6.50 -25.56
C GLU B 196 15.67 -5.85 -25.65
N ASN B 197 15.85 -4.59 -25.25
CA ASN B 197 17.15 -3.94 -25.43
C ASN B 197 18.08 -4.04 -24.24
N ALA B 198 17.59 -4.43 -23.06
CA ALA B 198 18.36 -4.45 -21.82
C ALA B 198 18.89 -3.06 -21.43
N GLN B 199 18.13 -2.02 -21.75
CA GLN B 199 18.46 -0.66 -21.33
C GLN B 199 18.01 -0.40 -19.91
N ILE B 200 18.66 0.55 -19.27
CA ILE B 200 18.06 1.26 -18.15
C ILE B 200 17.94 2.72 -18.56
N PRO B 201 17.09 3.49 -17.91
CA PRO B 201 16.94 4.89 -18.33
C PRO B 201 18.12 5.74 -17.89
N THR B 202 18.11 7.02 -18.29
CA THR B 202 19.21 7.93 -17.96
C THR B 202 19.31 8.15 -16.45
N ASN B 203 18.22 8.60 -15.82
CA ASN B 203 18.17 8.79 -14.39
C ASN B 203 17.63 7.52 -13.74
N PHE B 204 18.32 7.04 -12.72
CA PHE B 204 17.96 5.77 -12.10
C PHE B 204 18.18 5.94 -10.60
N GLY B 205 17.16 5.63 -9.81
CA GLY B 205 17.29 5.78 -8.37
C GLY B 205 17.54 7.19 -7.92
N GLY B 206 17.24 8.19 -8.76
CA GLY B 206 17.45 9.57 -8.39
C GLY B 206 18.87 10.07 -8.50
N ILE B 207 19.75 9.32 -9.18
CA ILE B 207 21.10 9.74 -9.53
C ILE B 207 21.30 9.43 -11.01
N ARG B 208 22.32 10.03 -11.59
CA ARG B 208 22.56 9.97 -13.03
C ARG B 208 23.46 8.79 -13.27
N ALA B 209 22.94 7.75 -13.89
CA ALA B 209 23.60 6.46 -13.91
C ALA B 209 23.95 6.11 -15.34
N LEU B 210 25.23 6.00 -15.63
CA LEU B 210 25.67 5.65 -16.96
C LEU B 210 26.66 4.48 -16.88
N MET B 211 26.77 3.76 -18.01
CA MET B 211 27.50 2.50 -18.11
C MET B 211 28.82 2.68 -18.84
N SER B 212 29.83 1.92 -18.40
CA SER B 212 31.15 1.90 -19.03
C SER B 212 31.79 0.54 -18.81
N ASN B 213 32.42 -0.02 -19.86
CA ASN B 213 33.37 -1.10 -19.57
C ASN B 213 34.80 -0.62 -19.27
N GLY B 214 35.23 0.55 -19.73
CA GLY B 214 36.49 1.01 -19.19
C GLY B 214 36.30 1.45 -17.74
N LEU B 215 36.88 0.73 -16.79
CA LEU B 215 36.85 1.14 -15.40
C LEU B 215 37.92 0.34 -14.68
N ALA B 216 38.62 0.94 -13.73
CA ALA B 216 39.84 0.31 -13.23
C ALA B 216 39.54 -0.84 -12.26
N SER B 217 40.47 -1.80 -12.17
CA SER B 217 40.38 -2.86 -11.17
C SER B 217 41.67 -2.92 -10.36
N ARG B 218 41.61 -3.57 -9.19
CA ARG B 218 42.74 -3.62 -8.28
C ARG B 218 42.80 -4.97 -7.58
N THR B 219 43.82 -5.14 -6.73
CA THR B 219 44.05 -6.33 -5.94
C THR B 219 44.20 -5.92 -4.48
N GLN B 220 43.67 -6.74 -3.56
CA GLN B 220 43.60 -6.37 -2.15
C GLN B 220 44.97 -6.44 -1.46
N GLY B 221 45.68 -7.54 -1.59
CA GLY B 221 46.96 -7.64 -0.90
C GLY B 221 46.77 -8.09 0.54
N ALA B 222 47.71 -8.84 1.13
CA ALA B 222 47.37 -9.77 2.20
C ALA B 222 47.44 -9.09 3.57
N PHE B 223 46.28 -8.85 4.18
CA PHE B 223 46.16 -8.40 5.55
C PHE B 223 45.62 -9.53 6.43
N GLY B 224 45.50 -9.25 7.73
CA GLY B 224 45.06 -10.25 8.68
C GLY B 224 45.46 -9.88 10.09
N GLY B 225 44.87 -10.61 11.04
CA GLY B 225 44.98 -10.25 12.45
C GLY B 225 44.07 -9.09 12.82
N THR B 226 43.95 -8.78 14.11
CA THR B 226 43.04 -7.72 14.57
C THR B 226 43.83 -6.41 14.75
N LEU B 227 43.42 -5.38 14.01
CA LEU B 227 44.20 -4.16 13.91
C LEU B 227 43.63 -3.06 14.81
N THR B 228 44.53 -2.25 15.36
CA THR B 228 44.20 -1.06 16.15
C THR B 228 45.19 0.04 15.78
N VAL B 229 44.93 1.28 16.21
CA VAL B 229 45.91 2.33 15.98
C VAL B 229 46.92 2.30 17.11
N LYS B 230 48.20 2.55 16.77
CA LYS B 230 49.23 2.55 17.79
C LYS B 230 49.32 3.89 18.52
N THR B 231 49.25 5.01 17.78
CA THR B 231 49.51 6.34 18.34
C THR B 231 48.47 7.32 17.81
N GLN B 232 48.08 8.27 18.65
CA GLN B 232 47.03 9.25 18.29
C GLN B 232 47.50 10.13 17.13
N PRO B 233 46.86 10.05 15.98
CA PRO B 233 47.30 10.85 14.81
C PRO B 233 46.88 12.31 14.93
N THR B 234 47.46 13.16 14.06
CA THR B 234 47.29 14.61 14.13
C THR B 234 46.26 15.05 13.10
N VAL B 235 45.04 15.32 13.56
CA VAL B 235 43.90 15.60 12.69
C VAL B 235 43.42 17.05 12.75
N THR B 236 44.13 17.94 13.45
CA THR B 236 43.70 19.35 13.48
C THR B 236 43.66 19.94 12.07
N TYR B 237 42.78 20.92 11.86
CA TYR B 237 42.58 21.41 10.50
C TYR B 237 43.80 22.14 9.95
N ASN B 238 44.66 22.69 10.82
CA ASN B 238 45.94 23.22 10.36
C ASN B 238 46.76 22.16 9.63
N ALA B 239 46.91 20.99 10.24
CA ALA B 239 47.70 19.92 9.63
C ALA B 239 47.21 19.60 8.22
N VAL B 240 45.91 19.38 8.05
CA VAL B 240 45.38 18.78 6.85
C VAL B 240 44.80 19.79 5.87
N LYS B 241 44.88 21.09 6.13
CA LYS B 241 43.99 21.99 5.38
C LYS B 241 44.33 22.04 3.90
N ASP B 242 45.58 21.77 3.49
CA ASP B 242 45.98 21.91 2.09
C ASP B 242 46.06 20.60 1.32
N SER B 243 45.72 19.48 1.94
CA SER B 243 45.78 18.17 1.28
C SER B 243 44.47 17.40 1.48
N TYR B 244 44.05 17.23 2.74
CA TYR B 244 43.08 16.21 3.15
C TYR B 244 43.66 14.80 3.09
N GLN B 245 44.91 14.66 3.53
CA GLN B 245 45.51 13.35 3.72
C GLN B 245 46.13 13.33 5.10
N PHE B 246 46.32 12.14 5.66
CA PHE B 246 46.96 12.09 6.96
C PHE B 246 47.64 10.75 7.15
N THR B 247 48.66 10.73 7.98
CA THR B 247 49.44 9.52 8.22
C THR B 247 49.03 8.93 9.56
N VAL B 248 48.84 7.61 9.60
CA VAL B 248 48.52 6.92 10.84
C VAL B 248 49.28 5.60 10.90
N THR B 249 49.73 5.22 12.10
CA THR B 249 50.44 3.96 12.30
C THR B 249 49.53 2.94 12.99
N LEU B 250 49.18 1.89 12.26
CA LEU B 250 48.44 0.72 12.74
C LEU B 250 49.35 -0.31 13.41
N THR B 251 48.75 -1.11 14.30
CA THR B 251 49.49 -2.15 15.02
C THR B 251 48.68 -3.44 15.02
N GLY B 252 49.34 -4.54 15.41
CA GLY B 252 48.70 -5.84 15.51
C GLY B 252 48.63 -6.63 14.23
N ALA B 253 49.35 -6.22 13.19
CA ALA B 253 49.36 -6.90 11.90
C ALA B 253 50.14 -8.21 11.96
N THR B 254 49.93 -9.06 10.95
CA THR B 254 50.75 -10.25 10.78
C THR B 254 52.20 -9.86 10.51
N ALA B 255 53.13 -10.69 10.99
CA ALA B 255 54.53 -10.33 11.23
C ALA B 255 55.21 -9.52 10.14
N SER B 256 55.54 -10.13 8.99
CA SER B 256 56.26 -9.42 7.93
C SER B 256 55.69 -9.79 6.58
N VAL B 257 55.15 -8.80 5.86
CA VAL B 257 54.42 -9.02 4.62
C VAL B 257 54.74 -7.90 3.64
N THR B 258 55.05 -8.26 2.39
CA THR B 258 55.15 -7.25 1.34
C THR B 258 53.76 -6.92 0.80
N GLY B 259 53.45 -5.63 0.73
CA GLY B 259 52.15 -5.20 0.24
C GLY B 259 50.99 -5.59 1.14
N PHE B 260 51.16 -5.42 2.46
CA PHE B 260 50.11 -5.73 3.43
C PHE B 260 48.83 -4.96 3.13
N LEU B 261 48.94 -3.72 2.66
CA LEU B 261 47.82 -2.91 2.16
C LEU B 261 48.23 -2.25 0.86
N LYS B 262 47.27 -2.06 -0.03
CA LYS B 262 47.59 -1.63 -1.39
C LYS B 262 46.76 -0.41 -1.76
N ALA B 263 47.23 0.33 -2.76
CA ALA B 263 46.50 1.50 -3.22
C ALA B 263 45.06 1.13 -3.52
N GLY B 264 44.13 1.89 -2.96
CA GLY B 264 42.72 1.71 -3.19
C GLY B 264 42.01 0.97 -2.08
N ASP B 265 42.74 0.36 -1.15
CA ASP B 265 42.07 -0.36 -0.07
C ASP B 265 41.46 0.60 0.94
N GLN B 266 40.31 0.24 1.45
CA GLN B 266 39.58 1.14 2.34
C GLN B 266 39.58 0.63 3.76
N VAL B 267 39.83 1.55 4.70
CA VAL B 267 39.99 1.25 6.12
C VAL B 267 38.88 1.95 6.87
N LYS B 268 38.24 1.24 7.79
CA LYS B 268 37.03 1.68 8.46
C LYS B 268 37.30 1.81 9.96
N PHE B 269 37.18 3.02 10.49
CA PHE B 269 37.31 3.28 11.92
C PHE B 269 35.95 3.06 12.56
N THR B 270 35.86 2.07 13.45
CA THR B 270 34.54 1.50 13.78
C THR B 270 33.69 2.46 14.61
N ASN B 271 34.24 3.01 15.69
CA ASN B 271 33.43 3.79 16.61
C ASN B 271 33.39 5.26 16.29
N THR B 272 33.95 5.70 15.17
CA THR B 272 33.94 7.10 14.78
C THR B 272 33.00 7.26 13.61
N TYR B 273 32.09 8.21 13.69
CA TYR B 273 31.02 8.29 12.71
C TYR B 273 31.10 9.59 11.94
N TRP B 274 30.65 9.56 10.69
CA TRP B 274 30.51 10.78 9.92
C TRP B 274 29.48 11.70 10.55
N LEU B 275 29.53 12.96 10.14
CA LEU B 275 28.58 13.98 10.54
C LEU B 275 27.88 14.50 9.30
N GLN B 276 26.63 14.90 9.47
CA GLN B 276 26.03 15.83 8.52
C GLN B 276 26.84 17.12 8.58
N GLN B 277 27.39 17.51 7.44
CA GLN B 277 28.54 18.42 7.45
C GLN B 277 28.15 19.82 7.87
N GLN B 278 26.90 20.21 7.64
CA GLN B 278 26.39 21.51 8.06
C GLN B 278 25.92 21.43 9.51
N THR B 279 24.92 20.60 9.76
CA THR B 279 24.29 20.50 11.07
C THR B 279 25.25 19.96 12.13
N LYS B 280 26.22 19.14 11.75
CA LYS B 280 27.16 18.52 12.69
C LYS B 280 26.47 17.50 13.59
N GLN B 281 25.52 16.74 13.05
CA GLN B 281 24.88 15.64 13.76
C GLN B 281 25.38 14.34 13.17
N ALA B 282 25.76 13.38 14.02
CA ALA B 282 26.17 12.08 13.52
C ALA B 282 25.09 11.48 12.62
N LEU B 283 25.51 10.69 11.62
CA LEU B 283 24.58 10.11 10.65
C LEU B 283 24.13 8.71 11.07
N TYR B 284 22.82 8.49 11.07
CA TYR B 284 22.20 7.21 11.36
C TYR B 284 21.30 6.78 10.22
N ASN B 285 21.31 5.48 9.95
CA ASN B 285 20.40 4.81 9.04
C ASN B 285 19.59 3.87 9.90
N GLY B 286 18.31 4.20 10.11
CA GLY B 286 17.58 3.46 11.13
C GLY B 286 18.27 3.68 12.47
N ALA B 287 18.57 2.60 13.18
CA ALA B 287 19.26 2.71 14.46
C ALA B 287 20.76 2.44 14.37
N THR B 288 21.32 2.19 13.17
CA THR B 288 22.73 1.85 13.07
C THR B 288 23.56 2.98 12.45
N PRO B 289 24.61 3.43 13.14
CA PRO B 289 25.40 4.58 12.64
C PRO B 289 26.39 4.20 11.56
N ILE B 290 26.76 5.21 10.74
CA ILE B 290 27.60 5.02 9.56
C ILE B 290 29.03 5.47 9.87
N SER B 291 29.99 4.55 9.79
CA SER B 291 31.36 4.80 10.24
C SER B 291 32.19 5.57 9.22
N PHE B 292 33.01 6.49 9.73
CA PHE B 292 34.01 7.15 8.91
C PHE B 292 34.95 6.13 8.27
N THR B 293 35.40 6.44 7.04
CA THR B 293 36.17 5.51 6.22
C THR B 293 37.14 6.30 5.36
N ALA B 294 38.32 5.73 5.09
CA ALA B 294 39.37 6.38 4.30
C ALA B 294 40.10 5.36 3.41
N THR B 295 40.93 5.87 2.50
CA THR B 295 41.47 5.10 1.39
C THR B 295 43.00 5.10 1.37
N VAL B 296 43.60 3.92 1.21
CA VAL B 296 45.06 3.84 1.11
C VAL B 296 45.51 4.45 -0.19
N THR B 297 46.61 5.20 -0.12
CA THR B 297 47.18 5.91 -1.27
C THR B 297 48.31 5.13 -1.93
N ALA B 298 49.36 4.80 -1.17
CA ALA B 298 50.47 4.03 -1.68
C ALA B 298 50.58 2.72 -0.93
N ASP B 299 51.32 1.77 -1.50
CA ASP B 299 51.49 0.45 -0.90
C ASP B 299 52.26 0.54 0.41
N ALA B 300 51.99 -0.40 1.32
CA ALA B 300 52.54 -0.34 2.66
C ALA B 300 52.98 -1.73 3.13
N ASN B 301 54.23 -1.84 3.58
CA ASN B 301 54.79 -3.10 4.00
C ASN B 301 54.72 -3.18 5.51
N SER B 302 54.51 -4.38 6.04
CA SER B 302 54.45 -4.57 7.49
C SER B 302 55.83 -5.02 7.99
N ASP B 303 56.39 -4.27 8.93
CA ASP B 303 57.70 -4.63 9.47
C ASP B 303 57.58 -5.74 10.52
N SER B 304 58.68 -6.46 10.73
CA SER B 304 58.74 -7.42 11.83
C SER B 304 58.45 -6.71 13.15
N GLY B 305 57.56 -7.28 13.94
CA GLY B 305 56.93 -6.57 15.04
C GLY B 305 55.54 -6.06 14.74
N GLY B 306 55.08 -6.20 13.49
CA GLY B 306 53.68 -6.04 13.12
C GLY B 306 53.13 -4.62 13.15
N ASP B 307 53.90 -3.63 12.71
CA ASP B 307 53.41 -2.25 12.59
C ASP B 307 53.37 -1.87 11.12
N VAL B 308 52.47 -0.95 10.80
CA VAL B 308 52.19 -0.55 9.43
C VAL B 308 51.97 0.95 9.43
N THR B 309 52.69 1.67 8.57
CA THR B 309 52.50 3.09 8.39
C THR B 309 51.90 3.36 7.02
N VAL B 310 50.71 3.91 6.98
CA VAL B 310 49.96 4.10 5.75
C VAL B 310 49.53 5.56 5.65
N THR B 311 49.42 6.05 4.42
CA THR B 311 48.78 7.34 4.17
C THR B 311 47.38 7.09 3.65
N LEU B 312 46.42 7.86 4.16
CA LEU B 312 45.01 7.71 3.84
C LEU B 312 44.49 9.01 3.26
N SER B 313 43.50 8.90 2.41
CA SER B 313 42.84 10.05 1.82
C SER B 313 41.45 10.17 2.44
N GLY B 314 41.11 11.37 2.91
CA GLY B 314 39.94 11.63 3.72
C GLY B 314 40.38 11.70 5.17
N VAL B 315 39.89 12.67 5.93
CA VAL B 315 40.39 12.83 7.28
C VAL B 315 39.35 12.89 8.36
N PRO B 316 39.68 12.20 9.52
CA PRO B 316 38.68 12.30 10.58
C PRO B 316 39.00 13.53 11.39
N ILE B 317 38.68 14.71 10.88
CA ILE B 317 39.00 15.92 11.58
C ILE B 317 38.20 16.13 12.84
N TYR B 318 38.92 16.41 13.91
CA TYR B 318 38.33 16.75 15.20
C TYR B 318 39.31 17.70 15.87
N ASP B 319 38.91 18.96 16.05
CA ASP B 319 39.84 20.02 16.37
C ASP B 319 39.27 20.76 17.56
N THR B 320 40.02 20.76 18.67
CA THR B 320 39.48 21.37 19.88
C THR B 320 39.42 22.90 19.75
N THR B 321 40.44 23.54 19.15
CA THR B 321 40.42 25.01 19.07
C THR B 321 39.61 25.55 17.90
N ASN B 322 39.37 24.78 16.84
CA ASN B 322 38.63 25.25 15.68
C ASN B 322 37.48 24.31 15.37
N PRO B 323 36.59 24.08 16.35
CA PRO B 323 35.63 22.98 16.17
C PRO B 323 34.75 23.15 14.94
N GLN B 324 34.70 24.34 14.37
CA GLN B 324 33.84 24.61 13.23
C GLN B 324 34.14 23.72 12.03
N TYR B 325 35.30 23.04 12.00
CA TYR B 325 35.66 22.18 10.87
C TYR B 325 35.48 20.69 11.09
N ASN B 326 35.06 20.25 12.28
CA ASN B 326 34.98 18.82 12.56
C ASN B 326 34.21 18.11 11.46
N SER B 327 34.74 16.96 11.03
CA SER B 327 34.05 16.09 10.08
C SER B 327 33.37 14.89 10.71
N VAL B 328 33.55 14.64 12.00
CA VAL B 328 33.41 13.29 12.51
C VAL B 328 33.04 13.40 13.98
N SER B 329 32.52 12.32 14.54
CA SER B 329 31.83 12.41 15.82
C SER B 329 32.78 12.54 17.02
N ARG B 330 34.02 12.06 16.93
CA ARG B 330 34.90 12.07 18.08
C ARG B 330 36.37 12.06 17.63
N GLN B 331 37.26 12.13 18.61
CA GLN B 331 38.70 12.07 18.42
C GLN B 331 39.17 10.62 18.26
N VAL B 332 39.93 10.33 17.21
CA VAL B 332 40.46 8.97 17.02
C VAL B 332 41.67 8.79 17.93
N GLU B 333 41.53 7.94 18.95
CA GLU B 333 42.51 7.86 20.02
C GLU B 333 43.33 6.58 19.86
N ALA B 334 44.35 6.42 20.72
CA ALA B 334 45.27 5.28 20.63
C ALA B 334 44.59 4.02 21.15
N GLY B 335 44.54 2.98 20.34
CA GLY B 335 43.95 1.72 20.74
C GLY B 335 42.58 1.43 20.16
N ASP B 336 42.06 2.31 19.28
CA ASP B 336 40.73 2.12 18.70
C ASP B 336 40.74 1.04 17.64
N ALA B 337 39.70 0.20 17.65
CA ALA B 337 39.60 -0.89 16.69
C ALA B 337 39.36 -0.36 15.28
N VAL B 338 39.95 -1.04 14.31
CA VAL B 338 39.80 -0.72 12.88
C VAL B 338 39.67 -2.04 12.12
N SER B 339 39.29 -1.93 10.85
CA SER B 339 39.18 -3.11 10.01
C SER B 339 39.32 -2.70 8.56
N VAL B 340 39.60 -3.67 7.70
CA VAL B 340 39.70 -3.42 6.27
C VAL B 340 38.45 -3.94 5.57
N VAL B 341 37.86 -3.09 4.75
CA VAL B 341 36.76 -3.50 3.87
C VAL B 341 37.30 -4.49 2.84
N GLY B 342 36.58 -5.60 2.65
CA GLY B 342 36.92 -6.60 1.64
C GLY B 342 37.51 -7.87 2.23
N THR B 343 38.01 -8.72 1.32
CA THR B 343 38.57 -10.03 1.63
C THR B 343 40.04 -10.04 1.20
N ALA B 344 40.85 -10.89 1.84
CA ALA B 344 42.31 -10.78 1.86
C ALA B 344 43.01 -10.55 0.53
N SER B 345 43.10 -11.54 -0.36
CA SER B 345 43.85 -11.34 -1.59
C SER B 345 42.99 -11.13 -2.84
N GLN B 346 41.67 -11.04 -2.68
CA GLN B 346 40.76 -11.03 -3.82
C GLN B 346 41.08 -9.90 -4.79
N THR B 347 40.86 -10.16 -6.07
CA THR B 347 40.87 -9.13 -7.10
C THR B 347 39.43 -8.72 -7.42
N MET B 348 39.17 -7.42 -7.46
CA MET B 348 37.81 -6.94 -7.68
C MET B 348 37.82 -5.67 -8.52
N LYS B 349 36.61 -5.23 -8.89
CA LYS B 349 36.41 -4.02 -9.68
C LYS B 349 35.25 -3.24 -9.09
N PRO B 350 35.52 -2.28 -8.21
CA PRO B 350 34.43 -1.55 -7.57
C PRO B 350 33.80 -0.55 -8.53
N ASN B 351 32.51 -0.26 -8.29
CA ASN B 351 31.75 0.80 -8.94
C ASN B 351 32.03 2.15 -8.27
N LEU B 352 31.82 3.24 -8.99
CA LEU B 352 32.16 4.57 -8.48
C LEU B 352 30.96 5.50 -8.44
N PHE B 353 30.78 6.23 -7.34
CA PHE B 353 29.79 7.31 -7.28
C PHE B 353 30.49 8.54 -6.76
N TYR B 354 30.19 9.67 -7.38
CA TYR B 354 30.90 10.91 -7.12
C TYR B 354 30.03 12.07 -7.56
N ASN B 355 30.45 13.27 -7.17
CA ASN B 355 29.79 14.51 -7.51
C ASN B 355 30.67 15.26 -8.49
N LYS B 356 30.05 16.13 -9.29
CA LYS B 356 30.75 16.78 -10.39
C LYS B 356 32.04 17.45 -9.96
N PHE B 357 32.11 17.95 -8.72
CA PHE B 357 33.28 18.66 -8.24
C PHE B 357 34.24 17.80 -7.43
N PHE B 358 34.09 16.48 -7.49
CA PHE B 358 35.01 15.54 -6.84
C PHE B 358 36.44 15.64 -7.39
N CYS B 359 36.60 15.62 -8.72
CA CYS B 359 37.88 15.65 -9.42
C CYS B 359 37.71 16.46 -10.69
N GLY B 360 38.84 16.84 -11.31
CA GLY B 360 38.81 17.68 -12.50
C GLY B 360 39.96 17.38 -13.43
N LEU B 361 39.85 17.84 -14.67
CA LEU B 361 40.75 17.43 -15.73
C LEU B 361 41.02 18.59 -16.68
N GLY B 362 42.28 18.73 -17.12
CA GLY B 362 42.69 19.81 -18.01
C GLY B 362 43.79 19.31 -18.92
N SER B 363 44.22 20.16 -19.86
CA SER B 363 45.31 19.78 -20.76
C SER B 363 46.07 21.00 -21.24
N ILE B 364 47.36 20.81 -21.52
CA ILE B 364 48.28 21.90 -21.84
C ILE B 364 48.72 21.76 -23.30
N PRO B 365 48.47 22.74 -24.15
CA PRO B 365 48.94 22.65 -25.56
C PRO B 365 50.47 22.52 -25.62
N LEU B 366 50.96 21.70 -26.54
CA LEU B 366 52.40 21.49 -26.66
C LEU B 366 52.95 22.23 -27.87
N PRO B 367 54.00 23.04 -27.70
CA PRO B 367 54.64 23.70 -28.86
C PRO B 367 55.45 22.75 -29.73
N LYS B 368 55.76 23.24 -30.93
CA LYS B 368 56.43 22.47 -31.98
C LYS B 368 57.95 22.57 -31.87
N LEU B 369 58.65 21.43 -32.00
CA LEU B 369 60.12 21.43 -31.94
C LEU B 369 60.70 22.00 -33.24
N HIS B 370 61.84 22.69 -33.13
CA HIS B 370 62.47 23.37 -34.26
C HIS B 370 63.04 22.38 -35.26
N SER B 371 62.81 22.62 -36.55
CA SER B 371 63.41 21.85 -37.62
C SER B 371 62.96 20.40 -37.64
N ILE B 372 61.83 20.11 -37.05
CA ILE B 372 61.23 18.79 -37.05
C ILE B 372 59.82 19.02 -37.56
N ASP B 373 59.26 18.04 -38.25
CA ASP B 373 57.99 18.26 -38.92
C ASP B 373 56.83 17.76 -38.05
N SER B 374 55.75 18.54 -38.00
CA SER B 374 54.64 18.29 -37.07
C SER B 374 53.30 18.62 -37.70
N ALA B 375 52.26 18.03 -37.12
CA ALA B 375 50.85 18.37 -37.36
C ALA B 375 50.07 17.96 -36.12
N VAL B 376 48.91 18.60 -35.94
CA VAL B 376 48.07 18.36 -34.77
C VAL B 376 46.65 18.01 -35.22
N ALA B 377 46.06 16.98 -34.59
CA ALA B 377 44.71 16.54 -34.91
C ALA B 377 43.95 16.13 -33.65
N THR B 378 42.67 16.49 -33.58
CA THR B 378 41.81 16.16 -32.44
C THR B 378 41.09 14.82 -32.60
N TYR B 379 40.98 14.09 -31.49
CA TYR B 379 40.13 12.91 -31.41
C TYR B 379 39.52 12.84 -30.02
N GLU B 380 38.19 12.69 -29.97
CA GLU B 380 37.41 12.83 -28.73
C GLU B 380 37.71 14.15 -28.03
N GLY B 381 37.80 15.23 -28.80
CA GLY B 381 38.06 16.53 -28.20
C GLY B 381 39.32 16.63 -27.36
N PHE B 382 40.42 16.02 -27.80
CA PHE B 382 41.76 16.25 -27.27
C PHE B 382 42.70 16.48 -28.44
N SER B 383 43.71 17.33 -28.27
CA SER B 383 44.70 17.53 -29.31
C SER B 383 45.92 16.66 -29.06
N ILE B 384 46.52 16.16 -30.15
CA ILE B 384 47.74 15.36 -30.08
C ILE B 384 48.74 15.90 -31.09
N ARG B 385 49.97 16.23 -30.65
CA ARG B 385 51.04 16.49 -31.63
C ARG B 385 51.59 15.17 -32.15
N VAL B 386 52.15 15.22 -33.35
CA VAL B 386 53.05 14.17 -33.80
C VAL B 386 54.29 14.83 -34.41
N HIS B 387 55.46 14.34 -34.03
CA HIS B 387 56.74 14.74 -34.61
C HIS B 387 57.28 13.62 -35.45
N LYS B 388 57.61 13.92 -36.70
CA LYS B 388 58.27 12.97 -37.58
C LYS B 388 59.70 13.45 -37.84
N TYR B 389 60.67 12.78 -37.24
CA TYR B 389 62.09 12.91 -37.50
C TYR B 389 62.68 11.63 -38.06
N ALA B 390 64.00 11.63 -38.18
CA ALA B 390 64.77 10.49 -38.69
C ALA B 390 66.18 10.58 -38.14
N ASP B 391 66.91 9.48 -38.26
CA ASP B 391 68.33 9.44 -37.88
C ASP B 391 69.17 9.16 -39.13
N GLY B 392 69.92 10.16 -39.60
CA GLY B 392 70.62 10.03 -40.86
C GLY B 392 71.72 8.99 -40.83
N ASP B 393 72.37 8.80 -39.69
CA ASP B 393 73.49 7.86 -39.68
C ASP B 393 73.03 6.43 -39.44
N ALA B 394 72.04 6.21 -38.57
CA ALA B 394 71.45 4.88 -38.43
C ALA B 394 70.53 4.53 -39.57
N ASN B 395 70.00 5.52 -40.29
CA ASN B 395 69.11 5.30 -41.43
C ASN B 395 67.71 4.81 -40.99
N VAL B 396 67.19 5.36 -39.89
CA VAL B 396 66.01 4.86 -39.21
C VAL B 396 65.01 5.98 -39.05
N GLN B 397 63.77 5.77 -39.52
CA GLN B 397 62.71 6.77 -39.30
C GLN B 397 62.01 6.56 -37.98
N LYS B 398 61.54 7.69 -37.37
CA LYS B 398 60.94 7.72 -36.05
C LYS B 398 59.73 8.65 -36.00
N MET B 399 58.73 8.31 -35.18
CA MET B 399 57.52 9.11 -35.01
C MET B 399 57.07 8.98 -33.57
N ARG B 400 56.64 10.10 -32.96
CA ARG B 400 56.12 10.09 -31.59
C ARG B 400 54.84 10.92 -31.53
N PHE B 401 53.82 10.37 -30.87
CA PHE B 401 52.56 11.03 -30.57
C PHE B 401 52.53 11.27 -29.07
N ASP B 402 52.17 12.48 -28.60
CA ASP B 402 52.01 12.62 -27.15
C ASP B 402 51.01 13.71 -26.75
N LEU B 403 50.73 13.77 -25.43
CA LEU B 403 49.71 14.62 -24.80
C LEU B 403 50.06 14.86 -23.32
N LEU B 404 49.74 16.07 -22.78
CA LEU B 404 49.93 16.38 -21.36
C LEU B 404 48.63 16.55 -20.58
N PRO B 405 48.30 15.64 -19.66
CA PRO B 405 47.16 15.88 -18.76
C PRO B 405 47.53 16.73 -17.54
N ALA B 406 46.52 17.43 -17.00
CA ALA B 406 46.60 18.06 -15.68
C ALA B 406 45.42 17.61 -14.83
N TYR B 407 45.66 17.33 -13.55
CA TYR B 407 44.60 16.81 -12.69
C TYR B 407 44.43 17.69 -11.46
N VAL B 408 43.23 17.60 -10.84
CA VAL B 408 42.92 18.16 -9.53
C VAL B 408 42.13 17.11 -8.76
N CYS B 409 42.32 17.07 -7.44
CA CYS B 409 41.26 16.51 -6.59
C CYS B 409 40.78 17.65 -5.69
N PHE B 410 39.55 18.10 -5.91
CA PHE B 410 39.00 19.19 -5.10
C PHE B 410 38.66 18.72 -3.68
N ASN B 411 37.78 17.72 -3.55
CA ASN B 411 37.45 17.29 -2.19
C ASN B 411 37.30 15.77 -2.09
N PRO B 412 38.00 15.12 -1.18
CA PRO B 412 37.88 13.65 -1.07
C PRO B 412 36.55 13.20 -0.55
N HIS B 413 35.81 14.05 0.15
CA HIS B 413 34.59 13.60 0.81
C HIS B 413 33.39 13.59 -0.13
N MET B 414 33.55 13.94 -1.39
CA MET B 414 32.46 13.87 -2.35
C MET B 414 32.49 12.67 -3.30
N GLY B 415 33.35 11.68 -3.12
CA GLY B 415 33.28 10.50 -3.98
C GLY B 415 33.77 9.24 -3.30
N GLY B 416 33.45 8.09 -3.90
CA GLY B 416 33.80 6.81 -3.29
C GLY B 416 33.43 5.60 -4.14
N GLN B 417 33.37 4.43 -3.49
CA GLN B 417 33.15 3.12 -4.11
C GLN B 417 31.93 2.45 -3.49
N PHE B 418 31.02 1.85 -4.29
CA PHE B 418 29.89 1.16 -3.65
C PHE B 418 29.70 -0.26 -4.15
N PHE B 419 29.09 -1.07 -3.29
CA PHE B 419 28.78 -2.46 -3.55
C PHE B 419 27.34 -2.73 -3.16
N GLY B 420 26.89 -3.98 -3.24
CA GLY B 420 25.54 -4.32 -2.80
C GLY B 420 25.45 -4.48 -1.29
N ASN B 421 24.21 -4.59 -0.82
CA ASN B 421 23.90 -4.84 0.58
C ASN B 421 23.40 -6.26 0.76
N PRO B 422 23.99 -7.03 1.67
CA PRO B 422 23.64 -8.43 1.94
C PRO B 422 22.49 -8.58 2.94
N PRO C 1 -20.74 -66.69 -52.95
CA PRO C 1 -19.29 -66.53 -52.93
C PRO C 1 -18.68 -66.21 -54.29
N ASN C 2 -18.82 -64.97 -54.75
CA ASN C 2 -18.09 -64.55 -55.94
C ASN C 2 -16.63 -64.35 -55.57
N ASN C 3 -15.73 -64.53 -56.54
CA ASN C 3 -14.34 -64.10 -56.34
C ASN C 3 -13.94 -63.21 -57.51
N LEU C 4 -13.93 -61.90 -57.30
CA LEU C 4 -13.72 -60.94 -58.37
C LEU C 4 -12.32 -60.33 -58.40
N ASP C 5 -11.44 -60.72 -57.49
CA ASP C 5 -10.20 -59.97 -57.24
C ASP C 5 -9.24 -59.95 -58.44
N SER C 6 -9.36 -60.88 -59.39
CA SER C 6 -8.54 -60.83 -60.60
C SER C 6 -9.12 -59.93 -61.68
N ASN C 7 -10.22 -59.25 -61.43
CA ASN C 7 -10.76 -58.35 -62.40
C ASN C 7 -10.10 -56.98 -62.32
N VAL C 8 -9.31 -56.72 -61.28
CA VAL C 8 -8.88 -55.38 -60.87
C VAL C 8 -7.38 -55.37 -60.69
N SER C 9 -6.84 -54.18 -60.48
CA SER C 9 -5.42 -53.92 -60.35
C SER C 9 -5.08 -53.40 -58.95
N GLN C 10 -3.82 -53.57 -58.53
CA GLN C 10 -3.27 -52.83 -57.39
C GLN C 10 -2.56 -51.60 -57.92
N ILE C 11 -3.12 -50.42 -57.67
CA ILE C 11 -2.61 -49.19 -58.25
C ILE C 11 -1.84 -48.40 -57.19
N VAL C 12 -0.67 -47.91 -57.57
CA VAL C 12 0.09 -46.96 -56.77
C VAL C 12 0.00 -45.64 -57.51
N LEU C 13 -0.70 -44.66 -56.92
CA LEU C 13 -0.88 -43.36 -57.57
C LEU C 13 0.46 -42.69 -57.70
N LYS C 14 0.60 -41.79 -58.67
CA LYS C 14 1.88 -41.10 -58.84
C LYS C 14 1.78 -39.74 -58.16
N LYS C 15 2.13 -39.71 -56.87
CA LYS C 15 2.28 -38.53 -56.04
C LYS C 15 3.06 -38.92 -54.81
N PHE C 16 3.74 -37.96 -54.20
CA PHE C 16 4.43 -38.32 -52.98
C PHE C 16 3.83 -37.54 -51.81
N LEU C 17 4.05 -38.08 -50.62
CA LEU C 17 3.64 -37.49 -49.37
C LEU C 17 4.66 -36.48 -48.88
N PRO C 18 4.27 -35.57 -48.00
CA PRO C 18 5.25 -34.64 -47.39
C PRO C 18 6.25 -35.36 -46.50
N GLY C 19 7.54 -35.10 -46.74
CA GLY C 19 8.60 -35.57 -45.86
C GLY C 19 8.90 -34.56 -44.78
N PHE C 20 9.91 -34.86 -43.96
CA PHE C 20 10.23 -33.86 -42.95
C PHE C 20 11.30 -32.91 -43.52
N MET C 21 11.63 -31.85 -42.76
CA MET C 21 12.56 -30.83 -43.24
C MET C 21 13.29 -30.21 -42.06
N SER C 22 14.27 -29.38 -42.36
CA SER C 22 15.07 -28.66 -41.36
C SER C 22 15.26 -27.23 -41.83
N ASP C 23 15.74 -26.38 -40.92
CA ASP C 23 15.90 -24.96 -41.25
C ASP C 23 17.37 -24.56 -41.20
N LEU C 24 17.70 -23.53 -41.99
CA LEU C 24 19.09 -23.10 -42.22
C LEU C 24 19.28 -21.73 -41.60
N VAL C 25 20.06 -21.64 -40.53
CA VAL C 25 20.10 -20.37 -39.80
C VAL C 25 21.53 -19.87 -39.66
N LEU C 26 22.40 -20.66 -39.00
CA LEU C 26 23.80 -20.32 -38.95
C LEU C 26 24.30 -19.92 -40.33
N ALA C 27 23.96 -20.70 -41.35
CA ALA C 27 24.50 -20.46 -42.69
C ALA C 27 24.30 -19.02 -43.14
N LYS C 28 23.16 -18.42 -42.81
CA LYS C 28 22.80 -17.13 -43.37
C LYS C 28 23.14 -15.94 -42.47
N THR C 29 23.63 -16.15 -41.25
CA THR C 29 24.10 -15.08 -40.39
C THR C 29 25.62 -14.96 -40.23
N VAL C 30 26.43 -15.85 -40.80
CA VAL C 30 27.87 -15.64 -40.69
C VAL C 30 28.30 -14.65 -41.76
N ASP C 31 29.55 -14.23 -41.72
CA ASP C 31 30.03 -13.33 -42.76
C ASP C 31 30.25 -14.13 -44.03
N ARG C 32 29.54 -13.76 -45.10
CA ARG C 32 29.77 -14.39 -46.38
C ARG C 32 30.54 -13.52 -47.38
N GLN C 33 30.80 -12.25 -47.10
CA GLN C 33 31.42 -11.39 -48.12
C GLN C 33 32.91 -11.60 -48.24
N LEU C 34 33.62 -11.70 -47.11
CA LEU C 34 35.08 -11.60 -47.12
C LEU C 34 35.72 -12.71 -47.94
N LEU C 35 35.23 -13.92 -47.79
CA LEU C 35 35.91 -15.09 -48.32
C LEU C 35 35.41 -15.46 -49.73
N ALA C 36 34.58 -14.63 -50.35
CA ALA C 36 33.97 -14.99 -51.64
C ALA C 36 34.95 -14.75 -52.78
N GLY C 37 35.10 -15.76 -53.64
CA GLY C 37 35.94 -15.66 -54.82
C GLY C 37 37.42 -15.54 -54.50
N GLU C 38 37.76 -15.63 -53.20
CA GLU C 38 39.12 -15.38 -52.78
C GLU C 38 40.05 -16.57 -52.97
N ILE C 39 39.52 -17.79 -53.07
CA ILE C 39 40.37 -18.96 -53.23
C ILE C 39 40.13 -19.49 -54.64
N ASN C 40 41.13 -19.29 -55.52
CA ASN C 40 41.10 -19.84 -56.87
C ASN C 40 42.41 -20.54 -57.15
N SER C 41 42.66 -20.96 -58.40
CA SER C 41 43.79 -21.84 -58.67
C SER C 41 45.15 -21.14 -58.67
N SER C 42 45.21 -19.82 -58.52
CA SER C 42 46.51 -19.18 -58.32
C SER C 42 46.92 -19.12 -56.87
N THR C 43 45.98 -19.37 -55.97
CA THR C 43 46.16 -19.15 -54.55
C THR C 43 46.55 -20.39 -53.74
N GLY C 44 46.41 -21.59 -54.28
CA GLY C 44 46.61 -22.73 -53.42
C GLY C 44 45.49 -22.78 -52.41
N ASP C 45 45.57 -23.75 -51.51
CA ASP C 45 44.37 -24.14 -50.75
C ASP C 45 43.90 -23.10 -49.72
N SER C 46 44.67 -22.04 -49.44
CA SER C 46 44.39 -21.17 -48.29
C SER C 46 44.71 -19.72 -48.63
N VAL C 47 44.22 -18.81 -47.80
CA VAL C 47 44.48 -17.38 -47.95
C VAL C 47 44.33 -16.74 -46.57
N SER C 48 44.97 -15.58 -46.37
CA SER C 48 45.04 -14.95 -45.05
C SER C 48 44.54 -13.51 -45.06
N PHE C 49 44.10 -13.04 -43.87
CA PHE C 49 43.79 -11.62 -43.66
C PHE C 49 44.62 -11.13 -42.47
N LYS C 50 44.73 -9.80 -42.35
CA LYS C 50 45.61 -9.16 -41.38
C LYS C 50 44.88 -8.89 -40.07
N ARG C 51 45.55 -9.24 -38.95
CA ARG C 51 45.17 -8.86 -37.60
C ARG C 51 45.53 -7.42 -37.28
N PRO C 52 44.68 -6.71 -36.51
CA PRO C 52 44.96 -5.31 -36.18
C PRO C 52 46.04 -5.14 -35.11
N HIS C 53 46.82 -4.07 -35.26
CA HIS C 53 47.93 -3.72 -34.37
C HIS C 53 47.49 -3.11 -33.04
N GLN C 54 48.37 -3.20 -32.05
CA GLN C 54 48.09 -2.66 -30.73
C GLN C 54 49.37 -2.07 -30.15
N PHE C 55 49.22 -1.00 -29.37
CA PHE C 55 50.36 -0.22 -28.90
C PHE C 55 50.28 -0.04 -27.40
N SER C 56 51.40 0.34 -26.81
CA SER C 56 51.44 0.76 -25.41
C SER C 56 52.20 2.08 -25.33
N SER C 57 52.34 2.64 -24.13
CA SER C 57 52.91 3.98 -24.01
C SER C 57 53.94 4.06 -22.89
N LEU C 58 54.68 5.18 -22.87
CA LEU C 58 55.65 5.50 -21.84
C LEU C 58 55.17 6.71 -21.04
N ARG C 59 55.41 6.70 -19.72
CA ARG C 59 55.02 7.81 -18.84
C ARG C 59 56.30 8.40 -18.27
N THR C 60 56.63 9.61 -18.70
CA THR C 60 57.90 10.26 -18.39
C THR C 60 57.62 11.64 -17.82
N PRO C 61 58.42 12.12 -16.85
CA PRO C 61 58.16 13.49 -16.35
C PRO C 61 58.32 14.55 -17.42
N THR C 62 59.45 14.55 -18.12
CA THR C 62 59.74 15.56 -19.13
C THR C 62 59.54 15.10 -20.58
N GLY C 63 59.06 13.87 -20.80
CA GLY C 63 58.87 13.41 -22.15
C GLY C 63 60.12 12.93 -22.83
N ASP C 64 61.19 12.72 -22.06
CA ASP C 64 62.48 12.31 -22.61
C ASP C 64 62.54 10.78 -22.63
N ILE C 65 62.43 10.18 -23.82
CA ILE C 65 62.32 8.74 -23.98
C ILE C 65 63.64 8.06 -24.34
N SER C 66 64.76 8.77 -24.35
CA SER C 66 65.95 8.37 -25.10
C SER C 66 66.40 6.92 -24.93
N GLY C 67 67.08 6.56 -23.84
CA GLY C 67 67.26 5.13 -23.62
C GLY C 67 66.02 4.48 -23.03
N GLN C 68 65.30 3.64 -23.80
CA GLN C 68 64.04 2.99 -23.43
C GLN C 68 63.39 2.27 -24.62
N ASN C 69 62.30 1.56 -24.36
CA ASN C 69 61.75 0.60 -25.31
C ASN C 69 60.51 1.14 -25.99
N LYS C 70 60.63 1.44 -27.27
CA LYS C 70 59.52 1.80 -28.13
C LYS C 70 58.65 0.56 -28.46
N ASN C 71 57.45 0.82 -28.95
CA ASN C 71 56.64 -0.25 -29.50
C ASN C 71 57.37 -0.93 -30.64
N ASN C 72 57.29 -2.25 -30.67
CA ASN C 72 57.70 -2.96 -31.87
C ASN C 72 56.54 -2.97 -32.84
N LEU C 73 56.70 -3.62 -33.98
CA LEU C 73 55.59 -3.85 -34.89
C LEU C 73 55.56 -5.33 -35.22
N ILE C 74 54.55 -6.03 -34.74
CA ILE C 74 54.44 -7.46 -34.94
C ILE C 74 53.17 -7.66 -35.72
N SER C 75 53.27 -8.31 -36.86
CA SER C 75 52.11 -8.58 -37.69
C SER C 75 51.65 -10.01 -37.43
N GLY C 76 50.35 -10.19 -37.16
CA GLY C 76 49.71 -11.48 -37.21
C GLY C 76 48.80 -11.55 -38.43
N LYS C 77 48.19 -12.73 -38.62
CA LYS C 77 47.25 -12.98 -39.69
C LYS C 77 46.36 -14.17 -39.34
N ALA C 78 45.19 -14.24 -39.99
CA ALA C 78 44.27 -15.37 -39.85
C ALA C 78 44.03 -16.04 -41.21
N THR C 79 44.15 -17.37 -41.26
CA THR C 79 44.17 -18.13 -42.51
C THR C 79 42.92 -18.99 -42.65
N GLY C 80 42.22 -18.85 -43.79
CA GLY C 80 41.11 -19.74 -44.11
C GLY C 80 41.59 -20.92 -44.93
N ARG C 81 40.84 -22.03 -44.91
CA ARG C 81 41.27 -23.23 -45.65
C ARG C 81 40.10 -23.84 -46.38
N VAL C 82 40.37 -24.88 -47.19
CA VAL C 82 39.29 -25.71 -47.71
C VAL C 82 38.96 -26.79 -46.67
N GLY C 83 37.72 -27.29 -46.74
CA GLY C 83 37.20 -28.36 -45.91
C GLY C 83 37.32 -29.74 -46.55
N ASN C 84 36.30 -30.57 -46.35
CA ASN C 84 36.17 -31.87 -46.98
C ASN C 84 35.06 -31.80 -48.03
N TYR C 85 35.08 -32.68 -49.03
CA TYR C 85 33.91 -32.68 -49.88
C TYR C 85 32.68 -33.17 -49.12
N ILE C 86 31.52 -32.76 -49.61
CA ILE C 86 30.25 -33.36 -49.22
C ILE C 86 29.66 -33.98 -50.46
N THR C 87 29.35 -35.28 -50.40
CA THR C 87 29.09 -36.06 -51.60
C THR C 87 27.88 -36.93 -51.37
N VAL C 88 27.00 -37.03 -52.34
CA VAL C 88 25.92 -38.01 -52.29
C VAL C 88 25.91 -38.74 -53.63
N ALA C 89 26.04 -40.07 -53.58
CA ALA C 89 26.21 -40.93 -54.75
C ALA C 89 25.14 -42.02 -54.80
N VAL C 90 24.50 -42.22 -55.96
CA VAL C 90 23.49 -43.26 -56.13
C VAL C 90 23.79 -44.07 -57.39
N GLU C 91 23.40 -45.36 -57.39
CA GLU C 91 23.51 -46.20 -58.59
C GLU C 91 22.26 -47.08 -58.74
N TYR C 92 21.94 -47.43 -59.99
CA TYR C 92 20.85 -48.33 -60.28
C TYR C 92 21.10 -48.99 -61.62
N GLN C 93 20.60 -50.22 -61.78
CA GLN C 93 20.83 -51.06 -62.95
C GLN C 93 20.04 -50.58 -64.15
N GLN C 94 20.60 -50.74 -65.35
CA GLN C 94 19.84 -50.40 -66.55
C GLN C 94 18.48 -51.09 -66.57
N LEU C 95 18.41 -52.32 -66.06
CA LEU C 95 17.16 -53.07 -66.02
C LEU C 95 16.07 -52.30 -65.28
N GLU C 96 16.37 -51.92 -64.03
CA GLU C 96 15.43 -51.16 -63.20
C GLU C 96 14.91 -49.94 -63.93
N GLU C 97 15.81 -49.16 -64.50
CA GLU C 97 15.41 -47.91 -65.15
C GLU C 97 14.59 -48.14 -66.40
N ALA C 98 14.64 -49.34 -66.97
CA ALA C 98 13.75 -49.68 -68.09
C ALA C 98 12.33 -49.93 -67.60
N ILE C 99 12.15 -50.96 -66.77
CA ILE C 99 10.83 -51.33 -66.30
C ILE C 99 10.36 -50.57 -65.03
N LYS C 100 11.20 -50.36 -63.98
CA LYS C 100 10.71 -49.93 -62.67
C LYS C 100 10.79 -48.45 -62.28
N LEU C 101 11.61 -47.61 -62.87
CA LEU C 101 11.77 -46.24 -62.31
C LEU C 101 11.05 -45.23 -63.17
N ASN C 102 9.91 -44.78 -62.69
CA ASN C 102 9.16 -43.70 -63.31
C ASN C 102 9.20 -42.52 -62.36
N GLN C 103 8.99 -41.32 -62.89
CA GLN C 103 9.14 -40.13 -62.05
C GLN C 103 10.52 -40.09 -61.41
N LEU C 104 11.56 -40.28 -62.21
CA LEU C 104 12.88 -40.29 -61.62
C LEU C 104 13.30 -38.90 -61.15
N GLU C 105 12.81 -37.84 -61.82
CA GLU C 105 13.16 -36.48 -61.46
C GLU C 105 12.96 -36.25 -59.97
N GLU C 106 11.77 -36.62 -59.47
CA GLU C 106 11.40 -36.43 -58.07
C GLU C 106 11.64 -37.64 -57.18
N ILE C 107 12.19 -38.74 -57.68
CA ILE C 107 12.90 -39.62 -56.77
C ILE C 107 14.11 -38.90 -56.23
N LEU C 108 14.77 -38.09 -57.06
CA LEU C 108 16.02 -37.44 -56.70
C LEU C 108 15.86 -36.00 -56.21
N ALA C 109 14.64 -35.46 -56.18
CA ALA C 109 14.46 -34.08 -55.71
C ALA C 109 15.05 -33.84 -54.32
N PRO C 110 14.89 -34.72 -53.33
CA PRO C 110 15.55 -34.50 -52.04
C PRO C 110 17.08 -34.47 -52.07
N VAL C 111 17.76 -34.86 -53.14
CA VAL C 111 19.23 -34.97 -53.06
C VAL C 111 19.86 -33.62 -52.74
N ARG C 112 19.36 -32.54 -53.34
CA ARG C 112 20.03 -31.26 -53.13
C ARG C 112 19.92 -30.80 -51.68
N GLN C 113 18.74 -30.90 -51.06
CA GLN C 113 18.66 -30.46 -49.67
C GLN C 113 19.38 -31.37 -48.69
N ARG C 114 19.79 -32.57 -49.08
CA ARG C 114 20.67 -33.35 -48.24
C ARG C 114 22.03 -32.70 -48.17
N ILE C 115 22.50 -32.20 -49.31
CA ILE C 115 23.78 -31.52 -49.37
C ILE C 115 23.80 -30.35 -48.42
N VAL C 116 22.82 -29.46 -48.55
CA VAL C 116 22.78 -28.26 -47.72
C VAL C 116 22.59 -28.59 -46.25
N THR C 117 21.67 -29.48 -45.91
CA THR C 117 21.55 -29.94 -44.52
C THR C 117 22.88 -30.38 -43.96
N ASP C 118 23.68 -31.09 -44.76
CA ASP C 118 24.97 -31.56 -44.27
C ASP C 118 26.05 -30.50 -44.32
N LEU C 119 25.89 -29.46 -45.14
CA LEU C 119 26.76 -28.29 -45.03
C LEU C 119 26.64 -27.69 -43.65
N GLU C 120 25.42 -27.42 -43.21
CA GLU C 120 25.22 -26.66 -41.99
C GLU C 120 25.39 -27.50 -40.74
N THR C 121 25.39 -28.82 -40.83
CA THR C 121 25.77 -29.54 -39.62
C THR C 121 27.27 -29.44 -39.38
N GLU C 122 28.07 -29.18 -40.42
CA GLU C 122 29.49 -28.92 -40.24
C GLU C 122 29.74 -27.56 -39.61
N LEU C 123 29.10 -26.50 -40.13
CA LEU C 123 29.22 -25.19 -39.48
C LEU C 123 28.99 -25.29 -38.00
N ALA C 124 27.99 -26.04 -37.60
CA ALA C 124 27.72 -26.18 -36.17
C ALA C 124 28.91 -26.79 -35.48
N HIS C 125 29.56 -27.78 -36.09
CA HIS C 125 30.72 -28.37 -35.43
C HIS C 125 31.94 -27.49 -35.53
N PHE C 126 32.14 -26.82 -36.67
CA PHE C 126 33.32 -25.99 -36.82
C PHE C 126 33.33 -24.91 -35.76
N MET C 127 32.27 -24.09 -35.72
CA MET C 127 32.10 -23.07 -34.69
C MET C 127 32.24 -23.62 -33.28
N MET C 128 31.70 -24.78 -33.04
CA MET C 128 31.71 -25.36 -31.70
C MET C 128 33.13 -25.72 -31.27
N ASN C 129 33.99 -26.15 -32.20
CA ASN C 129 35.37 -26.55 -31.89
C ASN C 129 36.37 -25.41 -31.87
N ASN C 130 35.95 -24.19 -32.11
CA ASN C 130 36.88 -23.08 -32.21
C ASN C 130 36.67 -22.05 -31.11
N GLY C 131 35.47 -21.47 -31.03
CA GLY C 131 35.14 -20.45 -30.05
C GLY C 131 35.50 -20.84 -28.63
N ALA C 132 36.21 -19.94 -27.94
CA ALA C 132 36.79 -20.17 -26.65
C ALA C 132 35.94 -19.73 -25.48
N LEU C 133 34.84 -19.02 -25.70
CA LEU C 133 34.05 -18.45 -24.62
C LEU C 133 33.04 -19.47 -24.08
N SER C 134 32.74 -19.36 -22.79
CA SER C 134 31.84 -20.27 -22.09
C SER C 134 31.04 -19.54 -21.01
N LEU C 135 29.74 -19.87 -20.91
CA LEU C 135 28.85 -19.23 -19.96
C LEU C 135 27.93 -20.25 -19.33
N GLY C 136 27.95 -20.35 -18.01
CA GLY C 136 27.07 -21.28 -17.31
C GLY C 136 27.47 -22.74 -17.46
N SER C 137 26.71 -23.63 -16.73
CA SER C 137 27.01 -25.06 -16.60
C SER C 137 26.30 -25.86 -17.70
N PRO C 138 26.97 -26.85 -18.30
CA PRO C 138 26.36 -27.57 -19.43
C PRO C 138 25.17 -28.46 -19.08
N ASN C 139 24.92 -28.79 -17.81
CA ASN C 139 23.79 -29.69 -17.57
C ASN C 139 22.46 -28.94 -17.66
N THR C 140 22.46 -27.58 -17.40
CA THR C 140 21.27 -26.76 -17.09
C THR C 140 20.67 -26.15 -18.35
N PRO C 141 19.36 -26.30 -18.57
CA PRO C 141 18.74 -25.69 -19.75
C PRO C 141 18.48 -24.20 -19.55
N ILE C 142 18.28 -23.52 -20.68
CA ILE C 142 18.00 -22.07 -20.67
C ILE C 142 16.55 -21.82 -20.27
N THR C 143 16.35 -21.03 -19.21
CA THR C 143 15.00 -20.76 -18.71
C THR C 143 14.71 -19.28 -18.44
N LYS C 144 15.47 -18.68 -17.52
CA LYS C 144 15.35 -17.27 -17.17
C LYS C 144 15.67 -16.36 -18.36
N TRP C 145 15.19 -15.12 -18.30
CA TRP C 145 15.60 -14.08 -19.23
C TRP C 145 17.09 -13.79 -19.16
N SER C 146 17.69 -13.93 -18.00
CA SER C 146 19.09 -13.57 -17.83
C SER C 146 20.04 -14.65 -18.34
N ASP C 147 19.51 -15.74 -18.88
CA ASP C 147 20.35 -16.75 -19.51
C ASP C 147 20.71 -16.37 -20.93
N VAL C 148 19.82 -15.71 -21.64
CA VAL C 148 20.21 -15.16 -22.91
C VAL C 148 20.93 -13.85 -22.72
N ALA C 149 20.59 -13.11 -21.66
CA ALA C 149 21.12 -11.75 -21.54
C ALA C 149 22.61 -11.75 -21.17
N GLN C 150 23.10 -12.80 -20.52
CA GLN C 150 24.49 -12.83 -20.18
C GLN C 150 25.39 -12.86 -21.40
N THR C 151 24.88 -13.24 -22.56
CA THR C 151 25.78 -13.36 -23.69
C THR C 151 26.05 -12.00 -24.32
N ALA C 152 25.03 -11.16 -24.41
CA ALA C 152 25.21 -9.81 -24.92
C ALA C 152 26.19 -9.01 -24.07
N SER C 153 26.11 -9.17 -22.76
CA SER C 153 26.90 -8.33 -21.88
C SER C 153 28.32 -8.82 -21.75
N PHE C 154 28.58 -10.10 -21.99
CA PHE C 154 29.95 -10.60 -21.96
C PHE C 154 30.71 -10.18 -23.20
N LEU C 155 30.12 -10.35 -24.38
CA LEU C 155 30.64 -9.70 -25.58
C LEU C 155 30.91 -8.22 -25.37
N LYS C 156 30.02 -7.50 -24.70
CA LYS C 156 30.23 -6.07 -24.47
C LYS C 156 31.43 -5.81 -23.57
N ASP C 157 31.47 -6.44 -22.41
CA ASP C 157 32.50 -6.24 -21.40
C ASP C 157 33.87 -6.56 -21.94
N LEU C 158 33.93 -7.45 -22.90
CA LEU C 158 35.19 -7.89 -23.48
C LEU C 158 35.67 -6.93 -24.54
N GLY C 159 34.81 -6.06 -25.06
CA GLY C 159 35.20 -5.07 -26.04
C GLY C 159 34.66 -5.23 -27.46
N VAL C 160 33.92 -6.28 -27.78
CA VAL C 160 33.47 -6.49 -29.16
C VAL C 160 32.44 -5.43 -29.55
N ASN C 161 32.74 -4.60 -30.55
CA ASN C 161 31.75 -3.63 -30.99
C ASN C 161 31.21 -3.78 -32.41
N GLU C 162 31.70 -4.68 -33.24
CA GLU C 162 31.47 -4.51 -34.67
C GLU C 162 30.53 -5.54 -35.28
N GLY C 163 29.51 -5.07 -36.03
CA GLY C 163 28.51 -5.94 -36.61
C GLY C 163 27.44 -6.33 -35.59
N GLU C 164 26.59 -7.29 -35.96
CA GLU C 164 25.62 -7.75 -34.99
C GLU C 164 26.14 -8.96 -34.21
N ASN C 165 25.37 -9.36 -33.21
CA ASN C 165 25.68 -10.52 -32.38
C ASN C 165 24.47 -11.44 -32.38
N TYR C 166 24.68 -12.74 -32.53
CA TYR C 166 23.61 -13.69 -32.61
C TYR C 166 23.73 -14.72 -31.52
N ALA C 167 22.59 -15.12 -30.95
CA ALA C 167 22.46 -16.30 -30.10
C ALA C 167 21.48 -17.25 -30.76
N VAL C 168 21.76 -18.56 -30.69
CA VAL C 168 20.95 -19.54 -31.40
C VAL C 168 20.61 -20.69 -30.46
N MET C 169 19.31 -20.94 -30.27
CA MET C 169 18.85 -21.99 -29.37
C MET C 169 17.84 -22.88 -30.09
N ASP C 170 17.40 -23.97 -29.42
CA ASP C 170 16.52 -25.01 -29.98
C ASP C 170 15.02 -24.69 -29.82
N PRO C 171 14.11 -25.51 -30.34
CA PRO C 171 12.69 -25.24 -30.10
C PRO C 171 12.30 -25.28 -28.63
N TRP C 172 12.94 -26.11 -27.83
CA TRP C 172 12.39 -26.27 -26.50
C TRP C 172 12.73 -25.11 -25.62
N SER C 173 13.96 -24.57 -25.78
CA SER C 173 14.34 -23.35 -25.07
C SER C 173 13.53 -22.15 -25.53
N ALA C 174 13.35 -21.95 -26.83
CA ALA C 174 12.56 -20.82 -27.32
C ALA C 174 11.21 -20.75 -26.66
N GLN C 175 10.60 -21.91 -26.36
CA GLN C 175 9.27 -21.99 -25.79
C GLN C 175 9.25 -21.58 -24.35
N ARG C 176 10.17 -22.10 -23.54
CA ARG C 176 10.25 -21.64 -22.17
C ARG C 176 10.53 -20.16 -22.07
N LEU C 177 11.15 -19.58 -23.09
CA LEU C 177 11.32 -18.13 -23.10
C LEU C 177 10.04 -17.39 -23.44
N ALA C 178 9.13 -17.98 -24.20
CA ALA C 178 7.85 -17.31 -24.41
C ALA C 178 6.96 -17.48 -23.20
N ASP C 179 7.00 -18.64 -22.59
CA ASP C 179 6.34 -18.86 -21.31
C ASP C 179 6.76 -17.81 -20.30
N ALA C 180 8.01 -17.37 -20.34
CA ALA C 180 8.42 -16.29 -19.44
C ALA C 180 7.77 -14.97 -19.82
N GLN C 181 7.51 -14.77 -21.09
CA GLN C 181 6.92 -13.53 -21.59
C GLN C 181 5.41 -13.51 -21.44
N THR C 182 4.76 -14.65 -21.23
CA THR C 182 3.34 -14.58 -20.90
C THR C 182 3.13 -14.07 -19.49
N GLY C 183 4.19 -13.93 -18.69
CA GLY C 183 4.15 -13.52 -17.31
C GLY C 183 4.48 -12.07 -17.03
N LEU C 184 4.82 -11.30 -18.05
CA LEU C 184 5.11 -9.88 -17.92
C LEU C 184 3.86 -9.11 -17.52
N HIS C 185 4.07 -8.04 -16.77
CA HIS C 185 3.00 -7.27 -16.15
C HIS C 185 2.62 -6.01 -16.89
N ALA C 186 3.21 -5.71 -18.04
CA ALA C 186 3.04 -4.31 -18.39
C ALA C 186 2.61 -4.05 -19.81
N SER C 187 3.40 -4.48 -20.80
CA SER C 187 3.13 -4.15 -22.19
C SER C 187 2.27 -5.22 -22.82
N ASP C 188 1.05 -4.87 -23.21
CA ASP C 188 0.09 -5.87 -23.63
C ASP C 188 0.32 -6.36 -25.06
N GLN C 189 1.00 -5.58 -25.90
CA GLN C 189 1.36 -6.10 -27.20
C GLN C 189 2.44 -7.16 -27.09
N LEU C 190 3.22 -7.12 -26.04
CA LEU C 190 4.28 -8.09 -25.92
C LEU C 190 3.77 -9.37 -25.28
N VAL C 191 2.72 -9.34 -24.46
CA VAL C 191 2.19 -10.61 -23.93
C VAL C 191 1.22 -11.24 -24.91
N ARG C 192 0.42 -10.46 -25.62
CA ARG C 192 -0.51 -11.04 -26.58
C ARG C 192 0.23 -11.89 -27.59
N THR C 193 1.33 -11.38 -28.15
CA THR C 193 2.07 -12.10 -29.19
C THR C 193 2.50 -13.49 -28.73
N ALA C 194 3.00 -13.61 -27.53
CA ALA C 194 3.42 -14.90 -27.03
C ALA C 194 2.26 -15.80 -26.60
N TRP C 195 1.09 -15.25 -26.30
CA TRP C 195 0.00 -16.10 -25.88
C TRP C 195 -0.61 -16.82 -27.09
N GLU C 196 -0.91 -16.08 -28.16
CA GLU C 196 -1.19 -16.65 -29.48
C GLU C 196 -0.06 -17.46 -30.07
N ASN C 197 1.05 -16.80 -30.41
CA ASN C 197 2.02 -17.32 -31.38
C ASN C 197 3.21 -18.03 -30.76
N ALA C 198 3.42 -17.94 -29.45
CA ALA C 198 4.66 -18.40 -28.82
C ALA C 198 5.90 -17.83 -29.52
N GLN C 199 5.82 -16.56 -29.90
CA GLN C 199 6.93 -15.80 -30.47
C GLN C 199 7.64 -14.98 -29.40
N ILE C 200 8.93 -14.81 -29.58
CA ILE C 200 9.66 -13.78 -28.86
C ILE C 200 10.17 -12.80 -29.89
N PRO C 201 10.51 -11.57 -29.49
CA PRO C 201 10.84 -10.52 -30.47
C PRO C 201 12.17 -10.75 -31.19
N THR C 202 12.49 -9.87 -32.15
CA THR C 202 13.73 -10.02 -32.89
C THR C 202 14.95 -9.80 -32.00
N ASN C 203 14.98 -8.67 -31.28
CA ASN C 203 16.02 -8.42 -30.27
C ASN C 203 15.53 -8.90 -28.93
N PHE C 204 16.30 -9.74 -28.27
CA PHE C 204 15.91 -10.30 -26.98
C PHE C 204 17.12 -10.26 -26.06
N GLY C 205 17.05 -9.47 -25.02
CA GLY C 205 18.17 -9.35 -24.12
C GLY C 205 19.23 -8.41 -24.59
N GLY C 206 18.99 -7.67 -25.66
CA GLY C 206 20.05 -6.86 -26.24
C GLY C 206 20.93 -7.63 -27.17
N ILE C 207 20.41 -8.70 -27.77
CA ILE C 207 21.15 -9.54 -28.71
C ILE C 207 20.12 -10.13 -29.64
N ARG C 208 20.50 -10.33 -30.90
CA ARG C 208 19.56 -10.84 -31.89
C ARG C 208 19.43 -12.35 -31.72
N ALA C 209 18.21 -12.83 -31.46
CA ALA C 209 18.00 -14.18 -30.99
C ALA C 209 17.22 -14.97 -32.03
N LEU C 210 17.54 -16.26 -32.16
CA LEU C 210 17.11 -17.08 -33.28
C LEU C 210 16.88 -18.52 -32.86
N MET C 211 15.83 -19.13 -33.41
CA MET C 211 15.47 -20.52 -33.16
C MET C 211 15.83 -21.42 -34.35
N SER C 212 16.46 -22.55 -34.06
CA SER C 212 16.88 -23.50 -35.09
C SER C 212 16.69 -24.93 -34.63
N ASN C 213 15.91 -25.72 -35.38
CA ASN C 213 15.87 -27.15 -35.03
C ASN C 213 17.07 -27.92 -35.59
N GLY C 214 17.65 -27.52 -36.72
CA GLY C 214 18.94 -28.07 -37.05
C GLY C 214 20.04 -27.49 -36.20
N LEU C 215 20.62 -28.28 -35.30
CA LEU C 215 21.76 -27.84 -34.49
C LEU C 215 22.48 -29.10 -34.00
N ALA C 216 23.80 -29.07 -33.97
CA ALA C 216 24.53 -30.31 -33.70
C ALA C 216 24.62 -30.61 -32.21
N SER C 217 24.83 -31.89 -31.88
CA SER C 217 25.10 -32.29 -30.51
C SER C 217 26.51 -32.86 -30.37
N ARG C 218 26.95 -33.13 -29.14
CA ARG C 218 28.29 -33.65 -28.90
C ARG C 218 28.38 -34.36 -27.56
N THR C 219 29.30 -35.31 -27.45
CA THR C 219 29.46 -36.09 -26.23
C THR C 219 30.73 -35.69 -25.48
N GLN C 220 30.65 -35.71 -24.16
CA GLN C 220 31.72 -35.20 -23.30
C GLN C 220 32.99 -36.04 -23.38
N GLY C 221 32.91 -37.33 -23.06
CA GLY C 221 34.13 -38.14 -23.04
C GLY C 221 34.74 -38.22 -21.66
N ALA C 222 35.31 -39.36 -21.28
CA ALA C 222 35.36 -39.78 -19.88
C ALA C 222 36.63 -39.26 -19.22
N PHE C 223 36.49 -38.33 -18.29
CA PHE C 223 37.59 -37.72 -17.57
C PHE C 223 37.37 -37.80 -16.06
N GLY C 224 38.47 -37.72 -15.32
CA GLY C 224 38.43 -37.79 -13.88
C GLY C 224 39.81 -37.51 -13.33
N GLY C 225 39.86 -37.23 -12.02
CA GLY C 225 41.09 -36.83 -11.37
C GLY C 225 41.20 -35.32 -11.25
N THR C 226 42.23 -34.87 -10.53
CA THR C 226 42.46 -33.44 -10.29
C THR C 226 43.61 -32.99 -11.17
N LEU C 227 43.30 -32.23 -12.22
CA LEU C 227 44.25 -31.98 -13.29
C LEU C 227 45.05 -30.70 -13.05
N THR C 228 46.34 -30.76 -13.40
CA THR C 228 47.25 -29.61 -13.34
C THR C 228 48.15 -29.65 -14.58
N VAL C 229 48.86 -28.53 -14.84
CA VAL C 229 49.75 -28.47 -15.99
C VAL C 229 51.10 -29.06 -15.60
N LYS C 230 51.67 -29.87 -16.50
CA LYS C 230 52.96 -30.50 -16.24
C LYS C 230 54.13 -29.54 -16.45
N THR C 231 54.17 -28.84 -17.60
CA THR C 231 55.26 -27.95 -17.97
C THR C 231 54.64 -26.61 -18.38
N GLN C 232 55.20 -25.48 -17.92
CA GLN C 232 54.76 -24.19 -18.46
C GLN C 232 54.83 -24.05 -19.99
N PRO C 233 53.74 -23.81 -20.64
CA PRO C 233 53.73 -23.66 -22.10
C PRO C 233 54.39 -22.36 -22.54
N THR C 234 54.53 -22.16 -23.83
CA THR C 234 55.08 -20.90 -24.32
C THR C 234 53.95 -20.13 -24.97
N VAL C 235 53.47 -19.12 -24.28
CA VAL C 235 52.44 -18.28 -24.84
C VAL C 235 52.98 -16.86 -24.81
N THR C 236 53.44 -16.39 -25.95
CA THR C 236 53.81 -15.01 -26.17
C THR C 236 53.22 -14.62 -27.50
N TYR C 237 53.23 -13.33 -27.81
CA TYR C 237 52.56 -12.98 -29.06
C TYR C 237 53.28 -13.57 -30.25
N ASN C 238 54.54 -13.93 -30.11
CA ASN C 238 55.31 -14.37 -31.25
C ASN C 238 55.04 -15.83 -31.60
N ALA C 239 54.63 -16.64 -30.63
CA ALA C 239 54.36 -18.05 -30.94
C ALA C 239 52.98 -18.21 -31.56
N VAL C 240 51.95 -17.65 -30.94
CA VAL C 240 50.57 -17.92 -31.31
C VAL C 240 50.05 -16.86 -32.27
N LYS C 241 50.94 -16.00 -32.72
CA LYS C 241 50.60 -14.85 -33.56
C LYS C 241 49.71 -15.21 -34.74
N ASP C 242 49.96 -16.36 -35.41
CA ASP C 242 49.31 -16.71 -36.68
C ASP C 242 48.14 -17.69 -36.56
N SER C 243 47.84 -18.19 -35.38
CA SER C 243 46.81 -19.22 -35.22
C SER C 243 45.85 -18.85 -34.10
N TYR C 244 46.39 -18.53 -32.93
CA TYR C 244 45.65 -18.48 -31.66
C TYR C 244 45.30 -19.88 -31.18
N GLN C 245 46.24 -20.81 -31.34
CA GLN C 245 46.12 -22.14 -30.77
C GLN C 245 47.42 -22.48 -30.06
N PHE C 246 47.35 -23.34 -29.05
CA PHE C 246 48.57 -23.69 -28.34
C PHE C 246 48.42 -25.07 -27.73
N THR C 247 49.53 -25.80 -27.68
CA THR C 247 49.56 -27.11 -27.03
C THR C 247 49.93 -26.94 -25.56
N VAL C 248 49.29 -27.73 -24.71
CA VAL C 248 49.62 -27.82 -23.29
C VAL C 248 49.48 -29.27 -22.84
N THR C 249 50.30 -29.71 -21.91
CA THR C 249 50.25 -31.08 -21.42
C THR C 249 49.77 -31.11 -19.97
N LEU C 250 48.66 -31.81 -19.75
CA LEU C 250 48.00 -31.92 -18.45
C LEU C 250 48.42 -33.21 -17.74
N THR C 251 48.48 -33.14 -16.42
CA THR C 251 48.92 -34.28 -15.63
C THR C 251 47.90 -34.58 -14.53
N GLY C 252 48.05 -35.76 -13.93
CA GLY C 252 47.15 -36.19 -12.87
C GLY C 252 45.82 -36.75 -13.35
N ALA C 253 45.82 -37.47 -14.46
CA ALA C 253 44.58 -38.01 -15.01
C ALA C 253 44.35 -39.44 -14.53
N THR C 254 43.22 -40.01 -14.94
CA THR C 254 42.96 -41.43 -14.72
C THR C 254 43.98 -42.27 -15.48
N ALA C 255 44.25 -43.47 -14.97
CA ALA C 255 45.41 -44.28 -15.36
C ALA C 255 45.61 -44.31 -16.87
N SER C 256 44.73 -44.96 -17.64
CA SER C 256 44.77 -44.83 -19.09
C SER C 256 43.38 -44.96 -19.68
N VAL C 257 43.02 -44.03 -20.57
CA VAL C 257 41.68 -43.94 -21.13
C VAL C 257 41.78 -43.54 -22.59
N THR C 258 40.97 -44.18 -23.43
CA THR C 258 40.82 -43.75 -24.82
C THR C 258 39.65 -42.78 -24.93
N GLY C 259 39.92 -41.60 -25.48
CA GLY C 259 38.91 -40.56 -25.57
C GLY C 259 38.69 -39.86 -24.25
N PHE C 260 39.80 -39.50 -23.59
CA PHE C 260 39.74 -38.83 -22.29
C PHE C 260 39.13 -37.43 -22.42
N LEU C 261 39.45 -36.72 -23.49
CA LEU C 261 38.86 -35.43 -23.81
C LEU C 261 38.50 -35.44 -25.27
N LYS C 262 37.30 -35.01 -25.59
CA LYS C 262 36.84 -35.05 -26.98
C LYS C 262 36.67 -33.64 -27.49
N ALA C 263 36.77 -33.48 -28.81
CA ALA C 263 36.69 -32.18 -29.45
C ALA C 263 35.44 -31.43 -29.03
N GLY C 264 35.63 -30.20 -28.56
CA GLY C 264 34.56 -29.37 -28.08
C GLY C 264 34.48 -29.25 -26.58
N ASP C 265 35.14 -30.12 -25.83
CA ASP C 265 35.20 -29.92 -24.39
C ASP C 265 35.95 -28.62 -24.10
N GLN C 266 35.65 -28.04 -22.94
CA GLN C 266 36.23 -26.75 -22.59
C GLN C 266 36.96 -26.84 -21.25
N VAL C 267 38.24 -26.53 -21.27
CA VAL C 267 39.09 -26.52 -20.08
C VAL C 267 39.12 -25.11 -19.52
N LYS C 268 39.17 -25.00 -18.18
CA LYS C 268 39.12 -23.70 -17.54
C LYS C 268 40.30 -23.57 -16.57
N PHE C 269 41.13 -22.54 -16.78
CA PHE C 269 42.34 -22.30 -15.98
C PHE C 269 41.98 -21.38 -14.83
N THR C 270 42.02 -21.91 -13.60
CA THR C 270 41.20 -21.34 -12.52
C THR C 270 41.68 -19.94 -12.12
N ASN C 271 42.98 -19.77 -11.89
CA ASN C 271 43.47 -18.52 -11.32
C ASN C 271 43.91 -17.50 -12.36
N THR C 272 43.65 -17.74 -13.63
CA THR C 272 44.09 -16.88 -14.71
C THR C 272 42.85 -16.25 -15.33
N TYR C 273 42.79 -14.93 -15.41
CA TYR C 273 41.53 -14.27 -15.69
C TYR C 273 41.57 -13.58 -17.03
N TRP C 274 40.43 -13.54 -17.71
CA TRP C 274 40.31 -12.71 -18.90
C TRP C 274 40.48 -11.25 -18.54
N LEU C 275 41.01 -10.48 -19.47
CA LEU C 275 41.08 -9.04 -19.37
C LEU C 275 40.00 -8.42 -20.24
N GLN C 276 39.79 -7.13 -20.04
CA GLN C 276 39.24 -6.29 -21.11
C GLN C 276 40.32 -6.09 -22.14
N GLN C 277 39.97 -6.21 -23.41
CA GLN C 277 41.02 -6.30 -24.42
C GLN C 277 41.68 -4.95 -24.69
N GLN C 278 40.92 -3.86 -24.69
CA GLN C 278 41.46 -2.52 -24.92
C GLN C 278 42.10 -1.93 -23.66
N THR C 279 41.40 -1.99 -22.55
CA THR C 279 41.82 -1.35 -21.31
C THR C 279 42.72 -2.22 -20.44
N LYS C 280 42.74 -3.53 -20.67
CA LYS C 280 43.73 -4.44 -20.06
C LYS C 280 43.54 -4.60 -18.56
N GLN C 281 42.28 -4.66 -18.12
CA GLN C 281 41.87 -4.74 -16.72
C GLN C 281 41.03 -5.98 -16.52
N ALA C 282 41.25 -6.71 -15.44
CA ALA C 282 40.57 -7.99 -15.26
C ALA C 282 39.05 -7.83 -15.32
N LEU C 283 38.39 -8.73 -16.07
CA LEU C 283 36.93 -8.79 -16.08
C LEU C 283 36.37 -9.29 -14.76
N TYR C 284 35.22 -8.74 -14.37
CA TYR C 284 34.63 -9.05 -13.08
C TYR C 284 33.10 -9.09 -13.19
N ASN C 285 32.50 -10.15 -12.64
CA ASN C 285 31.08 -10.16 -12.31
C ASN C 285 30.84 -9.36 -11.04
N GLY C 286 29.64 -9.47 -10.48
CA GLY C 286 29.50 -9.07 -9.11
C GLY C 286 30.35 -9.91 -8.19
N ALA C 287 30.33 -11.25 -8.39
CA ALA C 287 30.75 -12.19 -7.37
C ALA C 287 32.27 -12.39 -7.34
N THR C 288 32.93 -12.42 -8.50
CA THR C 288 34.21 -13.09 -8.67
C THR C 288 34.73 -12.79 -10.08
N PRO C 289 36.04 -12.91 -10.31
CA PRO C 289 36.55 -12.63 -11.65
C PRO C 289 36.30 -13.82 -12.55
N ILE C 290 36.22 -13.55 -13.86
CA ILE C 290 35.86 -14.56 -14.85
C ILE C 290 37.13 -15.25 -15.33
N SER C 291 37.23 -16.56 -15.14
CA SER C 291 38.40 -17.31 -15.55
C SER C 291 38.51 -17.40 -17.07
N PHE C 292 39.74 -17.55 -17.53
CA PHE C 292 40.02 -17.84 -18.92
C PHE C 292 39.72 -19.31 -19.21
N THR C 293 39.20 -19.58 -20.41
CA THR C 293 38.88 -20.93 -20.81
C THR C 293 39.22 -21.09 -22.29
N ALA C 294 39.62 -22.32 -22.68
CA ALA C 294 39.92 -22.68 -24.07
C ALA C 294 39.25 -24.01 -24.42
N THR C 295 39.29 -24.35 -25.70
CA THR C 295 38.43 -25.40 -26.26
C THR C 295 39.26 -26.49 -26.93
N VAL C 296 38.90 -27.75 -26.69
CA VAL C 296 39.66 -28.88 -27.23
C VAL C 296 39.44 -28.99 -28.73
N THR C 297 40.54 -28.97 -29.49
CA THR C 297 40.46 -28.98 -30.95
C THR C 297 40.21 -30.39 -31.50
N ALA C 298 40.87 -31.40 -30.94
CA ALA C 298 40.84 -32.75 -31.47
C ALA C 298 40.82 -33.76 -30.32
N ASP C 299 40.40 -34.97 -30.61
CA ASP C 299 40.25 -35.99 -29.57
C ASP C 299 41.61 -36.42 -29.05
N ALA C 300 41.69 -36.72 -27.74
CA ALA C 300 43.00 -36.89 -27.09
C ALA C 300 42.95 -38.01 -26.05
N ASN C 301 43.96 -38.88 -26.09
CA ASN C 301 44.04 -40.05 -25.23
C ASN C 301 44.97 -39.80 -24.06
N SER C 302 44.61 -40.34 -22.90
CA SER C 302 45.52 -40.40 -21.76
C SER C 302 46.45 -41.62 -21.89
N ASP C 303 47.62 -41.53 -21.27
CA ASP C 303 48.58 -42.63 -21.28
C ASP C 303 48.89 -43.09 -19.85
N SER C 304 49.47 -44.29 -19.74
CA SER C 304 49.88 -44.80 -18.43
C SER C 304 50.84 -43.82 -17.75
N GLY C 305 50.58 -43.53 -16.48
CA GLY C 305 51.21 -42.41 -15.81
C GLY C 305 50.35 -41.15 -15.79
N GLY C 306 49.25 -41.15 -16.52
CA GLY C 306 48.25 -40.10 -16.44
C GLY C 306 48.66 -38.74 -16.97
N ASP C 307 49.14 -38.67 -18.22
CA ASP C 307 49.45 -37.41 -18.88
C ASP C 307 48.64 -37.30 -20.16
N VAL C 308 48.24 -36.07 -20.48
CA VAL C 308 47.38 -35.80 -21.63
C VAL C 308 47.94 -34.60 -22.38
N THR C 309 48.12 -34.75 -23.69
CA THR C 309 48.48 -33.64 -24.56
C THR C 309 47.26 -33.25 -25.36
N VAL C 310 47.03 -31.95 -25.51
CA VAL C 310 45.81 -31.48 -26.18
C VAL C 310 46.10 -30.13 -26.81
N THR C 311 45.52 -29.89 -27.98
CA THR C 311 45.58 -28.58 -28.63
C THR C 311 44.28 -27.86 -28.33
N LEU C 312 44.39 -26.61 -27.89
CA LEU C 312 43.27 -25.81 -27.42
C LEU C 312 43.15 -24.59 -28.31
N SER C 313 41.92 -24.20 -28.60
CA SER C 313 41.66 -23.00 -29.35
C SER C 313 41.33 -21.88 -28.36
N GLY C 314 42.02 -20.75 -28.50
CA GLY C 314 41.92 -19.61 -27.61
C GLY C 314 43.22 -19.65 -26.85
N VAL C 315 43.91 -18.53 -26.69
CA VAL C 315 45.22 -18.50 -26.03
C VAL C 315 45.43 -17.59 -24.85
N PRO C 316 46.14 -18.14 -23.79
CA PRO C 316 46.35 -17.23 -22.66
C PRO C 316 47.60 -16.39 -22.87
N ILE C 317 47.58 -15.47 -23.82
CA ILE C 317 48.77 -14.68 -24.08
C ILE C 317 49.19 -13.79 -22.93
N TYR C 318 50.46 -13.91 -22.56
CA TYR C 318 51.09 -13.10 -21.55
C TYR C 318 52.53 -12.88 -22.00
N ASP C 319 52.87 -11.65 -22.35
CA ASP C 319 54.15 -11.40 -23.00
C ASP C 319 54.83 -10.27 -22.23
N THR C 320 56.01 -10.56 -21.69
CA THR C 320 56.71 -9.54 -20.92
C THR C 320 57.26 -8.46 -21.84
N THR C 321 57.78 -8.85 -23.00
CA THR C 321 58.46 -7.91 -23.88
C THR C 321 57.52 -7.17 -24.85
N ASN C 322 56.26 -7.54 -24.94
CA ASN C 322 55.29 -6.75 -25.70
C ASN C 322 53.95 -6.73 -24.98
N PRO C 323 53.90 -6.19 -23.76
CA PRO C 323 52.67 -6.33 -22.95
C PRO C 323 51.42 -5.84 -23.65
N GLN C 324 51.58 -5.00 -24.66
CA GLN C 324 50.48 -4.49 -25.45
C GLN C 324 49.52 -5.55 -25.95
N TYR C 325 49.93 -6.83 -26.04
CA TYR C 325 49.07 -7.89 -26.53
C TYR C 325 48.49 -8.82 -25.48
N ASN C 326 48.78 -8.63 -24.20
CA ASN C 326 48.28 -9.53 -23.17
C ASN C 326 46.77 -9.70 -23.29
N SER C 327 46.31 -10.94 -23.24
CA SER C 327 44.87 -11.27 -23.19
C SER C 327 44.34 -11.65 -21.81
N VAL C 328 45.20 -11.78 -20.81
CA VAL C 328 44.91 -12.58 -19.64
C VAL C 328 45.65 -11.93 -18.49
N SER C 329 45.45 -12.42 -17.27
CA SER C 329 45.98 -11.63 -16.15
C SER C 329 47.39 -12.01 -15.71
N ARG C 330 47.93 -13.15 -16.15
CA ARG C 330 49.23 -13.59 -15.64
C ARG C 330 49.73 -14.73 -16.52
N GLN C 331 50.96 -15.16 -16.26
CA GLN C 331 51.49 -16.37 -16.89
C GLN C 331 50.74 -17.61 -16.41
N VAL C 332 50.40 -18.51 -17.34
CA VAL C 332 50.02 -19.87 -16.96
C VAL C 332 51.28 -20.64 -16.64
N GLU C 333 51.42 -21.09 -15.40
CA GLU C 333 52.71 -21.57 -14.92
C GLU C 333 52.56 -23.04 -14.53
N ALA C 334 53.68 -23.77 -14.46
CA ALA C 334 53.62 -25.21 -14.21
C ALA C 334 53.06 -25.51 -12.83
N GLY C 335 52.12 -26.46 -12.76
CA GLY C 335 51.48 -26.85 -11.53
C GLY C 335 50.13 -26.19 -11.25
N ASP C 336 49.62 -25.35 -12.14
CA ASP C 336 48.38 -24.63 -11.88
C ASP C 336 47.16 -25.53 -12.06
N ALA C 337 46.20 -25.39 -11.14
CA ALA C 337 45.00 -26.22 -11.18
C ALA C 337 44.11 -25.86 -12.37
N VAL C 338 43.51 -26.87 -12.99
CA VAL C 338 42.54 -26.72 -14.07
C VAL C 338 41.47 -27.79 -13.91
N SER C 339 40.35 -27.56 -14.59
CA SER C 339 39.19 -28.44 -14.47
C SER C 339 38.40 -28.43 -15.77
N VAL C 340 37.67 -29.50 -16.03
CA VAL C 340 36.88 -29.58 -17.26
C VAL C 340 35.44 -29.19 -16.92
N VAL C 341 34.78 -28.52 -17.86
CA VAL C 341 33.45 -27.95 -17.66
C VAL C 341 32.39 -29.01 -17.96
N GLY C 342 31.57 -29.33 -16.97
CA GLY C 342 30.46 -30.26 -17.16
C GLY C 342 30.72 -31.63 -16.59
N THR C 343 29.79 -32.53 -16.87
CA THR C 343 29.73 -33.88 -16.31
C THR C 343 30.43 -34.86 -17.25
N ALA C 344 31.01 -35.91 -16.68
CA ALA C 344 31.93 -36.83 -17.36
C ALA C 344 31.52 -37.31 -18.75
N SER C 345 30.53 -38.19 -18.89
CA SER C 345 30.21 -38.76 -20.20
C SER C 345 28.95 -38.18 -20.87
N GLN C 346 28.32 -37.16 -20.28
CA GLN C 346 26.98 -36.75 -20.71
C GLN C 346 26.97 -36.28 -22.17
N THR C 347 25.80 -36.38 -22.78
CA THR C 347 25.56 -35.87 -24.12
C THR C 347 24.44 -34.84 -24.08
N MET C 348 24.58 -33.79 -24.89
CA MET C 348 23.80 -32.56 -24.76
C MET C 348 23.89 -31.80 -26.06
N LYS C 349 22.99 -30.84 -26.25
CA LYS C 349 23.05 -30.02 -27.46
C LYS C 349 23.33 -28.55 -27.15
N PRO C 350 24.54 -28.05 -27.43
CA PRO C 350 24.93 -26.71 -26.99
C PRO C 350 24.29 -25.61 -27.82
N ASN C 351 23.89 -24.53 -27.15
CA ASN C 351 23.53 -23.29 -27.81
C ASN C 351 24.80 -22.52 -28.16
N LEU C 352 24.72 -21.63 -29.15
CA LEU C 352 25.92 -20.97 -29.65
C LEU C 352 25.73 -19.46 -29.69
N PHE C 353 26.76 -18.69 -29.31
CA PHE C 353 26.67 -17.24 -29.44
C PHE C 353 27.96 -16.68 -30.01
N TYR C 354 27.83 -15.70 -30.89
CA TYR C 354 28.99 -15.24 -31.63
C TYR C 354 28.74 -13.83 -32.17
N ASN C 355 29.82 -13.12 -32.41
CA ASN C 355 29.77 -11.91 -33.21
C ASN C 355 29.82 -12.27 -34.70
N LYS C 356 29.36 -11.33 -35.53
CA LYS C 356 29.27 -11.58 -36.98
C LYS C 356 30.60 -12.00 -37.58
N PHE C 357 31.71 -11.43 -37.10
CA PHE C 357 33.02 -11.67 -37.66
C PHE C 357 33.76 -12.79 -36.96
N PHE C 358 33.05 -13.57 -36.15
CA PHE C 358 33.61 -14.79 -35.56
C PHE C 358 34.05 -15.81 -36.62
N CYS C 359 33.24 -16.03 -37.67
CA CYS C 359 33.49 -17.05 -38.69
C CYS C 359 33.04 -16.57 -40.07
N GLY C 360 33.42 -17.32 -41.09
CA GLY C 360 33.06 -17.01 -42.47
C GLY C 360 33.03 -18.28 -43.29
N LEU C 361 32.34 -18.21 -44.42
CA LEU C 361 32.05 -19.40 -45.21
C LEU C 361 32.09 -19.02 -46.69
N GLY C 362 32.70 -19.88 -47.50
CA GLY C 362 32.80 -19.63 -48.92
C GLY C 362 32.79 -20.98 -49.62
N SER C 363 32.71 -20.95 -50.95
CA SER C 363 32.70 -22.21 -51.69
C SER C 363 33.43 -22.07 -53.01
N ILE C 364 34.19 -23.12 -53.35
CA ILE C 364 35.05 -23.13 -54.52
C ILE C 364 34.33 -23.79 -55.69
N PRO C 365 34.25 -23.15 -56.85
CA PRO C 365 33.69 -23.82 -58.04
C PRO C 365 34.60 -24.95 -58.52
N LEU C 366 33.97 -26.19 -58.77
CA LEU C 366 34.64 -27.43 -59.18
C LEU C 366 34.67 -27.55 -60.70
N PRO C 367 35.82 -27.94 -61.26
CA PRO C 367 35.91 -28.24 -62.69
C PRO C 367 35.34 -29.60 -63.06
N LYS C 368 35.13 -29.77 -64.36
CA LYS C 368 34.50 -30.96 -64.95
C LYS C 368 35.53 -32.05 -65.28
N LEU C 369 35.25 -33.30 -64.87
CA LEU C 369 36.13 -34.43 -65.20
C LEU C 369 36.10 -34.77 -66.69
N HIS C 370 37.25 -35.23 -67.22
CA HIS C 370 37.40 -35.56 -68.63
C HIS C 370 36.53 -36.73 -69.06
N SER C 371 35.84 -36.57 -70.19
CA SER C 371 35.05 -37.64 -70.81
C SER C 371 33.88 -38.13 -69.97
N ILE C 372 33.38 -37.32 -69.06
CA ILE C 372 32.24 -37.67 -68.25
C ILE C 372 31.28 -36.50 -68.36
N ASP C 373 29.99 -36.77 -68.42
CA ASP C 373 29.03 -35.71 -68.66
C ASP C 373 28.62 -35.01 -67.36
N SER C 374 28.51 -33.67 -67.43
CA SER C 374 28.19 -32.88 -66.24
C SER C 374 27.05 -31.89 -66.45
N ALA C 375 26.83 -31.05 -65.44
CA ALA C 375 25.86 -29.97 -65.36
C ALA C 375 25.99 -29.37 -63.96
N VAL C 376 25.55 -28.13 -63.81
CA VAL C 376 25.66 -27.41 -62.54
C VAL C 376 24.33 -26.72 -62.25
N ALA C 377 23.90 -26.80 -60.99
CA ALA C 377 22.62 -26.27 -60.52
C ALA C 377 22.85 -25.41 -59.28
N THR C 378 21.80 -24.68 -58.89
CA THR C 378 21.86 -23.72 -57.78
C THR C 378 20.70 -23.97 -56.83
N TYR C 379 21.00 -24.29 -55.57
CA TYR C 379 19.95 -24.24 -54.57
C TYR C 379 20.48 -23.74 -53.22
N GLU C 380 19.76 -22.74 -52.69
CA GLU C 380 20.16 -21.87 -51.56
C GLU C 380 21.36 -20.99 -51.90
N GLY C 381 21.56 -20.66 -53.17
CA GLY C 381 22.74 -19.87 -53.48
C GLY C 381 24.03 -20.62 -53.24
N PHE C 382 24.04 -21.92 -53.49
CA PHE C 382 25.24 -22.74 -53.62
C PHE C 382 25.20 -23.41 -54.98
N SER C 383 26.35 -23.90 -55.45
CA SER C 383 26.42 -24.61 -56.72
C SER C 383 26.87 -26.04 -56.50
N ILE C 384 26.23 -26.97 -57.20
CA ILE C 384 26.52 -28.39 -57.07
C ILE C 384 26.82 -28.92 -58.47
N ARG C 385 28.02 -29.49 -58.66
CA ARG C 385 28.24 -30.28 -59.86
C ARG C 385 27.50 -31.59 -59.75
N VAL C 386 27.20 -32.19 -60.89
CA VAL C 386 26.76 -33.56 -60.94
C VAL C 386 27.48 -34.23 -62.11
N HIS C 387 28.02 -35.41 -61.88
CA HIS C 387 28.71 -36.20 -62.89
C HIS C 387 27.93 -37.47 -63.16
N LYS C 388 27.61 -37.71 -64.43
CA LYS C 388 26.91 -38.93 -64.82
C LYS C 388 27.85 -39.80 -65.65
N TYR C 389 28.38 -40.85 -65.03
CA TYR C 389 29.04 -41.95 -65.69
C TYR C 389 28.21 -43.21 -65.60
N ALA C 390 28.77 -44.30 -66.12
CA ALA C 390 28.15 -45.61 -66.03
C ALA C 390 29.25 -46.65 -65.87
N ASP C 391 28.86 -47.91 -65.90
CA ASP C 391 29.79 -49.02 -65.78
C ASP C 391 29.56 -49.99 -66.94
N GLY C 392 30.62 -50.29 -67.68
CA GLY C 392 30.44 -51.14 -68.83
C GLY C 392 30.01 -52.55 -68.51
N ASP C 393 30.75 -53.26 -67.66
CA ASP C 393 30.54 -54.70 -67.54
C ASP C 393 29.37 -55.03 -66.61
N ALA C 394 29.34 -54.46 -65.41
CA ALA C 394 28.10 -54.45 -64.64
C ALA C 394 27.22 -53.38 -65.26
N ASN C 395 26.01 -53.74 -65.60
CA ASN C 395 25.24 -52.84 -66.45
C ASN C 395 24.52 -51.91 -65.48
N VAL C 396 25.06 -50.71 -65.31
CA VAL C 396 24.84 -49.91 -64.10
C VAL C 396 25.04 -48.45 -64.43
N GLN C 397 24.23 -47.59 -63.83
CA GLN C 397 24.38 -46.15 -64.00
C GLN C 397 24.62 -45.48 -62.66
N LYS C 398 25.58 -44.53 -62.65
CA LYS C 398 26.08 -43.89 -61.45
C LYS C 398 25.98 -42.38 -61.58
N MET C 399 25.66 -41.70 -60.48
CA MET C 399 25.56 -40.25 -60.42
C MET C 399 26.10 -39.80 -59.08
N ARG C 400 26.93 -38.75 -59.06
CA ARG C 400 27.40 -38.15 -57.80
C ARG C 400 27.21 -36.64 -57.86
N PHE C 401 26.77 -36.08 -56.72
CA PHE C 401 26.56 -34.65 -56.49
C PHE C 401 27.54 -34.24 -55.40
N ASP C 402 28.32 -33.17 -55.63
CA ASP C 402 29.33 -32.77 -54.65
C ASP C 402 29.49 -31.26 -54.56
N LEU C 403 30.08 -30.83 -53.42
CA LEU C 403 30.27 -29.43 -53.04
C LEU C 403 31.55 -29.30 -52.19
N LEU C 404 32.37 -28.24 -52.42
CA LEU C 404 33.50 -27.87 -51.53
C LEU C 404 33.27 -26.62 -50.71
N PRO C 405 33.10 -26.74 -49.39
CA PRO C 405 33.10 -25.55 -48.53
C PRO C 405 34.50 -25.07 -48.16
N ALA C 406 34.58 -23.79 -47.78
CA ALA C 406 35.74 -23.19 -47.14
C ALA C 406 35.34 -22.58 -45.80
N TYR C 407 36.25 -22.60 -44.84
CA TYR C 407 36.02 -22.05 -43.51
C TYR C 407 37.08 -21.03 -43.15
N VAL C 408 36.74 -20.13 -42.21
CA VAL C 408 37.70 -19.21 -41.59
C VAL C 408 37.28 -19.03 -40.15
N CYS C 409 38.24 -19.07 -39.24
CA CYS C 409 38.02 -18.52 -37.91
C CYS C 409 38.88 -17.26 -37.79
N PHE C 410 38.23 -16.10 -37.77
CA PHE C 410 38.99 -14.87 -37.65
C PHE C 410 39.55 -14.70 -36.25
N ASN C 411 38.71 -14.78 -35.23
CA ASN C 411 39.12 -14.51 -33.86
C ASN C 411 38.43 -15.46 -32.90
N PRO C 412 39.10 -16.50 -32.44
CA PRO C 412 38.46 -17.47 -31.53
C PRO C 412 37.83 -16.88 -30.28
N HIS C 413 38.19 -15.65 -29.90
CA HIS C 413 37.71 -15.06 -28.67
C HIS C 413 36.37 -14.37 -28.81
N MET C 414 35.78 -14.40 -29.99
CA MET C 414 34.51 -13.73 -30.22
C MET C 414 33.28 -14.64 -30.24
N GLY C 415 33.39 -15.92 -29.91
CA GLY C 415 32.21 -16.77 -29.90
C GLY C 415 32.36 -17.87 -28.87
N GLY C 416 31.33 -18.68 -28.70
CA GLY C 416 31.43 -19.78 -27.75
C GLY C 416 30.11 -20.50 -27.58
N GLN C 417 29.96 -21.19 -26.43
CA GLN C 417 28.80 -22.03 -26.15
C GLN C 417 28.19 -21.62 -24.82
N PHE C 418 26.86 -21.43 -24.75
CA PHE C 418 26.29 -21.03 -23.47
C PHE C 418 25.17 -21.92 -22.99
N PHE C 419 25.01 -21.93 -21.67
CA PHE C 419 24.03 -22.76 -20.97
C PHE C 419 23.31 -21.91 -19.92
N GLY C 420 22.47 -22.54 -19.13
CA GLY C 420 21.81 -21.86 -18.04
C GLY C 420 22.70 -21.70 -16.81
N ASN C 421 22.22 -20.89 -15.86
CA ASN C 421 22.89 -20.74 -14.57
C ASN C 421 22.03 -21.34 -13.48
N PRO C 422 22.52 -22.35 -12.75
CA PRO C 422 21.65 -23.03 -11.78
C PRO C 422 21.52 -22.28 -10.45
N PRO D 1 -71.19 -30.97 -9.55
CA PRO D 1 -70.95 -32.30 -10.14
C PRO D 1 -71.14 -32.30 -11.65
N ASN D 2 -70.80 -31.22 -12.33
CA ASN D 2 -70.80 -31.26 -13.77
C ASN D 2 -69.63 -32.12 -14.24
N ASN D 3 -69.88 -33.05 -15.16
CA ASN D 3 -68.80 -33.83 -15.77
C ASN D 3 -68.73 -33.46 -17.25
N LEU D 4 -67.77 -32.60 -17.60
CA LEU D 4 -67.71 -32.04 -18.95
C LEU D 4 -66.65 -32.66 -19.84
N ASP D 5 -65.86 -33.62 -19.36
CA ASP D 5 -64.64 -33.95 -20.12
C ASP D 5 -64.88 -34.76 -21.40
N SER D 6 -66.10 -35.19 -21.72
CA SER D 6 -66.41 -35.67 -23.07
C SER D 6 -66.88 -34.58 -24.00
N ASN D 7 -66.85 -33.33 -23.59
CA ASN D 7 -67.22 -32.29 -24.50
C ASN D 7 -66.03 -31.83 -25.30
N VAL D 8 -64.83 -32.24 -24.90
CA VAL D 8 -63.56 -31.75 -25.41
C VAL D 8 -62.69 -32.95 -25.75
N SER D 9 -61.59 -32.70 -26.44
CA SER D 9 -60.72 -33.77 -26.91
C SER D 9 -59.27 -33.49 -26.54
N GLN D 10 -58.43 -34.54 -26.60
CA GLN D 10 -57.01 -34.45 -26.28
C GLN D 10 -56.20 -34.18 -27.53
N ILE D 11 -55.66 -32.98 -27.63
CA ILE D 11 -54.93 -32.56 -28.81
C ILE D 11 -53.44 -32.73 -28.58
N VAL D 12 -52.75 -33.24 -29.58
CA VAL D 12 -51.30 -33.21 -29.65
C VAL D 12 -50.97 -32.22 -30.76
N LEU D 13 -50.40 -31.08 -30.41
CA LEU D 13 -50.06 -30.06 -31.40
C LEU D 13 -49.03 -30.62 -32.37
N LYS D 14 -48.97 -30.04 -33.57
CA LYS D 14 -47.97 -30.48 -34.54
C LYS D 14 -46.79 -29.50 -34.46
N LYS D 15 -45.86 -29.80 -33.56
CA LYS D 15 -44.57 -29.13 -33.37
C LYS D 15 -43.65 -30.09 -32.64
N PHE D 16 -42.35 -30.03 -32.91
CA PHE D 16 -41.45 -30.82 -32.09
C PHE D 16 -40.60 -29.91 -31.19
N LEU D 17 -40.32 -30.44 -29.99
CA LEU D 17 -39.33 -29.88 -29.09
C LEU D 17 -37.92 -29.99 -29.68
N PRO D 18 -36.97 -29.19 -29.21
CA PRO D 18 -35.57 -29.33 -29.67
C PRO D 18 -34.94 -30.64 -29.21
N GLY D 19 -34.02 -31.16 -30.04
CA GLY D 19 -33.21 -32.30 -29.68
C GLY D 19 -31.75 -31.94 -29.38
N PHE D 20 -30.99 -32.94 -28.91
CA PHE D 20 -29.57 -32.68 -28.69
C PHE D 20 -28.75 -32.81 -29.98
N MET D 21 -27.53 -32.27 -29.95
CA MET D 21 -26.67 -32.06 -31.12
C MET D 21 -25.21 -32.34 -30.77
N SER D 22 -24.38 -32.59 -31.79
CA SER D 22 -22.95 -32.83 -31.64
C SER D 22 -22.16 -32.08 -32.72
N ASP D 23 -20.85 -31.88 -32.45
CA ASP D 23 -20.07 -30.90 -33.22
C ASP D 23 -19.53 -31.38 -34.58
N LEU D 24 -18.87 -32.55 -34.62
CA LEU D 24 -18.17 -33.07 -35.81
C LEU D 24 -17.10 -32.09 -36.35
N VAL D 25 -16.09 -31.87 -35.50
CA VAL D 25 -14.99 -30.97 -35.85
C VAL D 25 -13.87 -31.68 -36.62
N LEU D 26 -13.48 -32.89 -36.21
CA LEU D 26 -12.38 -33.57 -36.89
C LEU D 26 -12.64 -33.72 -38.38
N ALA D 27 -13.90 -33.94 -38.77
CA ALA D 27 -14.16 -34.29 -40.16
C ALA D 27 -13.78 -33.18 -41.14
N LYS D 28 -13.70 -31.94 -40.68
CA LYS D 28 -13.37 -30.84 -41.56
C LYS D 28 -11.90 -30.45 -41.54
N THR D 29 -11.11 -30.96 -40.59
CA THR D 29 -9.69 -30.62 -40.54
C THR D 29 -8.76 -31.73 -41.04
N VAL D 30 -9.26 -32.92 -41.39
CA VAL D 30 -8.34 -33.91 -41.94
C VAL D 30 -8.16 -33.61 -43.41
N ASP D 31 -7.30 -34.39 -44.05
CA ASP D 31 -7.03 -34.17 -45.46
C ASP D 31 -8.11 -34.84 -46.29
N ARG D 32 -8.66 -34.09 -47.24
CA ARG D 32 -9.86 -34.48 -47.96
C ARG D 32 -9.56 -34.69 -49.44
N GLN D 33 -9.06 -33.66 -50.12
CA GLN D 33 -8.89 -33.63 -51.56
C GLN D 33 -7.98 -34.74 -52.11
N LEU D 34 -7.20 -35.40 -51.26
CA LEU D 34 -6.16 -36.26 -51.81
C LEU D 34 -6.71 -37.62 -52.19
N LEU D 35 -7.61 -38.16 -51.39
CA LEU D 35 -8.16 -39.49 -51.62
C LEU D 35 -9.45 -39.46 -52.44
N ALA D 36 -9.88 -38.29 -52.92
CA ALA D 36 -11.19 -38.15 -53.56
C ALA D 36 -11.18 -38.70 -54.98
N GLY D 37 -12.04 -39.68 -55.25
CA GLY D 37 -12.17 -40.24 -56.58
C GLY D 37 -11.10 -41.24 -56.96
N GLU D 38 -10.27 -41.68 -56.02
CA GLU D 38 -9.19 -42.59 -56.36
C GLU D 38 -9.59 -44.05 -56.23
N ILE D 39 -10.72 -44.33 -55.60
CA ILE D 39 -11.20 -45.69 -55.43
C ILE D 39 -12.48 -45.80 -56.25
N ASN D 40 -12.42 -46.55 -57.34
CA ASN D 40 -13.56 -46.80 -58.20
C ASN D 40 -13.44 -48.24 -58.67
N SER D 41 -14.25 -48.63 -59.65
CA SER D 41 -14.40 -50.05 -59.92
C SER D 41 -13.23 -50.65 -60.72
N SER D 42 -12.30 -49.85 -61.22
CA SER D 42 -11.07 -50.45 -61.73
C SER D 42 -10.06 -50.78 -60.62
N THR D 43 -10.20 -50.15 -59.46
CA THR D 43 -9.23 -50.20 -58.36
C THR D 43 -9.40 -51.38 -57.39
N GLY D 44 -10.59 -51.87 -57.12
CA GLY D 44 -10.73 -52.75 -55.97
C GLY D 44 -10.75 -51.88 -54.75
N ASP D 45 -10.63 -52.50 -53.58
CA ASP D 45 -10.98 -51.83 -52.32
C ASP D 45 -9.83 -51.07 -51.65
N SER D 46 -8.71 -50.84 -52.34
CA SER D 46 -7.58 -50.14 -51.74
C SER D 46 -6.74 -49.47 -52.83
N VAL D 47 -6.05 -48.39 -52.45
CA VAL D 47 -5.12 -47.71 -53.35
C VAL D 47 -4.00 -47.14 -52.48
N SER D 48 -2.83 -46.86 -53.09
CA SER D 48 -1.63 -46.52 -52.34
C SER D 48 -0.99 -45.23 -52.84
N PHE D 49 -0.20 -44.59 -51.97
CA PHE D 49 0.59 -43.42 -52.32
C PHE D 49 2.03 -43.67 -51.90
N LYS D 50 2.96 -42.82 -52.39
CA LYS D 50 4.40 -43.05 -52.28
C LYS D 50 5.02 -42.29 -51.10
N ARG D 51 5.69 -43.02 -50.20
CA ARG D 51 6.56 -42.41 -49.20
C ARG D 51 7.75 -41.73 -49.86
N PRO D 52 8.18 -40.56 -49.40
CA PRO D 52 9.34 -39.89 -50.01
C PRO D 52 10.69 -40.50 -49.59
N HIS D 53 11.66 -40.48 -50.52
CA HIS D 53 13.01 -41.04 -50.37
C HIS D 53 13.96 -40.15 -49.53
N GLN D 54 14.96 -40.76 -48.91
CA GLN D 54 15.94 -40.00 -48.15
C GLN D 54 17.33 -40.57 -48.40
N PHE D 55 18.35 -39.71 -48.31
CA PHE D 55 19.70 -40.05 -48.72
C PHE D 55 20.69 -39.80 -47.59
N SER D 56 21.95 -40.15 -47.81
CA SER D 56 23.02 -39.80 -46.89
C SER D 56 24.26 -39.41 -47.67
N SER D 57 25.29 -38.96 -46.98
CA SER D 57 26.43 -38.39 -47.66
C SER D 57 27.74 -38.84 -47.02
N LEU D 58 28.79 -38.85 -47.84
CA LEU D 58 30.15 -39.16 -47.43
C LEU D 58 30.98 -37.89 -47.39
N ARG D 59 31.93 -37.83 -46.46
CA ARG D 59 32.78 -36.66 -46.27
C ARG D 59 34.24 -37.10 -46.22
N THR D 60 35.03 -36.63 -47.19
CA THR D 60 36.35 -37.17 -47.49
C THR D 60 37.25 -35.99 -47.82
N PRO D 61 38.55 -36.05 -47.48
CA PRO D 61 39.43 -34.94 -47.86
C PRO D 61 39.53 -34.75 -49.37
N THR D 62 39.75 -35.83 -50.11
CA THR D 62 39.86 -35.77 -51.57
C THR D 62 38.51 -35.80 -52.28
N GLY D 63 37.59 -36.65 -51.84
CA GLY D 63 36.45 -37.02 -52.64
C GLY D 63 36.53 -38.41 -53.20
N ASP D 64 37.53 -39.19 -52.82
CA ASP D 64 37.67 -40.56 -53.31
C ASP D 64 36.73 -41.48 -52.53
N ILE D 65 35.71 -42.00 -53.23
CA ILE D 65 34.69 -42.84 -52.60
C ILE D 65 34.88 -44.33 -52.90
N SER D 66 36.05 -44.73 -53.43
CA SER D 66 36.22 -46.06 -54.04
C SER D 66 35.72 -47.20 -53.15
N GLY D 67 36.18 -47.26 -51.90
CA GLY D 67 35.91 -48.42 -51.05
C GLY D 67 34.62 -48.38 -50.22
N GLN D 68 33.61 -47.62 -50.64
CA GLN D 68 32.51 -47.28 -49.75
C GLN D 68 31.13 -47.53 -50.34
N ASN D 69 30.09 -47.14 -49.60
CA ASN D 69 28.73 -47.58 -49.85
C ASN D 69 27.87 -46.43 -50.37
N LYS D 70 27.35 -46.60 -51.57
CA LYS D 70 26.39 -45.68 -52.15
C LYS D 70 24.99 -45.91 -51.57
N ASN D 71 24.14 -44.87 -51.66
CA ASN D 71 22.75 -44.96 -51.22
C ASN D 71 21.96 -45.93 -52.09
N ASN D 72 21.26 -46.88 -51.47
CA ASN D 72 20.27 -47.66 -52.20
C ASN D 72 18.97 -46.88 -52.32
N LEU D 73 18.17 -47.21 -53.32
CA LEU D 73 16.82 -46.67 -53.43
C LEU D 73 15.82 -47.71 -52.91
N ILE D 74 15.09 -47.36 -51.85
CA ILE D 74 14.14 -48.30 -51.26
C ILE D 74 12.77 -47.60 -51.26
N SER D 75 11.85 -48.08 -52.09
CA SER D 75 10.53 -47.48 -52.13
C SER D 75 9.63 -48.01 -51.00
N GLY D 76 8.71 -47.18 -50.56
CA GLY D 76 7.70 -47.60 -49.63
C GLY D 76 6.42 -46.88 -50.00
N LYS D 77 5.30 -47.38 -49.45
CA LYS D 77 3.99 -46.82 -49.79
C LYS D 77 3.07 -46.90 -48.58
N ALA D 78 2.06 -46.02 -48.56
CA ALA D 78 0.94 -46.05 -47.64
C ALA D 78 -0.34 -46.46 -48.37
N THR D 79 -1.26 -47.13 -47.68
CA THR D 79 -2.38 -47.80 -48.31
C THR D 79 -3.70 -47.45 -47.62
N GLY D 80 -4.67 -46.94 -48.41
CA GLY D 80 -6.04 -46.75 -47.91
C GLY D 80 -6.92 -47.96 -48.14
N ARG D 81 -8.00 -48.08 -47.36
CA ARG D 81 -8.92 -49.22 -47.50
C ARG D 81 -10.35 -48.75 -47.32
N VAL D 82 -11.32 -49.52 -47.85
CA VAL D 82 -12.72 -49.20 -47.59
C VAL D 82 -13.16 -49.87 -46.29
N GLY D 83 -14.04 -49.19 -45.56
CA GLY D 83 -14.54 -49.70 -44.29
C GLY D 83 -15.93 -50.32 -44.40
N ASN D 84 -16.55 -50.52 -43.25
CA ASN D 84 -17.90 -51.07 -43.18
C ASN D 84 -18.94 -50.07 -43.70
N TYR D 85 -20.10 -50.57 -44.10
CA TYR D 85 -21.14 -49.59 -44.37
C TYR D 85 -21.65 -48.98 -43.09
N ILE D 86 -22.31 -47.84 -43.22
CA ILE D 86 -23.12 -47.25 -42.18
C ILE D 86 -24.54 -47.26 -42.71
N THR D 87 -25.48 -47.83 -41.94
CA THR D 87 -26.83 -48.05 -42.43
C THR D 87 -27.83 -47.73 -41.34
N VAL D 88 -28.83 -46.92 -41.64
CA VAL D 88 -30.00 -46.81 -40.80
C VAL D 88 -31.22 -47.24 -41.60
N ALA D 89 -31.96 -48.21 -41.08
CA ALA D 89 -33.11 -48.82 -41.74
C ALA D 89 -34.36 -48.72 -40.88
N VAL D 90 -35.50 -48.34 -41.47
CA VAL D 90 -36.79 -48.27 -40.78
C VAL D 90 -37.88 -49.04 -41.55
N GLU D 91 -38.95 -49.40 -40.84
CA GLU D 91 -40.14 -49.99 -41.48
C GLU D 91 -41.42 -49.68 -40.70
N TYR D 92 -42.55 -49.67 -41.40
CA TYR D 92 -43.86 -49.47 -40.79
C TYR D 92 -44.93 -50.06 -41.71
N GLN D 93 -46.07 -50.42 -41.14
CA GLN D 93 -47.18 -51.06 -41.84
C GLN D 93 -47.95 -50.07 -42.71
N GLN D 94 -48.59 -50.59 -43.77
CA GLN D 94 -49.46 -49.71 -44.56
C GLN D 94 -50.60 -49.13 -43.74
N LEU D 95 -51.06 -49.86 -42.70
CA LEU D 95 -52.14 -49.34 -41.87
C LEU D 95 -51.74 -48.05 -41.17
N GLU D 96 -50.50 -47.99 -40.65
CA GLU D 96 -50.02 -46.80 -39.96
C GLU D 96 -49.88 -45.62 -40.90
N GLU D 97 -49.38 -45.86 -42.11
CA GLU D 97 -49.25 -44.79 -43.09
C GLU D 97 -50.59 -44.10 -43.34
N ALA D 98 -51.69 -44.81 -43.12
CA ALA D 98 -53.04 -44.30 -43.35
C ALA D 98 -53.57 -43.52 -42.14
N ILE D 99 -53.73 -44.19 -41.01
CA ILE D 99 -54.32 -43.54 -39.83
C ILE D 99 -53.29 -42.79 -38.97
N LYS D 100 -52.08 -43.34 -38.71
CA LYS D 100 -51.25 -42.80 -37.60
C LYS D 100 -50.05 -41.92 -37.93
N LEU D 101 -49.61 -41.75 -39.17
CA LEU D 101 -48.33 -41.05 -39.38
C LEU D 101 -48.53 -39.77 -40.17
N ASN D 102 -48.47 -38.65 -39.48
CA ASN D 102 -48.55 -37.36 -40.11
C ASN D 102 -47.24 -36.65 -39.82
N GLN D 103 -46.82 -35.79 -40.74
CA GLN D 103 -45.49 -35.19 -40.67
C GLN D 103 -44.39 -36.25 -40.69
N LEU D 104 -44.61 -37.35 -41.42
CA LEU D 104 -43.58 -38.38 -41.54
C LEU D 104 -42.27 -37.79 -41.98
N GLU D 105 -42.33 -36.75 -42.81
CA GLU D 105 -41.14 -36.07 -43.29
C GLU D 105 -40.36 -35.40 -42.15
N GLU D 106 -41.02 -34.95 -41.07
CA GLU D 106 -40.30 -34.49 -39.88
C GLU D 106 -39.86 -35.65 -39.00
N ILE D 107 -40.65 -36.72 -38.92
CA ILE D 107 -40.24 -37.89 -38.17
C ILE D 107 -38.88 -38.37 -38.62
N LEU D 108 -38.58 -38.29 -39.91
CA LEU D 108 -37.21 -38.63 -40.34
C LEU D 108 -36.54 -37.38 -40.91
N ALA D 109 -36.17 -36.42 -40.07
CA ALA D 109 -35.13 -35.45 -40.33
C ALA D 109 -33.81 -35.93 -39.73
N PRO D 110 -33.79 -36.21 -38.42
CA PRO D 110 -32.53 -36.60 -37.78
C PRO D 110 -31.85 -37.81 -38.39
N VAL D 111 -32.51 -38.51 -39.31
CA VAL D 111 -31.93 -39.76 -39.81
C VAL D 111 -30.62 -39.49 -40.53
N ARG D 112 -30.53 -38.40 -41.33
CA ARG D 112 -29.27 -38.17 -42.03
C ARG D 112 -28.17 -37.69 -41.11
N GLN D 113 -28.48 -36.96 -40.03
CA GLN D 113 -27.39 -36.64 -39.12
C GLN D 113 -26.98 -37.80 -38.23
N ARG D 114 -27.77 -38.85 -38.11
CA ARG D 114 -27.22 -40.02 -37.45
C ARG D 114 -26.05 -40.57 -38.22
N ILE D 115 -26.17 -40.61 -39.56
CA ILE D 115 -25.14 -41.19 -40.39
C ILE D 115 -23.82 -40.45 -40.20
N VAL D 116 -23.85 -39.13 -40.31
CA VAL D 116 -22.61 -38.35 -40.24
C VAL D 116 -22.03 -38.34 -38.81
N THR D 117 -22.87 -38.38 -37.80
CA THR D 117 -22.36 -38.51 -36.45
C THR D 117 -21.60 -39.80 -36.27
N ASP D 118 -22.08 -40.91 -36.82
CA ASP D 118 -21.36 -42.15 -36.59
C ASP D 118 -20.14 -42.28 -37.48
N LEU D 119 -19.98 -41.38 -38.45
CA LEU D 119 -18.74 -41.25 -39.19
C LEU D 119 -17.68 -40.60 -38.33
N GLU D 120 -18.00 -39.45 -37.71
CA GLU D 120 -17.03 -38.71 -36.89
C GLU D 120 -16.57 -39.53 -35.70
N THR D 121 -17.40 -40.45 -35.22
CA THR D 121 -17.02 -41.16 -34.00
C THR D 121 -16.06 -42.28 -34.36
N GLU D 122 -16.24 -42.88 -35.52
CA GLU D 122 -15.29 -43.88 -35.95
C GLU D 122 -13.99 -43.25 -36.39
N LEU D 123 -14.06 -42.07 -37.00
CA LEU D 123 -12.84 -41.37 -37.39
C LEU D 123 -11.95 -41.12 -36.19
N ALA D 124 -12.55 -40.62 -35.10
CA ALA D 124 -11.80 -40.38 -33.88
C ALA D 124 -11.13 -41.65 -33.35
N HIS D 125 -11.80 -42.80 -33.36
CA HIS D 125 -11.09 -44.01 -32.94
C HIS D 125 -9.93 -44.29 -33.87
N PHE D 126 -10.17 -44.24 -35.18
CA PHE D 126 -9.13 -44.55 -36.16
C PHE D 126 -7.85 -43.80 -35.86
N MET D 127 -7.95 -42.48 -35.63
CA MET D 127 -6.79 -41.64 -35.32
C MET D 127 -6.11 -42.06 -34.03
N MET D 128 -6.86 -42.06 -32.96
CA MET D 128 -6.40 -42.49 -31.64
C MET D 128 -5.72 -43.85 -31.66
N ASN D 129 -5.95 -44.68 -32.67
CA ASN D 129 -5.33 -46.00 -32.71
C ASN D 129 -4.05 -46.05 -33.52
N ASN D 130 -3.74 -45.01 -34.29
CA ASN D 130 -2.61 -45.03 -35.20
C ASN D 130 -1.50 -44.11 -34.71
N GLY D 131 -1.76 -42.82 -34.56
CA GLY D 131 -0.73 -41.87 -34.21
C GLY D 131 0.13 -42.30 -33.04
N ALA D 132 1.44 -42.31 -33.25
CA ALA D 132 2.41 -42.81 -32.30
C ALA D 132 2.80 -41.79 -31.24
N LEU D 133 2.72 -40.49 -31.55
CA LEU D 133 3.29 -39.47 -30.68
C LEU D 133 2.55 -39.34 -29.37
N SER D 134 3.26 -38.95 -28.30
CA SER D 134 2.66 -38.82 -26.98
C SER D 134 3.33 -37.74 -26.13
N LEU D 135 2.51 -36.96 -25.43
CA LEU D 135 2.93 -35.84 -24.61
C LEU D 135 2.19 -35.88 -23.29
N GLY D 136 2.87 -35.53 -22.21
CA GLY D 136 2.20 -35.53 -20.91
C GLY D 136 1.93 -36.94 -20.44
N SER D 137 0.76 -37.13 -19.80
CA SER D 137 0.30 -38.42 -19.27
C SER D 137 -1.11 -38.30 -18.69
N PRO D 138 -1.95 -39.31 -18.83
CA PRO D 138 -3.39 -39.16 -18.51
C PRO D 138 -3.70 -38.80 -17.06
N ASN D 139 -2.76 -38.95 -16.13
CA ASN D 139 -3.07 -38.65 -14.73
C ASN D 139 -3.27 -37.16 -14.47
N THR D 140 -2.70 -36.28 -15.31
CA THR D 140 -2.78 -34.84 -15.12
C THR D 140 -3.68 -34.22 -16.17
N PRO D 141 -4.73 -33.47 -15.81
CA PRO D 141 -5.51 -32.76 -16.83
C PRO D 141 -4.79 -31.53 -17.37
N ILE D 142 -5.21 -31.11 -18.57
CA ILE D 142 -4.69 -29.89 -19.18
C ILE D 142 -5.05 -28.65 -18.35
N THR D 143 -4.04 -27.87 -17.97
CA THR D 143 -4.25 -26.63 -17.22
C THR D 143 -3.43 -25.45 -17.76
N LYS D 144 -2.11 -25.56 -17.65
CA LYS D 144 -1.18 -24.47 -17.96
C LYS D 144 -1.18 -24.15 -19.45
N TRP D 145 -0.74 -22.95 -19.80
CA TRP D 145 -0.50 -22.63 -21.20
C TRP D 145 0.50 -23.56 -21.83
N SER D 146 1.51 -23.98 -21.10
CA SER D 146 2.56 -24.79 -21.67
C SER D 146 2.13 -26.20 -22.01
N ASP D 147 0.88 -26.58 -21.69
CA ASP D 147 0.34 -27.87 -22.10
C ASP D 147 -0.04 -27.84 -23.57
N VAL D 148 -0.98 -26.98 -23.95
CA VAL D 148 -1.26 -26.88 -25.37
C VAL D 148 -0.03 -26.47 -26.16
N ALA D 149 0.92 -25.77 -25.54
CA ALA D 149 2.03 -25.24 -26.31
C ALA D 149 3.05 -26.31 -26.66
N GLN D 150 3.24 -27.31 -25.80
CA GLN D 150 4.30 -28.26 -26.08
C GLN D 150 4.05 -28.99 -27.37
N THR D 151 2.82 -29.02 -27.85
CA THR D 151 2.51 -29.88 -29.00
C THR D 151 3.00 -29.27 -30.29
N ALA D 152 2.89 -27.95 -30.42
CA ALA D 152 3.31 -27.29 -31.64
C ALA D 152 4.82 -27.26 -31.78
N SER D 153 5.55 -27.18 -30.67
CA SER D 153 7.00 -27.12 -30.76
C SER D 153 7.61 -28.49 -30.89
N PHE D 154 6.86 -29.54 -30.58
CA PHE D 154 7.32 -30.91 -30.79
C PHE D 154 7.14 -31.32 -32.23
N LEU D 155 6.07 -30.88 -32.85
CA LEU D 155 5.91 -31.08 -34.28
C LEU D 155 6.97 -30.34 -35.07
N LYS D 156 7.42 -29.18 -34.60
CA LYS D 156 8.46 -28.46 -35.33
C LYS D 156 9.84 -29.02 -35.09
N ASP D 157 10.09 -29.57 -33.91
CA ASP D 157 11.38 -30.14 -33.63
C ASP D 157 11.61 -31.43 -34.40
N LEU D 158 10.56 -32.21 -34.66
CA LEU D 158 10.67 -33.37 -35.54
C LEU D 158 10.79 -32.98 -37.01
N GLY D 159 10.30 -31.80 -37.39
CA GLY D 159 10.43 -31.29 -38.73
C GLY D 159 9.19 -31.24 -39.63
N VAL D 160 7.98 -31.39 -39.08
CA VAL D 160 6.77 -31.26 -39.89
C VAL D 160 6.66 -29.85 -40.46
N ASN D 161 6.76 -29.70 -41.78
CA ASN D 161 6.72 -28.35 -42.30
C ASN D 161 5.54 -27.98 -43.17
N GLU D 162 4.68 -28.90 -43.60
CA GLU D 162 3.74 -28.57 -44.67
C GLU D 162 2.32 -28.76 -44.20
N GLY D 163 1.47 -27.83 -44.58
CA GLY D 163 0.11 -27.83 -44.07
C GLY D 163 0.05 -27.25 -42.66
N GLU D 164 -1.09 -27.47 -42.03
CA GLU D 164 -1.45 -26.78 -40.81
C GLU D 164 -1.61 -27.79 -39.68
N ASN D 165 -1.23 -27.44 -38.47
CA ASN D 165 -1.37 -28.34 -37.33
C ASN D 165 -2.56 -27.92 -36.49
N TYR D 166 -3.28 -28.93 -35.94
CA TYR D 166 -4.47 -28.73 -35.13
C TYR D 166 -4.33 -29.46 -33.82
N ALA D 167 -4.82 -28.86 -32.75
CA ALA D 167 -5.03 -29.52 -31.46
C ALA D 167 -6.51 -29.50 -31.14
N VAL D 168 -7.04 -30.62 -30.61
CA VAL D 168 -8.48 -30.76 -30.36
C VAL D 168 -8.72 -31.33 -28.97
N MET D 169 -9.64 -30.70 -28.21
CA MET D 169 -9.90 -31.04 -26.81
C MET D 169 -11.40 -30.95 -26.50
N ASP D 170 -11.80 -31.43 -25.31
CA ASP D 170 -13.21 -31.48 -24.93
C ASP D 170 -13.63 -30.23 -24.16
N PRO D 171 -14.91 -30.07 -23.86
CA PRO D 171 -15.35 -28.84 -23.18
C PRO D 171 -14.71 -28.59 -21.83
N TRP D 172 -14.45 -29.63 -21.06
CA TRP D 172 -13.88 -29.38 -19.75
C TRP D 172 -12.48 -28.82 -19.86
N SER D 173 -11.69 -29.30 -20.84
CA SER D 173 -10.32 -28.81 -21.02
C SER D 173 -10.30 -27.36 -21.47
N ALA D 174 -11.05 -27.03 -22.52
CA ALA D 174 -11.18 -25.66 -22.99
C ALA D 174 -11.61 -24.68 -21.90
N GLN D 175 -12.26 -25.14 -20.84
CA GLN D 175 -12.67 -24.27 -19.75
C GLN D 175 -11.54 -24.01 -18.78
N ARG D 176 -10.73 -25.02 -18.51
CA ARG D 176 -9.55 -24.80 -17.68
C ARG D 176 -8.51 -23.96 -18.39
N LEU D 177 -8.45 -23.99 -19.71
CA LEU D 177 -7.63 -23.01 -20.41
C LEU D 177 -8.27 -21.63 -20.43
N ALA D 178 -9.55 -21.54 -20.21
CA ALA D 178 -10.19 -20.23 -20.21
C ALA D 178 -9.91 -19.49 -18.94
N ASP D 179 -9.81 -20.16 -17.81
CA ASP D 179 -9.49 -19.39 -16.63
C ASP D 179 -8.01 -19.23 -16.39
N ALA D 180 -7.16 -20.00 -17.08
CA ALA D 180 -5.77 -19.61 -17.15
C ALA D 180 -5.63 -18.29 -17.88
N GLN D 181 -6.43 -18.07 -18.93
CA GLN D 181 -6.41 -16.81 -19.62
C GLN D 181 -7.00 -15.66 -18.81
N THR D 182 -7.86 -15.90 -17.83
CA THR D 182 -8.34 -14.79 -17.00
C THR D 182 -7.30 -14.31 -16.01
N GLY D 183 -6.12 -14.92 -15.94
CA GLY D 183 -5.06 -14.55 -15.02
C GLY D 183 -3.93 -13.71 -15.60
N LEU D 184 -3.93 -13.49 -16.91
CA LEU D 184 -2.91 -12.67 -17.55
C LEU D 184 -2.87 -11.27 -16.98
N HIS D 185 -1.66 -10.73 -16.86
CA HIS D 185 -1.46 -9.45 -16.19
C HIS D 185 -1.45 -8.27 -17.12
N ALA D 186 -1.65 -8.48 -18.41
CA ALA D 186 -1.38 -7.36 -19.30
C ALA D 186 -2.47 -7.08 -20.31
N SER D 187 -2.80 -8.06 -21.16
CA SER D 187 -3.57 -7.75 -22.36
C SER D 187 -5.01 -7.47 -22.01
N ASP D 188 -5.46 -6.24 -22.27
CA ASP D 188 -6.71 -5.80 -21.70
C ASP D 188 -7.87 -6.59 -22.28
N GLN D 189 -8.01 -6.58 -23.61
CA GLN D 189 -9.09 -7.31 -24.29
C GLN D 189 -9.04 -8.80 -24.03
N LEU D 190 -7.84 -9.36 -23.94
CA LEU D 190 -7.76 -10.81 -23.95
C LEU D 190 -8.31 -11.39 -22.65
N VAL D 191 -8.28 -10.65 -21.53
CA VAL D 191 -8.88 -11.19 -20.32
C VAL D 191 -10.37 -10.93 -20.30
N ARG D 192 -10.81 -9.80 -20.84
CA ARG D 192 -12.23 -9.52 -20.85
C ARG D 192 -13.00 -10.58 -21.60
N THR D 193 -12.48 -11.02 -22.75
CA THR D 193 -13.18 -12.03 -23.53
C THR D 193 -13.37 -13.31 -22.75
N ALA D 194 -12.34 -13.80 -22.11
CA ALA D 194 -12.50 -15.06 -21.40
C ALA D 194 -13.34 -14.92 -20.15
N TRP D 195 -13.39 -13.74 -19.56
CA TRP D 195 -14.21 -13.55 -18.36
C TRP D 195 -15.69 -13.55 -18.73
N GLU D 196 -16.09 -12.72 -19.69
CA GLU D 196 -17.40 -12.76 -20.32
C GLU D 196 -17.80 -14.13 -20.84
N ASN D 197 -17.14 -14.55 -21.92
CA ASN D 197 -17.57 -15.60 -22.84
C ASN D 197 -16.88 -16.95 -22.65
N ALA D 198 -15.89 -17.06 -21.79
CA ALA D 198 -15.13 -18.28 -21.62
C ALA D 198 -14.69 -18.86 -22.95
N GLN D 199 -14.13 -17.99 -23.80
CA GLN D 199 -13.57 -18.39 -25.08
C GLN D 199 -12.09 -18.08 -25.12
N ILE D 200 -11.39 -18.82 -25.95
CA ILE D 200 -9.96 -18.63 -26.14
C ILE D 200 -9.74 -18.35 -27.62
N PRO D 201 -8.59 -17.76 -27.98
CA PRO D 201 -8.38 -17.30 -29.35
C PRO D 201 -8.30 -18.43 -30.36
N THR D 202 -8.20 -18.08 -31.65
CA THR D 202 -8.08 -19.07 -32.70
C THR D 202 -6.75 -19.82 -32.61
N ASN D 203 -5.65 -19.07 -32.57
CA ASN D 203 -4.32 -19.64 -32.41
C ASN D 203 -3.96 -19.56 -30.95
N PHE D 204 -3.50 -20.67 -30.39
CA PHE D 204 -3.23 -20.74 -28.97
C PHE D 204 -1.94 -21.52 -28.81
N GLY D 205 -0.90 -20.90 -28.28
CA GLY D 205 0.37 -21.57 -28.18
C GLY D 205 1.04 -21.76 -29.52
N GLY D 206 0.67 -20.98 -30.52
CA GLY D 206 1.26 -21.15 -31.84
C GLY D 206 0.82 -22.39 -32.56
N ILE D 207 -0.32 -22.96 -32.19
CA ILE D 207 -1.01 -24.03 -32.91
C ILE D 207 -2.45 -23.58 -33.02
N ARG D 208 -3.22 -24.27 -33.84
CA ARG D 208 -4.60 -23.88 -34.08
C ARG D 208 -5.50 -24.77 -33.24
N ALA D 209 -6.19 -24.19 -32.27
CA ALA D 209 -6.88 -24.95 -31.24
C ALA D 209 -8.38 -24.98 -31.53
N LEU D 210 -9.00 -26.11 -31.19
CA LEU D 210 -10.42 -26.31 -31.43
C LEU D 210 -11.00 -27.12 -30.28
N MET D 211 -12.29 -26.86 -29.99
CA MET D 211 -13.09 -27.61 -29.03
C MET D 211 -14.11 -28.46 -29.77
N SER D 212 -14.36 -29.67 -29.25
CA SER D 212 -15.39 -30.54 -29.82
C SER D 212 -16.05 -31.36 -28.72
N ASN D 213 -17.38 -31.37 -28.64
CA ASN D 213 -17.98 -32.29 -27.67
C ASN D 213 -18.08 -33.72 -28.18
N GLY D 214 -18.33 -33.95 -29.47
CA GLY D 214 -18.22 -35.33 -29.93
C GLY D 214 -16.79 -35.81 -30.07
N LEU D 215 -16.36 -36.70 -29.18
CA LEU D 215 -15.01 -37.24 -29.23
C LEU D 215 -14.99 -38.51 -28.40
N ALA D 216 -14.26 -39.52 -28.84
CA ALA D 216 -14.36 -40.87 -28.29
C ALA D 216 -13.54 -41.01 -27.01
N SER D 217 -13.90 -42.00 -26.19
CA SER D 217 -13.15 -42.32 -24.98
C SER D 217 -12.49 -43.70 -25.12
N ARG D 218 -11.69 -44.08 -24.11
CA ARG D 218 -11.04 -45.38 -24.16
C ARG D 218 -10.67 -45.84 -22.76
N THR D 219 -10.63 -47.16 -22.57
CA THR D 219 -10.26 -47.75 -21.30
C THR D 219 -8.86 -48.36 -21.39
N GLN D 220 -8.09 -48.27 -20.29
CA GLN D 220 -6.70 -48.69 -20.30
C GLN D 220 -6.55 -50.21 -20.36
N GLY D 221 -7.31 -50.94 -19.55
CA GLY D 221 -7.02 -52.37 -19.47
C GLY D 221 -5.92 -52.67 -18.47
N ALA D 222 -5.99 -53.85 -17.84
CA ALA D 222 -5.32 -54.06 -16.55
C ALA D 222 -3.92 -54.61 -16.76
N PHE D 223 -2.91 -53.76 -16.53
CA PHE D 223 -1.49 -54.12 -16.69
C PHE D 223 -0.76 -53.87 -15.38
N GLY D 224 0.21 -54.75 -15.10
CA GLY D 224 0.97 -54.68 -13.86
C GLY D 224 2.26 -55.44 -14.02
N GLY D 225 3.12 -55.32 -13.00
CA GLY D 225 4.46 -55.88 -13.08
C GLY D 225 5.38 -54.99 -13.89
N THR D 226 6.67 -55.35 -13.86
CA THR D 226 7.71 -54.62 -14.57
C THR D 226 8.04 -55.33 -15.89
N LEU D 227 8.09 -54.57 -16.98
CA LEU D 227 8.09 -55.15 -18.32
C LEU D 227 9.43 -54.94 -19.02
N THR D 228 9.81 -55.93 -19.83
CA THR D 228 11.03 -55.89 -20.65
C THR D 228 10.76 -56.62 -21.95
N VAL D 229 11.55 -56.30 -22.99
CA VAL D 229 11.34 -56.94 -24.29
C VAL D 229 12.02 -58.30 -24.29
N LYS D 230 11.34 -59.31 -24.87
CA LYS D 230 11.86 -60.67 -24.78
C LYS D 230 12.93 -60.96 -25.84
N THR D 231 12.71 -60.52 -27.08
CA THR D 231 13.62 -60.79 -28.20
C THR D 231 13.88 -59.50 -28.95
N GLN D 232 14.93 -59.46 -29.78
CA GLN D 232 15.11 -58.30 -30.65
C GLN D 232 14.02 -58.23 -31.70
N PRO D 233 13.39 -57.08 -31.89
CA PRO D 233 12.48 -56.92 -33.03
C PRO D 233 13.27 -56.77 -34.31
N THR D 234 12.67 -57.15 -35.42
CA THR D 234 13.29 -56.86 -36.70
C THR D 234 12.71 -55.52 -37.11
N VAL D 235 13.47 -54.45 -36.92
CA VAL D 235 13.07 -53.14 -37.40
C VAL D 235 14.20 -52.59 -38.26
N THR D 236 14.05 -52.72 -39.57
CA THR D 236 14.92 -52.15 -40.56
C THR D 236 13.98 -51.51 -41.57
N TYR D 237 14.49 -50.84 -42.58
CA TYR D 237 13.49 -50.18 -43.39
C TYR D 237 12.82 -51.17 -44.33
N ASN D 238 13.46 -52.29 -44.65
CA ASN D 238 12.80 -53.29 -45.50
C ASN D 238 11.56 -53.87 -44.84
N ALA D 239 11.64 -54.18 -43.55
CA ALA D 239 10.54 -54.91 -42.92
C ALA D 239 9.30 -54.05 -42.82
N VAL D 240 9.45 -52.79 -42.42
CA VAL D 240 8.32 -51.96 -42.02
C VAL D 240 7.90 -50.98 -43.10
N LYS D 241 8.50 -51.01 -44.29
CA LYS D 241 8.38 -49.86 -45.20
C LYS D 241 6.97 -49.70 -45.77
N ASP D 242 6.16 -50.77 -45.83
CA ASP D 242 4.81 -50.68 -46.40
C ASP D 242 3.71 -50.42 -45.37
N SER D 243 4.01 -50.55 -44.09
CA SER D 243 3.02 -50.39 -43.04
C SER D 243 3.41 -49.31 -42.05
N TYR D 244 4.64 -49.39 -41.49
CA TYR D 244 5.02 -48.67 -40.26
C TYR D 244 4.37 -49.28 -39.04
N GLN D 245 4.37 -50.61 -38.96
CA GLN D 245 3.95 -51.29 -37.74
C GLN D 245 4.93 -52.40 -37.44
N PHE D 246 4.98 -52.85 -36.19
CA PHE D 246 5.85 -53.98 -35.91
C PHE D 246 5.35 -54.75 -34.69
N THR D 247 5.66 -56.03 -34.66
CA THR D 247 5.28 -56.91 -33.57
C THR D 247 6.45 -57.10 -32.62
N VAL D 248 6.18 -57.04 -31.31
CA VAL D 248 7.21 -57.31 -30.31
C VAL D 248 6.59 -58.04 -29.13
N THR D 249 7.30 -59.06 -28.63
CA THR D 249 6.87 -59.81 -27.45
C THR D 249 7.50 -59.24 -26.18
N LEU D 250 6.70 -59.21 -25.09
CA LEU D 250 7.08 -58.59 -23.83
C LEU D 250 7.03 -59.58 -22.68
N THR D 251 7.86 -59.36 -21.66
CA THR D 251 8.12 -60.32 -20.60
C THR D 251 7.89 -59.67 -19.23
N GLY D 252 7.58 -60.52 -18.24
CA GLY D 252 7.39 -60.05 -16.88
C GLY D 252 6.00 -59.53 -16.55
N ALA D 253 4.99 -59.88 -17.35
CA ALA D 253 3.64 -59.42 -17.11
C ALA D 253 2.98 -60.27 -16.03
N THR D 254 1.75 -59.91 -15.66
CA THR D 254 1.00 -60.63 -14.66
C THR D 254 0.40 -61.90 -15.27
N ALA D 255 0.22 -62.93 -14.44
CA ALA D 255 0.08 -64.32 -14.89
C ALA D 255 -0.87 -64.54 -16.06
N SER D 256 -2.19 -64.47 -15.87
CA SER D 256 -3.12 -64.66 -16.99
C SER D 256 -4.21 -63.60 -16.90
N VAL D 257 -4.23 -62.67 -17.84
CA VAL D 257 -5.11 -61.52 -17.79
C VAL D 257 -5.70 -61.31 -19.17
N THR D 258 -7.02 -61.22 -19.26
CA THR D 258 -7.65 -60.88 -20.52
C THR D 258 -7.69 -59.36 -20.68
N GLY D 259 -7.28 -58.89 -21.88
CA GLY D 259 -7.15 -57.47 -22.12
C GLY D 259 -6.08 -56.80 -21.28
N PHE D 260 -4.91 -57.42 -21.17
CA PHE D 260 -3.77 -56.82 -20.47
C PHE D 260 -3.43 -55.44 -21.04
N LEU D 261 -3.49 -55.28 -22.36
CA LEU D 261 -3.29 -54.01 -23.03
C LEU D 261 -4.41 -53.85 -24.05
N LYS D 262 -4.99 -52.67 -24.11
CA LYS D 262 -6.12 -52.47 -25.00
C LYS D 262 -5.77 -51.50 -26.13
N ALA D 263 -6.47 -51.67 -27.24
CA ALA D 263 -6.20 -50.83 -28.40
C ALA D 263 -6.30 -49.38 -28.00
N GLY D 264 -5.24 -48.63 -28.28
CA GLY D 264 -5.15 -47.22 -27.96
C GLY D 264 -4.17 -46.90 -26.88
N ASP D 265 -3.63 -47.91 -26.19
CA ASP D 265 -2.65 -47.61 -25.14
C ASP D 265 -1.34 -47.14 -25.76
N GLN D 266 -0.41 -46.75 -24.90
CA GLN D 266 0.87 -46.24 -25.40
C GLN D 266 2.01 -46.81 -24.58
N VAL D 267 2.87 -47.56 -25.23
CA VAL D 267 4.04 -48.19 -24.64
C VAL D 267 5.23 -47.29 -24.91
N LYS D 268 6.11 -47.12 -23.92
CA LYS D 268 7.25 -46.24 -24.05
C LYS D 268 8.54 -47.02 -23.82
N PHE D 269 9.53 -46.79 -24.67
CA PHE D 269 10.82 -47.46 -24.62
C PHE D 269 11.82 -46.49 -24.00
N THR D 270 12.25 -46.77 -22.78
CA THR D 270 12.88 -45.73 -21.96
C THR D 270 14.17 -45.19 -22.57
N ASN D 271 15.04 -46.07 -23.05
CA ASN D 271 16.39 -45.67 -23.41
C ASN D 271 16.60 -45.40 -24.90
N THR D 272 15.55 -45.40 -25.70
CA THR D 272 15.65 -45.21 -27.14
C THR D 272 14.96 -43.89 -27.48
N TYR D 273 15.66 -42.98 -28.14
CA TYR D 273 15.19 -41.60 -28.22
C TYR D 273 14.78 -41.25 -29.64
N TRP D 274 13.78 -40.38 -29.76
CA TRP D 274 13.45 -39.81 -31.06
C TRP D 274 14.62 -39.03 -31.61
N LEU D 275 14.78 -39.10 -32.92
CA LEU D 275 15.72 -38.26 -33.65
C LEU D 275 14.97 -37.11 -34.28
N GLN D 276 15.71 -36.18 -34.82
CA GLN D 276 15.11 -35.31 -35.81
C GLN D 276 15.21 -35.98 -37.16
N GLN D 277 14.14 -35.91 -37.92
CA GLN D 277 14.05 -36.79 -39.06
C GLN D 277 14.97 -36.37 -40.21
N GLN D 278 15.20 -35.06 -40.41
CA GLN D 278 16.12 -34.61 -41.44
C GLN D 278 17.57 -34.66 -40.95
N THR D 279 17.84 -34.06 -39.79
CA THR D 279 19.21 -33.84 -39.35
C THR D 279 19.83 -35.07 -38.73
N LYS D 280 19.02 -35.92 -38.11
CA LYS D 280 19.43 -37.16 -37.44
C LYS D 280 20.16 -36.94 -36.12
N GLN D 281 19.86 -35.87 -35.37
CA GLN D 281 20.44 -35.69 -34.04
C GLN D 281 19.34 -35.91 -33.02
N ALA D 282 19.69 -36.41 -31.84
CA ALA D 282 18.65 -36.78 -30.88
C ALA D 282 17.92 -35.54 -30.37
N LEU D 283 16.72 -35.73 -29.82
CA LEU D 283 15.93 -34.61 -29.33
C LEU D 283 16.02 -34.49 -27.82
N TYR D 284 16.43 -33.32 -27.34
CA TYR D 284 16.48 -33.02 -25.91
C TYR D 284 15.46 -31.95 -25.56
N ASN D 285 14.68 -32.21 -24.51
CA ASN D 285 13.77 -31.22 -23.95
C ASN D 285 14.34 -30.79 -22.61
N GLY D 286 14.94 -29.62 -22.57
CA GLY D 286 15.65 -29.24 -21.36
C GLY D 286 16.77 -30.24 -21.07
N ALA D 287 16.74 -30.80 -19.85
CA ALA D 287 17.83 -31.66 -19.41
C ALA D 287 17.75 -33.06 -20.02
N THR D 288 16.55 -33.53 -20.33
CA THR D 288 16.33 -34.96 -20.52
C THR D 288 15.97 -35.29 -21.96
N PRO D 289 16.31 -36.49 -22.42
CA PRO D 289 15.96 -36.90 -23.79
C PRO D 289 14.50 -37.33 -23.90
N ILE D 290 13.97 -37.28 -25.13
CA ILE D 290 12.58 -37.61 -25.39
C ILE D 290 12.50 -39.06 -25.85
N SER D 291 11.80 -39.91 -25.12
CA SER D 291 11.80 -41.32 -25.48
C SER D 291 10.91 -41.59 -26.69
N PHE D 292 11.15 -42.71 -27.34
CA PHE D 292 10.30 -43.20 -28.42
C PHE D 292 9.05 -43.85 -27.83
N THR D 293 7.95 -43.77 -28.57
CA THR D 293 6.67 -44.26 -28.07
C THR D 293 5.82 -44.73 -29.24
N ALA D 294 5.07 -45.82 -29.04
CA ALA D 294 4.23 -46.42 -30.06
C ALA D 294 2.88 -46.77 -29.45
N THR D 295 1.92 -47.15 -30.28
CA THR D 295 0.53 -47.34 -29.85
C THR D 295 0.09 -48.77 -30.08
N VAL D 296 -0.63 -49.32 -29.11
CA VAL D 296 -1.16 -50.67 -29.21
C VAL D 296 -2.36 -50.64 -30.15
N THR D 297 -2.27 -51.39 -31.23
CA THR D 297 -3.29 -51.28 -32.27
C THR D 297 -4.52 -52.16 -32.02
N ALA D 298 -4.37 -53.28 -31.30
CA ALA D 298 -5.47 -54.20 -31.04
C ALA D 298 -5.34 -54.77 -29.62
N ASP D 299 -6.38 -55.43 -29.15
CA ASP D 299 -6.35 -55.98 -27.80
C ASP D 299 -5.42 -57.18 -27.72
N ALA D 300 -4.77 -57.35 -26.57
CA ALA D 300 -3.74 -58.38 -26.41
C ALA D 300 -3.80 -58.99 -25.02
N ASN D 301 -3.75 -60.33 -24.96
CA ASN D 301 -3.92 -61.06 -23.71
C ASN D 301 -2.58 -61.58 -23.21
N SER D 302 -2.46 -61.66 -21.89
CA SER D 302 -1.25 -62.16 -21.24
C SER D 302 -1.41 -63.66 -20.95
N ASP D 303 -0.58 -64.48 -21.60
CA ASP D 303 -0.63 -65.92 -21.36
C ASP D 303 0.10 -66.28 -20.06
N SER D 304 -0.26 -67.45 -19.50
CA SER D 304 0.42 -67.93 -18.30
C SER D 304 1.92 -67.96 -18.52
N GLY D 305 2.69 -67.61 -17.49
CA GLY D 305 4.11 -67.36 -17.65
C GLY D 305 4.46 -65.93 -18.02
N GLY D 306 3.47 -65.05 -18.12
CA GLY D 306 3.69 -63.62 -18.25
C GLY D 306 4.31 -63.13 -19.53
N ASP D 307 3.80 -63.55 -20.69
CA ASP D 307 4.25 -63.04 -21.98
C ASP D 307 3.08 -62.39 -22.71
N VAL D 308 3.39 -61.36 -23.49
CA VAL D 308 2.38 -60.60 -24.22
C VAL D 308 2.96 -60.29 -25.59
N THR D 309 2.22 -60.61 -26.64
CA THR D 309 2.64 -60.32 -28.01
C THR D 309 1.68 -59.30 -28.59
N VAL D 310 2.21 -58.13 -28.96
CA VAL D 310 1.40 -56.98 -29.29
C VAL D 310 1.87 -56.37 -30.61
N THR D 311 0.94 -55.82 -31.38
CA THR D 311 1.27 -55.06 -32.58
C THR D 311 1.17 -53.58 -32.26
N LEU D 312 2.21 -52.82 -32.65
CA LEU D 312 2.32 -51.40 -32.33
C LEU D 312 2.35 -50.58 -33.60
N SER D 313 1.96 -49.32 -33.48
CA SER D 313 2.01 -48.38 -34.58
C SER D 313 3.02 -47.29 -34.23
N GLY D 314 3.96 -47.10 -35.16
CA GLY D 314 5.11 -46.25 -35.07
C GLY D 314 6.24 -47.26 -35.02
N VAL D 315 7.38 -46.96 -35.61
CA VAL D 315 8.50 -47.93 -35.62
C VAL D 315 9.85 -47.38 -35.23
N PRO D 316 10.57 -48.15 -34.33
CA PRO D 316 11.88 -47.60 -34.00
C PRO D 316 12.90 -48.07 -35.02
N ILE D 317 12.89 -47.49 -36.20
CA ILE D 317 13.80 -47.94 -37.23
C ILE D 317 15.24 -47.60 -36.96
N TYR D 318 16.05 -48.64 -36.99
CA TYR D 318 17.49 -48.54 -36.85
C TYR D 318 18.09 -49.54 -37.83
N ASP D 319 18.74 -49.05 -38.88
CA ASP D 319 19.20 -49.91 -39.95
C ASP D 319 20.68 -49.69 -40.15
N THR D 320 21.46 -50.77 -40.09
CA THR D 320 22.89 -50.65 -40.36
C THR D 320 23.15 -50.36 -41.84
N THR D 321 22.56 -51.16 -42.73
CA THR D 321 22.87 -51.03 -44.15
C THR D 321 22.34 -49.72 -44.76
N ASN D 322 21.25 -49.16 -44.27
CA ASN D 322 20.65 -47.96 -44.87
C ASN D 322 20.42 -46.91 -43.81
N PRO D 323 21.47 -46.50 -43.10
CA PRO D 323 21.27 -45.67 -41.90
C PRO D 323 20.51 -44.39 -42.16
N GLN D 324 20.38 -43.99 -43.42
CA GLN D 324 19.68 -42.78 -43.79
C GLN D 324 18.21 -42.79 -43.37
N TYR D 325 17.65 -43.92 -42.97
CA TYR D 325 16.23 -43.99 -42.63
C TYR D 325 15.91 -44.03 -41.15
N ASN D 326 16.92 -43.92 -40.27
CA ASN D 326 16.70 -44.13 -38.85
C ASN D 326 15.65 -43.18 -38.28
N SER D 327 14.83 -43.69 -37.36
CA SER D 327 13.96 -42.86 -36.56
C SER D 327 14.52 -42.52 -35.20
N VAL D 328 15.55 -43.22 -34.74
CA VAL D 328 15.71 -43.38 -33.31
C VAL D 328 17.19 -43.55 -33.04
N SER D 329 17.59 -43.42 -31.79
CA SER D 329 19.01 -43.30 -31.51
C SER D 329 19.76 -44.64 -31.45
N ARG D 330 19.07 -45.77 -31.32
CA ARG D 330 19.76 -47.03 -31.15
C ARG D 330 18.85 -48.20 -31.48
N GLN D 331 19.44 -49.39 -31.44
CA GLN D 331 18.75 -50.66 -31.62
C GLN D 331 18.09 -51.08 -30.32
N VAL D 332 16.76 -51.25 -30.34
CA VAL D 332 16.08 -51.93 -29.24
C VAL D 332 16.63 -53.35 -29.12
N GLU D 333 17.19 -53.69 -27.96
CA GLU D 333 17.78 -55.00 -27.74
C GLU D 333 16.95 -55.78 -26.72
N ALA D 334 16.98 -57.11 -26.83
CA ALA D 334 16.35 -57.97 -25.83
C ALA D 334 16.80 -57.58 -24.42
N GLY D 335 15.83 -57.37 -23.54
CA GLY D 335 16.12 -56.96 -22.18
C GLY D 335 15.97 -55.49 -21.87
N ASP D 336 15.35 -54.71 -22.75
CA ASP D 336 15.18 -53.27 -22.52
C ASP D 336 13.97 -53.00 -21.66
N ALA D 337 14.10 -52.07 -20.72
CA ALA D 337 12.96 -51.67 -19.91
C ALA D 337 11.95 -50.94 -20.78
N VAL D 338 10.66 -51.16 -20.49
CA VAL D 338 9.54 -50.46 -21.11
C VAL D 338 8.49 -50.22 -20.04
N SER D 339 7.59 -49.27 -20.30
CA SER D 339 6.48 -49.01 -19.38
C SER D 339 5.29 -48.43 -20.12
N VAL D 340 4.10 -48.65 -19.59
CA VAL D 340 2.86 -48.18 -20.20
C VAL D 340 2.46 -46.86 -19.55
N VAL D 341 2.09 -45.88 -20.38
CA VAL D 341 1.75 -44.55 -19.91
C VAL D 341 0.36 -44.58 -19.29
N GLY D 342 0.25 -44.09 -18.05
CA GLY D 342 -1.03 -44.02 -17.37
C GLY D 342 -1.18 -45.08 -16.27
N THR D 343 -2.38 -45.10 -15.69
CA THR D 343 -2.77 -45.98 -14.59
C THR D 343 -3.67 -47.09 -15.13
N ALA D 344 -3.62 -48.25 -14.46
CA ALA D 344 -4.17 -49.52 -14.92
C ALA D 344 -5.57 -49.47 -15.52
N SER D 345 -6.62 -49.19 -14.74
CA SER D 345 -7.97 -49.27 -15.28
C SER D 345 -8.63 -47.92 -15.60
N GLN D 346 -7.88 -46.82 -15.57
CA GLN D 346 -8.41 -45.49 -15.90
C GLN D 346 -9.22 -45.53 -17.20
N THR D 347 -10.23 -44.68 -17.28
CA THR D 347 -10.87 -44.34 -18.54
C THR D 347 -10.95 -42.82 -18.63
N MET D 348 -11.15 -42.29 -19.84
CA MET D 348 -10.80 -40.90 -20.14
C MET D 348 -11.16 -40.61 -21.60
N LYS D 349 -11.17 -39.32 -21.96
CA LYS D 349 -11.20 -38.91 -23.37
C LYS D 349 -9.87 -38.28 -23.74
N PRO D 350 -9.16 -38.82 -24.74
CA PRO D 350 -7.86 -38.24 -25.10
C PRO D 350 -8.02 -36.95 -25.88
N ASN D 351 -7.03 -36.07 -25.78
CA ASN D 351 -6.91 -34.94 -26.68
C ASN D 351 -6.00 -35.37 -27.83
N LEU D 352 -6.27 -34.85 -29.03
CA LEU D 352 -5.53 -35.26 -30.21
C LEU D 352 -4.80 -34.07 -30.84
N PHE D 353 -3.52 -34.24 -31.20
CA PHE D 353 -2.85 -33.24 -32.02
C PHE D 353 -2.25 -33.92 -33.24
N TYR D 354 -2.37 -33.27 -34.39
CA TYR D 354 -1.94 -33.89 -35.64
C TYR D 354 -1.68 -32.83 -36.71
N ASN D 355 -0.82 -33.20 -37.65
CA ASN D 355 -0.61 -32.48 -38.89
C ASN D 355 -1.72 -32.80 -39.88
N LYS D 356 -2.01 -31.85 -40.79
CA LYS D 356 -3.04 -32.08 -41.80
C LYS D 356 -2.85 -33.39 -42.55
N PHE D 357 -1.65 -33.71 -42.99
CA PHE D 357 -1.52 -34.96 -43.73
C PHE D 357 -1.00 -35.95 -42.71
N PHE D 358 -1.93 -36.66 -42.10
CA PHE D 358 -1.72 -37.68 -41.10
C PHE D 358 -2.71 -38.79 -41.37
N CYS D 359 -4.00 -38.46 -41.29
CA CYS D 359 -5.10 -39.30 -41.72
C CYS D 359 -5.88 -38.57 -42.82
N GLY D 360 -6.62 -39.34 -43.60
CA GLY D 360 -7.43 -38.77 -44.67
C GLY D 360 -8.73 -39.55 -44.80
N LEU D 361 -9.69 -38.93 -45.48
CA LEU D 361 -11.03 -39.46 -45.48
C LEU D 361 -11.64 -39.29 -46.85
N GLY D 362 -12.48 -40.25 -47.23
CA GLY D 362 -13.11 -40.21 -48.53
C GLY D 362 -14.36 -41.07 -48.49
N SER D 363 -15.19 -40.92 -49.51
CA SER D 363 -16.37 -41.76 -49.61
C SER D 363 -16.62 -42.10 -51.07
N ILE D 364 -17.39 -43.17 -51.26
CA ILE D 364 -17.52 -43.87 -52.52
C ILE D 364 -18.95 -43.77 -53.03
N PRO D 365 -19.19 -43.24 -54.22
CA PRO D 365 -20.55 -43.25 -54.80
C PRO D 365 -21.15 -44.66 -54.84
N LEU D 366 -22.39 -44.80 -54.31
CA LEU D 366 -23.04 -46.12 -54.36
C LEU D 366 -23.97 -46.21 -55.55
N PRO D 367 -23.91 -47.29 -56.33
CA PRO D 367 -24.86 -47.48 -57.43
C PRO D 367 -26.23 -47.92 -56.93
N LYS D 368 -27.20 -47.82 -57.84
CA LYS D 368 -28.62 -48.03 -57.57
C LYS D 368 -28.99 -49.50 -57.68
N LEU D 369 -29.68 -50.09 -56.71
CA LEU D 369 -30.12 -51.48 -56.85
C LEU D 369 -31.21 -51.49 -57.93
N HIS D 370 -31.30 -52.49 -58.82
CA HIS D 370 -32.38 -52.44 -59.84
C HIS D 370 -33.74 -52.96 -59.46
N SER D 371 -34.76 -52.25 -59.94
CA SER D 371 -36.15 -52.55 -59.66
C SER D 371 -36.57 -51.99 -58.32
N ILE D 372 -35.79 -51.07 -57.78
CA ILE D 372 -36.07 -50.44 -56.52
C ILE D 372 -35.94 -48.96 -56.79
N ASP D 373 -36.59 -48.10 -56.02
CA ASP D 373 -36.51 -46.66 -56.26
C ASP D 373 -35.59 -45.95 -55.30
N SER D 374 -34.94 -44.88 -55.74
CA SER D 374 -33.95 -44.24 -54.88
C SER D 374 -33.69 -42.81 -55.32
N ALA D 375 -33.00 -42.08 -54.44
CA ALA D 375 -32.55 -40.70 -54.66
C ALA D 375 -31.30 -40.46 -53.83
N VAL D 376 -30.60 -39.36 -54.14
CA VAL D 376 -29.41 -38.92 -53.40
C VAL D 376 -29.66 -37.55 -52.76
N ALA D 377 -29.22 -37.39 -51.51
CA ALA D 377 -29.23 -36.10 -50.82
C ALA D 377 -27.94 -35.95 -50.03
N THR D 378 -27.25 -34.80 -50.19
CA THR D 378 -26.03 -34.50 -49.43
C THR D 378 -26.35 -33.72 -48.16
N TYR D 379 -25.65 -34.05 -47.09
CA TYR D 379 -25.69 -33.25 -45.87
C TYR D 379 -24.31 -33.23 -45.22
N GLU D 380 -23.78 -32.02 -45.00
CA GLU D 380 -22.38 -31.82 -44.60
C GLU D 380 -21.42 -32.25 -45.70
N GLY D 381 -21.81 -32.04 -46.95
CA GLY D 381 -20.95 -32.47 -48.04
C GLY D 381 -20.58 -33.95 -48.04
N PHE D 382 -21.55 -34.82 -47.74
CA PHE D 382 -21.46 -36.26 -47.91
C PHE D 382 -22.72 -36.72 -48.65
N SER D 383 -22.57 -37.58 -49.65
CA SER D 383 -23.72 -38.06 -50.43
C SER D 383 -24.29 -39.34 -49.81
N ILE D 384 -25.62 -39.40 -49.66
CA ILE D 384 -26.26 -40.52 -49.00
C ILE D 384 -27.40 -41.07 -49.89
N ARG D 385 -27.32 -42.35 -50.29
CA ARG D 385 -28.43 -43.04 -50.96
C ARG D 385 -29.54 -43.43 -49.99
N VAL D 386 -30.77 -43.44 -50.52
CA VAL D 386 -31.91 -44.00 -49.83
C VAL D 386 -32.67 -44.91 -50.81
N HIS D 387 -32.91 -46.14 -50.41
CA HIS D 387 -33.76 -47.05 -51.18
C HIS D 387 -35.10 -47.18 -50.49
N LYS D 388 -36.17 -47.05 -51.26
CA LYS D 388 -37.54 -47.19 -50.78
C LYS D 388 -38.17 -48.41 -51.46
N TYR D 389 -38.43 -49.47 -50.71
CA TYR D 389 -39.00 -50.68 -51.27
C TYR D 389 -40.01 -51.23 -50.27
N ALA D 390 -40.64 -52.36 -50.59
CA ALA D 390 -41.73 -52.83 -49.75
C ALA D 390 -41.90 -54.33 -49.90
N ASP D 391 -42.61 -54.92 -48.94
CA ASP D 391 -42.95 -56.33 -48.94
C ASP D 391 -44.45 -56.50 -49.23
N GLY D 392 -44.77 -57.07 -50.39
CA GLY D 392 -46.17 -57.13 -50.81
C GLY D 392 -47.02 -58.02 -49.93
N ASP D 393 -46.45 -59.13 -49.44
CA ASP D 393 -47.25 -60.09 -48.68
C ASP D 393 -47.44 -59.66 -47.23
N ALA D 394 -46.38 -59.23 -46.54
CA ALA D 394 -46.53 -58.71 -45.17
C ALA D 394 -47.13 -57.31 -45.14
N ASN D 395 -47.11 -56.58 -46.26
CA ASN D 395 -47.82 -55.31 -46.39
C ASN D 395 -47.17 -54.18 -45.58
N VAL D 396 -45.83 -54.11 -45.59
CA VAL D 396 -45.06 -53.12 -44.85
C VAL D 396 -44.14 -52.37 -45.81
N GLN D 397 -43.64 -51.22 -45.36
CA GLN D 397 -42.81 -50.37 -46.19
C GLN D 397 -41.46 -50.13 -45.55
N LYS D 398 -40.39 -50.13 -46.37
CA LYS D 398 -39.01 -50.20 -45.90
C LYS D 398 -38.16 -49.11 -46.53
N MET D 399 -37.35 -48.44 -45.73
CA MET D 399 -36.39 -47.47 -46.22
C MET D 399 -35.05 -47.77 -45.57
N ARG D 400 -33.96 -47.68 -46.35
CA ARG D 400 -32.61 -47.81 -45.81
C ARG D 400 -31.78 -46.64 -46.34
N PHE D 401 -30.90 -46.11 -45.50
CA PHE D 401 -30.01 -45.01 -45.83
C PHE D 401 -28.58 -45.51 -45.62
N ASP D 402 -27.69 -45.35 -46.63
CA ASP D 402 -26.35 -45.93 -46.60
C ASP D 402 -25.26 -44.91 -46.96
N LEU D 403 -24.05 -45.12 -46.43
CA LEU D 403 -22.84 -44.42 -46.87
C LEU D 403 -21.61 -45.30 -46.68
N LEU D 404 -20.66 -45.30 -47.67
CA LEU D 404 -19.36 -46.01 -47.53
C LEU D 404 -18.19 -45.09 -47.24
N PRO D 405 -17.50 -45.25 -46.10
CA PRO D 405 -16.28 -44.48 -45.85
C PRO D 405 -15.01 -45.20 -46.28
N ALA D 406 -13.88 -44.48 -46.19
CA ALA D 406 -12.56 -44.95 -46.56
C ALA D 406 -11.51 -44.17 -45.75
N TYR D 407 -10.39 -44.83 -45.41
CA TYR D 407 -9.42 -44.23 -44.49
C TYR D 407 -7.99 -44.57 -44.87
N VAL D 408 -7.11 -43.58 -44.84
CA VAL D 408 -5.67 -43.78 -44.92
C VAL D 408 -5.04 -43.30 -43.63
N CYS D 409 -3.95 -43.94 -43.21
CA CYS D 409 -3.01 -43.30 -42.31
C CYS D 409 -1.73 -43.07 -43.11
N PHE D 410 -1.49 -41.82 -43.50
CA PHE D 410 -0.30 -41.54 -44.31
C PHE D 410 0.96 -41.77 -43.50
N ASN D 411 1.10 -41.09 -42.38
CA ASN D 411 2.27 -41.33 -41.56
C ASN D 411 1.86 -41.42 -40.09
N PRO D 412 2.28 -42.45 -39.36
CA PRO D 412 1.93 -42.52 -37.92
C PRO D 412 2.66 -41.50 -37.09
N HIS D 413 3.78 -41.00 -37.57
CA HIS D 413 4.68 -40.16 -36.81
C HIS D 413 4.31 -38.71 -36.88
N MET D 414 3.23 -38.36 -37.53
CA MET D 414 2.73 -36.99 -37.53
C MET D 414 1.53 -36.72 -36.63
N GLY D 415 1.07 -37.66 -35.80
CA GLY D 415 0.02 -37.31 -34.84
C GLY D 415 0.11 -38.13 -33.58
N GLY D 416 -0.68 -37.75 -32.58
CA GLY D 416 -0.66 -38.48 -31.32
C GLY D 416 -1.74 -38.03 -30.36
N GLN D 417 -1.55 -38.33 -29.07
CA GLN D 417 -2.45 -37.93 -27.98
C GLN D 417 -1.68 -37.12 -26.94
N PHE D 418 -2.28 -36.05 -26.40
CA PHE D 418 -1.56 -35.27 -25.39
C PHE D 418 -2.37 -35.01 -24.15
N PHE D 419 -1.68 -34.99 -23.01
CA PHE D 419 -2.24 -34.72 -21.71
C PHE D 419 -1.41 -33.64 -21.04
N GLY D 420 -1.69 -33.30 -19.78
CA GLY D 420 -0.91 -32.31 -19.07
C GLY D 420 0.39 -32.87 -18.53
N ASN D 421 1.18 -31.98 -17.97
CA ASN D 421 2.47 -32.35 -17.37
C ASN D 421 2.43 -32.18 -15.88
N PRO D 422 2.73 -33.23 -15.13
CA PRO D 422 2.68 -33.24 -13.66
C PRO D 422 3.60 -32.18 -13.02
N PRO E 1 -51.12 23.13 37.69
CA PRO E 1 -51.62 22.02 36.84
C PRO E 1 -52.59 22.45 35.73
N ASN E 2 -52.08 22.95 34.61
CA ASN E 2 -52.92 23.18 33.45
C ASN E 2 -53.19 21.85 32.77
N ASN E 3 -54.44 21.60 32.40
CA ASN E 3 -54.79 20.38 31.66
C ASN E 3 -55.25 20.80 30.26
N LEU E 4 -54.37 20.65 29.27
CA LEU E 4 -54.64 21.12 27.92
C LEU E 4 -55.06 20.01 26.93
N ASP E 5 -55.27 18.77 27.41
CA ASP E 5 -55.56 17.61 26.54
C ASP E 5 -56.61 17.89 25.46
N SER E 6 -57.70 18.54 25.84
CA SER E 6 -58.83 18.73 24.95
C SER E 6 -58.64 19.89 24.00
N ASN E 7 -57.51 20.55 24.01
CA ASN E 7 -57.32 21.68 23.13
C ASN E 7 -56.67 21.28 21.82
N VAL E 8 -56.17 20.05 21.73
CA VAL E 8 -55.38 19.60 20.58
C VAL E 8 -56.08 18.39 20.01
N SER E 9 -55.44 17.71 19.06
CA SER E 9 -56.02 16.52 18.45
C SER E 9 -54.90 15.59 17.97
N GLN E 10 -55.23 14.30 17.80
CA GLN E 10 -54.28 13.27 17.37
C GLN E 10 -54.32 13.14 15.87
N ILE E 11 -53.31 13.63 15.21
CA ILE E 11 -53.28 13.64 13.76
C ILE E 11 -52.66 12.34 13.27
N VAL E 12 -53.19 11.81 12.18
CA VAL E 12 -52.52 10.81 11.37
C VAL E 12 -52.35 11.43 10.00
N LEU E 13 -51.11 11.70 9.62
CA LEU E 13 -50.82 12.31 8.33
C LEU E 13 -51.17 11.35 7.21
N LYS E 14 -51.47 11.89 6.02
CA LYS E 14 -51.82 11.02 4.91
C LYS E 14 -50.59 10.85 4.04
N LYS E 15 -49.81 9.83 4.36
CA LYS E 15 -48.62 9.37 3.65
C LYS E 15 -48.34 7.96 4.12
N PHE E 16 -47.81 7.12 3.24
CA PHE E 16 -47.40 5.82 3.73
C PHE E 16 -45.88 5.71 3.73
N LEU E 17 -45.38 4.87 4.61
CA LEU E 17 -43.98 4.52 4.59
C LEU E 17 -43.72 3.64 3.37
N PRO E 18 -42.47 3.55 2.92
CA PRO E 18 -42.14 2.59 1.86
C PRO E 18 -42.34 1.15 2.32
N GLY E 19 -42.69 0.27 1.36
CA GLY E 19 -42.80 -1.15 1.62
C GLY E 19 -41.55 -1.89 1.19
N PHE E 20 -41.58 -3.21 1.39
CA PHE E 20 -40.57 -4.05 0.73
C PHE E 20 -41.04 -4.46 -0.66
N MET E 21 -40.07 -4.74 -1.54
CA MET E 21 -40.39 -5.26 -2.87
C MET E 21 -39.62 -6.52 -3.21
N SER E 22 -39.76 -6.95 -4.46
CA SER E 22 -39.05 -8.10 -4.98
C SER E 22 -39.04 -7.99 -6.50
N ASP E 23 -38.07 -8.63 -7.11
CA ASP E 23 -37.88 -8.46 -8.54
C ASP E 23 -38.29 -9.71 -9.30
N LEU E 24 -38.71 -9.49 -10.54
CA LEU E 24 -39.34 -10.49 -11.38
C LEU E 24 -38.41 -10.77 -12.55
N VAL E 25 -37.76 -11.94 -12.56
CA VAL E 25 -36.84 -12.30 -13.63
C VAL E 25 -37.27 -13.57 -14.35
N LEU E 26 -37.46 -14.67 -13.60
CA LEU E 26 -37.73 -15.97 -14.20
C LEU E 26 -38.79 -15.90 -15.30
N ALA E 27 -39.88 -15.17 -15.06
CA ALA E 27 -40.99 -15.16 -16.01
C ALA E 27 -40.59 -14.64 -17.38
N LYS E 28 -39.55 -13.82 -17.50
CA LYS E 28 -39.17 -13.33 -18.83
C LYS E 28 -38.30 -14.34 -19.58
N THR E 29 -37.56 -15.18 -18.86
CA THR E 29 -36.57 -16.03 -19.49
C THR E 29 -37.06 -17.44 -19.79
N VAL E 30 -38.20 -17.87 -19.28
CA VAL E 30 -38.76 -19.12 -19.80
C VAL E 30 -39.49 -18.84 -21.10
N ASP E 31 -39.66 -19.88 -21.90
CA ASP E 31 -40.43 -19.78 -23.13
C ASP E 31 -41.90 -19.44 -22.85
N ARG E 32 -42.45 -18.60 -23.72
CA ARG E 32 -43.84 -18.17 -23.67
C ARG E 32 -44.51 -18.43 -25.01
N GLN E 33 -43.98 -17.89 -26.11
CA GLN E 33 -44.68 -17.94 -27.38
C GLN E 33 -45.08 -19.34 -27.82
N LEU E 34 -44.59 -20.39 -27.16
CA LEU E 34 -44.91 -21.74 -27.59
C LEU E 34 -46.25 -22.21 -27.08
N LEU E 35 -46.60 -21.86 -25.84
CA LEU E 35 -47.83 -22.25 -25.17
C LEU E 35 -48.92 -21.18 -25.27
N ALA E 36 -48.72 -20.11 -26.05
CA ALA E 36 -49.63 -18.96 -26.04
C ALA E 36 -50.95 -19.28 -26.74
N GLY E 37 -52.07 -19.10 -26.03
CA GLY E 37 -53.38 -19.30 -26.63
C GLY E 37 -53.72 -20.72 -26.98
N GLU E 38 -52.84 -21.68 -26.68
CA GLU E 38 -53.06 -23.07 -27.08
C GLU E 38 -54.09 -23.81 -26.25
N ILE E 39 -54.37 -23.36 -25.03
CA ILE E 39 -55.40 -23.98 -24.20
C ILE E 39 -56.63 -23.07 -24.25
N ASN E 40 -57.76 -23.62 -24.70
CA ASN E 40 -58.98 -22.83 -24.88
C ASN E 40 -60.18 -23.78 -24.79
N SER E 41 -61.36 -23.29 -25.20
CA SER E 41 -62.61 -24.03 -24.96
C SER E 41 -62.63 -25.42 -25.60
N SER E 42 -61.91 -25.64 -26.70
CA SER E 42 -61.93 -26.96 -27.35
C SER E 42 -61.00 -27.96 -26.70
N THR E 43 -60.02 -27.49 -25.93
CA THR E 43 -58.90 -28.28 -25.47
C THR E 43 -59.15 -29.07 -24.18
N GLY E 44 -59.86 -28.51 -23.22
CA GLY E 44 -59.89 -29.10 -21.90
C GLY E 44 -58.69 -28.57 -21.14
N ASP E 45 -58.34 -29.26 -20.05
CA ASP E 45 -57.39 -28.71 -19.08
C ASP E 45 -55.92 -29.05 -19.36
N SER E 46 -55.58 -29.67 -20.50
CA SER E 46 -54.19 -30.00 -20.79
C SER E 46 -53.97 -30.08 -22.30
N VAL E 47 -52.70 -29.98 -22.73
CA VAL E 47 -52.35 -30.09 -24.14
C VAL E 47 -50.92 -30.60 -24.22
N SER E 48 -50.55 -31.26 -25.35
CA SER E 48 -49.29 -31.99 -25.45
C SER E 48 -48.48 -31.55 -26.65
N PHE E 49 -47.15 -31.76 -26.57
CA PHE E 49 -46.24 -31.49 -27.68
C PHE E 49 -45.43 -32.75 -27.96
N LYS E 50 -44.79 -32.80 -29.13
CA LYS E 50 -44.12 -34.00 -29.64
C LYS E 50 -42.62 -33.97 -29.35
N ARG E 51 -42.11 -35.06 -28.77
CA ARG E 51 -40.69 -35.31 -28.55
C ARG E 51 -39.98 -35.76 -29.84
N PRO E 52 -38.69 -35.43 -30.00
CA PRO E 52 -37.97 -35.85 -31.22
C PRO E 52 -37.60 -37.33 -31.24
N HIS E 53 -37.46 -37.85 -32.46
CA HIS E 53 -37.15 -39.24 -32.75
C HIS E 53 -35.65 -39.45 -32.85
N GLN E 54 -35.18 -40.61 -32.40
CA GLN E 54 -33.75 -40.92 -32.46
C GLN E 54 -33.55 -42.27 -33.11
N PHE E 55 -32.46 -42.43 -33.87
CA PHE E 55 -32.21 -43.64 -34.62
C PHE E 55 -30.89 -44.25 -34.19
N SER E 56 -30.56 -45.42 -34.75
CA SER E 56 -29.23 -45.99 -34.57
C SER E 56 -28.87 -46.84 -35.78
N SER E 57 -27.58 -47.01 -36.03
CA SER E 57 -27.14 -47.57 -37.30
C SER E 57 -26.60 -48.99 -37.12
N LEU E 58 -26.21 -49.60 -38.25
CA LEU E 58 -25.62 -50.93 -38.29
C LEU E 58 -24.33 -50.87 -39.09
N ARG E 59 -23.35 -51.69 -38.72
CA ARG E 59 -22.06 -51.73 -39.39
C ARG E 59 -21.83 -53.14 -39.91
N THR E 60 -21.77 -53.29 -41.23
CA THR E 60 -21.63 -54.59 -41.89
C THR E 60 -20.55 -54.47 -42.96
N PRO E 61 -19.73 -55.50 -43.18
CA PRO E 61 -18.84 -55.44 -44.36
C PRO E 61 -19.61 -55.41 -45.67
N THR E 62 -20.60 -56.28 -45.83
CA THR E 62 -21.36 -56.38 -47.06
C THR E 62 -22.51 -55.38 -47.18
N GLY E 63 -23.05 -54.88 -46.07
CA GLY E 63 -24.28 -54.13 -46.12
C GLY E 63 -25.53 -54.99 -46.04
N ASP E 64 -25.39 -56.28 -45.74
CA ASP E 64 -26.51 -57.22 -45.68
C ASP E 64 -27.08 -57.28 -44.26
N ILE E 65 -28.27 -56.71 -44.09
CA ILE E 65 -28.91 -56.55 -42.78
C ILE E 65 -30.01 -57.56 -42.52
N SER E 66 -30.14 -58.61 -43.33
CA SER E 66 -31.37 -59.42 -43.34
C SER E 66 -31.85 -59.91 -41.97
N GLY E 67 -31.23 -60.91 -41.35
CA GLY E 67 -31.63 -61.15 -39.97
C GLY E 67 -30.96 -60.12 -39.08
N GLN E 68 -31.73 -59.21 -38.48
CA GLN E 68 -31.30 -58.14 -37.57
C GLN E 68 -32.44 -57.18 -37.28
N ASN E 69 -32.28 -56.33 -36.28
CA ASN E 69 -33.35 -55.45 -35.83
C ASN E 69 -33.20 -54.06 -36.43
N LYS E 70 -34.27 -53.57 -37.04
CA LYS E 70 -34.32 -52.21 -37.53
C LYS E 70 -34.66 -51.26 -36.38
N ASN E 71 -34.93 -50.00 -36.69
CA ASN E 71 -35.36 -49.03 -35.70
C ASN E 71 -36.86 -49.06 -35.59
N ASN E 72 -37.36 -49.14 -34.37
CA ASN E 72 -38.78 -48.98 -34.15
C ASN E 72 -39.02 -47.50 -33.98
N LEU E 73 -40.10 -47.01 -34.58
CA LEU E 73 -40.55 -45.66 -34.26
C LEU E 73 -41.34 -45.72 -32.96
N ILE E 74 -40.96 -44.89 -31.98
CA ILE E 74 -41.70 -44.80 -30.74
C ILE E 74 -41.87 -43.32 -30.42
N SER E 75 -43.09 -42.84 -30.49
CA SER E 75 -43.42 -41.46 -30.15
C SER E 75 -43.55 -41.25 -28.65
N GLY E 76 -43.30 -40.02 -28.21
CA GLY E 76 -43.60 -39.60 -26.86
C GLY E 76 -44.06 -38.16 -26.92
N LYS E 77 -44.54 -37.66 -25.78
CA LYS E 77 -45.10 -36.30 -25.73
C LYS E 77 -44.96 -35.75 -24.33
N ALA E 78 -44.76 -34.43 -24.24
CA ALA E 78 -44.85 -33.68 -22.98
C ALA E 78 -46.21 -33.00 -22.85
N THR E 79 -46.83 -33.09 -21.67
CA THR E 79 -48.16 -32.52 -21.44
C THR E 79 -48.09 -31.39 -20.42
N GLY E 80 -48.55 -30.17 -20.83
CA GLY E 80 -48.78 -29.08 -19.90
C GLY E 80 -50.20 -29.09 -19.32
N ARG E 81 -50.41 -28.42 -18.18
CA ARG E 81 -51.75 -28.40 -17.61
C ARG E 81 -51.98 -27.14 -16.77
N VAL E 82 -53.28 -26.77 -16.60
CA VAL E 82 -53.63 -25.58 -15.81
C VAL E 82 -53.45 -25.87 -14.33
N GLY E 83 -53.13 -24.81 -13.58
CA GLY E 83 -52.95 -24.89 -12.14
C GLY E 83 -54.16 -24.43 -11.35
N ASN E 84 -53.91 -24.06 -10.10
CA ASN E 84 -54.93 -23.47 -9.25
C ASN E 84 -55.11 -22.00 -9.62
N TYR E 85 -56.27 -21.41 -9.27
CA TYR E 85 -56.32 -19.97 -9.38
C TYR E 85 -55.44 -19.30 -8.34
N ILE E 86 -55.12 -18.05 -8.62
CA ILE E 86 -54.55 -17.12 -7.65
C ILE E 86 -55.60 -16.05 -7.40
N THR E 87 -55.96 -15.85 -6.13
CA THR E 87 -57.11 -15.02 -5.76
C THR E 87 -56.80 -14.15 -4.56
N VAL E 88 -56.99 -12.85 -4.69
CA VAL E 88 -56.98 -11.95 -3.54
C VAL E 88 -58.38 -11.37 -3.40
N ALA E 89 -58.98 -11.54 -2.21
CA ALA E 89 -60.33 -11.06 -1.91
C ALA E 89 -60.36 -10.20 -0.65
N VAL E 90 -61.09 -9.08 -0.72
CA VAL E 90 -61.32 -8.18 0.41
C VAL E 90 -62.81 -7.90 0.54
N GLU E 91 -63.22 -7.35 1.69
CA GLU E 91 -64.57 -6.82 1.87
C GLU E 91 -64.57 -5.77 2.98
N TYR E 92 -65.56 -4.89 2.91
CA TYR E 92 -65.73 -3.89 3.95
C TYR E 92 -67.18 -3.41 3.93
N GLN E 93 -67.60 -2.83 5.05
CA GLN E 93 -68.96 -2.34 5.27
C GLN E 93 -69.18 -0.99 4.60
N GLN E 94 -70.44 -0.68 4.28
CA GLN E 94 -70.72 0.63 3.72
C GLN E 94 -70.41 1.74 4.72
N LEU E 95 -70.77 1.54 5.99
CA LEU E 95 -70.46 2.54 7.00
C LEU E 95 -68.97 2.86 7.02
N GLU E 96 -68.12 1.82 7.00
CA GLU E 96 -66.67 2.03 6.97
C GLU E 96 -66.25 2.88 5.78
N GLU E 97 -66.83 2.67 4.62
CA GLU E 97 -66.35 3.42 3.46
C GLU E 97 -66.77 4.89 3.49
N ALA E 98 -67.78 5.24 4.30
CA ALA E 98 -68.14 6.64 4.49
C ALA E 98 -67.27 7.34 5.52
N ILE E 99 -67.01 6.72 6.68
CA ILE E 99 -66.33 7.41 7.78
C ILE E 99 -64.89 6.94 8.08
N LYS E 100 -64.37 5.90 7.43
CA LYS E 100 -63.06 5.34 7.78
C LYS E 100 -62.06 5.38 6.64
N LEU E 101 -62.38 4.80 5.49
CA LEU E 101 -61.37 4.58 4.46
C LEU E 101 -61.30 5.81 3.58
N ASN E 102 -60.38 6.71 3.89
CA ASN E 102 -59.80 7.67 2.97
C ASN E 102 -58.62 7.01 2.30
N GLN E 103 -58.25 7.52 1.12
CA GLN E 103 -57.12 6.97 0.39
C GLN E 103 -57.32 5.49 0.06
N LEU E 104 -58.53 5.12 -0.33
CA LEU E 104 -58.77 3.71 -0.64
C LEU E 104 -57.92 3.26 -1.81
N GLU E 105 -57.77 4.14 -2.80
CA GLU E 105 -56.87 3.91 -3.94
C GLU E 105 -55.50 3.41 -3.48
N GLU E 106 -54.91 4.07 -2.47
CA GLU E 106 -53.55 3.73 -2.06
C GLU E 106 -53.53 2.42 -1.30
N ILE E 107 -54.56 2.15 -0.50
CA ILE E 107 -54.58 0.93 0.31
C ILE E 107 -54.55 -0.30 -0.57
N LEU E 108 -55.20 -0.25 -1.73
CA LEU E 108 -55.32 -1.41 -2.59
C LEU E 108 -54.27 -1.46 -3.70
N ALA E 109 -53.33 -0.51 -3.75
CA ALA E 109 -52.30 -0.57 -4.79
C ALA E 109 -51.40 -1.80 -4.68
N PRO E 110 -51.05 -2.29 -3.50
CA PRO E 110 -50.27 -3.55 -3.43
C PRO E 110 -50.98 -4.82 -3.94
N VAL E 111 -52.29 -4.86 -4.20
CA VAL E 111 -52.91 -6.15 -4.49
C VAL E 111 -52.40 -6.72 -5.80
N ARG E 112 -52.21 -5.88 -6.83
CA ARG E 112 -51.87 -6.50 -8.12
C ARG E 112 -50.43 -6.99 -8.18
N GLN E 113 -49.59 -6.74 -7.19
CA GLN E 113 -48.33 -7.44 -7.15
C GLN E 113 -48.24 -8.59 -6.15
N ARG E 114 -49.29 -8.95 -5.41
CA ARG E 114 -49.26 -10.31 -4.92
C ARG E 114 -49.50 -11.26 -6.07
N ILE E 115 -50.42 -10.90 -6.94
CA ILE E 115 -50.83 -11.82 -8.01
C ILE E 115 -49.59 -12.21 -8.79
N VAL E 116 -48.74 -11.25 -9.09
CA VAL E 116 -47.56 -11.52 -9.90
C VAL E 116 -46.49 -12.21 -9.08
N THR E 117 -46.31 -11.79 -7.83
CA THR E 117 -45.27 -12.38 -7.01
C THR E 117 -45.59 -13.82 -6.66
N ASP E 118 -46.85 -14.11 -6.36
CA ASP E 118 -47.25 -15.50 -6.11
C ASP E 118 -47.21 -16.34 -7.36
N LEU E 119 -47.34 -15.74 -8.54
CA LEU E 119 -47.10 -16.49 -9.76
C LEU E 119 -45.65 -16.91 -9.83
N GLU E 120 -44.73 -15.94 -9.72
CA GLU E 120 -43.34 -16.26 -9.98
C GLU E 120 -42.77 -17.14 -8.89
N THR E 121 -43.29 -17.08 -7.67
CA THR E 121 -42.80 -17.99 -6.66
C THR E 121 -43.23 -19.41 -6.96
N GLU E 122 -44.40 -19.60 -7.54
CA GLU E 122 -44.78 -20.97 -7.87
C GLU E 122 -44.00 -21.50 -9.07
N LEU E 123 -43.70 -20.64 -10.05
CA LEU E 123 -42.80 -21.03 -11.12
C LEU E 123 -41.47 -21.53 -10.57
N ALA E 124 -40.92 -20.84 -9.58
CA ALA E 124 -39.61 -21.21 -9.05
C ALA E 124 -39.64 -22.52 -8.28
N HIS E 125 -40.77 -22.87 -7.66
CA HIS E 125 -40.90 -24.20 -7.10
C HIS E 125 -41.05 -25.24 -8.19
N PHE E 126 -41.74 -24.92 -9.28
CA PHE E 126 -41.89 -25.89 -10.36
C PHE E 126 -40.51 -26.35 -10.79
N MET E 127 -39.67 -25.38 -11.16
CA MET E 127 -38.40 -25.68 -11.78
C MET E 127 -37.51 -26.47 -10.85
N MET E 128 -37.25 -25.96 -9.67
CA MET E 128 -36.48 -26.71 -8.69
C MET E 128 -37.03 -28.11 -8.51
N ASN E 129 -38.32 -28.28 -8.72
CA ASN E 129 -38.95 -29.55 -8.44
C ASN E 129 -38.78 -30.56 -9.57
N ASN E 130 -38.52 -30.15 -10.82
CA ASN E 130 -38.42 -31.14 -11.88
C ASN E 130 -37.00 -31.32 -12.41
N GLY E 131 -36.37 -30.25 -12.86
CA GLY E 131 -35.05 -30.38 -13.48
C GLY E 131 -34.06 -31.23 -12.71
N ALA E 132 -33.46 -32.18 -13.42
CA ALA E 132 -32.76 -33.29 -12.81
C ALA E 132 -31.24 -33.13 -12.74
N LEU E 133 -30.67 -32.07 -13.30
CA LEU E 133 -29.23 -31.91 -13.28
C LEU E 133 -28.76 -31.41 -11.92
N SER E 134 -27.50 -31.74 -11.59
CA SER E 134 -26.88 -31.38 -10.32
C SER E 134 -25.38 -31.13 -10.49
N LEU E 135 -24.87 -30.06 -9.89
CA LEU E 135 -23.45 -29.69 -10.00
C LEU E 135 -22.92 -29.19 -8.67
N GLY E 136 -21.73 -29.67 -8.28
CA GLY E 136 -21.09 -29.19 -7.06
C GLY E 136 -21.72 -29.77 -5.82
N SER E 137 -21.30 -29.25 -4.66
CA SER E 137 -21.76 -29.79 -3.39
C SER E 137 -22.45 -28.70 -2.58
N PRO E 138 -23.55 -29.01 -1.90
CA PRO E 138 -24.34 -27.95 -1.26
C PRO E 138 -23.62 -27.20 -0.15
N ASN E 139 -22.63 -27.79 0.52
CA ASN E 139 -22.02 -27.08 1.64
C ASN E 139 -21.09 -25.94 1.18
N THR E 140 -20.40 -26.10 0.05
CA THR E 140 -19.46 -25.08 -0.46
C THR E 140 -20.22 -23.93 -1.11
N PRO E 141 -20.03 -22.68 -0.66
CA PRO E 141 -20.70 -21.55 -1.33
C PRO E 141 -20.08 -21.29 -2.70
N ILE E 142 -20.83 -20.64 -3.57
CA ILE E 142 -20.31 -20.27 -4.89
C ILE E 142 -19.34 -19.09 -4.74
N THR E 143 -18.10 -19.29 -5.15
CA THR E 143 -17.02 -18.33 -4.92
C THR E 143 -16.21 -18.02 -6.17
N LYS E 144 -15.53 -19.03 -6.70
CA LYS E 144 -14.59 -18.96 -7.82
C LYS E 144 -15.32 -18.76 -9.14
N TRP E 145 -14.61 -18.24 -10.14
CA TRP E 145 -15.19 -18.01 -11.47
C TRP E 145 -15.75 -19.29 -12.06
N SER E 146 -15.02 -20.38 -11.92
CA SER E 146 -15.31 -21.67 -12.51
C SER E 146 -16.52 -22.36 -11.91
N ASP E 147 -17.13 -21.79 -10.88
CA ASP E 147 -18.38 -22.35 -10.36
C ASP E 147 -19.55 -21.98 -11.23
N VAL E 148 -19.53 -20.79 -11.81
CA VAL E 148 -20.56 -20.45 -12.78
C VAL E 148 -20.21 -21.00 -14.15
N ALA E 149 -18.91 -21.01 -14.50
CA ALA E 149 -18.53 -21.48 -15.84
C ALA E 149 -18.85 -22.95 -16.03
N GLN E 150 -18.77 -23.76 -14.97
CA GLN E 150 -19.05 -25.18 -15.12
C GLN E 150 -20.45 -25.45 -15.59
N THR E 151 -21.36 -24.49 -15.47
CA THR E 151 -22.73 -24.84 -15.83
C THR E 151 -22.95 -24.72 -17.33
N ALA E 152 -22.35 -23.71 -17.97
CA ALA E 152 -22.43 -23.62 -19.42
C ALA E 152 -21.63 -24.74 -20.06
N SER E 153 -20.53 -25.09 -19.44
CA SER E 153 -19.72 -26.18 -19.92
C SER E 153 -20.49 -27.51 -19.92
N PHE E 154 -21.37 -27.71 -18.94
CA PHE E 154 -22.05 -28.99 -18.76
C PHE E 154 -23.24 -29.15 -19.68
N LEU E 155 -23.95 -28.07 -19.93
CA LEU E 155 -24.98 -28.06 -20.95
C LEU E 155 -24.40 -28.39 -22.31
N LYS E 156 -23.33 -27.72 -22.71
CA LYS E 156 -22.69 -27.98 -24.00
C LYS E 156 -22.23 -29.42 -24.13
N ASP E 157 -21.43 -29.89 -23.19
CA ASP E 157 -20.91 -31.25 -23.28
C ASP E 157 -22.02 -32.28 -23.23
N LEU E 158 -23.22 -31.92 -22.87
CA LEU E 158 -24.35 -32.84 -22.86
C LEU E 158 -25.16 -32.75 -24.14
N GLY E 159 -24.92 -31.74 -24.98
CA GLY E 159 -25.55 -31.56 -26.29
C GLY E 159 -26.50 -30.36 -26.49
N VAL E 160 -26.87 -29.58 -25.48
CA VAL E 160 -27.92 -28.58 -25.66
C VAL E 160 -27.44 -27.44 -26.56
N ASN E 161 -28.04 -27.28 -27.74
CA ASN E 161 -27.59 -26.24 -28.66
C ASN E 161 -28.54 -25.07 -28.99
N GLU E 162 -29.81 -25.08 -28.61
CA GLU E 162 -30.71 -24.05 -29.13
C GLU E 162 -31.18 -23.05 -28.08
N GLY E 163 -31.42 -21.82 -28.53
CA GLY E 163 -31.90 -20.77 -27.65
C GLY E 163 -30.82 -20.11 -26.80
N GLU E 164 -31.15 -19.77 -25.55
CA GLU E 164 -30.24 -19.12 -24.64
C GLU E 164 -30.07 -20.02 -23.44
N ASN E 165 -29.03 -19.81 -22.63
CA ASN E 165 -28.93 -20.49 -21.35
C ASN E 165 -28.82 -19.46 -20.24
N TYR E 166 -29.43 -19.75 -19.07
CA TYR E 166 -29.48 -18.84 -17.95
C TYR E 166 -29.01 -19.52 -16.69
N ALA E 167 -28.27 -18.78 -15.85
CA ALA E 167 -27.95 -19.16 -14.48
C ALA E 167 -28.38 -18.03 -13.55
N VAL E 168 -28.96 -18.37 -12.40
CA VAL E 168 -29.70 -17.41 -11.57
C VAL E 168 -29.19 -17.45 -10.14
N MET E 169 -28.91 -16.28 -9.57
CA MET E 169 -28.09 -16.16 -8.37
C MET E 169 -28.63 -15.07 -7.43
N ASP E 170 -28.69 -15.37 -6.14
CA ASP E 170 -29.21 -14.46 -5.11
C ASP E 170 -28.18 -13.40 -4.70
N PRO E 171 -28.63 -12.33 -4.03
CA PRO E 171 -27.70 -11.24 -3.68
C PRO E 171 -26.40 -11.68 -3.05
N TRP E 172 -26.42 -12.76 -2.26
CA TRP E 172 -25.20 -13.15 -1.57
C TRP E 172 -24.19 -13.70 -2.54
N SER E 173 -24.63 -14.49 -3.53
CA SER E 173 -23.71 -15.11 -4.48
C SER E 173 -23.06 -14.07 -5.38
N ALA E 174 -23.85 -13.24 -6.04
CA ALA E 174 -23.34 -12.18 -6.88
C ALA E 174 -22.31 -11.31 -6.19
N GLN E 175 -22.36 -11.21 -4.87
CA GLN E 175 -21.37 -10.43 -4.14
C GLN E 175 -20.04 -11.14 -4.13
N ARG E 176 -20.04 -12.44 -3.84
CA ARG E 176 -18.80 -13.19 -3.81
C ARG E 176 -18.17 -13.29 -5.18
N LEU E 177 -18.97 -13.22 -6.25
CA LEU E 177 -18.42 -13.18 -7.60
C LEU E 177 -17.75 -11.85 -7.88
N ALA E 178 -18.39 -10.75 -7.50
CA ALA E 178 -17.79 -9.42 -7.66
C ALA E 178 -16.52 -9.28 -6.86
N ASP E 179 -16.42 -10.00 -5.76
CA ASP E 179 -15.16 -10.07 -5.04
C ASP E 179 -14.07 -10.72 -5.90
N ALA E 180 -14.40 -11.81 -6.58
CA ALA E 180 -13.43 -12.42 -7.47
C ALA E 180 -12.96 -11.44 -8.54
N GLN E 181 -13.86 -10.62 -9.04
CA GLN E 181 -13.63 -9.72 -10.14
C GLN E 181 -12.81 -8.50 -9.77
N THR E 182 -12.60 -8.22 -8.50
CA THR E 182 -11.67 -7.18 -8.11
C THR E 182 -10.23 -7.65 -8.19
N GLY E 183 -9.99 -8.95 -8.25
CA GLY E 183 -8.67 -9.53 -8.38
C GLY E 183 -8.20 -9.72 -9.81
N LEU E 184 -8.86 -9.07 -10.75
CA LEU E 184 -8.45 -9.09 -12.14
C LEU E 184 -7.33 -8.10 -12.38
N HIS E 185 -6.46 -8.45 -13.31
CA HIS E 185 -5.23 -7.70 -13.57
C HIS E 185 -5.29 -6.80 -14.78
N ALA E 186 -6.40 -6.71 -15.51
CA ALA E 186 -6.25 -5.90 -16.73
C ALA E 186 -7.34 -4.85 -16.93
N SER E 187 -8.63 -5.22 -16.95
CA SER E 187 -9.65 -4.31 -17.44
C SER E 187 -9.93 -3.23 -16.39
N ASP E 188 -9.61 -1.96 -16.71
CA ASP E 188 -9.83 -0.90 -15.73
C ASP E 188 -11.31 -0.74 -15.43
N GLN E 189 -12.17 -0.91 -16.45
CA GLN E 189 -13.60 -0.79 -16.26
C GLN E 189 -14.17 -1.95 -15.47
N LEU E 190 -13.72 -3.16 -15.74
CA LEU E 190 -14.38 -4.32 -15.16
C LEU E 190 -14.05 -4.45 -13.68
N VAL E 191 -12.93 -3.90 -13.21
CA VAL E 191 -12.70 -3.84 -11.77
C VAL E 191 -13.24 -2.58 -11.12
N ARG E 192 -13.49 -1.52 -11.87
CA ARG E 192 -13.95 -0.37 -11.11
C ARG E 192 -15.43 -0.52 -10.79
N THR E 193 -16.20 -1.00 -11.75
CA THR E 193 -17.60 -1.33 -11.53
C THR E 193 -17.79 -2.21 -10.31
N ALA E 194 -16.99 -3.24 -10.19
CA ALA E 194 -17.22 -4.20 -9.13
C ALA E 194 -16.78 -3.66 -7.78
N TRP E 195 -15.74 -2.83 -7.75
CA TRP E 195 -15.24 -2.33 -6.49
C TRP E 195 -16.19 -1.30 -5.91
N GLU E 196 -16.74 -0.43 -6.76
CA GLU E 196 -17.72 0.56 -6.38
C GLU E 196 -19.14 -0.01 -6.26
N ASN E 197 -19.72 -0.49 -7.35
CA ASN E 197 -21.14 -0.84 -7.44
C ASN E 197 -21.45 -2.30 -7.13
N ALA E 198 -20.45 -3.16 -7.03
CA ALA E 198 -20.62 -4.60 -6.84
C ALA E 198 -21.54 -5.24 -7.89
N GLN E 199 -21.29 -4.90 -9.15
CA GLN E 199 -22.08 -5.34 -10.31
C GLN E 199 -21.22 -6.28 -11.15
N ILE E 200 -21.75 -7.45 -11.50
CA ILE E 200 -21.08 -8.28 -12.50
C ILE E 200 -21.66 -7.97 -13.87
N PRO E 201 -21.13 -8.50 -14.99
CA PRO E 201 -21.72 -8.15 -16.29
C PRO E 201 -22.91 -9.01 -16.69
N THR E 202 -23.53 -8.65 -17.81
CA THR E 202 -24.65 -9.41 -18.36
C THR E 202 -24.26 -10.87 -18.63
N ASN E 203 -23.23 -11.08 -19.45
CA ASN E 203 -22.71 -12.42 -19.70
C ASN E 203 -21.55 -12.69 -18.78
N PHE E 204 -21.58 -13.82 -18.11
CA PHE E 204 -20.54 -14.18 -17.15
C PHE E 204 -20.26 -15.66 -17.32
N GLY E 205 -19.05 -16.03 -17.70
CA GLY E 205 -18.71 -17.43 -17.83
C GLY E 205 -19.25 -18.13 -19.07
N GLY E 206 -19.63 -17.37 -20.10
CA GLY E 206 -20.21 -18.02 -21.25
C GLY E 206 -21.65 -18.39 -21.07
N ILE E 207 -22.29 -17.86 -20.02
CA ILE E 207 -23.73 -18.02 -19.79
C ILE E 207 -24.26 -16.67 -19.37
N ARG E 208 -25.57 -16.49 -19.53
CA ARG E 208 -26.27 -15.24 -19.27
C ARG E 208 -26.71 -15.24 -17.82
N ALA E 209 -26.10 -14.36 -17.02
CA ALA E 209 -26.21 -14.42 -15.56
C ALA E 209 -27.17 -13.37 -15.03
N LEU E 210 -28.16 -13.80 -14.24
CA LEU E 210 -29.26 -12.97 -13.76
C LEU E 210 -29.25 -12.96 -12.25
N MET E 211 -29.38 -11.78 -11.64
CA MET E 211 -29.45 -11.66 -10.19
C MET E 211 -30.88 -11.44 -9.75
N SER E 212 -31.33 -12.23 -8.77
CA SER E 212 -32.67 -12.09 -8.22
C SER E 212 -32.74 -12.55 -6.78
N ASN E 213 -33.51 -11.84 -5.95
CA ASN E 213 -33.88 -12.33 -4.64
C ASN E 213 -35.23 -13.07 -4.62
N GLY E 214 -35.82 -13.37 -5.78
CA GLY E 214 -37.07 -14.09 -5.82
C GLY E 214 -37.05 -15.62 -5.81
N LEU E 215 -35.91 -16.26 -5.59
CA LEU E 215 -35.83 -17.74 -5.65
C LEU E 215 -36.45 -18.42 -4.44
N ALA E 216 -36.96 -19.64 -4.66
CA ALA E 216 -37.59 -20.46 -3.62
C ALA E 216 -36.57 -21.14 -2.69
N SER E 217 -37.04 -21.57 -1.52
CA SER E 217 -36.21 -22.36 -0.61
C SER E 217 -36.93 -23.65 -0.19
N ARG E 218 -36.17 -24.57 0.41
CA ARG E 218 -36.70 -25.87 0.80
C ARG E 218 -35.91 -26.45 1.97
N THR E 219 -36.51 -27.43 2.64
CA THR E 219 -35.89 -28.13 3.76
C THR E 219 -35.60 -29.58 3.37
N GLN E 220 -34.43 -30.07 3.76
CA GLN E 220 -33.96 -31.38 3.31
C GLN E 220 -34.83 -32.52 3.84
N GLY E 221 -35.08 -32.56 5.13
CA GLY E 221 -35.85 -33.69 5.66
C GLY E 221 -34.96 -34.89 5.97
N ALA E 222 -35.29 -35.68 6.98
CA ALA E 222 -34.28 -36.41 7.75
C ALA E 222 -33.98 -37.76 7.14
N PHE E 223 -32.79 -37.90 6.56
CA PHE E 223 -32.35 -39.15 5.94
C PHE E 223 -31.06 -39.63 6.57
N GLY E 224 -30.94 -40.95 6.72
CA GLY E 224 -29.78 -41.54 7.37
C GLY E 224 -29.67 -43.01 7.06
N GLY E 225 -28.45 -43.53 7.24
CA GLY E 225 -28.10 -44.89 6.82
C GLY E 225 -27.52 -44.91 5.43
N THR E 226 -26.88 -46.02 5.09
CA THR E 226 -26.30 -46.21 3.76
C THR E 226 -27.34 -46.89 2.88
N LEU E 227 -27.70 -46.24 1.78
CA LEU E 227 -28.85 -46.65 0.98
C LEU E 227 -28.43 -47.41 -0.26
N THR E 228 -29.19 -48.45 -0.61
CA THR E 228 -29.05 -49.10 -1.91
C THR E 228 -30.42 -49.33 -2.51
N VAL E 229 -30.45 -49.49 -3.82
CA VAL E 229 -31.70 -49.81 -4.51
C VAL E 229 -32.09 -51.25 -4.24
N LYS E 230 -33.38 -51.47 -3.94
CA LYS E 230 -33.85 -52.78 -3.49
C LYS E 230 -34.13 -53.75 -4.64
N THR E 231 -35.08 -53.40 -5.51
CA THR E 231 -35.41 -54.19 -6.69
C THR E 231 -35.14 -53.38 -7.95
N GLN E 232 -34.70 -54.07 -9.00
CA GLN E 232 -34.42 -53.44 -10.29
C GLN E 232 -35.66 -52.71 -10.81
N PRO E 233 -35.53 -51.44 -11.24
CA PRO E 233 -36.69 -50.75 -11.85
C PRO E 233 -36.78 -50.97 -13.36
N THR E 234 -37.84 -50.46 -13.99
CA THR E 234 -38.02 -50.62 -15.44
C THR E 234 -37.87 -49.26 -16.09
N VAL E 235 -36.72 -49.05 -16.71
CA VAL E 235 -36.35 -47.78 -17.30
C VAL E 235 -36.40 -47.80 -18.82
N THR E 236 -36.91 -48.86 -19.42
CA THR E 236 -37.06 -48.89 -20.87
C THR E 236 -37.90 -47.71 -21.34
N TYR E 237 -37.68 -47.29 -22.58
CA TYR E 237 -38.28 -46.05 -23.06
C TYR E 237 -39.79 -46.18 -23.23
N ASN E 238 -40.31 -47.40 -23.41
CA ASN E 238 -41.76 -47.57 -23.43
C ASN E 238 -42.41 -47.08 -22.15
N ALA E 239 -41.77 -47.32 -21.01
CA ALA E 239 -42.42 -46.98 -19.75
C ALA E 239 -42.45 -45.47 -19.54
N VAL E 240 -41.31 -44.82 -19.71
CA VAL E 240 -41.13 -43.44 -19.28
C VAL E 240 -41.38 -42.44 -20.40
N LYS E 241 -41.84 -42.87 -21.58
CA LYS E 241 -41.77 -41.97 -22.73
C LYS E 241 -42.71 -40.78 -22.65
N ASP E 242 -43.79 -40.83 -21.86
CA ASP E 242 -44.63 -39.64 -21.74
C ASP E 242 -44.36 -38.76 -20.51
N SER E 243 -43.83 -39.30 -19.40
CA SER E 243 -43.57 -38.42 -18.26
C SER E 243 -42.11 -38.12 -17.98
N TYR E 244 -41.15 -38.91 -18.45
CA TYR E 244 -39.79 -38.86 -17.92
C TYR E 244 -39.78 -38.87 -16.39
N GLN E 245 -40.41 -39.87 -15.80
CA GLN E 245 -40.35 -40.06 -14.35
C GLN E 245 -40.39 -41.55 -14.09
N PHE E 246 -39.83 -41.99 -12.96
CA PHE E 246 -39.88 -43.42 -12.67
C PHE E 246 -39.91 -43.65 -11.17
N THR E 247 -40.63 -44.67 -10.75
CA THR E 247 -40.58 -45.14 -9.37
C THR E 247 -39.38 -46.06 -9.14
N VAL E 248 -38.80 -45.98 -7.94
CA VAL E 248 -37.80 -46.94 -7.47
C VAL E 248 -37.92 -47.10 -5.96
N THR E 249 -37.63 -48.29 -5.43
CA THR E 249 -37.63 -48.51 -3.98
C THR E 249 -36.22 -48.70 -3.47
N LEU E 250 -35.91 -48.01 -2.37
CA LEU E 250 -34.60 -48.05 -1.73
C LEU E 250 -34.69 -48.89 -0.46
N THR E 251 -33.53 -49.11 0.16
CA THR E 251 -33.44 -50.02 1.29
C THR E 251 -32.33 -49.55 2.22
N GLY E 252 -32.37 -50.02 3.46
CA GLY E 252 -31.34 -49.68 4.43
C GLY E 252 -31.51 -48.34 5.07
N ALA E 253 -32.71 -47.77 5.05
CA ALA E 253 -32.97 -46.47 5.66
C ALA E 253 -33.15 -46.61 7.17
N THR E 254 -33.34 -45.47 7.84
CA THR E 254 -33.66 -45.49 9.26
C THR E 254 -35.08 -46.04 9.45
N ALA E 255 -35.32 -46.62 10.62
CA ALA E 255 -36.51 -47.45 10.85
C ALA E 255 -37.81 -46.84 10.36
N SER E 256 -38.34 -45.80 11.04
CA SER E 256 -39.60 -45.19 10.60
C SER E 256 -39.54 -43.68 10.77
N VAL E 257 -39.67 -42.94 9.67
CA VAL E 257 -39.48 -41.49 9.66
C VAL E 257 -40.50 -40.87 8.73
N THR E 258 -41.22 -39.85 9.21
CA THR E 258 -42.06 -39.04 8.34
C THR E 258 -41.23 -37.94 7.72
N GLY E 259 -41.29 -37.82 6.39
CA GLY E 259 -40.42 -36.92 5.67
C GLY E 259 -38.98 -37.39 5.62
N PHE E 260 -38.77 -38.64 5.17
CA PHE E 260 -37.42 -39.16 4.99
C PHE E 260 -36.74 -38.53 3.78
N LEU E 261 -37.51 -38.15 2.75
CA LEU E 261 -37.03 -37.39 1.60
C LEU E 261 -38.15 -36.42 1.22
N LYS E 262 -37.83 -35.16 1.01
CA LYS E 262 -38.89 -34.20 0.77
C LYS E 262 -38.85 -33.70 -0.67
N ALA E 263 -39.84 -32.87 -1.01
CA ALA E 263 -40.21 -32.66 -2.39
C ALA E 263 -39.03 -32.31 -3.28
N GLY E 264 -38.05 -31.55 -2.79
CA GLY E 264 -37.04 -31.03 -3.71
C GLY E 264 -35.70 -31.71 -3.77
N ASP E 265 -35.50 -32.85 -3.13
CA ASP E 265 -34.16 -33.41 -2.90
C ASP E 265 -33.57 -33.98 -4.19
N GLN E 266 -32.32 -34.41 -4.11
CA GLN E 266 -31.63 -34.99 -5.25
C GLN E 266 -30.84 -36.21 -4.81
N VAL E 267 -31.07 -37.31 -5.51
CA VAL E 267 -30.44 -38.60 -5.24
C VAL E 267 -29.42 -38.83 -6.34
N LYS E 268 -28.29 -39.46 -6.02
CA LYS E 268 -27.22 -39.63 -7.00
C LYS E 268 -26.79 -41.09 -7.04
N PHE E 269 -26.85 -41.68 -8.23
CA PHE E 269 -26.49 -43.07 -8.48
C PHE E 269 -25.02 -43.11 -8.82
N THR E 270 -24.21 -43.76 -7.99
CA THR E 270 -22.77 -43.52 -8.04
C THR E 270 -22.14 -44.07 -9.31
N ASN E 271 -22.44 -45.31 -9.67
CA ASN E 271 -21.72 -46.03 -10.71
C ASN E 271 -22.31 -45.88 -12.10
N THR E 272 -23.28 -44.99 -12.28
CA THR E 272 -24.04 -44.89 -13.51
C THR E 272 -23.85 -43.49 -14.05
N TYR E 273 -23.41 -43.34 -15.28
CA TYR E 273 -22.91 -42.06 -15.74
C TYR E 273 -23.77 -41.53 -16.86
N TRP E 274 -23.86 -40.22 -16.96
CA TRP E 274 -24.50 -39.60 -18.11
C TRP E 274 -23.74 -39.87 -19.40
N LEU E 275 -24.42 -39.72 -20.51
CA LEU E 275 -23.84 -39.88 -21.83
C LEU E 275 -23.94 -38.55 -22.56
N GLN E 276 -23.02 -38.28 -23.50
CA GLN E 276 -23.40 -37.38 -24.59
C GLN E 276 -24.72 -37.91 -25.14
N GLN E 277 -25.73 -37.07 -25.16
CA GLN E 277 -27.00 -37.60 -25.65
C GLN E 277 -27.02 -37.92 -27.15
N GLN E 278 -26.01 -37.55 -27.93
CA GLN E 278 -26.01 -37.73 -29.38
C GLN E 278 -24.96 -38.76 -29.79
N THR E 279 -23.71 -38.47 -29.48
CA THR E 279 -22.61 -39.39 -29.69
C THR E 279 -22.71 -40.66 -28.86
N LYS E 280 -23.37 -40.62 -27.70
CA LYS E 280 -23.54 -41.78 -26.82
C LYS E 280 -22.25 -42.21 -26.13
N GLN E 281 -21.29 -41.31 -25.92
CA GLN E 281 -20.09 -41.63 -25.16
C GLN E 281 -20.29 -41.15 -23.73
N ALA E 282 -19.79 -41.90 -22.76
CA ALA E 282 -19.89 -41.44 -21.37
C ALA E 282 -19.21 -40.09 -21.22
N LEU E 283 -19.66 -39.31 -20.23
CA LEU E 283 -19.09 -38.00 -19.94
C LEU E 283 -18.03 -38.07 -18.84
N TYR E 284 -16.80 -37.67 -19.18
CA TYR E 284 -15.71 -37.59 -18.23
C TYR E 284 -15.21 -36.16 -18.19
N ASN E 285 -14.89 -35.69 -16.98
CA ASN E 285 -14.24 -34.41 -16.76
C ASN E 285 -12.83 -34.72 -16.25
N GLY E 286 -11.83 -34.55 -17.10
CA GLY E 286 -10.54 -35.12 -16.76
C GLY E 286 -10.66 -36.63 -16.68
N ALA E 287 -10.23 -37.22 -15.57
CA ALA E 287 -10.39 -38.66 -15.39
C ALA E 287 -11.59 -39.04 -14.53
N THR E 288 -12.37 -38.07 -14.02
CA THR E 288 -13.48 -38.49 -13.16
C THR E 288 -14.80 -38.45 -13.91
N PRO E 289 -15.60 -39.51 -13.86
CA PRO E 289 -16.90 -39.50 -14.54
C PRO E 289 -17.97 -38.73 -13.78
N ILE E 290 -18.83 -38.06 -14.54
CA ILE E 290 -19.96 -37.32 -13.99
C ILE E 290 -21.13 -38.26 -13.90
N SER E 291 -21.64 -38.51 -12.69
CA SER E 291 -22.64 -39.56 -12.57
C SER E 291 -24.05 -39.00 -12.66
N PHE E 292 -25.03 -39.90 -12.73
CA PHE E 292 -26.42 -39.59 -12.96
C PHE E 292 -27.13 -39.20 -11.67
N THR E 293 -28.12 -38.32 -11.79
CA THR E 293 -28.76 -37.73 -10.62
C THR E 293 -30.21 -37.38 -10.98
N ALA E 294 -31.16 -37.61 -10.06
CA ALA E 294 -32.58 -37.31 -10.27
C ALA E 294 -33.19 -36.67 -9.02
N THR E 295 -34.40 -36.13 -9.19
CA THR E 295 -35.00 -35.22 -8.22
C THR E 295 -36.27 -35.82 -7.62
N VAL E 296 -36.34 -35.91 -6.29
CA VAL E 296 -37.59 -36.26 -5.63
C VAL E 296 -38.70 -35.33 -6.09
N THR E 297 -39.92 -35.85 -6.13
CA THR E 297 -41.10 -35.09 -6.53
C THR E 297 -42.04 -34.79 -5.35
N ALA E 298 -42.55 -35.82 -4.69
CA ALA E 298 -43.43 -35.67 -3.54
C ALA E 298 -42.76 -36.26 -2.29
N ASP E 299 -43.26 -35.86 -1.11
CA ASP E 299 -42.74 -36.38 0.14
C ASP E 299 -42.82 -37.90 0.20
N ALA E 300 -41.85 -38.52 0.88
CA ALA E 300 -41.78 -39.98 1.01
C ALA E 300 -41.49 -40.37 2.45
N ASN E 301 -42.24 -41.35 2.95
CA ASN E 301 -42.08 -41.88 4.29
C ASN E 301 -41.35 -43.22 4.26
N SER E 302 -40.65 -43.51 5.34
CA SER E 302 -40.01 -44.81 5.51
C SER E 302 -40.85 -45.69 6.43
N ASP E 303 -40.82 -47.01 6.17
CA ASP E 303 -41.54 -47.99 6.98
C ASP E 303 -40.56 -48.80 7.81
N SER E 304 -41.06 -49.35 8.92
CA SER E 304 -40.21 -50.21 9.76
C SER E 304 -39.60 -51.33 8.92
N GLY E 305 -38.27 -51.43 8.96
CA GLY E 305 -37.52 -52.23 8.00
C GLY E 305 -36.69 -51.42 7.02
N GLY E 306 -36.84 -50.08 7.00
CA GLY E 306 -35.99 -49.23 6.18
C GLY E 306 -36.18 -49.41 4.69
N ASP E 307 -37.39 -49.18 4.19
CA ASP E 307 -37.73 -49.31 2.78
C ASP E 307 -38.52 -48.08 2.37
N VAL E 308 -38.16 -47.50 1.23
CA VAL E 308 -38.68 -46.20 0.84
C VAL E 308 -39.05 -46.24 -0.63
N THR E 309 -40.29 -45.85 -0.94
CA THR E 309 -40.77 -45.78 -2.32
C THR E 309 -40.88 -44.31 -2.73
N VAL E 310 -40.05 -43.89 -3.67
CA VAL E 310 -39.98 -42.50 -4.08
C VAL E 310 -40.20 -42.42 -5.58
N THR E 311 -40.68 -41.27 -6.04
CA THR E 311 -40.87 -41.00 -7.46
C THR E 311 -39.93 -39.89 -7.85
N LEU E 312 -39.11 -40.13 -8.87
CA LEU E 312 -38.02 -39.25 -9.26
C LEU E 312 -38.26 -38.69 -10.64
N SER E 313 -37.74 -37.49 -10.85
CA SER E 313 -37.86 -36.80 -12.11
C SER E 313 -36.49 -36.78 -12.77
N GLY E 314 -36.46 -37.27 -14.01
CA GLY E 314 -35.27 -37.47 -14.82
C GLY E 314 -35.16 -38.97 -14.82
N VAL E 315 -34.67 -39.58 -15.90
CA VAL E 315 -34.60 -41.05 -15.96
C VAL E 315 -33.33 -41.69 -16.48
N PRO E 316 -32.92 -42.82 -15.80
CA PRO E 316 -31.72 -43.46 -16.35
C PRO E 316 -32.14 -44.49 -17.37
N ILE E 317 -32.45 -44.08 -18.58
CA ILE E 317 -32.92 -45.00 -19.59
C ILE E 317 -31.86 -45.90 -20.13
N TYR E 318 -32.17 -47.18 -20.15
CA TYR E 318 -31.30 -48.18 -20.74
C TYR E 318 -32.24 -49.22 -21.34
N ASP E 319 -32.25 -49.35 -22.66
CA ASP E 319 -33.24 -50.19 -23.32
C ASP E 319 -32.50 -51.13 -24.25
N THR E 320 -32.61 -52.42 -23.99
CA THR E 320 -31.87 -53.39 -24.82
C THR E 320 -32.44 -53.47 -26.23
N THR E 321 -33.77 -53.44 -26.36
CA THR E 321 -34.44 -53.58 -27.65
C THR E 321 -34.40 -52.32 -28.47
N ASN E 322 -34.00 -51.21 -27.85
CA ASN E 322 -34.27 -49.86 -28.36
C ASN E 322 -33.12 -48.90 -27.99
N PRO E 323 -31.88 -49.25 -28.32
CA PRO E 323 -30.72 -48.58 -27.67
C PRO E 323 -30.58 -47.13 -28.10
N GLN E 324 -31.26 -46.83 -29.19
CA GLN E 324 -31.43 -45.48 -29.69
C GLN E 324 -31.58 -44.47 -28.59
N TYR E 325 -32.40 -44.72 -27.56
CA TYR E 325 -32.76 -43.74 -26.51
C TYR E 325 -31.96 -43.82 -25.21
N ASN E 326 -30.93 -44.67 -25.11
CA ASN E 326 -30.15 -44.75 -23.89
C ASN E 326 -29.71 -43.37 -23.43
N SER E 327 -29.97 -43.10 -22.17
CA SER E 327 -29.61 -41.84 -21.55
C SER E 327 -28.33 -41.94 -20.72
N VAL E 328 -27.88 -43.16 -20.42
CA VAL E 328 -26.98 -43.41 -19.30
C VAL E 328 -26.11 -44.61 -19.69
N SER E 329 -25.04 -44.84 -18.94
CA SER E 329 -24.01 -45.75 -19.45
C SER E 329 -24.37 -47.23 -19.25
N ARG E 330 -24.86 -47.60 -18.08
CA ARG E 330 -25.21 -48.99 -17.79
C ARG E 330 -26.60 -49.01 -17.20
N GLN E 331 -27.06 -50.18 -16.76
CA GLN E 331 -28.38 -50.27 -16.15
C GLN E 331 -28.31 -50.24 -14.62
N VAL E 332 -29.15 -49.41 -14.01
CA VAL E 332 -29.36 -49.49 -12.57
C VAL E 332 -29.86 -50.89 -12.22
N GLU E 333 -29.17 -51.53 -11.28
CA GLU E 333 -29.41 -52.92 -10.90
C GLU E 333 -29.72 -52.99 -9.41
N ALA E 334 -30.42 -54.06 -8.99
CA ALA E 334 -30.66 -54.29 -7.57
C ALA E 334 -29.35 -54.41 -6.80
N GLY E 335 -29.20 -53.61 -5.76
CA GLY E 335 -28.00 -53.62 -4.92
C GLY E 335 -27.02 -52.50 -5.16
N ASP E 336 -27.31 -51.57 -6.07
CA ASP E 336 -26.37 -50.49 -6.37
C ASP E 336 -26.44 -49.43 -5.27
N ALA E 337 -25.29 -48.82 -4.98
CA ALA E 337 -25.23 -47.79 -3.94
C ALA E 337 -25.78 -46.47 -4.47
N VAL E 338 -26.55 -45.78 -3.63
CA VAL E 338 -27.01 -44.42 -3.93
C VAL E 338 -26.65 -43.53 -2.74
N SER E 339 -26.93 -42.24 -2.88
CA SER E 339 -26.70 -41.28 -1.81
C SER E 339 -27.56 -40.05 -2.04
N VAL E 340 -27.73 -39.27 -1.01
CA VAL E 340 -28.46 -38.01 -1.11
C VAL E 340 -27.48 -36.85 -1.09
N VAL E 341 -27.82 -35.81 -1.83
CA VAL E 341 -26.98 -34.63 -1.98
C VAL E 341 -27.44 -33.60 -0.95
N GLY E 342 -26.64 -33.38 0.09
CA GLY E 342 -27.01 -32.40 1.09
C GLY E 342 -26.61 -32.86 2.49
N THR E 343 -27.24 -32.22 3.48
CA THR E 343 -27.13 -32.59 4.89
C THR E 343 -28.54 -32.76 5.45
N ALA E 344 -28.67 -33.59 6.49
CA ALA E 344 -29.96 -34.15 6.91
C ALA E 344 -31.14 -33.18 6.93
N SER E 345 -31.21 -32.23 7.87
CA SER E 345 -32.39 -31.35 7.91
C SER E 345 -32.17 -29.93 7.39
N GLN E 346 -30.97 -29.57 6.94
CA GLN E 346 -30.63 -28.18 6.66
C GLN E 346 -31.63 -27.54 5.69
N THR E 347 -32.06 -26.34 6.01
CA THR E 347 -32.82 -25.52 5.08
C THR E 347 -31.87 -24.67 4.24
N MET E 348 -32.06 -24.67 2.92
CA MET E 348 -31.14 -24.03 1.98
C MET E 348 -31.93 -23.43 0.82
N LYS E 349 -31.20 -22.81 -0.11
CA LYS E 349 -31.80 -22.10 -1.24
C LYS E 349 -30.93 -22.28 -2.49
N PRO E 350 -31.20 -23.33 -3.27
CA PRO E 350 -30.34 -23.63 -4.42
C PRO E 350 -30.39 -22.54 -5.49
N ASN E 351 -29.27 -22.36 -6.19
CA ASN E 351 -29.23 -21.65 -7.45
C ASN E 351 -29.72 -22.55 -8.59
N LEU E 352 -30.25 -21.95 -9.64
CA LEU E 352 -30.78 -22.73 -10.74
C LEU E 352 -30.00 -22.44 -12.02
N PHE E 353 -29.90 -23.44 -12.90
CA PHE E 353 -29.45 -23.16 -14.25
C PHE E 353 -30.29 -23.97 -15.22
N TYR E 354 -30.58 -23.39 -16.38
CA TYR E 354 -31.47 -24.08 -17.30
C TYR E 354 -31.27 -23.51 -18.70
N ASN E 355 -32.00 -24.09 -19.64
CA ASN E 355 -32.06 -23.63 -21.01
C ASN E 355 -33.47 -23.13 -21.30
N LYS E 356 -33.60 -22.26 -22.29
CA LYS E 356 -34.90 -21.66 -22.58
C LYS E 356 -36.01 -22.69 -22.64
N PHE E 357 -35.76 -23.85 -23.23
CA PHE E 357 -36.83 -24.81 -23.46
C PHE E 357 -36.98 -25.83 -22.34
N PHE E 358 -36.34 -25.62 -21.20
CA PHE E 358 -36.59 -26.44 -20.02
C PHE E 358 -38.05 -26.40 -19.56
N CYS E 359 -38.62 -25.20 -19.38
CA CYS E 359 -39.98 -25.01 -18.88
C CYS E 359 -40.68 -23.92 -19.68
N GLY E 360 -41.99 -23.80 -19.47
CA GLY E 360 -42.78 -22.80 -20.16
C GLY E 360 -43.99 -22.40 -19.34
N LEU E 361 -44.54 -21.23 -19.68
CA LEU E 361 -45.58 -20.60 -18.87
C LEU E 361 -46.64 -19.99 -19.80
N GLY E 362 -47.90 -20.03 -19.36
CA GLY E 362 -49.01 -19.51 -20.13
C GLY E 362 -50.09 -18.98 -19.20
N SER E 363 -51.14 -18.41 -19.79
CA SER E 363 -52.26 -17.96 -18.96
C SER E 363 -53.55 -18.00 -19.76
N ILE E 364 -54.64 -18.37 -19.08
CA ILE E 364 -55.94 -18.54 -19.70
C ILE E 364 -56.78 -17.29 -19.44
N PRO E 365 -57.24 -16.60 -20.47
CA PRO E 365 -58.14 -15.44 -20.25
C PRO E 365 -59.46 -15.86 -19.59
N LEU E 366 -59.89 -15.10 -18.53
CA LEU E 366 -61.09 -15.48 -17.79
C LEU E 366 -62.31 -14.71 -18.28
N PRO E 367 -63.43 -15.38 -18.53
CA PRO E 367 -64.68 -14.67 -18.84
C PRO E 367 -65.28 -14.02 -17.59
N LYS E 368 -66.23 -13.12 -17.79
CA LYS E 368 -66.83 -12.42 -16.66
C LYS E 368 -68.18 -13.01 -16.23
N LEU E 369 -68.43 -12.94 -14.92
CA LEU E 369 -69.65 -13.48 -14.34
C LEU E 369 -70.86 -12.64 -14.77
N HIS E 370 -72.02 -13.29 -14.88
CA HIS E 370 -73.26 -12.62 -15.26
C HIS E 370 -73.73 -11.66 -14.17
N SER E 371 -74.11 -10.45 -14.57
CA SER E 371 -74.70 -9.45 -13.67
C SER E 371 -73.79 -9.03 -12.53
N ILE E 372 -72.48 -9.19 -12.71
CA ILE E 372 -71.49 -8.64 -11.82
C ILE E 372 -70.65 -7.75 -12.71
N ASP E 373 -69.97 -6.79 -12.10
CA ASP E 373 -69.31 -5.74 -12.87
C ASP E 373 -67.80 -5.91 -12.80
N SER E 374 -67.11 -5.72 -13.92
CA SER E 374 -65.68 -6.04 -13.91
C SER E 374 -64.91 -5.24 -14.95
N ALA E 375 -63.59 -5.25 -14.79
CA ALA E 375 -62.64 -4.71 -15.75
C ALA E 375 -61.37 -5.56 -15.71
N VAL E 376 -60.66 -5.60 -16.82
CA VAL E 376 -59.39 -6.30 -16.93
C VAL E 376 -58.27 -5.28 -17.09
N ALA E 377 -57.16 -5.49 -16.37
CA ALA E 377 -56.03 -4.54 -16.40
C ALA E 377 -54.70 -5.29 -16.36
N THR E 378 -53.77 -4.88 -17.23
CA THR E 378 -52.45 -5.50 -17.31
C THR E 378 -51.46 -4.93 -16.29
N TYR E 379 -50.68 -5.81 -15.66
CA TYR E 379 -49.48 -5.38 -14.95
C TYR E 379 -48.38 -6.45 -15.07
N GLU E 380 -47.21 -6.01 -15.57
CA GLU E 380 -46.09 -6.90 -15.97
C GLU E 380 -46.49 -7.87 -17.08
N GLY E 381 -47.23 -7.39 -18.06
CA GLY E 381 -47.65 -8.28 -19.14
C GLY E 381 -48.48 -9.48 -18.72
N PHE E 382 -49.33 -9.32 -17.71
CA PHE E 382 -50.35 -10.32 -17.34
C PHE E 382 -51.68 -9.62 -17.17
N SER E 383 -52.76 -10.22 -17.67
CA SER E 383 -54.11 -9.70 -17.45
C SER E 383 -54.67 -10.18 -16.12
N ILE E 384 -55.48 -9.35 -15.48
CA ILE E 384 -56.11 -9.71 -14.21
C ILE E 384 -57.55 -9.22 -14.22
N ARG E 385 -58.52 -10.13 -14.05
CA ARG E 385 -59.91 -9.70 -13.87
C ARG E 385 -60.11 -9.23 -12.45
N VAL E 386 -61.07 -8.32 -12.27
CA VAL E 386 -61.53 -7.96 -10.94
C VAL E 386 -63.05 -7.84 -11.00
N HIS E 387 -63.75 -8.57 -10.14
CA HIS E 387 -65.19 -8.48 -10.01
C HIS E 387 -65.57 -7.69 -8.78
N LYS E 388 -66.53 -6.79 -8.92
CA LYS E 388 -67.02 -5.98 -7.82
C LYS E 388 -68.50 -6.27 -7.61
N TYR E 389 -68.85 -6.70 -6.40
CA TYR E 389 -70.22 -7.09 -6.12
C TYR E 389 -70.48 -6.81 -4.64
N ALA E 390 -71.70 -7.05 -4.20
CA ALA E 390 -72.07 -6.59 -2.87
C ALA E 390 -73.19 -7.44 -2.33
N ASP E 391 -73.38 -7.38 -1.01
CA ASP E 391 -74.52 -8.01 -0.36
C ASP E 391 -75.63 -6.96 -0.14
N GLY E 392 -76.83 -7.25 -0.64
CA GLY E 392 -77.93 -6.35 -0.40
C GLY E 392 -78.27 -6.23 1.07
N ASP E 393 -78.49 -7.35 1.76
CA ASP E 393 -79.13 -7.28 3.07
C ASP E 393 -78.17 -6.96 4.20
N ALA E 394 -76.90 -7.30 4.07
CA ALA E 394 -75.83 -6.73 4.88
C ALA E 394 -75.06 -5.78 3.99
N ASN E 395 -74.90 -4.54 4.41
CA ASN E 395 -74.29 -3.54 3.53
C ASN E 395 -72.85 -3.82 3.03
N VAL E 396 -72.27 -4.97 3.40
CA VAL E 396 -70.95 -5.36 2.94
C VAL E 396 -70.77 -5.20 1.43
N GLN E 397 -69.59 -4.76 1.00
CA GLN E 397 -69.26 -4.83 -0.42
C GLN E 397 -67.88 -5.44 -0.65
N LYS E 398 -67.74 -6.17 -1.78
CA LYS E 398 -66.75 -7.22 -1.94
C LYS E 398 -66.02 -7.06 -3.27
N MET E 399 -64.73 -7.43 -3.30
CA MET E 399 -63.91 -7.36 -4.51
C MET E 399 -63.00 -8.57 -4.53
N ARG E 400 -62.77 -9.14 -5.72
CA ARG E 400 -61.83 -10.25 -5.86
C ARG E 400 -61.02 -10.04 -7.12
N PHE E 401 -59.73 -10.39 -7.06
CA PHE E 401 -58.81 -10.31 -8.19
C PHE E 401 -58.34 -11.72 -8.47
N ASP E 402 -58.25 -12.12 -9.76
CA ASP E 402 -58.04 -13.53 -10.14
C ASP E 402 -57.05 -13.66 -11.30
N LEU E 403 -56.31 -14.78 -11.31
CA LEU E 403 -55.43 -15.16 -12.41
C LEU E 403 -55.34 -16.69 -12.51
N LEU E 404 -55.33 -17.25 -13.76
CA LEU E 404 -55.02 -18.67 -14.01
C LEU E 404 -53.74 -18.91 -14.79
N PRO E 405 -52.74 -19.56 -14.20
CA PRO E 405 -51.55 -19.95 -14.95
C PRO E 405 -51.60 -21.38 -15.53
N ALA E 406 -50.58 -21.70 -16.33
CA ALA E 406 -50.45 -22.99 -16.98
C ALA E 406 -48.96 -23.28 -17.14
N TYR E 407 -48.55 -24.55 -17.02
CA TYR E 407 -47.13 -24.88 -16.90
C TYR E 407 -46.72 -26.13 -17.68
N VAL E 408 -45.58 -26.10 -18.36
CA VAL E 408 -45.09 -27.24 -19.12
C VAL E 408 -43.64 -27.49 -18.74
N CYS E 409 -43.31 -28.72 -18.34
CA CYS E 409 -41.91 -29.14 -18.31
C CYS E 409 -41.64 -29.97 -19.56
N PHE E 410 -40.88 -29.41 -20.50
CA PHE E 410 -40.59 -30.12 -21.73
C PHE E 410 -39.59 -31.26 -21.51
N ASN E 411 -38.44 -30.95 -20.92
CA ASN E 411 -37.35 -31.94 -20.82
C ASN E 411 -36.62 -31.78 -19.49
N PRO E 412 -36.94 -32.57 -18.50
CA PRO E 412 -36.25 -32.43 -17.21
C PRO E 412 -34.73 -32.50 -17.28
N HIS E 413 -34.16 -32.97 -18.39
CA HIS E 413 -32.72 -33.10 -18.51
C HIS E 413 -32.06 -31.84 -19.02
N MET E 414 -32.80 -30.75 -19.18
CA MET E 414 -32.20 -29.48 -19.58
C MET E 414 -32.07 -28.41 -18.50
N GLY E 415 -32.27 -28.71 -17.20
CA GLY E 415 -32.02 -27.75 -16.14
C GLY E 415 -31.84 -28.45 -14.81
N GLY E 416 -31.36 -27.70 -13.82
CA GLY E 416 -31.11 -28.29 -12.50
C GLY E 416 -30.58 -27.27 -11.51
N GLN E 417 -29.94 -27.75 -10.44
CA GLN E 417 -29.41 -26.91 -9.35
C GLN E 417 -27.89 -26.94 -9.32
N PHE E 418 -27.22 -25.83 -8.93
CA PHE E 418 -25.76 -25.92 -8.81
C PHE E 418 -25.24 -25.27 -7.53
N PHE E 419 -24.04 -25.73 -7.12
CA PHE E 419 -23.32 -25.28 -5.92
C PHE E 419 -21.82 -25.14 -6.29
N GLY E 420 -20.95 -24.75 -5.33
CA GLY E 420 -19.53 -24.62 -5.66
C GLY E 420 -18.78 -25.91 -5.53
N ASN E 421 -17.48 -26.00 -5.99
CA ASN E 421 -16.82 -27.28 -5.67
C ASN E 421 -15.59 -26.97 -4.84
N PRO E 422 -15.33 -27.83 -3.84
CA PRO E 422 -14.25 -27.87 -2.89
C PRO E 422 -13.08 -28.75 -3.36
N PRO F 1 24.56 43.88 40.00
CA PRO F 1 23.56 43.30 39.08
C PRO F 1 22.23 44.06 39.08
N ASN F 2 21.65 44.23 37.89
CA ASN F 2 20.36 44.91 37.80
C ASN F 2 19.25 43.93 38.14
N ASN F 3 18.13 44.45 38.63
CA ASN F 3 16.92 43.64 38.82
C ASN F 3 15.77 44.38 38.17
N LEU F 4 15.31 43.96 37.00
CA LEU F 4 14.35 44.79 36.29
C LEU F 4 12.90 44.34 36.37
N ASP F 5 12.59 43.18 36.95
CA ASP F 5 11.31 42.56 36.63
C ASP F 5 10.09 43.18 37.31
N SER F 6 10.24 44.17 38.20
CA SER F 6 9.07 44.97 38.56
C SER F 6 8.80 46.08 37.58
N ASN F 7 9.54 46.17 36.48
CA ASN F 7 9.29 47.21 35.50
C ASN F 7 8.19 46.80 34.57
N VAL F 8 8.01 45.50 34.41
CA VAL F 8 7.21 44.89 33.35
C VAL F 8 6.11 44.08 34.00
N SER F 9 5.14 43.68 33.18
CA SER F 9 3.95 42.98 33.63
C SER F 9 3.77 41.69 32.86
N GLN F 10 3.09 40.72 33.48
CA GLN F 10 2.86 39.40 32.87
C GLN F 10 1.55 39.39 32.10
N ILE F 11 1.66 39.36 30.78
CA ILE F 11 0.59 39.70 29.85
C ILE F 11 -0.06 38.43 29.30
N VAL F 12 -1.39 38.43 29.21
CA VAL F 12 -2.11 37.37 28.52
C VAL F 12 -2.73 37.99 27.28
N LEU F 13 -2.17 37.68 26.11
CA LEU F 13 -2.62 38.31 24.87
C LEU F 13 -4.07 37.93 24.63
N LYS F 14 -4.79 38.80 23.93
CA LYS F 14 -6.19 38.49 23.66
C LYS F 14 -6.24 37.74 22.34
N LYS F 15 -6.16 36.41 22.44
CA LYS F 15 -6.22 35.47 21.32
C LYS F 15 -6.55 34.10 21.88
N PHE F 16 -7.30 33.29 21.12
CA PHE F 16 -7.50 31.91 21.53
C PHE F 16 -6.84 30.95 20.55
N LEU F 17 -6.39 29.81 21.06
CA LEU F 17 -5.88 28.72 20.23
C LEU F 17 -7.05 27.99 19.58
N PRO F 18 -6.78 27.04 18.71
CA PRO F 18 -7.84 26.15 18.22
C PRO F 18 -8.23 25.07 19.23
N GLY F 19 -9.51 24.70 19.21
CA GLY F 19 -10.01 23.58 20.01
C GLY F 19 -10.04 22.31 19.19
N PHE F 20 -10.61 21.26 19.77
CA PHE F 20 -10.86 20.14 18.87
C PHE F 20 -12.32 20.24 18.40
N MET F 21 -12.71 19.36 17.49
CA MET F 21 -14.04 19.42 16.88
C MET F 21 -14.43 18.00 16.46
N SER F 22 -15.65 17.84 16.00
CA SER F 22 -16.17 16.52 15.66
C SER F 22 -17.07 16.63 14.43
N ASP F 23 -17.21 15.52 13.72
CA ASP F 23 -17.95 15.51 12.46
C ASP F 23 -19.41 15.18 12.70
N LEU F 24 -20.29 15.78 11.90
CA LEU F 24 -21.72 15.46 11.99
C LEU F 24 -22.12 14.79 10.68
N VAL F 25 -22.10 13.46 10.63
CA VAL F 25 -22.54 12.76 9.42
C VAL F 25 -23.88 12.04 9.56
N LEU F 26 -24.32 11.70 10.77
CA LEU F 26 -25.62 11.05 10.90
C LEU F 26 -26.74 12.03 10.60
N ALA F 27 -26.66 13.23 11.18
CA ALA F 27 -27.68 14.23 10.94
C ALA F 27 -27.94 14.41 9.44
N LYS F 28 -26.88 14.55 8.64
CA LYS F 28 -27.10 14.93 7.25
C LYS F 28 -27.89 13.86 6.50
N THR F 29 -27.70 12.58 6.83
CA THR F 29 -28.21 11.48 6.00
C THR F 29 -29.53 10.86 6.46
N VAL F 30 -30.05 11.14 7.67
CA VAL F 30 -31.33 10.50 8.01
C VAL F 30 -32.42 11.25 7.29
N ASP F 31 -33.64 10.83 7.50
CA ASP F 31 -34.76 11.46 6.81
C ASP F 31 -35.06 12.80 7.45
N ARG F 32 -35.14 13.84 6.64
CA ARG F 32 -35.34 15.17 7.16
C ARG F 32 -36.71 15.73 6.78
N GLN F 33 -37.02 15.86 5.48
CA GLN F 33 -38.23 16.56 5.00
C GLN F 33 -39.54 15.93 5.45
N LEU F 34 -39.54 14.71 5.98
CA LEU F 34 -40.80 14.04 6.22
C LEU F 34 -41.45 14.46 7.53
N LEU F 35 -40.65 14.77 8.54
CA LEU F 35 -41.11 15.20 9.85
C LEU F 35 -41.08 16.73 10.03
N ALA F 36 -40.77 17.49 8.98
CA ALA F 36 -40.49 18.93 9.13
C ALA F 36 -41.75 19.75 9.30
N GLY F 37 -41.82 20.53 10.37
CA GLY F 37 -43.00 21.31 10.66
C GLY F 37 -44.21 20.52 11.09
N GLU F 38 -44.10 19.20 11.29
CA GLU F 38 -45.30 18.41 11.53
C GLU F 38 -45.77 18.52 12.96
N ILE F 39 -44.87 18.60 13.92
CA ILE F 39 -45.24 18.76 15.31
C ILE F 39 -45.26 20.25 15.60
N ASN F 40 -46.46 20.78 15.87
CA ASN F 40 -46.70 22.19 16.08
C ASN F 40 -47.79 22.31 17.13
N SER F 41 -48.30 23.52 17.35
CA SER F 41 -49.20 23.72 18.47
C SER F 41 -50.57 23.09 18.26
N SER F 42 -51.00 22.83 17.02
CA SER F 42 -52.29 22.19 16.81
C SER F 42 -52.25 20.71 17.11
N THR F 43 -51.05 20.15 17.14
CA THR F 43 -50.80 18.73 17.16
C THR F 43 -50.67 18.09 18.54
N GLY F 44 -50.38 18.86 19.60
CA GLY F 44 -49.89 18.18 20.79
C GLY F 44 -48.57 17.51 20.47
N ASP F 45 -48.09 16.68 21.39
CA ASP F 45 -46.66 16.37 21.41
C ASP F 45 -46.25 15.18 20.54
N SER F 46 -47.13 14.63 19.70
CA SER F 46 -46.69 13.54 18.82
C SER F 46 -47.51 13.55 17.53
N VAL F 47 -47.16 12.69 16.59
CA VAL F 47 -47.91 12.60 15.34
C VAL F 47 -47.56 11.23 14.76
N SER F 48 -48.22 10.82 13.67
CA SER F 48 -48.11 9.42 13.23
C SER F 48 -48.21 9.33 11.73
N PHE F 49 -47.60 8.27 11.15
CA PHE F 49 -47.66 8.00 9.72
C PHE F 49 -48.17 6.56 9.52
N LYS F 50 -48.53 6.23 8.29
CA LYS F 50 -49.21 4.97 7.99
C LYS F 50 -48.24 3.89 7.50
N ARG F 51 -48.26 2.73 8.15
CA ARG F 51 -47.62 1.50 7.67
C ARG F 51 -48.32 1.05 6.38
N PRO F 52 -47.63 0.38 5.45
CA PRO F 52 -48.30 -0.14 4.26
C PRO F 52 -49.05 -1.44 4.51
N HIS F 53 -50.10 -1.62 3.74
CA HIS F 53 -50.95 -2.80 3.69
C HIS F 53 -50.32 -3.96 2.90
N GLN F 54 -50.52 -5.21 3.37
CA GLN F 54 -50.02 -6.40 2.67
C GLN F 54 -51.14 -7.40 2.58
N PHE F 55 -51.16 -8.20 1.52
CA PHE F 55 -52.24 -9.15 1.26
C PHE F 55 -51.68 -10.53 1.07
N SER F 56 -52.45 -11.55 1.39
CA SER F 56 -52.12 -12.92 1.00
C SER F 56 -53.04 -13.38 -0.12
N SER F 57 -52.84 -14.59 -0.62
CA SER F 57 -53.81 -15.09 -1.59
C SER F 57 -54.19 -16.53 -1.27
N LEU F 58 -55.22 -17.01 -1.98
CA LEU F 58 -55.76 -18.35 -1.80
C LEU F 58 -55.61 -19.16 -3.08
N ARG F 59 -55.25 -20.43 -2.92
CA ARG F 59 -54.98 -21.32 -4.06
C ARG F 59 -56.02 -22.45 -4.05
N THR F 60 -56.88 -22.48 -5.07
CA THR F 60 -58.08 -23.33 -5.08
C THR F 60 -58.20 -24.00 -6.44
N PRO F 61 -58.65 -25.25 -6.52
CA PRO F 61 -58.80 -25.84 -7.87
C PRO F 61 -59.78 -25.08 -8.74
N THR F 62 -60.99 -24.85 -8.25
CA THR F 62 -62.03 -24.12 -8.98
C THR F 62 -62.05 -22.63 -8.70
N GLY F 63 -61.41 -22.20 -7.63
CA GLY F 63 -61.48 -20.81 -7.23
C GLY F 63 -62.79 -20.31 -6.62
N ASP F 64 -63.51 -21.13 -5.84
CA ASP F 64 -64.55 -20.59 -4.96
C ASP F 64 -64.05 -20.55 -3.52
N ILE F 65 -64.15 -19.37 -2.91
CA ILE F 65 -63.59 -19.09 -1.60
C ILE F 65 -64.62 -19.13 -0.48
N SER F 66 -65.87 -19.51 -0.76
CA SER F 66 -66.95 -19.34 0.21
C SER F 66 -66.64 -19.94 1.59
N GLY F 67 -65.95 -21.07 1.63
CA GLY F 67 -65.69 -21.76 2.89
C GLY F 67 -64.46 -21.33 3.66
N GLN F 68 -64.03 -20.07 3.48
CA GLN F 68 -62.71 -19.62 3.93
C GLN F 68 -62.79 -18.16 4.33
N ASN F 69 -61.63 -17.58 4.65
CA ASN F 69 -61.56 -16.23 5.19
C ASN F 69 -60.63 -15.34 4.37
N LYS F 70 -61.08 -14.10 4.19
CA LYS F 70 -60.48 -13.15 3.27
C LYS F 70 -59.40 -12.34 4.00
N ASN F 71 -58.71 -11.49 3.25
CA ASN F 71 -57.80 -10.55 3.87
C ASN F 71 -58.60 -9.57 4.71
N ASN F 72 -58.19 -9.37 5.96
CA ASN F 72 -58.74 -8.25 6.69
C ASN F 72 -58.00 -7.01 6.27
N LEU F 73 -58.40 -5.86 6.80
CA LEU F 73 -57.64 -4.63 6.59
C LEU F 73 -57.22 -4.13 7.96
N ILE F 74 -55.93 -4.23 8.28
CA ILE F 74 -55.44 -3.89 9.61
C ILE F 74 -54.47 -2.76 9.42
N SER F 75 -54.83 -1.57 9.88
CA SER F 75 -53.91 -0.44 9.83
C SER F 75 -52.83 -0.54 10.91
N GLY F 76 -51.73 0.16 10.68
CA GLY F 76 -50.76 0.38 11.73
C GLY F 76 -50.18 1.76 11.52
N LYS F 77 -49.43 2.23 12.52
CA LYS F 77 -48.86 3.58 12.46
C LYS F 77 -47.56 3.65 13.24
N ALA F 78 -46.70 4.57 12.83
CA ALA F 78 -45.47 4.88 13.54
C ALA F 78 -45.56 6.30 14.10
N THR F 79 -45.24 6.46 15.39
CA THR F 79 -45.42 7.72 16.12
C THR F 79 -44.08 8.41 16.36
N GLY F 80 -43.96 9.67 15.90
CA GLY F 80 -42.88 10.54 16.34
C GLY F 80 -43.24 11.30 17.61
N ARG F 81 -42.25 11.52 18.50
CA ARG F 81 -42.45 12.20 19.77
C ARG F 81 -41.43 13.32 19.95
N VAL F 82 -41.70 14.25 20.87
CA VAL F 82 -40.67 15.22 21.23
C VAL F 82 -39.76 14.59 22.28
N GLY F 83 -38.45 14.88 22.20
CA GLY F 83 -37.49 14.41 23.19
C GLY F 83 -37.33 15.39 24.35
N ASN F 84 -36.26 15.21 25.12
CA ASN F 84 -35.96 16.14 26.20
C ASN F 84 -35.30 17.42 25.65
N TYR F 85 -35.15 18.43 26.50
CA TYR F 85 -34.41 19.57 25.98
C TYR F 85 -32.93 19.30 26.04
N ILE F 86 -32.18 20.02 25.21
CA ILE F 86 -30.73 20.05 25.31
C ILE F 86 -30.39 21.47 25.73
N THR F 87 -29.69 21.62 26.86
CA THR F 87 -29.50 22.93 27.50
C THR F 87 -28.08 23.05 28.01
N VAL F 88 -27.34 24.05 27.55
CA VAL F 88 -26.11 24.44 28.23
C VAL F 88 -26.32 25.80 28.88
N ALA F 89 -26.09 25.86 30.19
CA ALA F 89 -26.35 27.05 31.01
C ALA F 89 -25.09 27.46 31.78
N VAL F 90 -24.89 28.78 31.95
CA VAL F 90 -23.74 29.32 32.67
C VAL F 90 -24.18 30.51 33.52
N GLU F 91 -23.49 30.76 34.63
CA GLU F 91 -23.76 31.97 35.43
C GLU F 91 -22.46 32.52 36.00
N TYR F 92 -22.39 33.83 36.18
CA TYR F 92 -21.19 34.46 36.72
C TYR F 92 -21.58 35.73 37.45
N GLN F 93 -20.76 36.13 38.42
CA GLN F 93 -21.08 37.25 39.31
C GLN F 93 -20.87 38.57 38.59
N GLN F 94 -21.58 39.61 39.03
CA GLN F 94 -21.35 40.92 38.44
C GLN F 94 -19.91 41.36 38.63
N LEU F 95 -19.35 41.12 39.82
CA LEU F 95 -17.95 41.43 40.09
C LEU F 95 -17.01 40.82 39.04
N GLU F 96 -17.17 39.51 38.77
CA GLU F 96 -16.37 38.85 37.75
C GLU F 96 -16.45 39.55 36.41
N GLU F 97 -17.64 39.96 35.98
CA GLU F 97 -17.73 40.65 34.70
C GLU F 97 -16.97 41.97 34.73
N ALA F 98 -16.98 42.65 35.87
CA ALA F 98 -16.36 43.98 35.95
C ALA F 98 -14.86 43.89 35.82
N ILE F 99 -14.22 42.97 36.55
CA ILE F 99 -12.77 42.90 36.59
C ILE F 99 -12.14 41.71 35.82
N LYS F 100 -12.89 40.62 35.50
CA LYS F 100 -12.29 39.43 34.86
C LYS F 100 -12.72 39.09 33.41
N LEU F 101 -13.78 39.65 32.85
CA LEU F 101 -14.48 38.94 31.78
C LEU F 101 -14.23 39.41 30.35
N ASN F 102 -13.20 40.19 30.07
CA ASN F 102 -12.94 40.65 28.69
C ASN F 102 -13.10 39.52 27.67
N GLN F 103 -13.63 39.88 26.49
CA GLN F 103 -13.88 38.95 25.38
C GLN F 103 -14.92 37.88 25.69
N LEU F 104 -16.03 38.26 26.32
CA LEU F 104 -17.00 37.25 26.71
C LEU F 104 -17.65 36.64 25.48
N GLU F 105 -17.85 37.45 24.44
CA GLU F 105 -18.30 36.98 23.14
C GLU F 105 -17.58 35.72 22.70
N GLU F 106 -16.24 35.74 22.77
CA GLU F 106 -15.40 34.66 22.27
C GLU F 106 -15.20 33.51 23.25
N ILE F 107 -15.28 33.73 24.56
CA ILE F 107 -15.31 32.60 25.46
C ILE F 107 -16.50 31.71 25.18
N LEU F 108 -17.65 32.30 24.88
CA LEU F 108 -18.88 31.51 24.69
C LEU F 108 -19.06 30.96 23.29
N ALA F 109 -18.11 31.18 22.39
CA ALA F 109 -18.27 30.69 21.03
C ALA F 109 -18.42 29.17 20.94
N PRO F 110 -17.66 28.34 21.65
CA PRO F 110 -17.84 26.89 21.52
C PRO F 110 -19.22 26.34 21.93
N VAL F 111 -20.11 27.07 22.62
CA VAL F 111 -21.33 26.43 23.16
C VAL F 111 -22.19 25.86 22.05
N ARG F 112 -22.20 26.45 20.86
CA ARG F 112 -23.09 25.91 19.83
C ARG F 112 -22.60 24.57 19.28
N GLN F 113 -21.30 24.38 19.08
CA GLN F 113 -20.80 23.04 18.74
C GLN F 113 -21.24 22.03 19.78
N ARG F 114 -21.26 22.40 21.06
CA ARG F 114 -21.63 21.49 22.12
C ARG F 114 -23.05 20.98 21.95
N ILE F 115 -24.00 21.88 21.65
CA ILE F 115 -25.39 21.50 21.48
C ILE F 115 -25.51 20.47 20.36
N VAL F 116 -24.87 20.73 19.23
CA VAL F 116 -25.01 19.81 18.10
C VAL F 116 -24.31 18.48 18.37
N THR F 117 -23.06 18.50 18.84
CA THR F 117 -22.41 17.25 19.25
C THR F 117 -23.31 16.41 20.13
N ASP F 118 -23.99 17.02 21.09
CA ASP F 118 -24.88 16.25 21.95
C ASP F 118 -26.13 15.79 21.21
N LEU F 119 -26.64 16.59 20.28
CA LEU F 119 -27.72 16.11 19.41
C LEU F 119 -27.34 14.80 18.75
N GLU F 120 -26.16 14.76 18.15
CA GLU F 120 -25.80 13.66 17.26
C GLU F 120 -25.18 12.49 18.01
N THR F 121 -24.81 12.66 19.27
CA THR F 121 -24.47 11.51 20.09
C THR F 121 -25.71 10.77 20.51
N GLU F 122 -26.80 11.49 20.75
CA GLU F 122 -28.02 10.83 21.18
C GLU F 122 -28.66 10.10 20.03
N LEU F 123 -28.61 10.70 18.84
CA LEU F 123 -29.11 10.05 17.65
C LEU F 123 -28.46 8.69 17.48
N ALA F 124 -27.14 8.63 17.64
CA ALA F 124 -26.42 7.37 17.48
C ALA F 124 -26.87 6.32 18.48
N HIS F 125 -27.17 6.71 19.73
CA HIS F 125 -27.72 5.73 20.66
C HIS F 125 -29.15 5.34 20.35
N PHE F 126 -29.93 6.19 19.67
CA PHE F 126 -31.25 5.74 19.25
C PHE F 126 -31.18 4.76 18.09
N MET F 127 -30.13 4.83 17.29
CA MET F 127 -30.02 3.88 16.21
C MET F 127 -29.52 2.52 16.67
N MET F 128 -28.61 2.49 17.64
CA MET F 128 -28.30 1.24 18.33
C MET F 128 -29.56 0.63 18.95
N ASN F 129 -30.22 1.37 19.84
CA ASN F 129 -31.32 0.80 20.63
C ASN F 129 -32.51 0.37 19.81
N ASN F 130 -32.70 0.91 18.61
CA ASN F 130 -33.88 0.53 17.83
C ASN F 130 -33.58 -0.57 16.82
N GLY F 131 -32.72 -0.32 15.84
CA GLY F 131 -32.49 -1.24 14.73
C GLY F 131 -32.23 -2.68 15.08
N ALA F 132 -32.98 -3.58 14.44
CA ALA F 132 -32.99 -4.99 14.76
C ALA F 132 -31.84 -5.77 14.13
N LEU F 133 -31.35 -5.34 12.97
CA LEU F 133 -30.43 -6.12 12.16
C LEU F 133 -29.02 -6.15 12.72
N SER F 134 -28.30 -7.27 12.51
CA SER F 134 -26.89 -7.38 12.89
C SER F 134 -26.13 -8.35 12.00
N LEU F 135 -24.86 -8.02 11.76
CA LEU F 135 -23.94 -8.77 10.91
C LEU F 135 -22.59 -8.89 11.59
N GLY F 136 -21.88 -9.97 11.31
CA GLY F 136 -20.53 -10.11 11.86
C GLY F 136 -20.52 -10.47 13.35
N SER F 137 -19.32 -10.33 13.93
CA SER F 137 -19.04 -10.63 15.33
C SER F 137 -18.43 -9.40 16.00
N PRO F 138 -18.82 -9.09 17.24
CA PRO F 138 -18.48 -7.75 17.78
C PRO F 138 -17.01 -7.51 18.08
N ASN F 139 -16.22 -8.54 18.37
CA ASN F 139 -14.79 -8.30 18.52
C ASN F 139 -14.13 -7.82 17.22
N THR F 140 -14.49 -8.42 16.07
CA THR F 140 -13.66 -8.36 14.87
C THR F 140 -13.76 -7.03 14.14
N PRO F 141 -12.64 -6.46 13.69
CA PRO F 141 -12.65 -5.16 12.99
C PRO F 141 -13.16 -5.29 11.54
N ILE F 142 -13.59 -4.16 10.98
CA ILE F 142 -13.76 -4.08 9.52
C ILE F 142 -12.37 -4.09 8.88
N THR F 143 -12.14 -5.02 7.96
CA THR F 143 -10.80 -5.23 7.39
C THR F 143 -10.80 -5.23 5.87
N LYS F 144 -11.51 -6.17 5.27
CA LYS F 144 -11.42 -6.38 3.84
C LYS F 144 -12.73 -5.95 3.19
N TRP F 145 -12.76 -6.00 1.85
CA TRP F 145 -13.84 -5.36 1.09
C TRP F 145 -15.19 -5.97 1.40
N SER F 146 -15.24 -7.29 1.53
CA SER F 146 -16.49 -8.01 1.78
C SER F 146 -17.13 -7.69 3.11
N ASP F 147 -16.37 -7.12 4.05
CA ASP F 147 -16.91 -6.76 5.35
C ASP F 147 -17.88 -5.61 5.25
N VAL F 148 -17.63 -4.67 4.35
CA VAL F 148 -18.59 -3.60 4.15
C VAL F 148 -19.71 -4.04 3.23
N ALA F 149 -19.40 -4.87 2.24
CA ALA F 149 -20.34 -5.14 1.16
C ALA F 149 -21.47 -6.07 1.59
N GLN F 150 -21.26 -6.88 2.63
CA GLN F 150 -22.35 -7.70 3.11
C GLN F 150 -23.56 -6.89 3.48
N THR F 151 -23.38 -5.63 3.81
CA THR F 151 -24.50 -4.86 4.31
C THR F 151 -25.41 -4.42 3.17
N ALA F 152 -24.83 -4.08 2.03
CA ALA F 152 -25.64 -3.72 0.87
C ALA F 152 -26.46 -4.89 0.38
N SER F 153 -25.95 -6.11 0.53
CA SER F 153 -26.70 -7.23 -0.03
C SER F 153 -27.65 -7.88 0.97
N PHE F 154 -27.55 -7.59 2.25
CA PHE F 154 -28.53 -8.03 3.23
C PHE F 154 -29.74 -7.11 3.25
N LEU F 155 -29.53 -5.82 2.99
CA LEU F 155 -30.64 -4.92 2.67
C LEU F 155 -31.27 -5.27 1.34
N LYS F 156 -30.47 -5.56 0.31
CA LYS F 156 -31.05 -5.99 -0.96
C LYS F 156 -31.89 -7.25 -0.82
N ASP F 157 -31.35 -8.29 -0.16
CA ASP F 157 -32.02 -9.58 -0.06
C ASP F 157 -33.26 -9.48 0.78
N LEU F 158 -33.27 -8.60 1.75
CA LEU F 158 -34.43 -8.47 2.63
C LEU F 158 -35.57 -7.77 1.93
N GLY F 159 -35.28 -7.03 0.85
CA GLY F 159 -36.29 -6.40 0.02
C GLY F 159 -36.28 -4.87 -0.08
N VAL F 160 -35.45 -4.17 0.67
CA VAL F 160 -35.46 -2.69 0.68
C VAL F 160 -35.08 -2.12 -0.69
N ASN F 161 -36.00 -1.34 -1.30
CA ASN F 161 -35.74 -0.63 -2.56
C ASN F 161 -35.81 0.91 -2.54
N GLU F 162 -36.00 1.58 -1.41
CA GLU F 162 -36.39 2.99 -1.41
C GLU F 162 -35.36 3.93 -0.79
N GLY F 163 -34.82 4.84 -1.62
CA GLY F 163 -33.82 5.80 -1.14
C GLY F 163 -32.40 5.24 -1.02
N GLU F 164 -31.53 6.05 -0.43
CA GLU F 164 -30.14 5.67 -0.27
C GLU F 164 -29.96 4.66 0.86
N ASN F 165 -28.86 3.92 0.81
CA ASN F 165 -28.44 3.12 1.96
C ASN F 165 -27.08 3.62 2.39
N TYR F 166 -26.78 3.50 3.69
CA TYR F 166 -25.60 4.13 4.26
C TYR F 166 -24.93 3.17 5.21
N ALA F 167 -23.62 3.02 5.08
CA ALA F 167 -22.78 2.39 6.09
C ALA F 167 -21.82 3.44 6.63
N VAL F 168 -21.66 3.50 7.94
CA VAL F 168 -20.89 4.54 8.63
C VAL F 168 -19.89 3.89 9.57
N MET F 169 -18.60 4.16 9.36
CA MET F 169 -17.51 3.54 10.11
C MET F 169 -16.57 4.62 10.63
N ASP F 170 -15.54 4.23 11.39
CA ASP F 170 -14.64 5.19 12.07
C ASP F 170 -13.32 5.38 11.32
N PRO F 171 -12.47 6.31 11.78
CA PRO F 171 -11.27 6.65 10.99
C PRO F 171 -10.32 5.49 10.74
N TRP F 172 -10.24 4.54 11.67
CA TRP F 172 -9.27 3.48 11.51
C TRP F 172 -9.75 2.42 10.54
N SER F 173 -11.07 2.14 10.51
CA SER F 173 -11.64 1.20 9.54
C SER F 173 -11.59 1.75 8.13
N ALA F 174 -11.78 3.06 7.95
CA ALA F 174 -11.59 3.65 6.64
C ALA F 174 -10.15 3.51 6.16
N GLN F 175 -9.17 3.56 7.06
CA GLN F 175 -7.79 3.48 6.63
C GLN F 175 -7.46 2.12 6.09
N ARG F 176 -7.83 1.07 6.83
CA ARG F 176 -7.62 -0.30 6.37
C ARG F 176 -8.29 -0.57 5.02
N LEU F 177 -9.43 0.05 4.74
CA LEU F 177 -10.02 -0.11 3.43
C LEU F 177 -9.27 0.63 2.35
N ALA F 178 -8.53 1.69 2.69
CA ALA F 178 -7.70 2.34 1.68
C ALA F 178 -6.41 1.60 1.48
N ASP F 179 -5.91 0.90 2.50
CA ASP F 179 -4.78 0.04 2.29
C ASP F 179 -5.13 -1.07 1.34
N ALA F 180 -6.33 -1.63 1.50
CA ALA F 180 -6.81 -2.64 0.56
C ALA F 180 -6.96 -2.07 -0.84
N GLN F 181 -7.21 -0.78 -0.95
CA GLN F 181 -7.41 -0.18 -2.26
C GLN F 181 -6.11 0.26 -2.91
N THR F 182 -5.02 0.35 -2.17
CA THR F 182 -3.74 0.61 -2.81
C THR F 182 -3.21 -0.64 -3.49
N GLY F 183 -3.86 -1.79 -3.28
CA GLY F 183 -3.47 -3.07 -3.82
C GLY F 183 -4.16 -3.52 -5.09
N LEU F 184 -5.12 -2.76 -5.60
CA LEU F 184 -5.85 -3.12 -6.80
C LEU F 184 -4.97 -3.06 -8.03
N HIS F 185 -5.15 -4.04 -8.91
CA HIS F 185 -4.27 -4.27 -10.02
C HIS F 185 -4.70 -3.61 -11.30
N ALA F 186 -5.74 -2.81 -11.33
CA ALA F 186 -6.04 -2.35 -12.67
C ALA F 186 -6.21 -0.83 -12.79
N SER F 187 -7.23 -0.24 -12.17
CA SER F 187 -7.58 1.12 -12.58
C SER F 187 -6.72 2.10 -11.80
N ASP F 188 -6.01 2.97 -12.54
CA ASP F 188 -4.99 3.81 -11.93
C ASP F 188 -5.60 4.98 -11.17
N GLN F 189 -6.71 5.56 -11.64
CA GLN F 189 -7.33 6.60 -10.84
C GLN F 189 -7.68 6.11 -9.46
N LEU F 190 -8.19 4.90 -9.35
CA LEU F 190 -8.70 4.49 -8.06
C LEU F 190 -7.55 4.18 -7.10
N VAL F 191 -6.35 3.89 -7.59
CA VAL F 191 -5.19 3.72 -6.69
C VAL F 191 -4.45 5.02 -6.40
N ARG F 192 -4.35 5.99 -7.33
CA ARG F 192 -3.75 7.27 -6.97
C ARG F 192 -4.50 7.98 -5.86
N THR F 193 -5.84 7.91 -5.88
CA THR F 193 -6.60 8.62 -4.87
C THR F 193 -6.33 8.05 -3.48
N ALA F 194 -6.14 6.75 -3.36
CA ALA F 194 -5.88 6.16 -2.06
C ALA F 194 -4.46 6.34 -1.62
N TRP F 195 -3.52 6.37 -2.56
CA TRP F 195 -2.12 6.39 -2.18
C TRP F 195 -1.76 7.77 -1.62
N GLU F 196 -2.30 8.82 -2.21
CA GLU F 196 -2.07 10.20 -1.81
C GLU F 196 -3.03 10.64 -0.71
N ASN F 197 -4.33 10.62 -1.00
CA ASN F 197 -5.35 11.13 -0.09
C ASN F 197 -5.89 10.12 0.92
N ALA F 198 -5.70 8.84 0.71
CA ALA F 198 -6.22 7.79 1.60
C ALA F 198 -7.74 7.88 1.76
N GLN F 199 -8.45 7.85 0.63
CA GLN F 199 -9.90 8.01 0.61
C GLN F 199 -10.54 6.96 -0.28
N ILE F 200 -11.47 6.19 0.28
CA ILE F 200 -12.31 5.31 -0.51
C ILE F 200 -13.28 6.20 -1.26
N PRO F 201 -13.89 5.73 -2.39
CA PRO F 201 -14.81 6.60 -3.14
C PRO F 201 -16.20 6.72 -2.52
N THR F 202 -17.10 7.38 -3.24
CA THR F 202 -18.41 7.72 -2.68
C THR F 202 -19.30 6.49 -2.56
N ASN F 203 -19.36 5.67 -3.61
CA ASN F 203 -20.06 4.39 -3.58
C ASN F 203 -19.05 3.28 -3.42
N PHE F 204 -19.19 2.50 -2.36
CA PHE F 204 -18.20 1.50 -2.01
C PHE F 204 -18.96 0.22 -1.68
N GLY F 205 -18.80 -0.80 -2.51
CA GLY F 205 -19.46 -2.06 -2.27
C GLY F 205 -20.92 -2.09 -2.60
N GLY F 206 -21.46 -1.05 -3.23
CA GLY F 206 -22.88 -1.00 -3.51
C GLY F 206 -23.67 -0.22 -2.49
N ILE F 207 -23.02 0.68 -1.76
CA ILE F 207 -23.66 1.43 -0.68
C ILE F 207 -22.85 2.70 -0.49
N ARG F 208 -23.49 3.75 0.04
CA ARG F 208 -22.79 5.00 0.33
C ARG F 208 -22.03 4.79 1.62
N ALA F 209 -20.72 4.98 1.57
CA ALA F 209 -19.93 4.75 2.77
C ALA F 209 -19.43 6.10 3.25
N LEU F 210 -19.29 6.21 4.57
CA LEU F 210 -19.01 7.48 5.20
C LEU F 210 -18.15 7.25 6.42
N MET F 211 -17.20 8.13 6.66
CA MET F 211 -16.32 8.08 7.81
C MET F 211 -16.73 9.12 8.84
N SER F 212 -16.70 8.73 10.12
CA SER F 212 -17.01 9.67 11.20
C SER F 212 -16.22 9.33 12.44
N ASN F 213 -15.70 10.35 13.11
CA ASN F 213 -15.28 10.24 14.50
C ASN F 213 -16.41 10.59 15.50
N GLY F 214 -17.64 10.79 15.05
CA GLY F 214 -18.72 11.02 15.99
C GLY F 214 -19.59 9.82 16.35
N LEU F 215 -19.11 8.59 16.16
CA LEU F 215 -19.88 7.43 16.59
C LEU F 215 -19.78 7.23 18.10
N ALA F 216 -20.46 6.20 18.61
CA ALA F 216 -20.71 6.06 20.05
C ALA F 216 -20.42 4.65 20.51
N SER F 217 -20.01 4.50 21.78
CA SER F 217 -19.65 3.17 22.29
C SER F 217 -20.74 2.59 23.18
N ARG F 218 -20.54 1.32 23.59
CA ARG F 218 -21.43 0.66 24.53
C ARG F 218 -20.74 -0.53 25.18
N THR F 219 -21.21 -0.89 26.36
CA THR F 219 -20.68 -2.02 27.12
C THR F 219 -21.72 -3.12 27.18
N GLN F 220 -21.27 -4.38 27.12
CA GLN F 220 -22.18 -5.51 27.05
C GLN F 220 -22.91 -5.73 28.37
N GLY F 221 -22.18 -5.79 29.46
CA GLY F 221 -22.85 -6.19 30.69
C GLY F 221 -22.92 -7.69 30.83
N ALA F 222 -22.82 -8.16 32.07
CA ALA F 222 -22.32 -9.51 32.34
C ALA F 222 -23.47 -10.51 32.24
N PHE F 223 -23.38 -11.41 31.25
CA PHE F 223 -24.34 -12.48 31.06
C PHE F 223 -23.63 -13.83 31.01
N GLY F 224 -24.37 -14.90 31.22
CA GLY F 224 -23.78 -16.22 31.26
C GLY F 224 -24.85 -17.26 31.58
N GLY F 225 -24.53 -18.50 31.23
CA GLY F 225 -25.50 -19.58 31.28
C GLY F 225 -26.22 -19.77 29.96
N THR F 226 -26.84 -20.94 29.81
CA THR F 226 -27.54 -21.32 28.59
C THR F 226 -29.02 -20.90 28.68
N LEU F 227 -29.41 -19.95 27.83
CA LEU F 227 -30.70 -19.26 27.97
C LEU F 227 -31.75 -19.82 27.01
N THR F 228 -33.00 -19.90 27.49
CA THR F 228 -34.15 -20.34 26.70
C THR F 228 -35.35 -19.50 27.08
N VAL F 229 -36.38 -19.46 26.22
CA VAL F 229 -37.56 -18.64 26.50
C VAL F 229 -38.45 -19.39 27.50
N LYS F 230 -39.01 -18.65 28.45
CA LYS F 230 -39.78 -19.31 29.51
C LYS F 230 -41.22 -19.57 29.10
N THR F 231 -41.88 -18.59 28.47
CA THR F 231 -43.28 -18.68 28.07
C THR F 231 -43.41 -18.15 26.65
N GLN F 232 -44.36 -18.72 25.90
CA GLN F 232 -44.59 -18.33 24.51
C GLN F 232 -45.01 -16.87 24.42
N PRO F 233 -44.23 -16.00 23.78
CA PRO F 233 -44.62 -14.59 23.65
C PRO F 233 -45.83 -14.45 22.75
N THR F 234 -46.52 -13.32 22.88
CA THR F 234 -47.66 -13.05 22.00
C THR F 234 -47.16 -12.11 20.92
N VAL F 235 -46.85 -12.67 19.77
CA VAL F 235 -46.45 -11.86 18.63
C VAL F 235 -47.49 -12.15 17.56
N THR F 236 -48.47 -11.28 17.45
CA THR F 236 -49.38 -11.29 16.33
C THR F 236 -49.33 -9.90 15.77
N TYR F 237 -50.02 -9.67 14.68
CA TYR F 237 -49.89 -8.34 14.15
C TYR F 237 -50.73 -7.35 14.93
N ASN F 238 -51.86 -7.80 15.49
CA ASN F 238 -52.68 -6.94 16.35
C ASN F 238 -51.87 -6.35 17.50
N ALA F 239 -51.05 -7.16 18.16
CA ALA F 239 -50.35 -6.67 19.35
C ALA F 239 -49.29 -5.63 18.97
N VAL F 240 -48.46 -5.95 17.98
CA VAL F 240 -47.26 -5.15 17.74
C VAL F 240 -47.45 -4.10 16.66
N LYS F 241 -48.66 -3.94 16.12
CA LYS F 241 -48.77 -3.16 14.87
C LYS F 241 -48.41 -1.69 15.05
N ASP F 242 -48.54 -1.13 16.26
CA ASP F 242 -48.09 0.25 16.41
C ASP F 242 -46.61 0.37 16.83
N SER F 243 -46.19 -0.42 17.83
CA SER F 243 -44.86 -0.25 18.41
C SER F 243 -43.76 -0.95 17.61
N TYR F 244 -44.02 -2.16 17.08
CA TYR F 244 -42.96 -3.09 16.62
C TYR F 244 -41.98 -3.46 17.73
N GLN F 245 -42.52 -3.83 18.88
CA GLN F 245 -41.74 -4.20 20.05
C GLN F 245 -42.50 -5.24 20.83
N PHE F 246 -41.79 -6.11 21.54
CA PHE F 246 -42.51 -7.12 22.30
C PHE F 246 -41.72 -7.53 23.54
N THR F 247 -42.41 -7.71 24.64
CA THR F 247 -41.78 -8.25 25.82
C THR F 247 -41.57 -9.75 25.65
N VAL F 248 -40.46 -10.25 26.18
CA VAL F 248 -40.25 -11.69 26.31
C VAL F 248 -39.74 -11.96 27.72
N THR F 249 -39.60 -13.23 28.07
CA THR F 249 -39.03 -13.60 29.36
C THR F 249 -38.15 -14.83 29.19
N LEU F 250 -36.91 -14.73 29.68
CA LEU F 250 -35.87 -15.73 29.48
C LEU F 250 -35.69 -16.52 30.76
N THR F 251 -34.83 -17.54 30.70
CA THR F 251 -34.65 -18.43 31.84
C THR F 251 -33.32 -19.15 31.70
N GLY F 252 -32.85 -19.69 32.83
CA GLY F 252 -31.55 -20.34 32.88
C GLY F 252 -30.37 -19.38 32.88
N ALA F 253 -30.52 -18.20 33.50
CA ALA F 253 -29.47 -17.22 33.63
C ALA F 253 -28.68 -17.44 34.94
N THR F 254 -27.68 -16.60 35.16
CA THR F 254 -26.96 -16.57 36.44
C THR F 254 -27.88 -16.01 37.53
N ALA F 255 -27.58 -16.36 38.79
CA ALA F 255 -28.52 -16.14 39.90
C ALA F 255 -28.99 -14.70 40.05
N SER F 256 -28.17 -13.78 40.56
CA SER F 256 -28.59 -12.39 40.73
C SER F 256 -27.52 -11.45 40.19
N VAL F 257 -27.80 -10.81 39.07
CA VAL F 257 -26.80 -10.00 38.39
C VAL F 257 -27.45 -8.70 37.95
N THR F 258 -26.96 -7.57 38.47
CA THR F 258 -27.46 -6.28 38.05
C THR F 258 -26.87 -5.95 36.68
N GLY F 259 -27.72 -5.50 35.76
CA GLY F 259 -27.28 -5.28 34.40
C GLY F 259 -26.82 -6.57 33.76
N PHE F 260 -27.69 -7.57 33.77
CA PHE F 260 -27.44 -8.80 33.04
C PHE F 260 -27.39 -8.53 31.54
N LEU F 261 -28.30 -7.69 31.04
CA LEU F 261 -28.33 -7.22 29.67
C LEU F 261 -28.42 -5.70 29.67
N LYS F 262 -27.80 -5.07 28.70
CA LYS F 262 -27.77 -3.63 28.67
C LYS F 262 -28.36 -3.19 27.38
N ALA F 263 -28.79 -1.95 27.31
CA ALA F 263 -29.40 -1.47 26.10
C ALA F 263 -28.43 -1.65 24.98
N GLY F 264 -28.92 -2.13 23.86
CA GLY F 264 -28.10 -2.36 22.71
C GLY F 264 -27.55 -3.76 22.51
N ASP F 265 -27.65 -4.69 23.44
CA ASP F 265 -27.13 -5.96 23.07
C ASP F 265 -28.09 -6.59 22.09
N GLN F 266 -27.64 -7.62 21.39
CA GLN F 266 -28.51 -8.27 20.43
C GLN F 266 -28.67 -9.72 20.78
N VAL F 267 -29.92 -10.14 20.93
CA VAL F 267 -30.29 -11.52 21.23
C VAL F 267 -30.68 -12.18 19.92
N LYS F 268 -30.22 -13.42 19.71
CA LYS F 268 -30.42 -14.13 18.46
C LYS F 268 -31.23 -15.39 18.75
N PHE F 269 -32.39 -15.51 18.09
CA PHE F 269 -33.26 -16.67 18.22
C PHE F 269 -32.84 -17.69 17.17
N THR F 270 -32.32 -18.83 17.62
CA THR F 270 -31.44 -19.66 16.78
C THR F 270 -32.18 -20.34 15.64
N ASN F 271 -33.29 -21.03 15.93
CA ASN F 271 -33.95 -21.88 14.93
C ASN F 271 -35.01 -21.17 14.11
N THR F 272 -35.12 -19.85 14.24
CA THR F 272 -36.19 -19.07 13.64
C THR F 272 -35.55 -18.09 12.69
N TYR F 273 -35.88 -18.15 11.42
CA TYR F 273 -35.13 -17.42 10.40
C TYR F 273 -35.92 -16.21 9.89
N TRP F 274 -35.19 -15.18 9.49
CA TRP F 274 -35.77 -14.11 8.72
C TRP F 274 -36.31 -14.61 7.39
N LEU F 275 -37.20 -13.84 6.83
CA LEU F 275 -37.90 -14.12 5.60
C LEU F 275 -37.59 -13.01 4.62
N GLN F 276 -37.75 -13.28 3.34
CA GLN F 276 -37.84 -12.14 2.45
C GLN F 276 -39.24 -11.55 2.53
N GLN F 277 -39.30 -10.24 2.72
CA GLN F 277 -40.54 -9.64 3.20
C GLN F 277 -41.65 -9.71 2.17
N GLN F 278 -41.32 -9.59 0.88
CA GLN F 278 -42.32 -9.71 -0.19
C GLN F 278 -42.66 -11.16 -0.49
N THR F 279 -41.64 -11.98 -0.68
CA THR F 279 -41.77 -13.36 -1.14
C THR F 279 -42.14 -14.34 -0.03
N LYS F 280 -41.68 -14.11 1.20
CA LYS F 280 -41.91 -14.97 2.37
C LYS F 280 -41.14 -16.28 2.32
N GLN F 281 -39.93 -16.30 1.73
CA GLN F 281 -39.04 -17.45 1.74
C GLN F 281 -37.89 -17.15 2.69
N ALA F 282 -37.36 -18.18 3.35
CA ALA F 282 -36.28 -17.99 4.30
C ALA F 282 -35.04 -17.44 3.62
N LEU F 283 -34.27 -16.62 4.34
CA LEU F 283 -33.00 -16.07 3.83
C LEU F 283 -31.82 -17.00 4.07
N TYR F 284 -30.94 -17.08 3.07
CA TYR F 284 -29.80 -17.98 3.09
C TYR F 284 -28.61 -17.28 2.48
N ASN F 285 -27.55 -17.06 3.26
CA ASN F 285 -26.38 -16.33 2.75
C ASN F 285 -25.30 -17.26 2.22
N GLY F 286 -25.61 -18.54 2.05
CA GLY F 286 -24.77 -19.50 1.38
C GLY F 286 -24.02 -20.43 2.31
N ALA F 287 -23.73 -19.99 3.54
CA ALA F 287 -23.27 -20.92 4.57
C ALA F 287 -24.42 -21.62 5.29
N THR F 288 -25.39 -20.84 5.79
CA THR F 288 -26.44 -21.26 6.73
C THR F 288 -27.66 -20.39 6.48
N PRO F 289 -28.78 -20.63 7.16
CA PRO F 289 -29.84 -19.62 7.19
C PRO F 289 -29.54 -18.54 8.21
N ILE F 290 -30.04 -17.34 7.95
CA ILE F 290 -29.73 -16.16 8.74
C ILE F 290 -30.82 -16.03 9.80
N SER F 291 -30.47 -16.27 11.06
CA SER F 291 -31.51 -16.31 12.07
C SER F 291 -31.92 -14.91 12.49
N PHE F 292 -33.15 -14.81 12.98
CA PHE F 292 -33.78 -13.60 13.47
C PHE F 292 -33.08 -13.07 14.72
N THR F 293 -33.03 -11.74 14.84
CA THR F 293 -32.31 -11.13 15.94
C THR F 293 -33.01 -9.82 16.29
N ALA F 294 -33.06 -9.50 17.59
CA ALA F 294 -33.72 -8.31 18.13
C ALA F 294 -32.80 -7.64 19.13
N THR F 295 -33.17 -6.43 19.54
CA THR F 295 -32.27 -5.52 20.24
C THR F 295 -32.86 -5.12 21.58
N VAL F 296 -32.02 -5.10 22.63
CA VAL F 296 -32.49 -4.75 23.96
C VAL F 296 -32.76 -3.25 24.02
N THR F 297 -33.95 -2.88 24.49
CA THR F 297 -34.37 -1.49 24.62
C THR F 297 -33.81 -0.82 25.88
N ALA F 298 -33.90 -1.48 27.04
CA ALA F 298 -33.53 -0.87 28.31
C ALA F 298 -32.83 -1.88 29.19
N ASP F 299 -32.04 -1.38 30.13
CA ASP F 299 -31.21 -2.26 30.96
C ASP F 299 -32.10 -3.14 31.82
N ALA F 300 -31.73 -4.41 31.92
CA ALA F 300 -32.57 -5.42 32.57
C ALA F 300 -31.70 -6.36 33.39
N ASN F 301 -31.97 -6.44 34.69
CA ASN F 301 -31.25 -7.33 35.60
C ASN F 301 -32.09 -8.53 36.03
N SER F 302 -31.42 -9.67 36.26
CA SER F 302 -32.09 -10.92 36.58
C SER F 302 -32.15 -11.15 38.09
N ASP F 303 -33.27 -11.74 38.54
CA ASP F 303 -33.50 -12.05 39.94
C ASP F 303 -33.12 -13.50 40.24
N SER F 304 -33.22 -13.88 41.52
CA SER F 304 -32.86 -15.24 41.93
C SER F 304 -33.80 -16.24 41.27
N GLY F 305 -33.32 -17.47 41.09
CA GLY F 305 -33.99 -18.43 40.24
C GLY F 305 -33.66 -18.28 38.76
N GLY F 306 -32.96 -17.22 38.38
CA GLY F 306 -32.36 -17.08 37.06
C GLY F 306 -33.30 -16.92 35.88
N ASP F 307 -34.14 -15.88 35.90
CA ASP F 307 -35.01 -15.57 34.79
C ASP F 307 -35.15 -14.06 34.61
N VAL F 308 -35.16 -13.62 33.36
CA VAL F 308 -34.98 -12.22 33.00
C VAL F 308 -36.19 -11.77 32.20
N THR F 309 -36.61 -10.52 32.39
CA THR F 309 -37.62 -9.90 31.54
C THR F 309 -36.98 -8.73 30.81
N VAL F 310 -37.18 -8.68 29.49
CA VAL F 310 -36.50 -7.71 28.66
C VAL F 310 -37.45 -7.25 27.54
N THR F 311 -37.33 -6.00 27.13
CA THR F 311 -38.07 -5.49 25.98
C THR F 311 -37.13 -5.43 24.77
N LEU F 312 -37.62 -5.87 23.63
CA LEU F 312 -36.84 -6.08 22.42
C LEU F 312 -37.41 -5.23 21.31
N SER F 313 -36.54 -4.68 20.47
CA SER F 313 -36.98 -3.93 19.30
C SER F 313 -36.76 -4.78 18.05
N GLY F 314 -37.85 -5.05 17.33
CA GLY F 314 -37.84 -5.92 16.17
C GLY F 314 -38.70 -7.07 16.62
N VAL F 315 -39.56 -7.58 15.76
CA VAL F 315 -40.47 -8.64 16.17
C VAL F 315 -40.54 -9.88 15.30
N PRO F 316 -40.62 -11.08 15.99
CA PRO F 316 -40.73 -12.26 15.14
C PRO F 316 -42.20 -12.54 14.85
N ILE F 317 -42.82 -11.77 13.97
CA ILE F 317 -44.23 -11.96 13.70
C ILE F 317 -44.59 -13.24 13.01
N TYR F 318 -45.58 -13.91 13.57
CA TYR F 318 -46.14 -15.12 13.01
C TYR F 318 -47.60 -15.12 13.42
N ASP F 319 -48.50 -15.08 12.45
CA ASP F 319 -49.92 -14.89 12.74
C ASP F 319 -50.74 -15.88 11.94
N THR F 320 -51.48 -16.74 12.63
CA THR F 320 -52.35 -17.67 11.94
C THR F 320 -53.51 -16.95 11.24
N THR F 321 -54.13 -15.99 11.93
CA THR F 321 -55.33 -15.37 11.38
C THR F 321 -55.05 -14.30 10.33
N ASN F 322 -53.87 -13.68 10.35
CA ASN F 322 -53.47 -12.73 9.32
C ASN F 322 -52.09 -13.06 8.80
N PRO F 323 -51.90 -14.20 8.12
CA PRO F 323 -50.54 -14.65 7.77
C PRO F 323 -49.75 -13.65 6.99
N GLN F 324 -50.35 -12.54 6.65
CA GLN F 324 -49.85 -11.96 5.43
C GLN F 324 -48.70 -11.02 5.86
N TYR F 325 -48.54 -10.87 7.19
CA TYR F 325 -47.57 -10.07 7.92
C TYR F 325 -46.42 -10.88 8.49
N ASN F 326 -46.34 -12.18 8.22
CA ASN F 326 -45.29 -12.97 8.84
C ASN F 326 -43.92 -12.36 8.52
N SER F 327 -43.07 -12.25 9.55
CA SER F 327 -41.68 -11.78 9.41
C SER F 327 -40.66 -12.89 9.27
N VAL F 328 -41.03 -14.13 9.61
CA VAL F 328 -40.08 -15.06 10.21
C VAL F 328 -40.65 -16.44 9.95
N SER F 329 -39.81 -17.47 10.06
CA SER F 329 -40.19 -18.76 9.48
C SER F 329 -41.14 -19.55 10.35
N ARG F 330 -41.10 -19.41 11.68
CA ARG F 330 -41.93 -20.23 12.54
C ARG F 330 -42.27 -19.47 13.82
N GLN F 331 -43.12 -20.08 14.64
CA GLN F 331 -43.54 -19.55 15.93
C GLN F 331 -42.41 -19.67 16.96
N VAL F 332 -42.05 -18.57 17.62
CA VAL F 332 -41.15 -18.71 18.78
C VAL F 332 -41.91 -19.41 19.91
N GLU F 333 -41.41 -20.54 20.36
CA GLU F 333 -42.12 -21.37 21.32
C GLU F 333 -41.37 -21.50 22.63
N ALA F 334 -42.12 -21.81 23.70
CA ALA F 334 -41.53 -22.03 25.01
C ALA F 334 -40.47 -23.13 24.95
N GLY F 335 -39.27 -22.82 25.42
CA GLY F 335 -38.16 -23.73 25.40
C GLY F 335 -37.10 -23.47 24.33
N ASP F 336 -37.34 -22.54 23.41
CA ASP F 336 -36.42 -22.34 22.30
C ASP F 336 -35.08 -21.81 22.79
N ALA F 337 -34.01 -22.29 22.17
CA ALA F 337 -32.67 -21.80 22.49
C ALA F 337 -32.46 -20.40 21.96
N VAL F 338 -31.82 -19.55 22.79
CA VAL F 338 -31.38 -18.22 22.40
C VAL F 338 -29.94 -18.05 22.88
N SER F 339 -29.28 -17.04 22.34
CA SER F 339 -27.96 -16.67 22.83
C SER F 339 -27.71 -15.21 22.48
N VAL F 340 -26.79 -14.60 23.21
CA VAL F 340 -26.47 -13.19 23.05
C VAL F 340 -25.26 -13.06 22.13
N VAL F 341 -25.33 -12.12 21.21
CA VAL F 341 -24.22 -11.82 20.30
C VAL F 341 -23.14 -11.05 21.07
N GLY F 342 -21.88 -11.49 20.94
CA GLY F 342 -20.76 -10.84 21.59
C GLY F 342 -20.24 -11.60 22.80
N THR F 343 -19.37 -10.91 23.55
CA THR F 343 -18.68 -11.45 24.72
C THR F 343 -19.14 -10.67 25.95
N ALA F 344 -18.97 -11.27 27.14
CA ALA F 344 -19.62 -10.84 28.38
C ALA F 344 -19.52 -9.34 28.69
N SER F 345 -18.34 -8.84 29.05
CA SER F 345 -18.24 -7.44 29.49
C SER F 345 -17.65 -6.49 28.45
N GLN F 346 -17.33 -6.94 27.24
CA GLN F 346 -16.46 -6.20 26.34
C GLN F 346 -17.07 -4.86 25.96
N THR F 347 -16.20 -3.94 25.55
CA THR F 347 -16.62 -2.59 25.16
C THR F 347 -16.05 -2.25 23.78
N MET F 348 -16.89 -1.64 22.94
CA MET F 348 -16.59 -1.50 21.52
C MET F 348 -17.29 -0.26 20.95
N LYS F 349 -16.98 0.06 19.70
CA LYS F 349 -17.75 1.04 18.92
C LYS F 349 -18.42 0.38 17.71
N PRO F 350 -19.73 0.23 17.71
CA PRO F 350 -20.40 -0.45 16.60
C PRO F 350 -20.44 0.44 15.37
N ASN F 351 -20.27 -0.15 14.19
CA ASN F 351 -20.57 0.55 12.96
C ASN F 351 -22.06 0.43 12.69
N LEU F 352 -22.64 1.43 12.03
CA LEU F 352 -24.08 1.44 11.79
C LEU F 352 -24.36 1.37 10.29
N PHE F 353 -25.32 0.54 9.88
CA PHE F 353 -25.84 0.61 8.51
C PHE F 353 -27.36 0.70 8.58
N TYR F 354 -27.94 1.30 7.56
CA TYR F 354 -29.35 1.64 7.62
C TYR F 354 -29.77 2.23 6.29
N ASN F 355 -31.07 2.26 6.07
CA ASN F 355 -31.70 2.87 4.91
C ASN F 355 -32.32 4.19 5.31
N LYS F 356 -32.41 5.11 4.34
CA LYS F 356 -32.86 6.47 4.61
C LYS F 356 -34.09 6.56 5.48
N PHE F 357 -35.06 5.67 5.29
CA PHE F 357 -36.34 5.73 5.99
C PHE F 357 -36.36 4.89 7.27
N PHE F 358 -35.21 4.49 7.78
CA PHE F 358 -35.11 3.86 9.10
C PHE F 358 -35.41 4.85 10.25
N CYS F 359 -34.95 6.09 10.17
CA CYS F 359 -35.21 7.10 11.21
C CYS F 359 -35.46 8.47 10.60
N GLY F 360 -35.88 9.40 11.46
CA GLY F 360 -36.10 10.78 11.05
C GLY F 360 -35.84 11.70 12.22
N LEU F 361 -35.56 12.97 11.89
CA LEU F 361 -35.18 13.95 12.89
C LEU F 361 -35.93 15.24 12.59
N GLY F 362 -36.37 15.93 13.63
CA GLY F 362 -37.04 17.21 13.44
C GLY F 362 -36.74 18.10 14.62
N SER F 363 -37.19 19.35 14.52
CA SER F 363 -37.01 20.23 15.67
C SER F 363 -38.18 21.22 15.79
N ILE F 364 -38.56 21.46 17.02
CA ILE F 364 -39.67 22.40 17.34
C ILE F 364 -39.11 23.69 17.62
N PRO F 365 -39.28 24.76 16.78
CA PRO F 365 -38.87 26.11 17.11
C PRO F 365 -39.49 26.62 18.42
N LEU F 366 -38.62 27.12 19.34
CA LEU F 366 -39.03 27.54 20.68
C LEU F 366 -39.45 28.99 20.71
N PRO F 367 -40.55 29.32 21.37
CA PRO F 367 -40.96 30.73 21.52
C PRO F 367 -40.16 31.43 22.60
N LYS F 368 -40.23 32.76 22.56
CA LYS F 368 -39.47 33.65 23.44
C LYS F 368 -40.17 33.88 24.78
N LEU F 369 -39.44 33.71 25.90
CA LEU F 369 -39.96 34.02 27.23
C LEU F 369 -40.19 35.52 27.40
N HIS F 370 -41.25 35.91 28.13
CA HIS F 370 -41.63 37.30 28.22
C HIS F 370 -40.62 38.09 29.03
N SER F 371 -40.33 39.31 28.58
CA SER F 371 -39.53 40.26 29.35
C SER F 371 -38.09 39.77 29.57
N ILE F 372 -37.58 38.95 28.68
CA ILE F 372 -36.25 38.37 28.78
C ILE F 372 -35.62 38.48 27.41
N ASP F 373 -34.35 38.87 27.36
CA ASP F 373 -33.72 39.23 26.10
C ASP F 373 -33.24 37.99 25.39
N SER F 374 -33.62 37.87 24.11
CA SER F 374 -33.30 36.69 23.31
C SER F 374 -32.64 37.12 22.02
N ALA F 375 -32.40 36.11 21.19
CA ALA F 375 -31.82 36.12 19.85
C ALA F 375 -31.82 34.67 19.45
N VAL F 376 -31.80 34.41 18.14
CA VAL F 376 -31.81 33.02 17.66
C VAL F 376 -30.87 32.90 16.47
N ALA F 377 -29.96 31.92 16.52
CA ALA F 377 -28.83 31.83 15.60
C ALA F 377 -28.65 30.41 15.06
N THR F 378 -28.48 30.31 13.74
CA THR F 378 -28.36 29.02 13.05
C THR F 378 -26.94 28.48 13.09
N TYR F 379 -26.80 27.18 13.31
CA TYR F 379 -25.51 26.53 13.08
C TYR F 379 -25.73 25.09 12.63
N GLU F 380 -25.03 24.72 11.55
CA GLU F 380 -25.25 23.46 10.83
C GLU F 380 -26.71 23.27 10.43
N GLY F 381 -27.42 24.36 10.18
CA GLY F 381 -28.84 24.23 9.87
C GLY F 381 -29.69 23.68 10.99
N PHE F 382 -29.39 24.09 12.24
CA PHE F 382 -30.22 23.92 13.43
C PHE F 382 -30.32 25.26 14.12
N SER F 383 -31.51 25.65 14.55
CA SER F 383 -31.73 26.99 15.12
C SER F 383 -31.75 26.92 16.65
N ILE F 384 -31.11 27.89 17.32
CA ILE F 384 -30.89 27.80 18.77
C ILE F 384 -31.22 29.13 19.46
N ARG F 385 -32.16 29.13 20.44
CA ARG F 385 -32.37 30.32 21.26
C ARG F 385 -31.27 30.48 22.31
N VAL F 386 -30.98 31.72 22.66
CA VAL F 386 -30.32 32.06 23.91
C VAL F 386 -31.26 33.00 24.66
N HIS F 387 -31.41 32.79 25.98
CA HIS F 387 -32.03 33.75 26.88
C HIS F 387 -31.00 34.31 27.84
N LYS F 388 -30.96 35.62 28.02
CA LYS F 388 -30.05 36.27 28.96
C LYS F 388 -30.90 36.93 30.04
N TYR F 389 -30.87 36.40 31.25
CA TYR F 389 -31.55 36.96 32.41
C TYR F 389 -30.58 37.19 33.53
N ALA F 390 -31.08 37.62 34.69
CA ALA F 390 -30.29 37.81 35.90
C ALA F 390 -31.18 37.77 37.12
N ASP F 391 -30.57 37.48 38.26
CA ASP F 391 -31.20 37.67 39.57
C ASP F 391 -30.78 39.04 40.08
N GLY F 392 -31.74 39.83 40.57
CA GLY F 392 -31.33 41.12 41.07
C GLY F 392 -30.90 41.17 42.52
N ASP F 393 -31.47 40.33 43.38
CA ASP F 393 -31.10 40.37 44.80
C ASP F 393 -29.71 39.78 45.01
N ALA F 394 -29.48 38.54 44.54
CA ALA F 394 -28.10 38.12 44.29
C ALA F 394 -27.65 38.82 43.02
N ASN F 395 -26.37 38.99 42.88
CA ASN F 395 -25.89 39.88 41.85
C ASN F 395 -25.53 39.13 40.55
N VAL F 396 -25.93 37.86 40.45
CA VAL F 396 -25.51 36.95 39.40
C VAL F 396 -26.14 37.28 38.05
N GLN F 397 -25.45 36.92 36.94
CA GLN F 397 -26.01 36.96 35.59
C GLN F 397 -26.03 35.58 34.99
N LYS F 398 -27.08 35.26 34.22
CA LYS F 398 -27.37 33.90 33.75
C LYS F 398 -27.69 33.88 32.27
N MET F 399 -27.29 32.80 31.60
CA MET F 399 -27.56 32.57 30.19
C MET F 399 -27.90 31.11 30.00
N ARG F 400 -28.77 30.82 29.03
CA ARG F 400 -29.07 29.44 28.66
C ARG F 400 -29.23 29.39 27.16
N PHE F 401 -28.85 28.24 26.58
CA PHE F 401 -28.94 27.91 25.16
C PHE F 401 -29.71 26.60 25.06
N ASP F 402 -30.79 26.56 24.25
CA ASP F 402 -31.71 25.42 24.20
C ASP F 402 -31.97 24.91 22.77
N LEU F 403 -32.40 23.65 22.67
CA LEU F 403 -32.91 23.04 21.45
C LEU F 403 -33.89 21.90 21.80
N LEU F 404 -35.02 21.77 21.04
CA LEU F 404 -35.93 20.61 21.17
C LEU F 404 -35.89 19.68 19.97
N PRO F 405 -35.30 18.49 20.10
CA PRO F 405 -35.37 17.51 19.01
C PRO F 405 -36.67 16.69 19.04
N ALA F 406 -37.07 16.22 17.85
CA ALA F 406 -38.12 15.21 17.73
C ALA F 406 -37.59 14.02 16.95
N TYR F 407 -37.93 12.81 17.39
CA TYR F 407 -37.44 11.58 16.78
C TYR F 407 -38.57 10.71 16.25
N VAL F 408 -38.23 9.82 15.32
CA VAL F 408 -39.14 8.78 14.85
C VAL F 408 -38.30 7.55 14.50
N CYS F 409 -38.83 6.37 14.76
CA CYS F 409 -38.35 5.17 14.07
C CYS F 409 -39.50 4.62 13.24
N PHE F 410 -39.36 4.70 11.91
CA PHE F 410 -40.39 4.15 11.04
C PHE F 410 -40.42 2.62 11.08
N ASN F 411 -39.30 1.97 10.79
CA ASN F 411 -39.28 0.51 10.66
C ASN F 411 -38.00 -0.12 11.23
N PRO F 412 -38.05 -0.65 12.44
CA PRO F 412 -36.81 -1.21 13.03
C PRO F 412 -36.08 -2.26 12.20
N HIS F 413 -36.73 -2.87 11.22
CA HIS F 413 -36.13 -3.90 10.39
C HIS F 413 -35.32 -3.33 9.24
N MET F 414 -35.18 -2.02 9.15
CA MET F 414 -34.36 -1.39 8.11
C MET F 414 -32.99 -0.87 8.56
N GLY F 415 -32.51 -1.13 9.78
CA GLY F 415 -31.13 -0.80 10.08
C GLY F 415 -30.57 -1.63 11.21
N GLY F 416 -29.27 -1.48 11.46
CA GLY F 416 -28.65 -2.26 12.53
C GLY F 416 -27.18 -1.92 12.75
N GLN F 417 -26.43 -2.85 13.35
CA GLN F 417 -25.00 -2.71 13.64
C GLN F 417 -24.22 -3.73 12.85
N PHE F 418 -23.01 -3.42 12.36
CA PHE F 418 -22.21 -4.47 11.72
C PHE F 418 -20.76 -4.50 12.17
N PHE F 419 -20.12 -5.64 11.92
CA PHE F 419 -18.75 -5.96 12.31
C PHE F 419 -18.12 -6.85 11.23
N GLY F 420 -16.80 -6.93 11.23
CA GLY F 420 -16.13 -7.84 10.33
C GLY F 420 -16.41 -9.31 10.65
N ASN F 421 -16.03 -10.17 9.70
CA ASN F 421 -16.19 -11.60 9.80
C ASN F 421 -14.85 -12.28 9.98
N PRO F 422 -14.67 -13.09 11.03
CA PRO F 422 -13.43 -13.84 11.24
C PRO F 422 -13.51 -15.21 10.54
N PRO G 1 -69.54 82.71 64.88
CA PRO G 1 -69.52 81.25 64.99
C PRO G 1 -69.42 80.55 63.64
N ASN G 2 -68.58 81.06 62.74
CA ASN G 2 -68.36 80.41 61.44
C ASN G 2 -67.42 79.23 61.62
N ASN G 3 -67.77 78.08 61.03
CA ASN G 3 -66.89 76.92 61.05
C ASN G 3 -66.49 76.63 59.61
N LEU G 4 -65.29 77.06 59.20
CA LEU G 4 -64.84 76.94 57.83
C LEU G 4 -63.79 75.86 57.58
N ASP G 5 -63.42 75.05 58.57
CA ASP G 5 -62.29 74.12 58.45
C ASP G 5 -62.43 73.11 57.30
N SER G 6 -63.64 72.79 56.84
CA SER G 6 -63.81 71.85 55.73
C SER G 6 -63.79 72.50 54.36
N ASN G 7 -63.55 73.80 54.29
CA ASN G 7 -63.43 74.46 53.01
C ASN G 7 -62.05 74.30 52.44
N VAL G 8 -61.07 74.01 53.29
CA VAL G 8 -59.65 74.03 52.94
C VAL G 8 -59.09 72.65 53.21
N SER G 9 -57.93 72.38 52.61
CA SER G 9 -57.24 71.13 52.84
C SER G 9 -56.00 71.31 53.73
N GLN G 10 -55.38 70.19 54.11
CA GLN G 10 -54.12 70.19 54.87
C GLN G 10 -52.99 69.88 53.90
N ILE G 11 -52.22 70.88 53.56
CA ILE G 11 -51.22 70.75 52.51
C ILE G 11 -49.91 70.28 53.13
N VAL G 12 -49.19 69.44 52.39
CA VAL G 12 -47.78 69.20 52.62
C VAL G 12 -47.06 69.68 51.35
N LEU G 13 -46.30 70.76 51.46
CA LEU G 13 -45.66 71.35 50.28
C LEU G 13 -44.69 70.37 49.66
N LYS G 14 -44.36 70.58 48.38
CA LYS G 14 -43.37 69.70 47.74
C LYS G 14 -42.02 70.39 47.82
N LYS G 15 -41.35 70.18 48.95
CA LYS G 15 -40.08 70.79 49.32
C LYS G 15 -39.47 69.92 50.41
N PHE G 16 -38.15 69.85 50.43
CA PHE G 16 -37.43 69.10 51.45
C PHE G 16 -36.53 70.04 52.23
N LEU G 17 -36.28 69.68 53.46
CA LEU G 17 -35.37 70.42 54.32
C LEU G 17 -33.95 69.90 54.17
N PRO G 18 -32.94 70.71 54.46
CA PRO G 18 -31.56 70.22 54.42
C PRO G 18 -31.29 69.18 55.50
N GLY G 19 -30.44 68.19 55.17
CA GLY G 19 -30.05 67.16 56.09
C GLY G 19 -28.74 67.45 56.80
N PHE G 20 -28.32 66.50 57.62
CA PHE G 20 -26.96 66.50 58.15
C PHE G 20 -26.07 65.74 57.17
N MET G 21 -24.89 66.27 56.92
CA MET G 21 -24.01 65.66 55.93
C MET G 21 -22.57 65.75 56.40
N SER G 22 -21.84 64.65 56.27
CA SER G 22 -20.41 64.62 56.57
C SER G 22 -19.61 65.48 55.59
N ASP G 23 -18.42 65.85 56.03
CA ASP G 23 -17.64 66.90 55.38
C ASP G 23 -16.88 66.41 54.14
N LEU G 24 -16.35 65.18 54.18
CA LEU G 24 -15.62 64.54 53.07
C LEU G 24 -14.28 65.22 52.75
N VAL G 25 -13.48 65.54 53.78
CA VAL G 25 -12.17 66.09 53.49
C VAL G 25 -11.29 65.06 52.81
N LEU G 26 -11.12 63.88 53.42
CA LEU G 26 -10.13 62.93 52.94
C LEU G 26 -10.37 62.58 51.48
N ALA G 27 -11.64 62.46 51.08
CA ALA G 27 -11.92 62.11 49.68
C ALA G 27 -11.47 63.23 48.76
N LYS G 28 -11.69 64.47 49.14
CA LYS G 28 -11.37 65.56 48.24
C LYS G 28 -9.90 65.95 48.26
N THR G 29 -9.09 65.46 49.21
CA THR G 29 -7.68 65.84 49.24
C THR G 29 -6.67 64.75 48.85
N VAL G 30 -7.04 63.47 48.74
CA VAL G 30 -6.09 62.45 48.27
C VAL G 30 -6.08 62.43 46.74
N ASP G 31 -5.00 61.88 46.18
CA ASP G 31 -4.84 61.92 44.72
C ASP G 31 -5.87 61.01 44.06
N ARG G 32 -6.68 61.59 43.18
CA ARG G 32 -7.66 60.79 42.47
C ARG G 32 -7.31 60.50 41.01
N GLN G 33 -6.26 61.13 40.47
CA GLN G 33 -5.99 61.09 39.02
C GLN G 33 -5.29 59.81 38.59
N LEU G 34 -4.35 59.32 39.41
CA LEU G 34 -3.54 58.19 38.98
C LEU G 34 -4.37 56.93 38.83
N LEU G 35 -5.32 56.72 39.73
CA LEU G 35 -6.05 55.46 39.82
C LEU G 35 -7.33 55.45 38.97
N ALA G 36 -7.58 56.47 38.15
CA ALA G 36 -8.86 56.63 37.46
C ALA G 36 -8.88 55.83 36.16
N GLY G 37 -9.84 54.92 36.04
CA GLY G 37 -9.94 54.06 34.87
C GLY G 37 -8.82 53.06 34.71
N GLU G 38 -7.99 52.84 35.73
CA GLU G 38 -6.88 51.89 35.60
C GLU G 38 -7.21 50.47 36.01
N ILE G 39 -8.27 50.23 36.78
CA ILE G 39 -8.72 48.87 37.07
C ILE G 39 -9.95 48.59 36.23
N ASN G 40 -9.83 47.63 35.30
CA ASN G 40 -10.92 47.31 34.38
C ASN G 40 -10.87 45.82 34.08
N SER G 41 -11.65 45.38 33.08
CA SER G 41 -11.86 43.94 32.92
C SER G 41 -10.72 43.24 32.19
N SER G 42 -9.67 43.95 31.77
CA SER G 42 -8.46 43.28 31.34
C SER G 42 -7.48 43.07 32.48
N THR G 43 -7.64 43.83 33.55
CA THR G 43 -6.68 43.91 34.64
C THR G 43 -6.84 42.80 35.67
N GLY G 44 -8.05 42.50 36.09
CA GLY G 44 -8.24 41.60 37.19
C GLY G 44 -8.21 42.34 38.52
N ASP G 45 -7.94 41.57 39.57
CA ASP G 45 -8.24 42.01 40.93
C ASP G 45 -7.57 43.34 41.30
N SER G 46 -6.30 43.54 40.95
CA SER G 46 -5.49 44.63 41.50
C SER G 46 -4.63 45.19 40.38
N VAL G 47 -3.66 46.09 40.73
CA VAL G 47 -2.81 46.71 39.72
C VAL G 47 -1.74 47.52 40.45
N SER G 48 -0.62 47.81 39.77
CA SER G 48 0.60 48.31 40.39
C SER G 48 1.14 49.53 39.67
N PHE G 49 1.88 50.37 40.42
CA PHE G 49 2.56 51.55 39.88
C PHE G 49 4.06 51.42 40.16
N LYS G 50 4.88 52.24 39.49
CA LYS G 50 6.33 52.12 39.56
C LYS G 50 6.91 53.08 40.60
N ARG G 51 7.65 52.53 41.59
CA ARG G 51 8.43 53.35 42.52
C ARG G 51 9.55 54.08 41.78
N PRO G 52 9.85 55.34 42.14
CA PRO G 52 10.99 56.04 41.49
C PRO G 52 12.37 55.56 41.97
N HIS G 53 13.34 55.56 41.05
CA HIS G 53 14.72 55.12 41.30
C HIS G 53 15.54 56.18 42.04
N GLN G 54 16.59 55.71 42.72
CA GLN G 54 17.50 56.62 43.39
C GLN G 54 18.92 56.25 43.01
N PHE G 55 19.80 57.26 42.88
CA PHE G 55 21.15 57.05 42.40
C PHE G 55 22.14 57.58 43.42
N SER G 56 23.42 57.40 43.13
CA SER G 56 24.51 57.97 43.90
C SER G 56 25.61 58.40 42.94
N SER G 57 26.47 59.32 43.38
CA SER G 57 27.40 59.95 42.46
C SER G 57 28.85 59.73 42.89
N LEU G 58 29.77 60.01 41.97
CA LEU G 58 31.20 59.95 42.23
C LEU G 58 31.82 61.33 42.05
N ARG G 59 32.81 61.66 42.91
CA ARG G 59 33.52 62.94 42.88
C ARG G 59 35.02 62.67 42.70
N THR G 60 35.57 63.05 41.56
CA THR G 60 36.96 62.85 41.20
C THR G 60 37.47 64.14 40.53
N PRO G 61 38.80 64.36 40.54
CA PRO G 61 39.31 65.61 39.92
C PRO G 61 39.07 65.65 38.42
N THR G 62 39.40 64.56 37.73
CA THR G 62 39.38 64.55 36.27
C THR G 62 38.13 63.89 35.67
N GLY G 63 37.27 63.27 36.46
CA GLY G 63 36.15 62.56 35.89
C GLY G 63 36.41 61.11 35.53
N ASP G 64 37.51 60.52 36.02
CA ASP G 64 37.92 59.18 35.62
C ASP G 64 37.29 58.16 36.55
N ILE G 65 36.27 57.44 36.05
CA ILE G 65 35.47 56.54 36.88
C ILE G 65 35.85 55.07 36.73
N SER G 66 36.88 54.74 35.97
CA SER G 66 37.16 53.33 35.72
C SER G 66 37.63 52.63 37.00
N GLY G 67 37.16 51.40 37.20
CA GLY G 67 37.50 50.60 38.36
C GLY G 67 36.48 50.65 39.49
N GLN G 68 35.63 51.68 39.55
CA GLN G 68 34.74 51.90 40.67
C GLN G 68 33.35 51.34 40.36
N ASN G 69 32.47 51.38 41.36
CA ASN G 69 31.14 50.78 41.25
C ASN G 69 30.14 51.76 40.65
N LYS G 70 29.27 51.24 39.81
CA LYS G 70 28.19 52.05 39.24
C LYS G 70 26.89 51.76 39.99
N ASN G 71 25.85 52.50 39.63
CA ASN G 71 24.54 52.30 40.23
C ASN G 71 23.88 51.10 39.59
N ASN G 72 23.42 50.15 40.40
CA ASN G 72 22.50 49.14 39.89
C ASN G 72 21.14 49.78 39.65
N LEU G 73 20.31 49.11 38.87
CA LEU G 73 18.92 49.51 38.71
C LEU G 73 18.05 48.44 39.37
N ILE G 74 17.20 48.84 40.30
CA ILE G 74 16.27 47.93 40.98
C ILE G 74 14.90 48.57 40.97
N SER G 75 13.91 47.84 40.48
CA SER G 75 12.55 48.35 40.41
C SER G 75 11.75 47.93 41.65
N GLY G 76 10.98 48.86 42.21
CA GLY G 76 9.91 48.53 43.11
C GLY G 76 8.58 48.84 42.45
N LYS G 77 7.50 48.46 43.14
CA LYS G 77 6.15 48.79 42.69
C LYS G 77 5.19 48.86 43.88
N ALA G 78 4.14 49.65 43.73
CA ALA G 78 3.05 49.74 44.70
C ALA G 78 1.77 49.16 44.11
N THR G 79 1.02 48.45 44.92
CA THR G 79 -0.20 47.78 44.48
C THR G 79 -1.44 48.38 45.16
N GLY G 80 -2.59 48.25 44.49
CA GLY G 80 -3.85 48.61 45.11
C GLY G 80 -4.95 47.69 44.64
N ARG G 81 -5.98 47.51 45.49
CA ARG G 81 -6.87 46.36 45.47
C ARG G 81 -8.33 46.81 45.54
N VAL G 82 -9.26 45.96 45.12
CA VAL G 82 -10.69 46.29 45.27
C VAL G 82 -11.18 45.92 46.66
N GLY G 83 -12.17 46.68 47.15
CA GLY G 83 -12.79 46.46 48.45
C GLY G 83 -14.03 45.59 48.38
N ASN G 84 -15.01 45.90 49.23
CA ASN G 84 -16.31 45.27 49.18
C ASN G 84 -17.28 46.17 48.42
N TYR G 85 -18.50 45.70 48.16
CA TYR G 85 -19.41 46.69 47.64
C TYR G 85 -19.98 47.55 48.76
N ILE G 86 -20.38 48.76 48.39
CA ILE G 86 -21.23 49.60 49.20
C ILE G 86 -22.59 49.61 48.51
N THR G 87 -23.66 49.23 49.24
CA THR G 87 -24.99 49.06 48.64
C THR G 87 -26.07 49.60 49.56
N VAL G 88 -26.98 50.42 49.04
CA VAL G 88 -28.27 50.64 49.70
C VAL G 88 -29.38 50.08 48.81
N ALA G 89 -30.39 49.47 49.44
CA ALA G 89 -31.52 48.87 48.73
C ALA G 89 -32.83 49.24 49.39
N VAL G 90 -33.81 49.71 48.61
CA VAL G 90 -35.15 50.03 49.08
C VAL G 90 -36.17 49.19 48.33
N GLU G 91 -37.38 49.11 48.87
CA GLU G 91 -38.49 48.47 48.17
C GLU G 91 -39.80 49.11 48.61
N TYR G 92 -40.79 49.11 47.73
CA TYR G 92 -42.08 49.69 48.03
C TYR G 92 -43.11 49.05 47.11
N GLN G 93 -44.38 49.11 47.50
CA GLN G 93 -45.46 48.44 46.78
C GLN G 93 -45.90 49.25 45.57
N GLN G 94 -46.51 48.56 44.59
CA GLN G 94 -47.11 49.29 43.47
C GLN G 94 -48.26 50.18 43.96
N LEU G 95 -49.06 49.71 44.92
CA LEU G 95 -50.09 50.56 45.49
C LEU G 95 -49.52 51.90 45.90
N GLU G 96 -48.44 51.89 46.68
CA GLU G 96 -47.81 53.12 47.16
C GLU G 96 -47.35 54.02 46.01
N GLU G 97 -46.77 53.45 44.95
CA GLU G 97 -46.36 54.33 43.85
C GLU G 97 -47.56 55.04 43.23
N ALA G 98 -48.72 54.38 43.18
CA ALA G 98 -49.89 54.99 42.57
C ALA G 98 -50.41 56.17 43.39
N ILE G 99 -50.61 55.97 44.70
CA ILE G 99 -51.29 56.95 45.57
C ILE G 99 -50.39 57.66 46.59
N LYS G 100 -49.10 57.35 46.72
CA LYS G 100 -48.29 57.88 47.83
C LYS G 100 -47.02 58.60 47.40
N LEU G 101 -46.14 57.96 46.63
CA LEU G 101 -44.81 58.53 46.41
C LEU G 101 -44.86 59.46 45.21
N ASN G 102 -45.03 60.75 45.48
CA ASN G 102 -44.63 61.85 44.60
C ASN G 102 -43.19 62.23 44.91
N GLN G 103 -42.53 62.83 43.92
CA GLN G 103 -41.15 63.28 44.10
C GLN G 103 -40.22 62.16 44.54
N LEU G 104 -40.33 60.98 43.92
CA LEU G 104 -39.51 59.86 44.35
C LEU G 104 -38.04 60.13 44.08
N GLU G 105 -37.74 60.81 42.97
CA GLU G 105 -36.39 61.30 42.68
C GLU G 105 -35.82 62.17 43.81
N GLU G 106 -36.65 62.94 44.52
CA GLU G 106 -36.14 63.70 45.65
C GLU G 106 -36.09 62.88 46.94
N ILE G 107 -36.95 61.88 47.08
CA ILE G 107 -36.90 61.04 48.27
C ILE G 107 -35.54 60.40 48.38
N LEU G 108 -34.99 59.96 47.25
CA LEU G 108 -33.83 59.11 47.21
C LEU G 108 -32.54 59.89 47.00
N ALA G 109 -32.58 61.21 46.85
CA ALA G 109 -31.37 62.01 46.74
C ALA G 109 -30.35 61.72 47.85
N PRO G 110 -30.71 61.72 49.15
CA PRO G 110 -29.73 61.40 50.19
C PRO G 110 -29.05 60.05 50.04
N VAL G 111 -29.55 59.15 49.20
CA VAL G 111 -28.90 57.85 49.00
C VAL G 111 -27.44 58.03 48.59
N ARG G 112 -27.16 58.98 47.69
CA ARG G 112 -25.80 59.15 47.19
C ARG G 112 -24.85 59.56 48.31
N GLN G 113 -25.30 60.43 49.21
CA GLN G 113 -24.48 60.87 50.34
C GLN G 113 -24.18 59.72 51.30
N ARG G 114 -25.14 58.85 51.53
CA ARG G 114 -24.91 57.67 52.34
C ARG G 114 -23.76 56.82 51.80
N ILE G 115 -23.61 56.78 50.48
CA ILE G 115 -22.60 55.94 49.87
C ILE G 115 -21.22 56.57 49.98
N VAL G 116 -21.11 57.86 49.68
CA VAL G 116 -19.79 58.48 49.74
C VAL G 116 -19.27 58.49 51.18
N THR G 117 -20.14 58.64 52.17
CA THR G 117 -19.75 58.65 53.57
C THR G 117 -19.08 57.34 53.99
N ASP G 118 -19.62 56.20 53.55
CA ASP G 118 -19.05 54.91 53.91
C ASP G 118 -17.73 54.66 53.20
N LEU G 119 -17.47 55.40 52.14
CA LEU G 119 -16.20 55.38 51.43
C LEU G 119 -15.15 56.15 52.21
N GLU G 120 -15.54 57.30 52.76
CA GLU G 120 -14.74 58.06 53.72
C GLU G 120 -14.34 57.24 54.91
N THR G 121 -15.30 56.62 55.60
CA THR G 121 -14.96 55.95 56.83
C THR G 121 -13.97 54.82 56.58
N GLU G 122 -14.03 54.19 55.41
CA GLU G 122 -13.08 53.14 55.10
C GLU G 122 -11.71 53.72 54.74
N LEU G 123 -11.68 54.87 54.05
CA LEU G 123 -10.43 55.52 53.69
C LEU G 123 -9.65 55.92 54.94
N ALA G 124 -10.34 56.44 55.95
CA ALA G 124 -9.67 56.90 57.18
C ALA G 124 -9.14 55.74 58.00
N HIS G 125 -9.80 54.58 57.99
CA HIS G 125 -9.15 53.43 58.61
C HIS G 125 -7.95 52.98 57.80
N PHE G 126 -8.06 53.03 56.47
CA PHE G 126 -6.95 52.64 55.61
C PHE G 126 -5.74 53.51 55.90
N MET G 127 -5.90 54.84 55.80
CA MET G 127 -4.80 55.77 56.03
C MET G 127 -4.14 55.54 57.38
N MET G 128 -4.93 55.24 58.39
CA MET G 128 -4.43 55.17 59.77
C MET G 128 -3.70 53.87 60.07
N ASN G 129 -3.90 52.81 59.26
CA ASN G 129 -3.20 51.54 59.39
C ASN G 129 -1.94 51.45 58.56
N ASN G 130 -1.63 52.46 57.76
CA ASN G 130 -0.55 52.40 56.78
C ASN G 130 0.54 53.44 57.05
N GLY G 131 0.21 54.73 57.05
CA GLY G 131 1.19 55.76 57.33
C GLY G 131 2.04 55.52 58.58
N ALA G 132 3.37 55.58 58.42
CA ALA G 132 4.33 55.18 59.45
C ALA G 132 4.77 56.31 60.38
N LEU G 133 4.55 57.57 60.01
CA LEU G 133 5.09 58.69 60.77
C LEU G 133 4.29 58.93 62.06
N SER G 134 4.94 59.51 63.07
CA SER G 134 4.35 59.76 64.39
C SER G 134 4.86 61.05 65.01
N LEU G 135 3.96 61.80 65.64
CA LEU G 135 4.30 63.02 66.36
C LEU G 135 3.40 63.17 67.57
N GLY G 136 3.97 63.62 68.69
CA GLY G 136 3.17 63.97 69.86
C GLY G 136 2.98 62.83 70.85
N SER G 137 1.92 62.95 71.66
CA SER G 137 1.55 61.94 72.66
C SER G 137 0.06 61.69 72.57
N PRO G 138 -0.39 60.43 72.58
CA PRO G 138 -1.79 60.17 72.15
C PRO G 138 -2.88 60.63 73.12
N ASN G 139 -2.60 60.86 74.40
CA ASN G 139 -3.68 61.35 75.25
C ASN G 139 -3.96 62.85 75.01
N THR G 140 -2.94 63.64 74.65
CA THR G 140 -3.03 65.11 74.62
C THR G 140 -3.80 65.58 73.40
N PRO G 141 -4.78 66.47 73.55
CA PRO G 141 -5.39 67.13 72.39
C PRO G 141 -4.55 68.30 71.87
N ILE G 142 -4.81 68.67 70.61
CA ILE G 142 -4.13 69.84 70.02
C ILE G 142 -4.46 71.10 70.80
N THR G 143 -3.42 71.80 71.26
CA THR G 143 -3.60 72.96 72.14
C THR G 143 -2.90 74.20 71.64
N LYS G 144 -1.57 74.14 71.49
CA LYS G 144 -0.79 75.29 71.08
C LYS G 144 -0.63 75.28 69.57
N TRP G 145 -0.08 76.35 69.01
CA TRP G 145 0.04 76.35 67.55
C TRP G 145 1.24 75.56 67.08
N SER G 146 2.24 75.37 67.94
CA SER G 146 3.37 74.50 67.64
C SER G 146 2.97 73.04 67.40
N ASP G 147 1.75 72.64 67.77
CA ASP G 147 1.31 71.28 67.50
C ASP G 147 0.78 71.13 66.08
N VAL G 148 0.05 72.11 65.58
CA VAL G 148 -0.33 72.11 64.18
C VAL G 148 0.92 72.20 63.31
N ALA G 149 1.88 73.05 63.69
CA ALA G 149 2.99 73.44 62.84
C ALA G 149 4.13 72.44 62.82
N GLN G 150 4.21 71.56 63.81
CA GLN G 150 5.27 70.57 63.82
C GLN G 150 5.13 69.58 62.70
N THR G 151 3.97 69.51 62.07
CA THR G 151 3.77 68.51 61.02
C THR G 151 4.32 68.99 59.69
N ALA G 152 4.14 70.27 59.37
CA ALA G 152 4.81 70.85 58.21
C ALA G 152 6.32 70.79 58.34
N SER G 153 6.86 71.00 59.55
CA SER G 153 8.29 70.89 59.80
C SER G 153 8.82 69.50 59.48
N PHE G 154 8.09 68.46 59.84
CA PHE G 154 8.59 67.10 59.71
C PHE G 154 8.42 66.57 58.29
N LEU G 155 7.40 67.04 57.58
CA LEU G 155 7.26 66.71 56.16
C LEU G 155 8.32 67.41 55.32
N LYS G 156 8.50 68.72 55.52
CA LYS G 156 9.50 69.47 54.77
C LYS G 156 10.90 68.95 55.01
N ASP G 157 11.16 68.41 56.20
CA ASP G 157 12.50 68.00 56.58
C ASP G 157 12.86 66.61 56.06
N LEU G 158 11.89 65.74 55.82
CA LEU G 158 12.18 64.49 55.13
C LEU G 158 12.45 64.70 53.65
N GLY G 159 12.03 65.84 53.10
CA GLY G 159 12.17 66.11 51.69
C GLY G 159 10.92 65.92 50.85
N VAL G 160 9.74 65.83 51.46
CA VAL G 160 8.51 65.77 50.67
C VAL G 160 8.29 67.08 49.92
N ASN G 161 8.08 66.97 48.61
CA ASN G 161 8.30 68.07 47.67
C ASN G 161 7.08 68.32 46.79
N GLU G 162 6.64 67.31 46.06
CA GLU G 162 5.58 67.46 45.08
C GLU G 162 4.25 67.66 45.79
N GLY G 163 3.20 67.93 45.01
CA GLY G 163 1.85 67.97 45.56
C GLY G 163 1.66 69.06 46.60
N GLU G 164 0.83 68.76 47.59
CA GLU G 164 0.53 69.69 48.66
C GLU G 164 0.20 68.89 49.91
N ASN G 165 0.35 69.50 51.08
CA ASN G 165 0.41 68.75 52.33
C ASN G 165 -0.75 69.14 53.21
N TYR G 166 -1.40 68.18 53.91
CA TYR G 166 -2.52 68.56 54.75
C TYR G 166 -2.39 68.04 56.17
N ALA G 167 -2.92 68.81 57.12
CA ALA G 167 -3.12 68.40 58.51
C ALA G 167 -4.60 68.46 58.83
N VAL G 168 -5.19 67.33 59.19
CA VAL G 168 -6.62 67.20 59.38
C VAL G 168 -6.91 66.94 60.86
N MET G 169 -7.77 67.77 61.46
CA MET G 169 -8.04 67.78 62.88
C MET G 169 -9.54 67.69 63.13
N ASP G 170 -9.92 67.37 64.37
CA ASP G 170 -11.35 67.40 64.62
C ASP G 170 -11.80 68.81 64.97
N PRO G 171 -13.10 69.10 64.89
CA PRO G 171 -13.52 70.51 65.00
C PRO G 171 -13.25 71.13 66.36
N TRP G 172 -13.14 70.34 67.43
CA TRP G 172 -13.03 70.96 68.74
C TRP G 172 -11.69 71.60 68.99
N SER G 173 -10.74 71.52 68.04
CA SER G 173 -9.47 72.24 68.19
C SER G 173 -9.64 73.74 67.98
N ALA G 174 -10.47 74.14 67.03
CA ALA G 174 -10.76 75.56 66.81
C ALA G 174 -11.15 76.27 68.09
N GLN G 175 -11.77 75.58 69.03
CA GLN G 175 -12.06 76.16 70.32
C GLN G 175 -10.79 76.40 71.12
N ARG G 176 -9.88 75.43 71.14
CA ARG G 176 -8.72 75.54 72.01
C ARG G 176 -7.65 76.42 71.39
N LEU G 177 -7.53 76.43 70.06
CA LEU G 177 -6.59 77.31 69.38
C LEU G 177 -7.06 78.75 69.30
N ALA G 178 -8.30 79.05 69.62
CA ALA G 178 -8.78 80.43 69.51
C ALA G 178 -8.10 81.32 70.54
N ASP G 179 -8.00 80.86 71.78
CA ASP G 179 -7.37 81.65 72.84
C ASP G 179 -5.92 81.29 73.11
N ALA G 180 -5.33 80.36 72.36
CA ALA G 180 -3.89 80.19 72.35
C ALA G 180 -3.21 81.38 71.68
N GLN G 181 -2.14 81.87 72.28
CA GLN G 181 -1.43 83.03 71.75
C GLN G 181 -0.39 82.59 70.73
N THR G 182 -0.55 83.05 69.49
CA THR G 182 0.19 82.51 68.34
C THR G 182 1.38 83.38 67.97
N GLY G 183 2.45 82.71 67.55
CA GLY G 183 3.55 83.40 66.92
C GLY G 183 3.27 83.74 65.47
N LEU G 184 2.81 82.78 64.68
CA LEU G 184 2.78 82.97 63.24
C LEU G 184 1.43 83.58 62.83
N HIS G 185 1.48 84.88 62.57
CA HIS G 185 0.49 85.61 61.81
C HIS G 185 1.32 86.45 60.84
N ALA G 186 2.32 87.14 61.39
CA ALA G 186 3.33 87.88 60.63
C ALA G 186 4.06 87.04 59.57
N SER G 187 3.99 85.70 59.64
CA SER G 187 4.53 84.88 58.56
C SER G 187 3.58 84.86 57.36
N ASP G 188 2.38 84.28 57.55
CA ASP G 188 1.25 84.36 56.63
C ASP G 188 1.45 83.42 55.44
N GLN G 189 2.70 83.02 55.16
CA GLN G 189 2.99 82.02 54.13
C GLN G 189 3.29 80.63 54.66
N LEU G 190 3.34 80.43 55.99
CA LEU G 190 3.65 79.08 56.48
C LEU G 190 2.42 78.16 56.63
N VAL G 191 1.29 78.65 57.16
CA VAL G 191 0.15 77.79 57.50
C VAL G 191 -1.14 78.57 57.25
N ARG G 192 -2.19 77.89 56.73
CA ARG G 192 -3.54 78.43 56.77
C ARG G 192 -4.51 77.42 57.35
N THR G 193 -5.66 77.92 57.81
CA THR G 193 -6.62 77.11 58.55
C THR G 193 -8.04 77.43 58.08
N ALA G 194 -8.82 76.41 57.77
CA ALA G 194 -10.18 76.64 57.32
C ALA G 194 -11.03 75.41 57.62
N TRP G 195 -12.34 75.52 57.37
CA TRP G 195 -13.20 74.35 57.51
C TRP G 195 -13.14 73.47 56.26
N GLU G 196 -13.14 74.08 55.08
CA GLU G 196 -13.13 73.38 53.80
C GLU G 196 -11.81 73.61 53.09
N ASN G 197 -11.42 72.69 52.23
CA ASN G 197 -10.25 72.97 51.39
C ASN G 197 -10.54 74.07 50.38
N ALA G 198 -11.80 74.26 49.99
CA ALA G 198 -12.14 75.22 48.95
C ALA G 198 -12.02 76.69 49.40
N GLN G 199 -11.79 76.94 50.70
CA GLN G 199 -11.64 78.31 51.19
C GLN G 199 -10.24 78.86 51.00
N ILE G 200 -9.27 77.98 50.82
CA ILE G 200 -7.86 78.34 50.61
C ILE G 200 -7.63 78.51 49.11
N PRO G 201 -7.04 79.62 48.65
CA PRO G 201 -6.71 79.76 47.22
C PRO G 201 -5.73 78.69 46.76
N THR G 202 -5.73 78.44 45.45
CA THR G 202 -5.12 77.22 44.91
C THR G 202 -3.60 77.31 44.81
N ASN G 203 -3.04 78.50 44.68
CA ASN G 203 -1.60 78.65 44.52
C ASN G 203 -0.82 78.63 45.83
N PHE G 204 -1.49 78.77 46.98
CA PHE G 204 -0.81 78.81 48.28
C PHE G 204 0.08 77.59 48.50
N GLY G 205 1.31 77.83 48.95
CA GLY G 205 2.30 76.75 49.01
C GLY G 205 2.72 76.22 50.36
N GLY G 206 2.04 76.59 51.44
CA GLY G 206 2.34 76.07 52.78
C GLY G 206 1.57 74.80 53.10
N ILE G 207 1.29 74.59 54.40
CA ILE G 207 0.50 73.43 54.81
C ILE G 207 -0.93 73.90 55.09
N ARG G 208 -1.89 73.02 54.81
CA ARG G 208 -3.32 73.32 54.90
C ARG G 208 -3.88 72.61 56.10
N ALA G 209 -4.24 73.36 57.13
CA ALA G 209 -4.78 72.78 58.35
C ALA G 209 -6.32 72.88 58.29
N LEU G 210 -6.98 71.72 58.21
CA LEU G 210 -8.41 71.62 58.02
C LEU G 210 -9.03 70.94 59.23
N MET G 211 -10.31 71.22 59.46
CA MET G 211 -11.02 70.76 60.66
C MET G 211 -12.31 70.09 60.24
N SER G 212 -12.39 68.78 60.47
CA SER G 212 -13.41 67.96 59.81
C SER G 212 -14.04 66.98 60.77
N ASN G 213 -15.31 66.71 60.54
CA ASN G 213 -16.11 65.82 61.36
C ASN G 213 -16.08 64.35 60.90
N GLY G 214 -15.26 64.01 59.90
CA GLY G 214 -15.32 62.70 59.27
C GLY G 214 -14.27 61.68 59.66
N LEU G 215 -13.70 61.78 60.86
CA LEU G 215 -12.44 61.14 61.15
C LEU G 215 -12.61 60.09 62.25
N ALA G 216 -12.42 58.82 61.90
CA ALA G 216 -12.73 57.66 62.74
C ALA G 216 -11.74 57.51 63.91
N SER G 217 -12.13 56.68 64.88
CA SER G 217 -11.36 56.46 66.11
C SER G 217 -10.93 55.00 66.27
N ARG G 218 -9.94 54.76 67.14
CA ARG G 218 -9.37 53.43 67.34
C ARG G 218 -9.03 53.20 68.82
N THR G 219 -8.74 51.95 69.18
CA THR G 219 -8.43 51.54 70.54
C THR G 219 -7.01 50.95 70.59
N GLN G 220 -6.37 51.04 71.76
CA GLN G 220 -4.96 50.64 71.92
C GLN G 220 -4.76 49.13 72.07
N GLY G 221 -5.47 48.49 72.99
CA GLY G 221 -5.22 47.07 73.26
C GLY G 221 -4.06 46.89 74.24
N ALA G 222 -4.12 45.85 75.09
CA ALA G 222 -3.33 45.83 76.33
C ALA G 222 -1.90 45.38 76.08
N PHE G 223 -0.93 46.23 76.39
CA PHE G 223 0.50 45.90 76.31
C PHE G 223 1.22 46.32 77.57
N GLY G 224 2.34 45.65 77.86
CA GLY G 224 3.17 45.97 79.01
C GLY G 224 4.53 45.33 78.90
N GLY G 225 5.46 45.79 79.76
CA GLY G 225 6.81 45.25 79.81
C GLY G 225 7.82 46.00 78.96
N THR G 226 9.07 45.53 79.01
CA THR G 226 10.20 46.10 78.28
C THR G 226 10.44 45.26 77.03
N LEU G 227 10.13 45.82 75.87
CA LEU G 227 10.21 45.09 74.60
C LEU G 227 11.55 45.34 73.93
N THR G 228 12.18 44.26 73.44
CA THR G 228 13.37 44.33 72.60
C THR G 228 13.16 43.40 71.41
N VAL G 229 13.97 43.56 70.36
CA VAL G 229 13.80 42.70 69.18
C VAL G 229 14.53 41.39 69.41
N LYS G 230 13.91 40.29 68.99
CA LYS G 230 14.49 38.98 69.22
C LYS G 230 15.54 38.62 68.17
N THR G 231 15.28 38.89 66.89
CA THR G 231 16.12 38.45 65.79
C THR G 231 16.30 39.57 64.77
N GLN G 232 17.50 39.66 64.20
CA GLN G 232 17.80 40.66 63.17
C GLN G 232 16.97 40.44 61.91
N PRO G 233 16.08 41.37 61.54
CA PRO G 233 15.33 41.24 60.29
C PRO G 233 16.14 41.70 59.08
N THR G 234 15.73 41.21 57.91
CA THR G 234 16.42 41.54 56.65
C THR G 234 15.74 42.75 56.02
N VAL G 235 16.40 43.90 56.10
CA VAL G 235 15.85 45.18 55.69
C VAL G 235 16.44 45.68 54.37
N THR G 236 17.26 44.88 53.68
CA THR G 236 17.83 45.31 52.40
C THR G 236 16.71 45.72 51.46
N TYR G 237 16.98 46.71 50.61
CA TYR G 237 15.96 47.18 49.69
C TYR G 237 15.49 46.08 48.76
N ASN G 238 16.32 45.08 48.50
CA ASN G 238 15.92 44.01 47.60
C ASN G 238 14.73 43.23 48.17
N ALA G 239 14.60 43.16 49.50
CA ALA G 239 13.55 42.37 50.14
C ALA G 239 12.22 43.10 50.20
N VAL G 240 12.23 44.40 50.50
CA VAL G 240 11.03 45.15 50.83
C VAL G 240 10.50 45.98 49.65
N LYS G 241 11.09 45.87 48.46
CA LYS G 241 10.81 46.84 47.40
C LYS G 241 9.38 46.80 46.86
N ASP G 242 8.62 45.71 47.06
CA ASP G 242 7.26 45.62 46.52
C ASP G 242 6.15 45.97 47.51
N SER G 243 6.47 46.13 48.79
CA SER G 243 5.48 46.34 49.84
C SER G 243 5.82 47.57 50.67
N TYR G 244 7.06 47.61 51.19
CA TYR G 244 7.45 48.43 52.35
C TYR G 244 6.74 47.95 53.63
N GLN G 245 6.82 46.65 53.89
CA GLN G 245 6.39 46.10 55.16
C GLN G 245 7.35 45.00 55.55
N PHE G 246 7.81 44.98 56.78
CA PHE G 246 8.55 43.81 57.23
C PHE G 246 7.81 43.09 58.34
N THR G 247 8.23 41.86 58.59
CA THR G 247 7.87 41.13 59.79
C THR G 247 9.03 41.20 60.77
N VAL G 248 8.71 41.45 62.05
CA VAL G 248 9.69 41.49 63.12
C VAL G 248 9.11 40.70 64.31
N THR G 249 10.01 40.18 65.15
CA THR G 249 9.61 39.40 66.32
C THR G 249 10.17 40.06 67.57
N LEU G 250 9.32 40.26 68.58
CA LEU G 250 9.64 40.97 69.81
C LEU G 250 9.59 40.05 71.01
N THR G 251 10.45 40.31 72.00
CA THR G 251 10.51 39.54 73.23
C THR G 251 10.37 40.47 74.44
N GLY G 252 10.09 39.87 75.59
CA GLY G 252 9.86 40.62 76.81
C GLY G 252 8.41 41.04 77.06
N ALA G 253 7.46 40.60 76.22
CA ALA G 253 6.05 40.87 76.44
C ALA G 253 5.55 40.12 77.68
N THR G 254 4.41 40.57 78.22
CA THR G 254 3.86 40.01 79.45
C THR G 254 2.94 38.83 79.16
N ALA G 255 3.23 37.68 79.80
CA ALA G 255 2.40 36.46 79.86
C ALA G 255 1.90 36.13 78.45
N SER G 256 0.61 35.83 78.26
CA SER G 256 0.03 35.64 76.93
C SER G 256 -1.31 36.36 76.87
N VAL G 257 -1.43 37.35 75.99
CA VAL G 257 -2.58 38.24 75.92
C VAL G 257 -3.13 38.24 74.50
N THR G 258 -4.45 38.14 74.38
CA THR G 258 -5.10 38.29 73.08
C THR G 258 -5.34 39.76 72.81
N GLY G 259 -4.96 40.22 71.62
CA GLY G 259 -4.98 41.63 71.29
C GLY G 259 -3.90 42.42 72.02
N PHE G 260 -2.67 41.91 71.99
CA PHE G 260 -1.54 42.59 72.62
C PHE G 260 -1.17 43.87 71.88
N LEU G 261 -1.33 43.89 70.56
CA LEU G 261 -1.24 45.08 69.73
C LEU G 261 -2.38 45.04 68.74
N LYS G 262 -2.96 46.18 68.41
CA LYS G 262 -4.05 46.18 67.49
C LYS G 262 -3.60 46.96 66.29
N ALA G 263 -4.28 46.82 65.18
CA ALA G 263 -3.89 47.53 63.99
C ALA G 263 -3.93 49.00 64.34
N GLY G 264 -2.94 49.75 63.86
CA GLY G 264 -2.83 51.16 64.12
C GLY G 264 -1.87 51.62 65.20
N ASP G 265 -1.33 50.70 66.00
CA ASP G 265 -0.38 51.09 67.03
C ASP G 265 0.95 51.44 66.41
N GLN G 266 1.68 52.40 66.96
CA GLN G 266 2.97 52.76 66.43
C GLN G 266 4.03 52.38 67.45
N VAL G 267 5.01 51.57 67.01
CA VAL G 267 6.18 51.21 67.82
C VAL G 267 7.36 52.06 67.38
N LYS G 268 8.14 52.52 68.35
CA LYS G 268 9.29 53.38 68.11
C LYS G 268 10.59 52.61 68.41
N PHE G 269 11.53 52.61 67.47
CA PHE G 269 12.83 52.00 67.69
C PHE G 269 13.78 53.10 68.12
N THR G 270 14.28 53.01 69.35
CA THR G 270 14.82 54.18 70.04
C THR G 270 16.15 54.65 69.44
N ASN G 271 17.07 53.74 69.10
CA ASN G 271 18.41 54.15 68.71
C ASN G 271 18.61 54.31 67.22
N THR G 272 17.57 54.10 66.42
CA THR G 272 17.65 54.23 64.97
C THR G 272 16.92 55.50 64.56
N TYR G 273 17.53 56.29 63.69
CA TYR G 273 17.04 57.63 63.39
C TYR G 273 16.65 57.72 61.94
N TRP G 274 15.57 58.45 61.65
CA TRP G 274 15.28 58.82 60.28
C TRP G 274 16.42 59.64 59.68
N LEU G 275 16.49 59.63 58.35
CA LEU G 275 17.41 60.40 57.54
C LEU G 275 16.62 61.39 56.70
N GLN G 276 17.26 62.47 56.29
CA GLN G 276 16.71 63.13 55.12
C GLN G 276 16.89 62.23 53.90
N GLN G 277 15.78 61.98 53.19
CA GLN G 277 15.75 60.92 52.19
C GLN G 277 16.67 61.20 51.01
N GLN G 278 16.72 62.45 50.54
CA GLN G 278 17.60 62.80 49.43
C GLN G 278 19.06 62.86 49.86
N THR G 279 19.37 63.65 50.88
CA THR G 279 20.75 63.93 51.27
C THR G 279 21.39 62.80 52.07
N LYS G 280 20.59 62.00 52.79
CA LYS G 280 21.06 60.87 53.62
C LYS G 280 21.81 61.31 54.88
N GLN G 281 21.42 62.44 55.48
CA GLN G 281 21.94 62.86 56.78
C GLN G 281 20.87 62.79 57.86
N ALA G 282 21.27 62.40 59.08
CA ALA G 282 20.31 62.12 60.13
C ALA G 282 19.54 63.37 60.54
N LEU G 283 18.33 63.15 61.03
CA LEU G 283 17.43 64.23 61.45
C LEU G 283 17.49 64.52 62.92
N TYR G 284 17.67 65.79 63.26
CA TYR G 284 17.71 66.21 64.65
C TYR G 284 16.72 67.33 64.85
N ASN G 285 15.83 67.20 65.82
CA ASN G 285 14.84 68.23 66.14
C ASN G 285 15.51 69.41 66.81
N GLY G 286 16.68 69.16 67.36
CA GLY G 286 17.44 70.15 68.08
C GLY G 286 18.63 69.33 68.45
N ALA G 287 18.85 69.13 69.73
CA ALA G 287 19.97 68.31 70.15
C ALA G 287 19.51 66.86 70.22
N THR G 288 18.23 66.61 69.98
CA THR G 288 17.72 65.26 70.09
C THR G 288 17.30 64.65 68.76
N PRO G 289 17.83 63.40 68.51
CA PRO G 289 17.43 62.80 67.23
C PRO G 289 16.00 62.26 67.17
N ILE G 290 15.44 62.21 65.98
CA ILE G 290 14.09 61.73 65.74
C ILE G 290 14.22 60.26 65.43
N SER G 291 13.51 59.40 66.15
CA SER G 291 13.60 57.97 65.96
C SER G 291 12.70 57.48 64.82
N PHE G 292 13.09 56.35 64.23
CA PHE G 292 12.24 55.65 63.28
C PHE G 292 11.01 55.08 63.99
N THR G 293 9.89 54.99 63.27
CA THR G 293 8.65 54.52 63.84
C THR G 293 7.84 53.81 62.77
N ALA G 294 7.16 52.71 63.14
CA ALA G 294 6.36 51.91 62.21
C ALA G 294 5.03 51.55 62.83
N THR G 295 4.04 51.28 61.97
CA THR G 295 2.65 51.08 62.37
C THR G 295 2.27 49.60 62.29
N VAL G 296 1.49 49.13 63.26
CA VAL G 296 1.01 47.74 63.29
C VAL G 296 -0.14 47.57 62.30
N THR G 297 0.02 46.62 61.36
CA THR G 297 -0.91 46.42 60.25
C THR G 297 -2.14 45.58 60.60
N ALA G 298 -1.98 44.51 61.39
CA ALA G 298 -3.11 43.69 61.80
C ALA G 298 -2.92 43.27 63.25
N ASP G 299 -3.89 42.56 63.80
CA ASP G 299 -3.90 42.27 65.22
C ASP G 299 -2.88 41.18 65.52
N ALA G 300 -2.24 41.26 66.69
CA ALA G 300 -1.16 40.36 67.07
C ALA G 300 -1.36 39.89 68.50
N ASN G 301 -1.22 38.59 68.72
CA ASN G 301 -1.46 37.99 70.03
C ASN G 301 -0.14 37.57 70.63
N SER G 302 0.04 37.86 71.92
CA SER G 302 1.22 37.43 72.64
C SER G 302 1.02 36.01 73.17
N ASP G 303 2.11 35.23 73.19
CA ASP G 303 2.04 33.84 73.63
C ASP G 303 2.92 33.64 74.85
N SER G 304 2.68 32.51 75.53
CA SER G 304 3.52 32.12 76.66
C SER G 304 4.99 32.15 76.30
N GLY G 305 5.82 32.67 77.20
CA GLY G 305 7.20 32.99 76.90
C GLY G 305 7.43 34.41 76.44
N GLY G 306 6.36 35.17 76.17
CA GLY G 306 6.46 36.59 75.87
C GLY G 306 7.01 36.96 74.51
N ASP G 307 6.55 36.32 73.44
CA ASP G 307 6.98 36.65 72.08
C ASP G 307 5.78 37.13 71.28
N VAL G 308 6.05 38.02 70.33
CA VAL G 308 5.00 38.62 69.51
C VAL G 308 5.55 38.75 68.09
N THR G 309 4.76 38.34 67.10
CA THR G 309 5.14 38.49 65.70
C THR G 309 4.20 39.50 65.05
N VAL G 310 4.77 40.59 64.55
CA VAL G 310 4.01 41.75 64.11
C VAL G 310 4.38 42.07 62.66
N THR G 311 3.39 42.42 61.86
CA THR G 311 3.65 42.96 60.53
C THR G 311 3.54 44.48 60.63
N LEU G 312 4.64 45.18 60.33
CA LEU G 312 4.75 46.61 60.49
C LEU G 312 4.81 47.31 59.15
N SER G 313 4.16 48.47 59.07
CA SER G 313 4.14 49.26 57.84
C SER G 313 5.15 50.40 57.94
N GLY G 314 6.05 50.48 56.97
CA GLY G 314 7.14 51.41 56.96
C GLY G 314 8.34 50.55 57.33
N VAL G 315 9.45 50.70 56.62
CA VAL G 315 10.63 49.87 56.82
C VAL G 315 11.94 50.59 57.09
N PRO G 316 12.75 50.04 58.07
CA PRO G 316 14.02 50.74 58.27
C PRO G 316 15.07 50.20 57.33
N ILE G 317 14.99 50.55 56.05
CA ILE G 317 15.94 50.00 55.09
C ILE G 317 17.35 50.44 55.33
N TYR G 318 18.25 49.46 55.31
CA TYR G 318 19.70 49.65 55.47
C TYR G 318 20.39 48.59 54.63
N ASP G 319 21.07 49.00 53.56
CA ASP G 319 21.54 48.07 52.55
C ASP G 319 23.00 48.37 52.24
N THR G 320 23.89 47.41 52.53
CA THR G 320 25.31 47.60 52.29
C THR G 320 25.63 47.75 50.80
N THR G 321 25.01 46.93 49.94
CA THR G 321 25.37 46.94 48.53
C THR G 321 24.73 48.07 47.72
N ASN G 322 23.61 48.66 48.16
CA ASN G 322 22.97 49.78 47.44
C ASN G 322 22.65 50.91 48.40
N PRO G 323 23.66 51.55 48.98
CA PRO G 323 23.39 52.52 50.06
C PRO G 323 22.54 53.72 49.61
N GLN G 324 22.37 53.91 48.31
CA GLN G 324 21.47 54.92 47.77
C GLN G 324 20.03 54.79 48.25
N TYR G 325 19.60 53.64 48.78
CA TYR G 325 18.22 53.49 49.25
C TYR G 325 18.02 53.57 50.75
N ASN G 326 19.09 53.72 51.55
CA ASN G 326 18.95 53.70 52.99
C ASN G 326 17.95 54.75 53.43
N SER G 327 16.97 54.35 54.24
CA SER G 327 16.04 55.32 54.79
C SER G 327 16.35 55.71 56.23
N VAL G 328 17.32 55.07 56.88
CA VAL G 328 17.48 55.16 58.31
C VAL G 328 18.97 55.06 58.60
N SER G 329 19.39 55.41 59.82
CA SER G 329 20.80 55.72 60.07
C SER G 329 21.70 54.54 60.42
N ARG G 330 21.15 53.37 60.74
CA ARG G 330 21.98 52.22 61.09
C ARG G 330 21.15 50.94 60.97
N GLN G 331 21.82 49.81 61.16
CA GLN G 331 21.16 48.51 61.20
C GLN G 331 20.35 48.35 62.48
N VAL G 332 19.22 47.65 62.39
CA VAL G 332 18.50 47.21 63.58
C VAL G 332 19.02 45.82 63.94
N GLU G 333 19.81 45.72 65.00
CA GLU G 333 20.35 44.43 65.43
C GLU G 333 19.40 43.81 66.47
N ALA G 334 19.69 42.57 66.87
CA ALA G 334 18.96 41.92 67.94
C ALA G 334 19.30 42.56 69.28
N GLY G 335 18.28 42.71 70.13
CA GLY G 335 18.46 43.32 71.42
C GLY G 335 18.24 44.82 71.47
N ASP G 336 17.88 45.45 70.35
CA ASP G 336 17.60 46.88 70.35
C ASP G 336 16.30 47.17 71.08
N ALA G 337 16.34 48.14 71.99
CA ALA G 337 15.15 48.50 72.76
C ALA G 337 14.14 49.23 71.88
N VAL G 338 12.87 48.85 71.99
CA VAL G 338 11.76 49.56 71.35
C VAL G 338 10.75 49.96 72.42
N SER G 339 9.67 50.61 72.01
CA SER G 339 8.56 50.91 72.91
C SER G 339 7.31 51.17 72.09
N VAL G 340 6.19 51.36 72.78
CA VAL G 340 4.90 51.59 72.13
C VAL G 340 4.40 52.98 72.51
N VAL G 341 3.95 53.73 71.51
CA VAL G 341 3.49 55.10 71.70
C VAL G 341 2.08 55.08 72.30
N GLY G 342 1.91 55.73 73.44
CA GLY G 342 0.60 55.88 74.07
C GLY G 342 0.44 55.03 75.32
N THR G 343 -0.77 55.07 75.87
CA THR G 343 -1.13 54.35 77.09
C THR G 343 -1.75 53.02 76.69
N ALA G 344 -2.07 52.17 77.68
CA ALA G 344 -2.34 50.77 77.45
C ALA G 344 -3.67 50.51 76.74
N SER G 345 -4.81 50.74 77.39
CA SER G 345 -6.10 50.40 76.81
C SER G 345 -6.88 51.59 76.23
N GLN G 346 -6.33 52.80 76.23
CA GLN G 346 -7.11 54.01 75.96
C GLN G 346 -7.74 54.01 74.57
N THR G 347 -8.86 54.71 74.45
CA THR G 347 -9.50 54.95 73.17
C THR G 347 -9.42 56.45 72.86
N MET G 348 -9.22 56.78 71.58
CA MET G 348 -8.90 58.15 71.19
C MET G 348 -9.31 58.34 69.74
N LYS G 349 -9.17 59.57 69.26
CA LYS G 349 -9.34 59.89 67.85
C LYS G 349 -8.04 60.47 67.30
N PRO G 350 -7.27 59.74 66.51
CA PRO G 350 -6.00 60.31 66.02
C PRO G 350 -6.23 61.29 64.88
N ASN G 351 -5.43 62.36 64.87
CA ASN G 351 -5.35 63.33 63.79
C ASN G 351 -4.41 62.80 62.70
N LEU G 352 -4.55 63.30 61.48
CA LEU G 352 -3.78 62.76 60.36
C LEU G 352 -3.12 63.87 59.56
N PHE G 353 -1.78 63.85 59.44
CA PHE G 353 -1.09 64.56 58.37
C PHE G 353 -0.62 63.62 57.28
N TYR G 354 -0.61 64.13 56.05
CA TYR G 354 -0.15 63.37 54.90
C TYR G 354 0.15 64.32 53.75
N ASN G 355 0.99 63.87 52.84
CA ASN G 355 1.08 64.50 51.52
C ASN G 355 0.04 63.94 50.57
N LYS G 356 -0.30 64.73 49.55
CA LYS G 356 -1.30 64.33 48.55
C LYS G 356 -1.07 62.93 47.99
N PHE G 357 0.18 62.55 47.74
CA PHE G 357 0.53 61.27 47.15
C PHE G 357 0.80 60.18 48.15
N PHE G 358 0.43 60.39 49.42
CA PHE G 358 0.46 59.30 50.40
C PHE G 358 -0.47 58.14 50.02
N CYS G 359 -1.76 58.41 49.74
CA CYS G 359 -2.75 57.36 49.46
C CYS G 359 -3.61 57.74 48.28
N GLY G 360 -3.95 56.75 47.44
CA GLY G 360 -4.83 56.95 46.31
C GLY G 360 -6.22 56.38 46.52
N LEU G 361 -7.14 56.78 45.64
CA LEU G 361 -8.54 56.39 45.79
C LEU G 361 -9.20 56.31 44.41
N GLY G 362 -10.07 55.33 44.21
CA GLY G 362 -10.70 55.16 42.91
C GLY G 362 -11.97 54.34 42.98
N SER G 363 -12.64 54.23 41.84
CA SER G 363 -13.86 53.44 41.75
C SER G 363 -14.00 52.79 40.37
N ILE G 364 -14.45 51.56 40.37
CA ILE G 364 -14.50 50.70 39.18
C ILE G 364 -15.88 50.80 38.55
N PRO G 365 -15.98 51.09 37.24
CA PRO G 365 -17.32 51.17 36.60
C PRO G 365 -18.00 49.80 36.51
N LEU G 366 -19.33 49.77 36.83
CA LEU G 366 -20.10 48.52 36.88
C LEU G 366 -20.93 48.37 35.62
N PRO G 367 -20.89 47.23 34.94
CA PRO G 367 -21.80 46.98 33.80
C PRO G 367 -23.21 46.64 34.26
N LYS G 368 -24.18 46.79 33.37
CA LYS G 368 -25.56 46.54 33.74
C LYS G 368 -25.98 45.07 33.57
N LEU G 369 -26.76 44.57 34.54
CA LEU G 369 -27.29 43.22 34.53
C LEU G 369 -28.22 43.02 33.34
N HIS G 370 -28.30 41.79 32.81
CA HIS G 370 -29.15 41.54 31.65
C HIS G 370 -30.62 41.66 32.01
N SER G 371 -31.42 42.21 31.08
CA SER G 371 -32.86 42.31 31.21
C SER G 371 -33.32 43.15 32.40
N ILE G 372 -32.48 44.04 32.92
CA ILE G 372 -32.81 44.83 34.11
C ILE G 372 -32.41 46.26 33.82
N ASP G 373 -33.37 47.18 33.96
CA ASP G 373 -33.15 48.60 33.67
C ASP G 373 -32.19 49.25 34.66
N SER G 374 -31.39 50.18 34.14
CA SER G 374 -30.44 50.87 35.00
C SER G 374 -30.17 52.28 34.50
N ALA G 375 -29.34 52.97 35.25
CA ALA G 375 -28.99 54.36 35.06
C ALA G 375 -27.69 54.57 35.82
N VAL G 376 -26.98 55.63 35.48
CA VAL G 376 -25.71 55.91 36.14
C VAL G 376 -25.62 57.42 36.37
N ALA G 377 -25.32 57.80 37.62
CA ALA G 377 -25.26 59.19 38.04
C ALA G 377 -23.93 59.45 38.72
N THR G 378 -23.35 60.62 38.49
CA THR G 378 -22.08 61.01 39.12
C THR G 378 -22.34 61.97 40.28
N TYR G 379 -21.69 61.74 41.44
CA TYR G 379 -21.99 62.61 42.56
C TYR G 379 -20.82 63.51 42.97
N GLU G 380 -19.80 62.96 43.61
CA GLU G 380 -18.67 63.80 43.92
C GLU G 380 -17.59 63.73 42.87
N GLY G 381 -17.85 63.09 41.74
CA GLY G 381 -16.81 62.56 40.89
C GLY G 381 -16.71 61.07 40.98
N PHE G 382 -17.51 60.43 41.84
CA PHE G 382 -17.72 58.99 41.86
C PHE G 382 -18.98 58.67 41.08
N SER G 383 -18.98 57.55 40.37
CA SER G 383 -20.13 57.18 39.56
C SER G 383 -20.89 56.05 40.23
N ILE G 384 -22.22 56.04 40.11
CA ILE G 384 -23.05 55.12 40.89
C ILE G 384 -24.14 54.52 39.99
N ARG G 385 -24.17 53.19 39.84
CA ARG G 385 -25.26 52.53 39.13
C ARG G 385 -26.45 52.43 40.04
N VAL G 386 -27.64 52.43 39.43
CA VAL G 386 -28.85 51.98 40.08
C VAL G 386 -29.46 50.91 39.19
N HIS G 387 -29.99 49.85 39.79
CA HIS G 387 -30.73 48.83 39.07
C HIS G 387 -32.17 48.83 39.54
N LYS G 388 -33.10 48.84 38.60
CA LYS G 388 -34.53 48.86 38.91
C LYS G 388 -35.17 47.58 38.39
N TYR G 389 -35.56 46.69 39.29
CA TYR G 389 -36.31 45.46 39.00
C TYR G 389 -37.59 45.38 39.82
N ALA G 390 -38.35 44.28 39.66
CA ALA G 390 -39.58 44.10 40.41
C ALA G 390 -39.77 42.64 40.78
N ASP G 391 -40.79 42.40 41.59
CA ASP G 391 -41.32 41.07 41.86
C ASP G 391 -42.73 41.01 41.31
N GLY G 392 -42.91 40.26 40.21
CA GLY G 392 -44.20 40.25 39.54
C GLY G 392 -45.30 39.74 40.43
N ASP G 393 -45.05 38.65 41.17
CA ASP G 393 -46.13 38.04 41.92
C ASP G 393 -46.42 38.78 43.22
N ALA G 394 -45.40 39.18 43.97
CA ALA G 394 -45.64 39.99 45.17
C ALA G 394 -46.03 41.41 44.82
N ASN G 395 -45.79 41.85 43.57
CA ASN G 395 -46.23 43.15 43.09
C ASN G 395 -45.49 44.30 43.80
N VAL G 396 -44.16 44.19 43.93
CA VAL G 396 -43.36 45.22 44.57
C VAL G 396 -42.25 45.69 43.63
N GLN G 397 -41.66 46.82 43.97
CA GLN G 397 -40.71 47.56 43.15
C GLN G 397 -39.40 47.64 43.92
N LYS G 398 -38.28 47.25 43.29
CA LYS G 398 -37.01 47.17 44.00
C LYS G 398 -35.93 48.01 43.33
N MET G 399 -35.03 48.55 44.13
CA MET G 399 -33.97 49.43 43.67
C MET G 399 -32.76 49.22 44.55
N ARG G 400 -31.58 49.14 43.93
CA ARG G 400 -30.33 49.06 44.67
C ARG G 400 -29.33 49.99 44.02
N PHE G 401 -28.61 50.77 44.83
CA PHE G 401 -27.55 51.63 44.34
C PHE G 401 -26.26 51.08 44.92
N ASP G 402 -25.17 51.08 44.13
CA ASP G 402 -23.94 50.49 44.68
C ASP G 402 -22.68 50.96 43.97
N LEU G 403 -21.53 50.71 44.62
CA LEU G 403 -20.22 51.22 44.23
C LEU G 403 -19.08 50.26 44.65
N LEU G 404 -18.05 50.10 43.79
CA LEU G 404 -16.80 49.39 44.16
C LEU G 404 -15.65 50.34 44.42
N PRO G 405 -15.16 50.43 45.65
CA PRO G 405 -13.95 51.20 45.92
C PRO G 405 -12.66 50.43 45.64
N ALA G 406 -11.61 51.18 45.26
CA ALA G 406 -10.23 50.69 45.22
C ALA G 406 -9.34 51.61 46.02
N TYR G 407 -8.29 51.05 46.65
CA TYR G 407 -7.40 51.80 47.53
C TYR G 407 -5.95 51.41 47.31
N VAL G 408 -5.07 52.39 47.20
CA VAL G 408 -3.64 52.17 47.08
C VAL G 408 -2.93 52.85 48.25
N CYS G 409 -1.81 52.27 48.69
CA CYS G 409 -0.86 53.02 49.50
C CYS G 409 0.39 53.25 48.66
N PHE G 410 0.58 54.48 48.21
CA PHE G 410 1.71 54.79 47.34
C PHE G 410 3.03 54.77 48.09
N ASN G 411 3.02 55.09 49.36
CA ASN G 411 4.25 55.20 50.13
C ASN G 411 3.90 55.42 51.61
N PRO G 412 4.37 54.56 52.51
CA PRO G 412 4.05 54.75 53.94
C PRO G 412 4.76 55.91 54.58
N HIS G 413 5.85 56.39 54.02
CA HIS G 413 6.66 57.38 54.69
C HIS G 413 6.19 58.80 54.43
N MET G 414 5.09 58.98 53.71
CA MET G 414 4.60 60.32 53.44
C MET G 414 3.41 60.74 54.29
N GLY G 415 2.96 59.92 55.26
CA GLY G 415 1.90 60.35 56.15
C GLY G 415 1.96 59.60 57.47
N GLY G 416 1.16 60.06 58.43
CA GLY G 416 1.20 59.50 59.76
C GLY G 416 0.09 60.06 60.63
N GLN G 417 0.26 59.97 61.96
CA GLN G 417 -0.69 60.47 62.95
C GLN G 417 0.00 61.48 63.88
N PHE G 418 -0.60 62.66 64.11
CA PHE G 418 -0.09 63.52 65.18
C PHE G 418 -1.05 63.71 66.35
N PHE G 419 -0.45 64.10 67.47
CA PHE G 419 -1.11 64.45 68.71
C PHE G 419 -0.46 65.72 69.26
N GLY G 420 -0.94 66.19 70.41
CA GLY G 420 -0.31 67.33 71.03
C GLY G 420 0.93 66.96 71.83
N ASN G 421 1.68 67.98 72.24
CA ASN G 421 2.87 67.80 73.06
C ASN G 421 2.61 68.33 74.46
N PRO G 422 2.77 67.51 75.50
CA PRO G 422 2.53 67.90 76.89
C PRO G 422 3.78 68.48 77.57
CL CL H . 0.26 -8.26 -10.56
#